data_7QIN
#
_entry.id   7QIN
#
loop_
_entity.id
_entity.type
_entity.pdbx_description
1 polymer 'Actin, alpha skeletal muscle'
2 polymer 'nebulin (mouse)'
3 polymer 'nebulin (mouse)'
4 polymer 'tropomyosin, alpha-1 (mouse)'
5 polymer 'tropomyosin, alpha-1 (mouse)'
6 polymer 'tropomyosin, alpha-1 (mouse)'
7 polymer Myosin-4
8 non-polymer "ADENOSINE-5'-DIPHOSPHATE"
9 non-polymer 'MAGNESIUM ION'
#
loop_
_entity_poly.entity_id
_entity_poly.type
_entity_poly.pdbx_seq_one_letter_code
_entity_poly.pdbx_strand_id
1 'polypeptide(L)'
;TTALVCDNGSGLVKAGFAGDDAPRAVFPSIVGRPRHQGVMVGMGQKDSYVGDEAQSKRGILTLKYPIE(HIC)GIITNWD
DMEKIWHHTFYNELRVAPEEHPTLLTEAPLNPKANREKMTQIMFETFNVPAMYVAIQAVLSLYASGRTTGIVLDSGDGVT
HNVPIYEGYALPHAIMRLDLAGRDLTDYLMKILTERGYSFVTTAEREIVRDIKEKLCYVALDFENEMATAASSSSLEKSY
ELPDGQVITIGNERFRCPETLFQPSFIGMESAGIHETTYNSIMKCDIDIRKDLYANNVMSGGTTMYPGIADRMQKEITAL
APSTMKIKIIAPPERKYSVWIGGSILASLSTFQQMWITKQEYDEAGPSIVHRKCF
;
A,B,C,D,E
2 'polypeptide(L)'
;(UNK)(UNK)(UNK)(UNK)(UNK)(UNK)(UNK)(UNK)(UNK)(UNK)(UNK)(UNK)(UNK)(UNK)(UNK)(UNK)
(UNK)(UNK)(UNK)(UNK)(UNK)Y(UNK)(UNK)(UNK)(UNK)(UNK)(UNK)(UNK)(UNK)(UNK)(UNK)
(UNK)(UNK)(UNK)(UNK)(UNK)(UNK)(UNK)(UNK)(UNK)(UNK)(UNK)(UNK)(UNK)(UNK)(UNK)(UNK)
(UNK)(UNK)(UNK)(UNK)(UNK)(UNK)(UNK)(UNK)Y(UNK)(UNK)(UNK)(UNK)(UNK)(UNK)(UNK)
(UNK)(UNK)(UNK)(UNK)(UNK)(UNK)(UNK)(UNK)(UNK)(UNK)(UNK)(UNK)(UNK)(UNK)(UNK)(UNK)
(UNK)(UNK)(UNK)(UNK)(UNK)(UNK)(UNK)(UNK)(UNK)(UNK)(UNK)Y(UNK)(UNK)(UNK)(UNK)
(UNK)(UNK)(UNK)(UNK)(UNK)(UNK)(UNK)(UNK)(UNK)
;
F
3 'polypeptide(L)'
;(UNK)(UNK)(UNK)(UNK)(UNK)(UNK)(UNK)(UNK)(UNK)(UNK)(UNK)(UNK)(UNK)(UNK)(UNK)(UNK)
(UNK)(UNK)(UNK)(UNK)(UNK)Y(UNK)(UNK)(UNK)(UNK)(UNK)(UNK)(UNK)(UNK)(UNK)(UNK)
(UNK)(UNK)(UNK)(UNK)(UNK)(UNK)(UNK)(UNK)(UNK)(UNK)(UNK)(UNK)(UNK)(UNK)(UNK)(UNK)
(UNK)(UNK)(UNK)(UNK)(UNK)(UNK)(UNK)(UNK)Y(UNK)(UNK)(UNK)(UNK)(UNK)(UNK)(UNK)
(UNK)(UNK)(UNK)(UNK)(UNK)(UNK)
;
G
4 'polypeptide(L)'
;(UNK)(UNK)(UNK)(UNK)(UNK)(UNK)(UNK)(UNK)(UNK)(UNK)(UNK)(UNK)(UNK)(UNK)(UNK)(UNK)
(UNK)(UNK)(UNK)(UNK)(UNK)(UNK)(UNK)(UNK)(UNK)(UNK)(UNK)(UNK)(UNK)(UNK)(UNK)(UNK)
(UNK)(UNK)(UNK)(UNK)(UNK)(UNK)(UNK)(UNK)(UNK)(UNK)(UNK)(UNK)(UNK)(UNK)(UNK)(UNK)
(UNK)(UNK)(UNK)(UNK)(UNK)(UNK)(UNK)(UNK)(UNK)(UNK)(UNK)(UNK)(UNK)(UNK)(UNK)(UNK)
(UNK)(UNK)(UNK)(UNK)(UNK)(UNK)(UNK)(UNK)(UNK)(UNK)(UNK)(UNK)(UNK)(UNK)(UNK)(UNK)
(UNK)(UNK)(UNK)(UNK)(UNK)(UNK)(UNK)(UNK)(UNK)(UNK)(UNK)(UNK)(UNK)(UNK)(UNK)(UNK)
(UNK)(UNK)(UNK)(UNK)(UNK)(UNK)(UNK)(UNK)(UNK)(UNK)(UNK)(UNK)(UNK)(UNK)(UNK)(UNK)
(UNK)(UNK)(UNK)(UNK)(UNK)
;
H
5 'polypeptide(L)'
;(UNK)(UNK)(UNK)(UNK)(UNK)(UNK)(UNK)(UNK)(UNK)(UNK)(UNK)(UNK)(UNK)(UNK)(UNK)(UNK)
(UNK)(UNK)(UNK)(UNK)(UNK)(UNK)(UNK)(UNK)(UNK)(UNK)(UNK)(UNK)(UNK)(UNK)(UNK)(UNK)
(UNK)(UNK)(UNK)(UNK)(UNK)(UNK)(UNK)(UNK)(UNK)(UNK)(UNK)(UNK)(UNK)(UNK)(UNK)(UNK)
(UNK)(UNK)(UNK)(UNK)(UNK)(UNK)(UNK)(UNK)(UNK)(UNK)(UNK)(UNK)(UNK)(UNK)(UNK)(UNK)
(UNK)(UNK)(UNK)(UNK)(UNK)(UNK)(UNK)(UNK)(UNK)(UNK)(UNK)(UNK)(UNK)(UNK)(UNK)(UNK)
(UNK)(UNK)(UNK)(UNK)(UNK)(UNK)(UNK)(UNK)(UNK)(UNK)(UNK)(UNK)(UNK)(UNK)(UNK)(UNK)
(UNK)(UNK)(UNK)(UNK)(UNK)(UNK)(UNK)(UNK)(UNK)(UNK)(UNK)(UNK)(UNK)(UNK)(UNK)(UNK)
(UNK)(UNK)(UNK)(UNK)(UNK)(UNK)
;
I
6 'polypeptide(L)'
;(UNK)(UNK)(UNK)(UNK)(UNK)(UNK)(UNK)(UNK)(UNK)(UNK)(UNK)(UNK)(UNK)(UNK)(UNK)(UNK)
(UNK)(UNK)(UNK)(UNK)(UNK)(UNK)(UNK)(UNK)(UNK)(UNK)(UNK)(UNK)(UNK)(UNK)(UNK)(UNK)
(UNK)(UNK)(UNK)(UNK)(UNK)(UNK)(UNK)(UNK)(UNK)(UNK)(UNK)(UNK)(UNK)(UNK)(UNK)(UNK)
(UNK)(UNK)(UNK)(UNK)(UNK)(UNK)(UNK)(UNK)(UNK)(UNK)(UNK)(UNK)(UNK)(UNK)(UNK)(UNK)
(UNK)(UNK)(UNK)(UNK)(UNK)(UNK)(UNK)(UNK)(UNK)(UNK)(UNK)(UNK)(UNK)(UNK)(UNK)(UNK)
(UNK)(UNK)(UNK)(UNK)(UNK)(UNK)(UNK)(UNK)
;
J,K
7 'polypeptide(L)'
;MSSDAEMAVFGEAAPYLRKSEKERIEAQNKPFDAKSSVFVVDAKESYVKATVQSREGGKVTAKTEGGATVTVKDDQVFSM
NPPKYDKIEDMAMMTHLHEPAVLYNLKERYAAWMIYTYSGLFCVTVNPYKWLPVYNPEVVAAYRGKKRQEAPPHIFSISD
NAYQFMLTDRENQSILITGESGAGKTVNTKRVIQYFATIAVTGDKKKEEATSGKMQGTLEDQIISANPLLEAFGNAKTVR
NDNSSRFGKFIRIHFGATGKLASADIETYLLEKSRVTFQLKAERSYHIFYQIMSNKKPELIEMLLITTNPYDFAYVSQGE
ITVPSIDDQEELMATDTAVDILGFSADEKVAIYKLTGAVMHYGNMKFKQKQREEQAEPDGTEVADKAAYLTSLNSADLLK
ALCYPRVKVGNEYVTKGQTVQQVYNSVGALAKSMYEKMFLWMVTRINQQLDTKQPRQYFIGVLDIAGFEIFDFNTLEQLC
INFTNEKLQQFFNHHMFVLEQEEYKKEGIDWEFIDFGMDLAACIELIEKPMGIFSILEEECMFPKATDTSFKNKLYEQHL
GKSNNFQKPKPAKGKAEAHFSLVHYAGTVDYNIIGWLDKNKDPLNETVVGLYQKSGLKTLAFLFSGGQAAEAEGGGGKKG
GKKKGSSFQTVSALFRENLNKLMTNLKSTHPHFVRCLIPNETKTPGAMEHELVLHQLRCNGVLEGIRICRKGFPSRILYA
DFKQRYKVLNASAIPEGQFIDSKKASEKLLGSIDIDHTQYKFGHTKVFFKAGLLGTLEEMRDEKLAQLITRTQAVCRGYL
MRVEFKKMMERRESIFCIQYNVRAFMNVKHWPWMKLYFKIKPLLKSAE
;
L,M
#
loop_
_chem_comp.id
_chem_comp.type
_chem_comp.name
_chem_comp.formula
ADP non-polymer ADENOSINE-5'-DIPHOSPHATE 'C10 H15 N5 O10 P2'
MG non-polymer 'MAGNESIUM ION' 'Mg 2'
#
# COMPACT_ATOMS: atom_id res chain seq x y z
N THR A 1 58.75 -34.91 1.31
CA THR A 1 57.44 -34.64 1.88
C THR A 1 57.33 -35.05 3.34
N THR A 2 56.10 -35.15 3.82
CA THR A 2 55.80 -35.11 5.24
C THR A 2 54.54 -35.94 5.48
N ALA A 3 54.29 -36.25 6.74
CA ALA A 3 53.39 -37.33 7.12
C ALA A 3 52.39 -36.85 8.16
N LEU A 4 51.14 -37.28 7.99
CA LEU A 4 50.00 -36.64 8.62
C LEU A 4 49.17 -37.74 9.25
N VAL A 5 48.59 -37.44 10.42
CA VAL A 5 47.86 -38.43 11.19
C VAL A 5 46.51 -37.85 11.59
N CYS A 6 45.46 -38.61 11.32
CA CYS A 6 44.14 -38.36 11.86
C CYS A 6 43.97 -39.19 13.12
N ASP A 7 43.49 -38.55 14.18
CA ASP A 7 42.86 -39.25 15.29
C ASP A 7 41.37 -39.31 15.05
N ASN A 8 40.83 -40.53 15.04
CA ASN A 8 39.39 -40.73 15.07
C ASN A 8 38.94 -41.48 16.32
N GLY A 9 39.76 -41.47 17.37
CA GLY A 9 39.24 -41.63 18.70
C GLY A 9 38.12 -40.63 18.91
N SER A 10 37.00 -41.08 19.47
CA SER A 10 35.78 -40.30 19.36
C SER A 10 35.81 -39.17 20.38
N GLY A 11 34.78 -38.34 20.35
CA GLY A 11 34.91 -37.02 20.90
C GLY A 11 35.51 -36.11 19.85
N LEU A 12 36.06 -35.00 20.32
CA LEU A 12 36.64 -34.08 19.35
C LEU A 12 37.82 -34.76 18.66
N VAL A 13 38.02 -34.40 17.40
CA VAL A 13 38.81 -35.20 16.47
C VAL A 13 40.09 -34.46 16.13
N LYS A 14 41.19 -35.19 16.11
CA LYS A 14 42.52 -34.65 16.34
C LYS A 14 43.41 -35.04 15.17
N ALA A 15 44.11 -34.05 14.62
CA ALA A 15 44.80 -34.26 13.36
C ALA A 15 46.01 -33.35 13.30
N GLY A 16 47.12 -33.89 12.81
CA GLY A 16 48.39 -33.19 12.90
C GLY A 16 49.54 -33.94 12.27
N PHE A 17 50.53 -33.18 11.84
CA PHE A 17 51.68 -33.76 11.16
C PHE A 17 52.59 -34.45 12.18
N ALA A 18 53.40 -35.37 11.67
CA ALA A 18 54.43 -35.96 12.52
C ALA A 18 55.34 -34.85 13.02
N GLY A 19 55.49 -34.76 14.33
CA GLY A 19 56.58 -34.02 14.93
C GLY A 19 56.17 -32.71 15.53
N ASP A 20 55.03 -32.15 15.11
CA ASP A 20 54.35 -31.19 15.95
C ASP A 20 54.02 -31.80 17.31
N ASP A 21 54.08 -30.95 18.33
CA ASP A 21 53.81 -31.40 19.69
C ASP A 21 52.33 -31.67 19.95
N ALA A 22 51.44 -31.00 19.23
CA ALA A 22 50.01 -31.13 19.50
C ALA A 22 49.23 -30.83 18.23
N PRO A 23 48.07 -31.45 18.03
CA PRO A 23 47.40 -31.34 16.74
C PRO A 23 46.96 -29.91 16.52
N ARG A 24 46.79 -29.55 15.25
CA ARG A 24 46.56 -28.15 14.92
C ARG A 24 45.25 -27.66 15.52
N ALA A 25 44.19 -28.44 15.37
CA ALA A 25 42.92 -28.14 16.01
C ALA A 25 42.08 -29.41 15.98
N VAL A 26 40.89 -29.34 16.59
CA VAL A 26 40.20 -30.53 17.06
C VAL A 26 38.71 -30.29 17.00
N PHE A 27 37.95 -31.30 16.62
CA PHE A 27 36.55 -31.13 16.31
C PHE A 27 35.69 -32.27 16.83
N PRO A 28 34.49 -31.95 17.30
CA PRO A 28 33.72 -32.91 18.09
C PRO A 28 33.30 -34.14 17.34
N SER A 29 33.22 -34.09 16.02
CA SER A 29 32.45 -35.05 15.22
C SER A 29 30.96 -35.02 15.52
N ILE A 30 30.44 -33.90 16.04
CA ILE A 30 29.01 -33.65 15.90
C ILE A 30 28.68 -33.59 14.42
N VAL A 31 27.53 -34.11 14.04
CA VAL A 31 26.89 -33.67 12.81
C VAL A 31 25.45 -33.26 13.07
N GLY A 32 25.01 -32.25 12.34
CA GLY A 32 23.74 -31.62 12.61
C GLY A 32 23.13 -31.07 11.36
N ARG A 33 21.80 -30.99 11.35
CA ARG A 33 21.08 -30.47 10.19
C ARG A 33 19.94 -29.56 10.61
N PRO A 34 19.37 -28.80 9.67
CA PRO A 34 18.27 -27.91 9.99
C PRO A 34 17.08 -28.63 10.58
N ARG A 35 16.27 -27.87 11.33
CA ARG A 35 15.04 -28.38 11.90
C ARG A 35 13.80 -27.63 11.44
N HIS A 36 13.95 -26.48 10.79
CA HIS A 36 12.82 -25.60 10.56
C HIS A 36 12.86 -25.07 9.14
N GLN A 37 11.68 -24.73 8.63
CA GLN A 37 11.59 -24.07 7.33
C GLN A 37 12.56 -22.90 7.27
N GLY A 38 13.27 -22.80 6.16
CA GLY A 38 14.21 -21.71 6.01
C GLY A 38 13.53 -20.49 5.45
N VAL A 39 13.49 -19.45 6.28
CA VAL A 39 12.53 -18.38 6.11
C VAL A 39 13.20 -17.03 5.89
N MET A 40 14.49 -16.90 6.19
CA MET A 40 15.29 -15.89 5.52
C MET A 40 15.62 -16.44 4.14
N VAL A 41 14.96 -15.90 3.11
CA VAL A 41 15.33 -16.17 1.73
C VAL A 41 16.73 -15.66 1.41
N GLY A 42 17.16 -14.59 2.07
CA GLY A 42 18.54 -14.16 1.91
C GLY A 42 19.57 -15.21 2.29
N MET A 43 19.25 -16.05 3.27
CA MET A 43 20.19 -17.08 3.69
C MET A 43 20.46 -18.08 2.58
N GLY A 44 21.73 -18.44 2.42
CA GLY A 44 22.09 -19.67 1.71
C GLY A 44 21.73 -20.87 2.56
N GLN A 45 20.99 -21.82 1.98
CA GLN A 45 20.74 -23.07 2.67
C GLN A 45 21.87 -24.07 2.47
N LYS A 46 22.54 -24.39 3.57
CA LYS A 46 23.41 -25.54 3.70
C LYS A 46 22.69 -26.56 4.59
N ASP A 47 22.69 -27.83 4.17
CA ASP A 47 21.75 -28.76 4.79
C ASP A 47 22.41 -29.60 5.88
N SER A 48 23.72 -29.47 6.05
CA SER A 48 24.47 -30.26 7.01
C SER A 48 25.57 -29.41 7.62
N TYR A 49 25.82 -29.59 8.91
CA TYR A 49 26.76 -28.73 9.61
C TYR A 49 27.48 -29.53 10.68
N VAL A 50 28.73 -29.14 10.92
CA VAL A 50 29.70 -29.94 11.65
C VAL A 50 30.63 -28.98 12.36
N GLY A 51 31.21 -29.44 13.46
CA GLY A 51 32.34 -28.74 14.04
C GLY A 51 31.87 -27.52 14.79
N ASP A 52 32.85 -26.77 15.30
CA ASP A 52 32.54 -25.57 16.08
C ASP A 52 31.60 -24.64 15.34
N GLU A 53 31.61 -24.68 14.01
CA GLU A 53 30.64 -23.93 13.23
C GLU A 53 29.24 -24.29 13.68
N ALA A 54 28.96 -25.59 13.69
CA ALA A 54 27.70 -26.08 14.21
C ALA A 54 27.57 -25.75 15.70
N GLN A 55 28.65 -25.93 16.45
CA GLN A 55 28.61 -25.70 17.89
C GLN A 55 28.10 -24.31 18.19
N SER A 56 28.39 -23.37 17.31
CA SER A 56 27.79 -22.05 17.41
C SER A 56 26.35 -22.13 16.95
N LYS A 57 26.13 -22.70 15.76
CA LYS A 57 24.88 -22.62 15.03
C LYS A 57 23.77 -23.45 15.64
N ARG A 58 24.07 -24.19 16.71
CA ARG A 58 23.34 -25.41 17.05
C ARG A 58 21.83 -25.29 17.02
N GLY A 59 21.29 -24.21 17.56
CA GLY A 59 19.94 -24.27 18.12
C GLY A 59 18.86 -24.78 17.19
N ILE A 60 18.80 -24.26 15.96
CA ILE A 60 17.89 -24.83 14.98
C ILE A 60 18.44 -26.08 14.31
N LEU A 61 19.75 -26.23 14.24
CA LEU A 61 20.26 -27.52 13.85
C LEU A 61 19.84 -28.56 14.87
N THR A 62 19.73 -29.80 14.41
CA THR A 62 19.63 -30.93 15.31
C THR A 62 20.72 -31.93 14.97
N LEU A 63 21.16 -32.64 16.00
CA LEU A 63 22.38 -33.41 15.92
C LEU A 63 22.12 -34.82 15.46
N LYS A 64 23.01 -35.33 14.64
CA LYS A 64 23.23 -36.75 14.56
C LYS A 64 24.63 -37.04 15.08
N TYR A 65 24.84 -38.26 15.54
CA TYR A 65 26.11 -38.57 16.21
C TYR A 65 26.73 -39.78 15.54
N PRO A 66 27.76 -39.59 14.72
CA PRO A 66 28.06 -40.55 13.66
C PRO A 66 28.83 -41.75 14.16
N ILE A 67 29.19 -41.75 15.43
CA ILE A 67 29.81 -42.90 16.08
C ILE A 67 28.96 -43.28 17.28
N GLU A 68 28.31 -44.43 17.21
CA GLU A 68 27.92 -45.09 18.45
C GLU A 68 29.01 -46.01 18.92
N HIC A 69 29.03 -46.24 20.23
CA HIC A 69 29.85 -47.24 20.85
C HIC A 69 31.18 -47.45 20.16
O HIC A 69 31.59 -48.55 19.84
CB HIC A 69 29.19 -48.62 20.88
CG HIC A 69 27.74 -48.52 21.08
ND1 HIC A 69 27.09 -47.47 21.76
CD2 HIC A 69 26.79 -49.42 20.57
CE1 HIC A 69 25.79 -47.75 21.68
NE2 HIC A 69 25.56 -48.93 20.96
CZ HIC A 69 24.29 -49.53 20.69
N GLY A 70 31.84 -46.35 19.87
CA GLY A 70 33.01 -46.42 19.02
C GLY A 70 32.81 -46.90 17.59
N ILE A 71 31.65 -47.45 17.27
CA ILE A 71 31.38 -47.84 15.89
C ILE A 71 30.75 -46.71 15.11
N ILE A 72 31.39 -46.37 14.00
CA ILE A 72 31.03 -45.20 13.20
C ILE A 72 29.75 -45.49 12.43
N THR A 73 28.76 -44.63 12.59
CA THR A 73 27.40 -45.06 12.26
C THR A 73 27.11 -44.95 10.77
N ASN A 74 27.50 -43.85 10.13
CA ASN A 74 26.99 -43.54 8.80
C ASN A 74 28.09 -42.96 7.92
N TRP A 75 28.48 -43.72 6.90
CA TRP A 75 29.78 -43.50 6.28
C TRP A 75 29.83 -42.15 5.59
N ASP A 76 28.82 -41.85 4.78
CA ASP A 76 28.84 -40.64 3.96
C ASP A 76 28.93 -39.40 4.83
N ASP A 77 28.32 -39.46 6.00
CA ASP A 77 28.45 -38.37 6.95
C ASP A 77 29.90 -38.23 7.36
N MET A 78 30.53 -39.35 7.67
CA MET A 78 31.95 -39.32 8.01
C MET A 78 32.71 -38.64 6.89
N GLU A 79 32.37 -39.00 5.66
CA GLU A 79 33.09 -38.48 4.51
C GLU A 79 32.95 -36.97 4.45
N LYS A 80 31.76 -36.48 4.79
CA LYS A 80 31.56 -35.05 4.87
C LYS A 80 32.52 -34.48 5.90
N ILE A 81 32.55 -35.09 7.07
CA ILE A 81 33.33 -34.57 8.17
C ILE A 81 34.77 -34.51 7.73
N TRP A 82 35.21 -35.59 7.13
CA TRP A 82 36.60 -35.84 6.85
C TRP A 82 37.07 -34.84 5.81
N HIS A 83 36.26 -34.67 4.76
CA HIS A 83 36.57 -33.73 3.71
C HIS A 83 36.70 -32.36 4.30
N HIS A 84 35.73 -31.98 5.13
CA HIS A 84 35.75 -30.67 5.73
C HIS A 84 37.05 -30.50 6.47
N THR A 85 37.40 -31.49 7.28
CA THR A 85 38.54 -31.33 8.16
C THR A 85 39.79 -31.07 7.34
N PHE A 86 39.99 -31.87 6.29
CA PHE A 86 41.17 -31.67 5.46
C PHE A 86 41.18 -30.26 4.92
N TYR A 87 40.11 -29.89 4.24
CA TYR A 87 40.23 -28.70 3.42
C TYR A 87 40.19 -27.47 4.31
N ASN A 88 39.26 -27.44 5.26
CA ASN A 88 39.05 -26.25 6.05
C ASN A 88 40.15 -26.05 7.07
N GLU A 89 40.41 -27.06 7.91
CA GLU A 89 41.53 -26.81 8.82
C GLU A 89 42.85 -27.00 8.09
N LEU A 90 43.02 -28.15 7.47
CA LEU A 90 44.35 -28.63 7.14
C LEU A 90 44.92 -27.99 5.90
N ARG A 91 44.05 -27.53 5.00
CA ARG A 91 44.46 -27.07 3.68
C ARG A 91 45.36 -28.13 3.07
N VAL A 92 44.85 -29.38 3.06
CA VAL A 92 45.63 -30.53 2.64
C VAL A 92 44.89 -31.36 1.60
N ALA A 93 45.66 -31.94 0.68
CA ALA A 93 45.23 -32.75 -0.44
C ALA A 93 45.64 -34.19 -0.21
N PRO A 94 44.83 -35.16 -0.63
CA PRO A 94 44.97 -36.53 -0.10
C PRO A 94 46.30 -37.15 -0.48
N GLU A 95 46.85 -36.71 -1.61
CA GLU A 95 48.16 -37.14 -2.08
C GLU A 95 49.27 -36.76 -1.11
N GLU A 96 49.03 -35.85 -0.18
CA GLU A 96 50.16 -35.09 0.33
C GLU A 96 51.02 -35.89 1.30
N HIS A 97 50.45 -36.87 1.98
CA HIS A 97 51.11 -37.53 3.10
C HIS A 97 50.63 -38.96 3.17
N PRO A 98 51.39 -39.83 3.84
CA PRO A 98 50.75 -41.01 4.43
C PRO A 98 49.81 -40.55 5.52
N THR A 99 48.79 -41.35 5.76
CA THR A 99 47.78 -41.05 6.77
C THR A 99 47.50 -42.24 7.65
N LEU A 100 47.28 -41.97 8.92
CA LEU A 100 47.32 -42.98 9.96
C LEU A 100 45.99 -42.91 10.68
N LEU A 101 45.44 -44.08 10.96
CA LEU A 101 44.08 -44.19 11.42
C LEU A 101 44.05 -44.87 12.78
N THR A 102 43.07 -44.50 13.58
CA THR A 102 43.13 -44.75 15.01
C THR A 102 41.84 -45.47 15.38
N GLU A 103 42.00 -46.64 15.96
CA GLU A 103 40.91 -47.59 15.97
C GLU A 103 40.68 -48.11 17.37
N ALA A 104 39.41 -48.23 17.73
CA ALA A 104 39.04 -49.16 18.77
C ALA A 104 39.57 -50.55 18.42
N PRO A 105 40.16 -51.26 19.36
CA PRO A 105 40.57 -52.63 19.09
C PRO A 105 39.37 -53.56 19.13
N LEU A 106 39.56 -54.75 18.57
CA LEU A 106 38.59 -55.84 18.69
C LEU A 106 37.18 -55.41 18.29
N ASN A 107 37.07 -54.83 17.12
CA ASN A 107 35.74 -54.41 16.70
C ASN A 107 35.56 -54.68 15.20
N PRO A 108 34.33 -54.61 14.68
CA PRO A 108 34.00 -55.37 13.47
C PRO A 108 34.82 -54.95 12.26
N LYS A 109 35.13 -55.94 11.42
CA LYS A 109 36.04 -55.74 10.30
C LYS A 109 35.57 -54.59 9.43
N ALA A 110 34.24 -54.41 9.35
CA ALA A 110 33.65 -53.50 8.39
C ALA A 110 34.27 -52.12 8.48
N ASN A 111 34.55 -51.67 9.70
CA ASN A 111 35.12 -50.34 9.84
C ASN A 111 36.46 -50.29 9.14
N ARG A 112 37.24 -51.36 9.26
CA ARG A 112 38.49 -51.44 8.53
C ARG A 112 38.24 -51.35 7.05
N GLU A 113 37.38 -52.22 6.54
CA GLU A 113 37.32 -52.40 5.11
C GLU A 113 36.77 -51.17 4.42
N LYS A 114 35.63 -50.67 4.87
CA LYS A 114 35.11 -49.45 4.26
C LYS A 114 36.02 -48.26 4.49
N MET A 115 36.58 -48.11 5.69
CA MET A 115 37.43 -46.95 5.91
C MET A 115 38.55 -46.91 4.89
N THR A 116 39.27 -48.02 4.75
CA THR A 116 40.35 -48.07 3.79
C THR A 116 39.83 -47.90 2.37
N GLN A 117 38.70 -48.53 2.06
CA GLN A 117 38.21 -48.51 0.71
C GLN A 117 37.93 -47.08 0.29
N ILE A 118 37.20 -46.37 1.13
CA ILE A 118 36.85 -44.99 0.89
C ILE A 118 38.12 -44.15 0.75
N MET A 119 39.01 -44.26 1.72
CA MET A 119 40.09 -43.31 1.80
C MET A 119 41.14 -43.53 0.73
N PHE A 120 41.31 -44.76 0.26
CA PHE A 120 42.13 -44.96 -0.93
C PHE A 120 41.38 -44.56 -2.19
N GLU A 121 40.08 -44.78 -2.25
CA GLU A 121 39.37 -44.42 -3.47
C GLU A 121 38.93 -42.96 -3.45
N THR A 122 38.22 -42.56 -2.41
CA THR A 122 37.56 -41.26 -2.43
C THR A 122 38.59 -40.16 -2.26
N PHE A 123 39.42 -40.31 -1.25
CA PHE A 123 40.72 -39.67 -1.18
C PHE A 123 41.70 -40.60 -1.85
N ASN A 124 42.78 -40.04 -2.38
CA ASN A 124 43.84 -40.85 -2.94
C ASN A 124 45.15 -40.48 -2.27
N VAL A 125 45.70 -41.40 -1.49
CA VAL A 125 46.58 -41.04 -0.39
C VAL A 125 47.76 -41.99 -0.34
N PRO A 126 48.99 -41.47 -0.21
CA PRO A 126 50.16 -42.31 -0.50
C PRO A 126 50.21 -43.59 0.30
N ALA A 127 49.94 -43.50 1.60
CA ALA A 127 50.12 -44.65 2.48
C ALA A 127 49.13 -44.56 3.62
N MET A 128 48.65 -45.72 4.05
CA MET A 128 47.60 -45.80 5.04
C MET A 128 47.98 -46.76 6.16
N TYR A 129 47.56 -46.43 7.37
CA TYR A 129 47.67 -47.34 8.49
C TYR A 129 46.58 -47.08 9.51
N VAL A 130 46.19 -48.16 10.19
CA VAL A 130 45.23 -48.13 11.27
C VAL A 130 45.88 -48.80 12.47
N ALA A 131 45.79 -48.17 13.62
CA ALA A 131 46.58 -48.56 14.76
C ALA A 131 45.73 -48.57 16.02
N ILE A 132 46.06 -49.49 16.92
CA ILE A 132 45.27 -49.74 18.11
C ILE A 132 45.76 -48.83 19.23
N GLN A 133 44.79 -48.32 19.98
CA GLN A 133 44.99 -47.18 20.87
C GLN A 133 46.15 -47.44 21.82
N ALA A 134 46.12 -48.61 22.45
CA ALA A 134 47.03 -48.91 23.55
C ALA A 134 48.48 -48.77 23.12
N VAL A 135 48.77 -49.13 21.88
CA VAL A 135 50.14 -49.06 21.39
C VAL A 135 50.62 -47.63 21.51
N LEU A 136 49.82 -46.72 21.01
CA LEU A 136 50.16 -45.30 21.11
C LEU A 136 50.29 -44.91 22.56
N SER A 137 49.37 -45.40 23.38
CA SER A 137 49.38 -45.01 24.78
C SER A 137 50.70 -45.38 25.43
N LEU A 138 51.20 -46.57 25.13
CA LEU A 138 52.52 -46.94 25.64
C LEU A 138 53.60 -46.05 25.09
N TYR A 139 53.60 -45.88 23.77
CA TYR A 139 54.71 -45.15 23.18
C TYR A 139 54.81 -43.77 23.80
N ALA A 140 53.67 -43.10 23.95
CA ALA A 140 53.70 -41.78 24.55
C ALA A 140 54.14 -41.88 26.00
N SER A 141 53.55 -42.83 26.73
CA SER A 141 53.89 -42.99 28.13
C SER A 141 55.26 -43.61 28.30
N GLY A 142 55.81 -44.20 27.25
CA GLY A 142 57.18 -44.70 27.25
C GLY A 142 57.48 -45.69 28.34
N ARG A 143 56.69 -46.76 28.45
CA ARG A 143 57.06 -47.97 29.18
C ARG A 143 56.62 -49.17 28.35
N THR A 144 57.58 -49.97 27.89
CA THR A 144 57.30 -50.92 26.83
C THR A 144 56.25 -51.95 27.22
N THR A 145 56.23 -52.36 28.48
CA THR A 145 55.12 -53.14 29.00
C THR A 145 53.98 -52.21 29.43
N GLY A 146 52.78 -52.76 29.52
CA GLY A 146 51.81 -52.13 30.41
C GLY A 146 50.40 -52.65 30.25
N ILE A 147 49.51 -52.02 31.00
CA ILE A 147 48.07 -52.11 30.82
C ILE A 147 47.52 -50.69 30.75
N VAL A 148 46.53 -50.50 29.90
CA VAL A 148 45.98 -49.17 29.67
C VAL A 148 44.50 -49.21 29.97
N LEU A 149 44.02 -48.14 30.56
CA LEU A 149 42.59 -47.84 30.64
C LEU A 149 42.40 -46.49 29.98
N ASP A 150 41.59 -46.46 28.94
CA ASP A 150 41.19 -45.18 28.35
C ASP A 150 39.76 -45.23 27.87
N SER A 151 38.91 -44.45 28.51
CA SER A 151 37.47 -44.55 28.38
C SER A 151 37.15 -43.18 27.80
N GLY A 152 37.00 -43.11 26.50
CA GLY A 152 36.92 -41.82 25.88
C GLY A 152 35.52 -41.30 25.79
N ASP A 153 35.24 -40.58 24.70
CA ASP A 153 33.88 -40.52 24.21
C ASP A 153 33.31 -41.91 23.98
N GLY A 154 34.16 -42.84 23.55
CA GLY A 154 33.72 -44.14 23.09
C GLY A 154 34.24 -45.33 23.87
N VAL A 155 33.98 -46.51 23.31
CA VAL A 155 33.97 -47.78 24.04
C VAL A 155 35.26 -47.97 24.82
N THR A 156 35.14 -48.55 26.00
CA THR A 156 36.08 -48.37 27.10
C THR A 156 36.87 -49.66 27.22
N HIS A 157 38.14 -49.51 27.57
CA HIS A 157 39.13 -50.49 27.18
C HIS A 157 39.86 -51.03 28.39
N ASN A 158 40.19 -52.31 28.33
CA ASN A 158 41.36 -52.81 29.03
C ASN A 158 42.20 -53.56 28.03
N VAL A 159 43.46 -53.16 27.89
CA VAL A 159 44.47 -53.99 27.27
C VAL A 159 45.72 -54.03 28.15
N PRO A 160 46.14 -55.19 28.63
CA PRO A 160 47.56 -55.35 28.96
C PRO A 160 48.32 -55.43 27.66
N ILE A 161 49.37 -54.64 27.53
CA ILE A 161 50.41 -54.93 26.57
C ILE A 161 51.70 -55.31 27.28
N TYR A 162 52.25 -56.46 26.92
CA TYR A 162 53.64 -56.65 27.29
C TYR A 162 54.52 -56.00 26.26
N GLU A 163 55.74 -55.69 26.68
CA GLU A 163 56.75 -55.19 25.76
C GLU A 163 56.75 -55.96 24.46
N GLY A 164 56.64 -55.23 23.36
CA GLY A 164 56.70 -55.76 22.02
C GLY A 164 55.64 -56.74 21.56
N TYR A 165 54.58 -56.98 22.32
CA TYR A 165 53.61 -57.96 21.86
C TYR A 165 52.22 -57.71 22.42
N ALA A 166 51.24 -58.28 21.72
CA ALA A 166 49.83 -58.27 22.07
C ALA A 166 49.40 -59.54 22.80
N LEU A 167 48.37 -59.41 23.62
CA LEU A 167 47.72 -60.56 24.26
C LEU A 167 46.23 -60.54 23.97
N PRO A 168 45.87 -60.60 22.69
CA PRO A 168 44.48 -60.26 22.32
C PRO A 168 43.42 -61.01 23.07
N HIS A 169 43.72 -62.23 23.52
CA HIS A 169 42.81 -62.91 24.43
C HIS A 169 42.63 -62.14 25.72
N ALA A 170 43.69 -61.50 26.19
CA ALA A 170 43.65 -60.85 27.51
C ALA A 170 42.63 -59.73 27.56
N ILE A 171 42.20 -59.23 26.44
CA ILE A 171 41.76 -57.86 26.32
C ILE A 171 40.29 -57.75 26.68
N MET A 172 39.90 -56.65 27.31
CA MET A 172 38.50 -56.40 27.58
C MET A 172 38.08 -55.06 27.00
N ARG A 173 36.85 -55.02 26.53
CA ARG A 173 36.33 -53.95 25.71
C ARG A 173 34.91 -53.64 26.16
N LEU A 174 34.63 -52.38 26.52
CA LEU A 174 33.36 -52.11 27.16
C LEU A 174 32.72 -50.83 26.62
N ASP A 175 31.40 -50.90 26.42
CA ASP A 175 30.58 -49.73 26.10
C ASP A 175 30.06 -49.16 27.40
N LEU A 176 30.90 -48.35 28.03
CA LEU A 176 30.52 -47.66 29.26
C LEU A 176 30.89 -46.19 29.21
N ALA A 177 31.16 -45.65 28.03
CA ALA A 177 31.85 -44.39 27.95
C ALA A 177 30.94 -43.24 28.39
N GLY A 178 31.59 -42.09 28.58
CA GLY A 178 30.99 -40.99 29.32
C GLY A 178 29.69 -40.50 28.74
N ARG A 179 29.50 -40.64 27.43
CA ARG A 179 28.27 -40.18 26.79
C ARG A 179 27.07 -40.87 27.44
N ASP A 180 27.08 -42.20 27.47
CA ASP A 180 25.93 -42.91 28.02
C ASP A 180 25.75 -42.56 29.48
N LEU A 181 26.87 -42.39 30.19
CA LEU A 181 26.81 -41.95 31.57
C LEU A 181 26.05 -40.64 31.66
N THR A 182 26.39 -39.72 30.76
CA THR A 182 25.78 -38.42 30.75
C THR A 182 24.29 -38.54 30.51
N ASP A 183 23.90 -39.46 29.64
CA ASP A 183 22.48 -39.60 29.39
C ASP A 183 21.77 -40.18 30.60
N TYR A 184 22.48 -41.00 31.37
CA TYR A 184 21.99 -41.37 32.69
C TYR A 184 21.86 -40.14 33.58
N LEU A 185 22.75 -39.19 33.39
CA LEU A 185 22.76 -38.02 34.26
C LEU A 185 21.39 -37.39 34.28
N MET A 186 20.73 -37.30 33.13
CA MET A 186 19.44 -36.64 33.10
C MET A 186 18.45 -37.36 34.00
N LYS A 187 18.48 -38.69 33.96
CA LYS A 187 17.61 -39.47 34.82
C LYS A 187 17.96 -39.26 36.27
N ILE A 188 19.19 -38.86 36.54
CA ILE A 188 19.47 -38.25 37.83
C ILE A 188 18.76 -36.92 37.95
N LEU A 189 18.97 -36.06 36.97
CA LEU A 189 18.84 -34.62 37.16
C LEU A 189 17.40 -34.26 37.44
N THR A 190 16.47 -35.02 36.89
CA THR A 190 15.07 -34.76 37.18
C THR A 190 14.73 -34.85 38.66
N GLU A 191 15.60 -35.42 39.51
CA GLU A 191 15.36 -35.31 40.94
C GLU A 191 15.26 -33.85 41.38
N ARG A 192 16.26 -33.05 41.03
CA ARG A 192 16.13 -31.61 41.18
C ARG A 192 15.17 -31.06 40.15
N GLY A 193 15.03 -31.74 39.02
CA GLY A 193 13.89 -31.53 38.17
C GLY A 193 14.05 -30.17 37.52
N TYR A 194 15.25 -29.86 37.07
CA TYR A 194 15.47 -28.93 35.98
C TYR A 194 15.78 -29.78 34.79
N SER A 195 14.94 -29.75 33.78
CA SER A 195 14.93 -30.94 32.94
C SER A 195 14.60 -30.60 31.51
N PHE A 196 15.39 -31.20 30.65
CA PHE A 196 15.52 -30.87 29.25
C PHE A 196 16.12 -32.09 28.60
N VAL A 197 15.54 -32.57 27.51
CA VAL A 197 16.21 -33.63 26.76
C VAL A 197 16.16 -33.30 25.28
N THR A 198 17.34 -33.20 24.68
CA THR A 198 17.68 -33.17 23.27
C THR A 198 19.19 -33.29 23.23
N THR A 199 19.72 -33.42 22.02
CA THR A 199 21.14 -33.68 21.87
C THR A 199 21.97 -32.52 22.38
N ALA A 200 21.67 -31.31 21.91
CA ALA A 200 22.45 -30.15 22.34
C ALA A 200 22.33 -29.99 23.85
N GLU A 201 21.14 -30.26 24.37
CA GLU A 201 20.93 -30.12 25.80
C GLU A 201 21.81 -31.11 26.51
N ARG A 202 21.95 -32.29 25.92
CA ARG A 202 22.83 -33.31 26.46
C ARG A 202 24.29 -32.87 26.44
N GLU A 203 24.72 -32.22 25.35
CA GLU A 203 26.11 -31.76 25.32
C GLU A 203 26.36 -30.67 26.34
N ILE A 204 25.33 -29.90 26.69
CA ILE A 204 25.52 -28.88 27.71
C ILE A 204 26.07 -29.50 28.99
N VAL A 205 25.64 -30.73 29.27
CA VAL A 205 26.15 -31.45 30.43
C VAL A 205 27.66 -31.61 30.35
N ARG A 206 28.20 -31.83 29.16
CA ARG A 206 29.65 -32.01 29.01
C ARG A 206 30.43 -30.94 29.77
N ASP A 207 29.97 -29.69 29.69
CA ASP A 207 30.66 -28.64 30.42
C ASP A 207 30.66 -28.95 31.91
N ILE A 208 29.51 -29.33 32.44
CA ILE A 208 29.41 -29.67 33.84
C ILE A 208 30.33 -30.82 34.18
N LYS A 209 30.47 -31.74 33.25
CA LYS A 209 31.37 -32.87 33.42
C LYS A 209 32.80 -32.39 33.48
N GLU A 210 33.11 -31.32 32.75
CA GLU A 210 34.40 -30.68 32.90
C GLU A 210 34.52 -30.12 34.30
N LYS A 211 33.59 -29.25 34.65
CA LYS A 211 33.72 -28.36 35.79
C LYS A 211 33.41 -29.08 37.08
N LEU A 212 32.24 -29.71 37.14
CA LEU A 212 31.62 -29.98 38.42
C LEU A 212 31.92 -31.36 38.99
N CYS A 213 32.53 -32.25 38.22
CA CYS A 213 32.68 -33.60 38.72
C CYS A 213 33.93 -33.73 39.57
N TYR A 214 33.90 -34.70 40.49
CA TYR A 214 35.10 -35.16 41.16
C TYR A 214 34.80 -36.54 41.71
N VAL A 215 35.83 -37.28 41.98
CA VAL A 215 35.69 -38.70 42.22
C VAL A 215 35.40 -38.95 43.69
N ALA A 216 34.46 -39.85 43.95
CA ALA A 216 34.16 -40.29 45.31
C ALA A 216 35.38 -40.98 45.90
N LEU A 217 35.86 -40.50 47.06
CA LEU A 217 36.90 -41.24 47.75
C LEU A 217 36.35 -42.51 48.41
N ASP A 218 35.26 -42.37 49.18
CA ASP A 218 34.54 -43.50 49.76
C ASP A 218 33.05 -43.25 49.72
N PHE A 219 32.28 -44.24 49.30
CA PHE A 219 30.89 -43.98 48.97
C PHE A 219 30.07 -43.78 50.22
N GLU A 220 30.16 -44.72 51.16
CA GLU A 220 29.45 -44.58 52.43
C GLU A 220 29.83 -43.27 53.11
N ASN A 221 31.13 -43.06 53.26
CA ASN A 221 31.60 -41.90 53.99
C ASN A 221 31.14 -40.63 53.31
N GLU A 222 31.17 -40.64 51.98
CA GLU A 222 30.64 -39.51 51.23
C GLU A 222 29.19 -39.28 51.55
N MET A 223 28.39 -40.33 51.61
CA MET A 223 27.00 -40.15 51.99
C MET A 223 26.89 -39.52 53.37
N ALA A 224 27.79 -39.89 54.27
CA ALA A 224 27.74 -39.31 55.62
C ALA A 224 28.04 -37.82 55.55
N THR A 225 29.06 -37.44 54.78
CA THR A 225 29.32 -36.03 54.54
C THR A 225 28.16 -35.36 53.83
N ALA A 226 27.48 -36.09 52.95
CA ALA A 226 26.33 -35.54 52.24
C ALA A 226 25.25 -35.15 53.20
N ALA A 227 25.09 -35.97 54.24
CA ALA A 227 24.16 -35.62 55.30
C ALA A 227 24.68 -34.44 56.10
N SER A 228 26.00 -34.36 56.29
CA SER A 228 26.53 -33.28 57.10
C SER A 228 26.55 -31.93 56.38
N SER A 229 26.99 -31.87 55.13
CA SER A 229 27.59 -30.62 54.65
C SER A 229 27.03 -30.23 53.29
N SER A 230 27.14 -28.93 52.98
CA SER A 230 26.85 -28.40 51.66
C SER A 230 28.07 -27.98 50.86
N SER A 231 29.27 -28.01 51.45
CA SER A 231 30.47 -27.75 50.65
C SER A 231 30.57 -28.74 49.49
N LEU A 232 30.03 -29.93 49.70
CA LEU A 232 29.81 -30.92 48.65
C LEU A 232 28.98 -30.37 47.51
N GLU A 233 28.30 -29.26 47.72
CA GLU A 233 27.31 -28.72 46.82
C GLU A 233 27.85 -27.40 46.31
N LYS A 234 27.78 -27.22 44.99
CA LYS A 234 28.37 -26.07 44.35
C LYS A 234 27.38 -25.48 43.38
N SER A 235 27.61 -24.21 43.06
CA SER A 235 26.64 -23.39 42.35
C SER A 235 27.19 -22.98 41.00
N TYR A 236 26.39 -23.20 39.97
CA TYR A 236 26.87 -23.12 38.60
C TYR A 236 25.77 -22.56 37.72
N GLU A 237 26.19 -21.83 36.71
CA GLU A 237 25.24 -21.11 35.89
C GLU A 237 24.83 -21.99 34.74
N LEU A 238 23.65 -21.74 34.21
CA LEU A 238 23.43 -22.14 32.84
C LEU A 238 24.51 -21.50 31.97
N PRO A 239 24.86 -22.15 30.86
CA PRO A 239 25.76 -21.49 29.90
C PRO A 239 25.24 -20.12 29.53
N ASP A 240 23.92 -19.98 29.48
CA ASP A 240 23.27 -18.70 29.70
C ASP A 240 21.91 -18.96 30.31
N GLY A 241 21.42 -17.99 31.06
CA GLY A 241 20.28 -18.20 31.93
C GLY A 241 20.70 -18.45 33.36
N GLN A 242 20.15 -19.50 33.97
CA GLN A 242 20.06 -19.57 35.40
C GLN A 242 21.38 -19.98 36.04
N VAL A 243 21.50 -19.71 37.32
CA VAL A 243 22.40 -20.41 38.21
C VAL A 243 21.77 -21.72 38.65
N ILE A 244 22.58 -22.78 38.68
CA ILE A 244 22.14 -24.12 39.02
C ILE A 244 23.12 -24.61 40.08
N THR A 245 22.62 -25.40 41.01
CA THR A 245 23.47 -25.79 42.12
C THR A 245 23.22 -27.24 42.47
N ILE A 246 24.30 -28.00 42.61
CA ILE A 246 24.27 -29.44 42.41
C ILE A 246 24.90 -30.15 43.59
N GLY A 247 24.20 -31.16 44.10
CA GLY A 247 24.61 -31.89 45.28
C GLY A 247 25.46 -33.09 44.97
N ASN A 248 25.20 -34.17 45.70
CA ASN A 248 25.79 -35.47 45.45
C ASN A 248 25.67 -35.90 44.00
N GLU A 249 24.68 -35.36 43.31
CA GLU A 249 24.49 -35.65 41.91
C GLU A 249 25.78 -35.53 41.10
N ARG A 250 26.70 -34.65 41.51
CA ARG A 250 28.02 -34.67 40.88
C ARG A 250 28.76 -35.98 41.16
N PHE A 251 29.01 -36.31 42.43
CA PHE A 251 29.98 -37.36 42.66
C PHE A 251 29.36 -38.72 42.35
N ARG A 252 28.05 -38.83 42.50
CA ARG A 252 27.37 -40.10 42.23
C ARG A 252 27.65 -40.61 40.83
N CYS A 253 27.78 -39.70 39.88
CA CYS A 253 27.99 -40.05 38.49
C CYS A 253 29.18 -40.99 38.25
N PRO A 254 30.41 -40.65 38.63
CA PRO A 254 31.52 -41.55 38.31
C PRO A 254 31.38 -42.95 38.89
N GLU A 255 30.71 -43.08 40.05
CA GLU A 255 30.56 -44.39 40.68
C GLU A 255 30.01 -45.42 39.72
N THR A 256 29.20 -44.97 38.76
CA THR A 256 28.67 -45.87 37.73
C THR A 256 29.80 -46.71 37.16
N LEU A 257 30.97 -46.11 36.97
CA LEU A 257 32.09 -46.86 36.46
C LEU A 257 32.39 -48.01 37.40
N PHE A 258 32.35 -47.74 38.69
CA PHE A 258 32.60 -48.80 39.65
C PHE A 258 31.37 -49.68 39.78
N GLN A 259 30.18 -49.08 39.73
CA GLN A 259 28.93 -49.83 39.78
C GLN A 259 28.01 -49.48 38.61
N PRO A 260 28.10 -50.21 37.52
CA PRO A 260 27.14 -50.04 36.42
C PRO A 260 25.86 -50.80 36.71
N SER A 261 25.31 -50.57 37.90
CA SER A 261 23.88 -50.73 38.14
C SER A 261 23.11 -49.53 37.61
N PHE A 262 23.62 -48.33 37.82
CA PHE A 262 22.73 -47.17 37.88
C PHE A 262 22.10 -46.97 36.51
N ILE A 263 22.84 -47.36 35.50
CA ILE A 263 22.35 -47.86 34.23
C ILE A 263 22.91 -49.26 34.18
N GLY A 264 22.05 -50.26 34.16
CA GLY A 264 22.37 -51.53 34.77
C GLY A 264 22.72 -52.59 33.75
N MET A 265 23.84 -53.23 34.05
CA MET A 265 24.64 -54.11 33.24
C MET A 265 25.31 -55.02 34.26
N GLU A 266 25.77 -56.18 33.83
CA GLU A 266 26.89 -56.74 34.59
C GLU A 266 28.13 -56.86 33.74
N SER A 267 29.16 -56.17 34.21
CA SER A 267 30.57 -56.42 34.07
C SER A 267 31.13 -55.75 35.31
N ALA A 268 31.96 -56.43 36.07
CA ALA A 268 32.00 -56.08 37.49
C ALA A 268 32.68 -54.74 37.74
N GLY A 269 33.11 -54.07 36.68
CA GLY A 269 33.50 -52.69 36.71
C GLY A 269 34.92 -52.57 36.20
N ILE A 270 35.42 -51.33 36.19
CA ILE A 270 36.73 -51.10 35.62
C ILE A 270 37.75 -51.96 36.33
N HIS A 271 37.77 -51.81 37.64
CA HIS A 271 38.86 -52.33 38.44
C HIS A 271 38.80 -53.85 38.54
N GLU A 272 37.63 -54.37 38.91
CA GLU A 272 37.43 -55.81 38.90
C GLU A 272 37.61 -56.41 37.51
N THR A 273 37.27 -55.67 36.46
CA THR A 273 37.56 -56.19 35.13
C THR A 273 39.05 -56.32 34.98
N THR A 274 39.77 -55.33 35.47
CA THR A 274 41.19 -55.25 35.26
C THR A 274 41.86 -56.41 35.96
N TYR A 275 41.55 -56.60 37.24
CA TYR A 275 42.13 -57.68 38.01
C TYR A 275 41.71 -59.03 37.44
N ASN A 276 40.48 -59.13 36.95
CA ASN A 276 40.07 -60.35 36.27
C ASN A 276 41.01 -60.62 35.11
N SER A 277 41.23 -59.60 34.30
CA SER A 277 41.94 -59.77 33.05
C SER A 277 43.39 -60.06 33.34
N ILE A 278 43.87 -59.52 34.44
CA ILE A 278 45.16 -59.92 34.99
C ILE A 278 45.12 -61.41 35.27
N MET A 279 44.15 -61.85 36.05
CA MET A 279 44.24 -63.21 36.54
C MET A 279 44.13 -64.19 35.39
N LYS A 280 43.49 -63.77 34.30
CA LYS A 280 43.70 -64.44 33.02
C LYS A 280 45.17 -64.51 32.65
N CYS A 281 45.82 -63.35 32.55
CA CYS A 281 47.22 -63.35 32.14
C CYS A 281 48.09 -64.00 33.19
N ASP A 282 49.32 -64.33 32.78
CA ASP A 282 50.08 -65.36 33.48
C ASP A 282 50.75 -64.77 34.70
N ILE A 283 51.48 -65.62 35.43
CA ILE A 283 51.68 -65.36 36.84
C ILE A 283 52.84 -64.41 37.05
N ASP A 284 53.95 -64.66 36.37
CA ASP A 284 55.18 -63.94 36.67
C ASP A 284 55.10 -62.47 36.29
N ILE A 285 54.54 -62.18 35.12
CA ILE A 285 54.52 -60.81 34.61
C ILE A 285 53.93 -59.85 35.62
N ARG A 286 53.02 -60.35 36.45
CA ARG A 286 51.99 -59.51 37.07
C ARG A 286 52.62 -58.34 37.82
N LYS A 287 53.74 -58.59 38.51
CA LYS A 287 54.34 -57.54 39.33
C LYS A 287 54.58 -56.30 38.51
N ASP A 288 55.09 -56.48 37.30
CA ASP A 288 55.41 -55.33 36.46
C ASP A 288 54.16 -54.49 36.30
N LEU A 289 53.04 -55.13 36.05
CA LEU A 289 51.82 -54.41 35.78
C LEU A 289 51.32 -53.75 37.06
N TYR A 290 51.49 -54.44 38.18
CA TYR A 290 51.25 -53.82 39.48
C TYR A 290 52.05 -52.54 39.61
N ALA A 291 53.25 -52.53 39.05
CA ALA A 291 54.05 -51.33 38.98
C ALA A 291 53.52 -50.41 37.88
N ASN A 292 53.33 -50.95 36.69
CA ASN A 292 53.08 -50.13 35.52
C ASN A 292 51.59 -50.18 35.24
N ASN A 293 50.91 -49.10 35.59
CA ASN A 293 49.46 -49.04 35.47
C ASN A 293 49.09 -47.67 34.96
N VAL A 294 48.34 -47.63 33.87
CA VAL A 294 48.32 -46.45 33.03
C VAL A 294 46.89 -46.19 32.57
N MET A 295 46.54 -44.92 32.50
CA MET A 295 45.17 -44.48 32.35
C MET A 295 45.20 -43.25 31.47
N SER A 296 44.10 -43.00 30.76
CA SER A 296 44.10 -41.84 29.88
C SER A 296 42.68 -41.44 29.53
N GLY A 297 42.59 -40.25 28.94
CA GLY A 297 41.46 -39.68 28.24
C GLY A 297 40.22 -39.40 29.06
N GLY A 298 39.08 -39.51 28.38
CA GLY A 298 37.91 -38.71 28.74
C GLY A 298 37.47 -38.82 30.17
N THR A 299 37.26 -40.04 30.65
CA THR A 299 36.82 -40.17 32.03
C THR A 299 37.94 -39.81 32.99
N THR A 300 39.16 -40.20 32.65
CA THR A 300 40.26 -40.09 33.58
C THR A 300 40.50 -38.65 34.00
N MET A 301 40.05 -37.71 33.17
CA MET A 301 40.22 -36.29 33.48
C MET A 301 39.80 -35.98 34.91
N TYR A 302 38.78 -36.65 35.39
CA TYR A 302 38.26 -36.40 36.72
C TYR A 302 39.39 -36.46 37.74
N PRO A 303 39.45 -35.52 38.68
CA PRO A 303 40.35 -35.67 39.82
C PRO A 303 39.96 -36.84 40.70
N GLY A 304 40.94 -37.70 40.99
CA GLY A 304 40.84 -38.64 42.07
C GLY A 304 40.71 -40.08 41.66
N ILE A 305 40.43 -40.36 40.39
CA ILE A 305 40.17 -41.72 39.95
C ILE A 305 41.30 -42.64 40.37
N ALA A 306 42.53 -42.22 40.08
CA ALA A 306 43.69 -43.07 40.35
C ALA A 306 43.75 -43.49 41.81
N ASP A 307 43.37 -42.59 42.70
CA ASP A 307 43.43 -42.90 44.11
C ASP A 307 42.47 -44.02 44.48
N ARG A 308 41.19 -43.88 44.10
CA ARG A 308 40.27 -44.93 44.52
C ARG A 308 40.59 -46.21 43.78
N MET A 309 41.11 -46.10 42.57
CA MET A 309 41.56 -47.28 41.85
C MET A 309 42.60 -48.01 42.66
N GLN A 310 43.57 -47.26 43.20
CA GLN A 310 44.61 -47.85 44.00
C GLN A 310 44.03 -48.47 45.25
N LYS A 311 43.06 -47.79 45.86
CA LYS A 311 42.34 -48.35 46.98
C LYS A 311 41.73 -49.70 46.62
N GLU A 312 41.20 -49.79 45.40
CA GLU A 312 40.52 -50.99 44.96
C GLU A 312 41.53 -52.10 44.76
N ILE A 313 42.64 -51.77 44.14
CA ILE A 313 43.67 -52.77 43.90
C ILE A 313 44.27 -53.25 45.21
N THR A 314 44.51 -52.33 46.14
CA THR A 314 44.92 -52.72 47.47
C THR A 314 43.91 -53.61 48.15
N ALA A 315 42.63 -53.45 47.79
CA ALA A 315 41.65 -54.44 48.21
C ALA A 315 41.97 -55.77 47.57
N LEU A 316 42.13 -55.78 46.25
CA LEU A 316 42.16 -57.02 45.52
C LEU A 316 43.55 -57.63 45.45
N ALA A 317 44.57 -56.80 45.31
CA ALA A 317 45.93 -57.31 45.34
C ALA A 317 46.22 -57.97 46.68
N PRO A 318 47.10 -58.96 46.71
CA PRO A 318 47.84 -59.24 47.95
C PRO A 318 48.67 -58.01 48.31
N SER A 319 48.40 -57.44 49.48
CA SER A 319 48.99 -56.16 49.82
C SER A 319 50.51 -56.20 49.75
N THR A 320 51.07 -57.39 49.88
CA THR A 320 52.52 -57.57 50.00
C THR A 320 53.31 -56.86 48.92
N MET A 321 52.76 -56.70 47.73
CA MET A 321 53.55 -56.25 46.60
C MET A 321 53.23 -54.83 46.15
N LYS A 322 54.27 -54.15 45.68
CA LYS A 322 54.20 -52.75 45.28
C LYS A 322 53.04 -52.51 44.33
N ILE A 323 52.39 -51.37 44.47
CA ILE A 323 51.36 -50.94 43.51
C ILE A 323 51.50 -49.44 43.28
N LYS A 324 51.34 -49.04 42.02
CA LYS A 324 51.19 -47.64 41.68
C LYS A 324 50.51 -47.56 40.34
N ILE A 325 50.02 -46.36 40.01
CA ILE A 325 49.39 -46.08 38.74
C ILE A 325 49.99 -44.80 38.18
N ILE A 326 49.91 -44.64 36.86
CA ILE A 326 50.36 -43.42 36.21
C ILE A 326 49.14 -42.61 35.83
N ALA A 327 49.21 -41.30 36.06
CA ALA A 327 48.14 -40.37 35.70
C ALA A 327 48.73 -39.12 35.04
N PRO A 328 49.16 -39.22 33.79
CA PRO A 328 49.87 -38.10 33.17
C PRO A 328 48.96 -36.91 33.00
N PRO A 329 49.51 -35.71 32.82
CA PRO A 329 48.62 -34.56 32.65
C PRO A 329 47.83 -34.64 31.36
N GLU A 330 48.48 -35.09 30.29
CA GLU A 330 48.07 -34.80 28.93
C GLU A 330 47.17 -35.88 28.32
N ARG A 331 46.57 -36.73 29.15
CA ARG A 331 46.08 -38.03 28.73
C ARG A 331 45.14 -37.91 27.53
N LYS A 332 44.24 -36.93 27.59
CA LYS A 332 43.25 -36.76 26.53
C LYS A 332 43.88 -36.55 25.17
N TYR A 333 45.03 -35.90 25.11
CA TYR A 333 45.78 -35.80 23.87
C TYR A 333 46.65 -37.01 23.58
N SER A 334 46.78 -37.91 24.56
CA SER A 334 47.92 -38.81 24.59
C SER A 334 47.98 -39.55 23.28
N VAL A 335 46.82 -40.03 22.85
CA VAL A 335 46.75 -40.94 21.71
C VAL A 335 47.37 -40.29 20.49
N TRP A 336 46.93 -39.08 20.15
CA TRP A 336 47.43 -38.48 18.94
C TRP A 336 48.91 -38.21 19.09
N ILE A 337 49.34 -37.91 20.32
CA ILE A 337 50.76 -37.67 20.52
C ILE A 337 51.55 -38.93 20.19
N GLY A 338 51.10 -40.04 20.77
CA GLY A 338 51.72 -41.31 20.48
C GLY A 338 51.69 -41.59 18.99
N GLY A 339 50.57 -41.27 18.35
CA GLY A 339 50.48 -41.42 16.92
C GLY A 339 51.59 -40.67 16.20
N SER A 340 51.91 -39.47 16.70
CA SER A 340 52.97 -38.70 16.07
C SER A 340 54.28 -39.47 16.17
N ILE A 341 54.55 -39.98 17.37
CA ILE A 341 55.74 -40.82 17.53
C ILE A 341 55.70 -41.98 16.55
N LEU A 342 54.55 -42.64 16.50
CA LEU A 342 54.36 -43.79 15.62
C LEU A 342 54.67 -43.41 14.20
N ALA A 343 54.30 -42.20 13.82
CA ALA A 343 54.51 -41.73 12.47
C ALA A 343 55.99 -41.58 12.23
N SER A 344 56.73 -41.25 13.29
CA SER A 344 58.08 -40.76 13.06
C SER A 344 58.95 -41.87 12.48
N LEU A 345 58.85 -43.09 13.03
CA LEU A 345 59.87 -44.09 12.74
C LEU A 345 59.76 -44.66 11.34
N SER A 346 60.93 -44.74 10.68
CA SER A 346 61.02 -45.15 9.29
C SER A 346 60.42 -46.52 9.00
N THR A 347 60.40 -47.39 10.00
CA THR A 347 59.85 -48.73 9.82
C THR A 347 58.46 -48.77 9.20
N PHE A 348 57.61 -47.79 9.46
CA PHE A 348 56.34 -47.79 8.73
C PHE A 348 56.51 -47.67 7.23
N GLN A 349 57.60 -47.07 6.75
CA GLN A 349 57.89 -47.16 5.33
C GLN A 349 57.96 -48.61 4.88
N GLN A 350 58.56 -49.47 5.70
CA GLN A 350 58.41 -50.89 5.47
C GLN A 350 56.96 -51.30 5.60
N MET A 351 56.23 -50.65 6.49
CA MET A 351 54.97 -51.15 7.01
C MET A 351 53.73 -50.56 6.34
N TRP A 352 53.78 -49.33 5.82
CA TRP A 352 52.54 -48.77 5.31
C TRP A 352 51.91 -49.68 4.27
N ILE A 353 50.60 -49.59 4.17
CA ILE A 353 49.93 -49.97 2.96
C ILE A 353 50.32 -48.98 1.86
N THR A 354 50.40 -49.47 0.64
CA THR A 354 50.54 -48.61 -0.51
C THR A 354 49.37 -48.79 -1.47
N LYS A 355 49.20 -47.80 -2.33
CA LYS A 355 48.10 -47.84 -3.29
C LYS A 355 48.19 -49.11 -4.11
N GLN A 356 49.41 -49.56 -4.38
CA GLN A 356 49.64 -50.69 -5.26
C GLN A 356 48.90 -51.91 -4.76
N GLU A 357 49.04 -52.22 -3.47
CA GLU A 357 48.35 -53.36 -2.92
C GLU A 357 46.85 -53.19 -3.08
N TYR A 358 46.34 -52.00 -2.76
CA TYR A 358 44.92 -51.75 -2.86
C TYR A 358 44.45 -51.97 -4.29
N ASP A 359 45.35 -51.74 -5.24
CA ASP A 359 45.08 -52.11 -6.62
C ASP A 359 45.00 -53.62 -6.74
N GLU A 360 45.98 -54.31 -6.19
CA GLU A 360 46.20 -55.71 -6.52
C GLU A 360 45.42 -56.63 -5.62
N ALA A 361 44.90 -56.14 -4.51
CA ALA A 361 44.08 -56.93 -3.61
C ALA A 361 43.20 -55.97 -2.82
N GLY A 362 42.21 -56.53 -2.13
CA GLY A 362 41.08 -55.74 -1.72
C GLY A 362 41.36 -55.04 -0.41
N PRO A 363 40.30 -54.60 0.26
CA PRO A 363 40.38 -54.35 1.71
C PRO A 363 40.90 -55.54 2.52
N SER A 364 40.74 -56.76 2.00
CA SER A 364 41.21 -57.94 2.73
C SER A 364 42.65 -57.79 3.16
N ILE A 365 43.43 -57.04 2.40
CA ILE A 365 44.86 -56.87 2.67
C ILE A 365 45.06 -56.52 4.13
N VAL A 366 44.28 -55.55 4.60
CA VAL A 366 44.49 -54.98 5.91
C VAL A 366 44.58 -56.07 6.95
N HIS A 367 43.63 -56.99 6.92
CA HIS A 367 43.40 -57.74 8.14
C HIS A 367 44.52 -58.73 8.38
N ARG A 368 45.14 -59.22 7.31
CA ARG A 368 46.45 -59.82 7.49
C ARG A 368 47.44 -58.75 7.93
N LYS A 369 47.52 -57.68 7.16
CA LYS A 369 48.73 -56.87 7.14
C LYS A 369 48.85 -56.07 8.42
N CYS A 370 47.74 -55.47 8.86
CA CYS A 370 47.74 -54.73 10.11
C CYS A 370 47.33 -55.70 11.22
N PHE A 371 47.52 -55.27 12.46
CA PHE A 371 46.81 -55.90 13.55
C PHE A 371 45.32 -55.66 13.38
N THR B 1 -12.00 -50.88 60.22
CA THR B 1 -12.11 -49.77 59.28
C THR B 1 -11.77 -50.16 57.85
N THR B 2 -11.49 -49.16 57.03
CA THR B 2 -11.56 -49.28 55.59
C THR B 2 -10.55 -48.31 54.98
N ALA B 3 -10.27 -48.50 53.71
CA ALA B 3 -9.10 -47.93 53.08
C ALA B 3 -9.46 -47.21 51.78
N LEU B 4 -8.82 -46.07 51.57
CA LEU B 4 -9.31 -45.07 50.62
C LEU B 4 -8.13 -44.66 49.77
N VAL B 5 -8.39 -44.40 48.50
CA VAL B 5 -7.35 -44.10 47.54
C VAL B 5 -7.71 -42.86 46.76
N CYS B 6 -6.78 -41.91 46.71
CA CYS B 6 -6.86 -40.79 45.79
C CYS B 6 -6.08 -41.13 44.54
N ASP B 7 -6.68 -40.88 43.39
CA ASP B 7 -5.96 -40.74 42.14
C ASP B 7 -5.65 -39.27 41.92
N ASN B 8 -4.36 -38.95 41.77
CA ASN B 8 -3.93 -37.65 41.30
C ASN B 8 -3.20 -37.71 39.97
N GLY B 9 -3.39 -38.79 39.22
CA GLY B 9 -3.22 -38.72 37.79
C GLY B 9 -4.04 -37.56 37.26
N SER B 10 -3.45 -36.75 36.40
CA SER B 10 -4.02 -35.44 36.14
C SER B 10 -5.19 -35.56 35.19
N GLY B 11 -5.84 -34.45 34.92
CA GLY B 11 -7.20 -34.51 34.43
C GLY B 11 -8.14 -34.62 35.61
N LEU B 12 -9.35 -35.08 35.34
CA LEU B 12 -10.29 -35.20 36.43
C LEU B 12 -9.76 -36.21 37.44
N VAL B 13 -10.07 -35.97 38.70
CA VAL B 13 -9.37 -36.58 39.82
C VAL B 13 -10.29 -37.56 40.53
N LYS B 14 -9.74 -38.72 40.88
CA LYS B 14 -10.49 -39.94 41.05
C LYS B 14 -10.19 -40.50 42.44
N ALA B 15 -11.24 -40.84 43.17
CA ALA B 15 -11.08 -41.15 44.58
C ALA B 15 -12.17 -42.12 45.00
N GLY B 16 -11.79 -43.12 45.79
CA GLY B 16 -12.69 -44.22 46.08
C GLY B 16 -12.10 -45.24 47.02
N PHE B 17 -12.98 -45.93 47.74
CA PHE B 17 -12.55 -46.91 48.72
C PHE B 17 -12.08 -48.17 48.02
N ALA B 18 -11.27 -48.94 48.73
CA ALA B 18 -10.90 -50.26 48.23
C ALA B 18 -12.17 -51.08 48.03
N GLY B 19 -12.36 -51.58 46.82
CA GLY B 19 -13.27 -52.67 46.57
C GLY B 19 -14.55 -52.23 45.88
N ASP B 20 -14.89 -50.95 45.95
CA ASP B 20 -15.78 -50.38 44.94
C ASP B 20 -15.20 -50.57 43.55
N ASP B 21 -16.09 -50.78 42.60
CA ASP B 21 -15.68 -51.01 41.21
C ASP B 21 -15.19 -49.73 40.54
N ALA B 22 -15.67 -48.57 40.96
CA ALA B 22 -15.33 -47.32 40.28
C ALA B 22 -15.43 -46.16 41.26
N PRO B 23 -14.63 -45.12 41.10
CA PRO B 23 -14.56 -44.09 42.14
C PRO B 23 -15.89 -43.37 42.22
N ARG B 24 -16.15 -42.79 43.38
CA ARG B 24 -17.48 -42.24 43.64
C ARG B 24 -17.78 -41.10 42.68
N ALA B 25 -16.82 -40.19 42.50
CA ALA B 25 -16.95 -39.13 41.52
C ALA B 25 -15.57 -38.54 41.29
N VAL B 26 -15.49 -37.58 40.36
CA VAL B 26 -14.22 -37.28 39.69
C VAL B 26 -14.23 -35.81 39.31
N PHE B 27 -13.08 -35.16 39.45
CA PHE B 27 -13.02 -33.71 39.32
C PHE B 27 -11.79 -33.25 38.57
N PRO B 28 -11.93 -32.20 37.76
CA PRO B 28 -10.89 -31.88 36.77
C PRO B 28 -9.57 -31.46 37.36
N SER B 29 -9.54 -30.99 38.60
CA SER B 29 -8.43 -30.20 39.13
C SER B 29 -8.25 -28.88 38.40
N ILE B 30 -9.29 -28.35 37.76
CA ILE B 30 -9.30 -26.93 37.47
C ILE B 30 -9.23 -26.18 38.79
N VAL B 31 -8.51 -25.07 38.81
CA VAL B 31 -8.78 -24.04 39.79
C VAL B 31 -8.96 -22.69 39.12
N GLY B 32 -9.84 -21.89 39.69
CA GLY B 32 -10.28 -20.66 39.05
C GLY B 32 -10.66 -19.62 40.08
N ARG B 33 -10.53 -18.36 39.69
CA ARG B 33 -10.86 -17.26 40.58
C ARG B 33 -11.59 -16.15 39.86
N PRO B 34 -12.19 -15.22 40.59
CA PRO B 34 -12.92 -14.12 39.96
C PRO B 34 -12.05 -13.30 39.03
N ARG B 35 -12.71 -12.62 38.09
CA ARG B 35 -12.05 -11.71 37.16
C ARG B 35 -12.56 -10.29 37.24
N HIS B 36 -13.69 -10.05 37.90
CA HIS B 36 -14.37 -8.77 37.81
C HIS B 36 -14.82 -8.30 39.17
N GLN B 37 -14.94 -6.99 39.31
CA GLN B 37 -15.50 -6.41 40.53
C GLN B 37 -16.79 -7.10 40.88
N GLY B 38 -16.95 -7.44 42.15
CA GLY B 38 -18.16 -8.09 42.58
C GLY B 38 -19.23 -7.09 42.91
N VAL B 39 -20.29 -7.12 42.12
CA VAL B 39 -21.19 -5.97 42.01
C VAL B 39 -22.61 -6.33 42.41
N MET B 40 -22.97 -7.60 42.51
CA MET B 40 -24.04 -7.98 43.40
C MET B 40 -23.48 -7.98 44.81
N VAL B 41 -23.86 -6.97 45.59
CA VAL B 41 -23.57 -6.97 47.02
C VAL B 41 -24.28 -8.11 47.75
N GLY B 42 -25.44 -8.53 47.24
CA GLY B 42 -26.08 -9.71 47.81
C GLY B 42 -25.23 -10.96 47.75
N MET B 43 -24.41 -11.09 46.72
CA MET B 43 -23.56 -12.26 46.59
C MET B 43 -22.54 -12.36 47.73
N GLY B 44 -22.39 -13.58 48.25
CA GLY B 44 -21.20 -13.91 49.02
C GLY B 44 -20.01 -14.03 48.11
N GLN B 45 -18.93 -13.33 48.44
CA GLN B 45 -17.69 -13.49 47.70
C GLN B 45 -16.88 -14.67 48.23
N LYS B 46 -16.72 -15.67 47.36
CA LYS B 46 -15.73 -16.72 47.49
C LYS B 46 -14.66 -16.48 46.44
N ASP B 47 -13.39 -16.57 46.82
CA ASP B 47 -12.36 -16.03 45.95
C ASP B 47 -11.69 -17.10 45.10
N SER B 48 -12.05 -18.37 45.32
CA SER B 48 -11.43 -19.50 44.62
C SER B 48 -12.48 -20.56 44.38
N TYR B 49 -12.41 -21.20 43.21
CA TYR B 49 -13.45 -22.15 42.83
C TYR B 49 -12.85 -23.27 42.02
N VAL B 50 -13.42 -24.45 42.16
CA VAL B 50 -12.83 -25.71 41.75
C VAL B 50 -13.97 -26.63 41.35
N GLY B 51 -13.68 -27.57 40.46
CA GLY B 51 -14.57 -28.69 40.26
C GLY B 51 -15.75 -28.26 39.40
N ASP B 52 -16.67 -29.21 39.21
CA ASP B 52 -17.83 -28.94 38.38
C ASP B 52 -18.57 -27.68 38.81
N GLU B 53 -18.46 -27.31 40.08
CA GLU B 53 -19.00 -26.04 40.54
C GLU B 53 -18.44 -24.91 39.71
N ALA B 54 -17.12 -24.88 39.60
CA ALA B 54 -16.47 -23.93 38.72
C ALA B 54 -16.85 -24.18 37.28
N GLN B 55 -16.88 -25.45 36.88
CA GLN B 55 -17.18 -25.79 35.49
C GLN B 55 -18.49 -25.16 35.05
N SER B 56 -19.41 -25.03 36.00
CA SER B 56 -20.62 -24.26 35.72
C SER B 56 -20.28 -22.78 35.73
N LYS B 57 -19.63 -22.33 36.80
CA LYS B 57 -19.47 -20.93 37.13
C LYS B 57 -18.50 -20.19 36.20
N ARG B 58 -17.88 -20.91 35.27
CA ARG B 58 -16.58 -20.54 34.72
C ARG B 58 -16.45 -19.08 34.31
N GLY B 59 -17.47 -18.54 33.63
CA GLY B 59 -17.23 -17.45 32.70
C GLY B 59 -16.49 -16.25 33.27
N ILE B 60 -16.93 -15.75 34.42
CA ILE B 60 -16.17 -14.69 35.09
C ILE B 60 -14.99 -15.23 35.89
N LEU B 61 -15.05 -16.47 36.34
CA LEU B 61 -13.83 -17.05 36.86
C LEU B 61 -12.80 -17.14 35.75
N THR B 62 -11.54 -17.10 36.16
CA THR B 62 -10.45 -17.46 35.26
C THR B 62 -9.62 -18.56 35.90
N LEU B 63 -9.05 -19.39 35.06
CA LEU B 63 -8.49 -20.66 35.48
C LEU B 63 -7.02 -20.50 35.84
N LYS B 64 -6.62 -21.19 36.88
CA LYS B 64 -5.25 -21.61 37.02
C LYS B 64 -5.22 -23.13 36.94
N TYR B 65 -4.07 -23.68 36.55
CA TYR B 65 -4.00 -25.10 36.29
C TYR B 65 -2.88 -25.70 37.11
N PRO B 66 -3.18 -26.40 38.20
CA PRO B 66 -2.23 -26.54 39.29
C PRO B 66 -1.19 -27.60 39.04
N ILE B 67 -1.32 -28.33 37.93
CA ILE B 67 -0.32 -29.29 37.49
C ILE B 67 0.12 -28.90 36.09
N GLU B 68 1.37 -28.46 35.95
CA GLU B 68 2.02 -28.57 34.65
C GLU B 68 2.71 -29.89 34.52
N HIC B 69 2.87 -30.33 33.27
CA HIC B 69 3.68 -31.45 32.92
C HIC B 69 3.72 -32.53 33.97
O HIC B 69 4.77 -33.02 34.40
CB HIC B 69 5.15 -31.08 32.68
CG HIC B 69 5.27 -29.75 32.08
ND1 HIC B 69 4.31 -29.16 31.25
CD2 HIC B 69 6.34 -28.86 32.28
CE1 HIC B 69 4.80 -27.94 30.93
NE2 HIC B 69 6.04 -27.72 31.54
CZ HIC B 69 6.85 -26.55 31.42
N GLY B 70 2.54 -32.88 34.47
CA GLY B 70 2.48 -33.76 35.62
C GLY B 70 3.06 -33.24 36.92
N ILE B 71 3.81 -32.14 36.88
CA ILE B 71 4.32 -31.54 38.11
C ILE B 71 3.33 -30.54 38.67
N ILE B 72 2.96 -30.75 39.93
CA ILE B 72 1.91 -30.00 40.59
C ILE B 72 2.43 -28.62 40.95
N THR B 73 1.74 -27.57 40.50
CA THR B 73 2.40 -26.28 40.41
C THR B 73 2.42 -25.55 41.75
N ASN B 74 1.30 -25.54 42.48
CA ASN B 74 1.16 -24.63 43.61
C ASN B 74 0.46 -25.30 44.77
N TRP B 75 1.19 -25.50 45.87
CA TRP B 75 0.81 -26.50 46.83
C TRP B 75 -0.49 -26.12 47.53
N ASP B 76 -0.58 -24.88 47.99
CA ASP B 76 -1.74 -24.46 48.78
C ASP B 76 -3.01 -24.58 47.99
N ASP B 77 -2.92 -24.37 46.68
CA ASP B 77 -4.07 -24.59 45.82
C ASP B 77 -4.47 -26.04 45.87
N MET B 78 -3.48 -26.92 45.76
CA MET B 78 -3.74 -28.35 45.84
C MET B 78 -4.47 -28.62 47.14
N GLU B 79 -4.00 -28.00 48.23
CA GLU B 79 -4.57 -28.25 49.53
C GLU B 79 -6.02 -27.86 49.56
N LYS B 80 -6.34 -26.76 48.88
CA LYS B 80 -7.73 -26.35 48.75
C LYS B 80 -8.50 -27.45 48.07
N ILE B 81 -7.96 -27.91 46.94
CA ILE B 81 -8.67 -28.89 46.13
C ILE B 81 -8.94 -30.11 46.98
N TRP B 82 -7.90 -30.52 47.67
CA TRP B 82 -7.85 -31.80 48.35
C TRP B 82 -8.87 -31.77 49.49
N HIS B 83 -8.85 -30.68 50.24
CA HIS B 83 -9.76 -30.50 51.36
C HIS B 83 -11.18 -30.57 50.83
N HIS B 84 -11.42 -29.83 49.75
CA HIS B 84 -12.76 -29.81 49.19
C HIS B 84 -13.17 -31.21 48.87
N THR B 85 -12.30 -31.95 48.20
CA THR B 85 -12.69 -33.25 47.70
C THR B 85 -13.09 -34.15 48.85
N PHE B 86 -12.28 -34.16 49.91
CA PHE B 86 -12.63 -34.99 51.05
C PHE B 86 -13.99 -34.61 51.58
N TYR B 87 -14.15 -33.35 51.91
CA TYR B 87 -15.29 -33.01 52.74
C TYR B 87 -16.55 -33.03 51.88
N ASN B 88 -16.47 -32.42 50.70
CA ASN B 88 -17.66 -32.25 49.90
C ASN B 88 -18.09 -33.56 49.25
N GLU B 89 -17.19 -34.22 48.51
CA GLU B 89 -17.65 -35.49 47.98
C GLU B 89 -17.65 -36.56 49.06
N LEU B 90 -16.50 -36.74 49.70
CA LEU B 90 -16.23 -37.97 50.40
C LEU B 90 -16.88 -38.03 51.76
N ARG B 91 -17.14 -36.87 52.37
CA ARG B 91 -17.59 -36.80 53.75
C ARG B 91 -16.64 -37.65 54.60
N VAL B 92 -15.35 -37.37 54.46
CA VAL B 92 -14.30 -38.18 55.08
C VAL B 92 -13.31 -37.32 55.84
N ALA B 93 -12.81 -37.87 56.94
CA ALA B 93 -11.89 -37.28 57.89
C ALA B 93 -10.54 -37.98 57.79
N PRO B 94 -9.44 -37.25 57.93
CA PRO B 94 -8.14 -37.77 57.47
C PRO B 94 -7.72 -39.01 58.23
N GLU B 95 -8.18 -39.13 59.47
CA GLU B 95 -7.93 -40.30 60.29
C GLU B 95 -8.54 -41.56 59.71
N GLU B 96 -9.45 -41.46 58.75
CA GLU B 96 -10.41 -42.54 58.60
C GLU B 96 -9.82 -43.76 57.93
N HIS B 97 -8.78 -43.59 57.11
CA HIS B 97 -8.31 -44.65 56.24
C HIS B 97 -6.83 -44.47 56.02
N PRO B 98 -6.12 -45.52 55.59
CA PRO B 98 -4.90 -45.29 54.85
C PRO B 98 -5.25 -44.64 53.52
N THR B 99 -4.31 -43.88 52.98
CA THR B 99 -4.51 -43.19 51.73
C THR B 99 -3.33 -43.37 50.79
N LEU B 100 -3.64 -43.49 49.51
CA LEU B 100 -2.71 -44.00 48.53
C LEU B 100 -2.60 -42.96 47.45
N LEU B 101 -1.38 -42.71 47.01
CA LEU B 101 -1.07 -41.59 46.16
C LEU B 101 -0.47 -42.07 44.86
N THR B 102 -0.72 -41.31 43.81
CA THR B 102 -0.57 -41.82 42.45
C THR B 102 0.32 -40.85 41.72
N GLU B 103 1.43 -41.36 41.20
CA GLU B 103 2.54 -40.51 40.87
C GLU B 103 3.01 -40.77 39.46
N ALA B 104 3.31 -39.71 38.74
CA ALA B 104 4.23 -39.82 37.63
C ALA B 104 5.53 -40.45 38.11
N PRO B 105 6.09 -41.40 37.39
CA PRO B 105 7.40 -41.93 37.76
C PRO B 105 8.50 -40.97 37.37
N LEU B 106 9.68 -41.20 37.94
CA LEU B 106 10.89 -40.51 37.54
C LEU B 106 10.72 -38.98 37.50
N ASN B 107 10.22 -38.44 38.60
CA ASN B 107 10.03 -37.00 38.61
C ASN B 107 10.42 -36.43 39.98
N PRO B 108 10.59 -35.11 40.11
CA PRO B 108 11.45 -34.57 41.16
C PRO B 108 10.97 -34.92 42.56
N LYS B 109 11.94 -35.14 43.45
CA LYS B 109 11.66 -35.63 44.79
C LYS B 109 10.64 -34.73 45.49
N ALA B 110 10.69 -33.44 45.18
CA ALA B 110 9.94 -32.44 45.92
C ALA B 110 8.47 -32.83 46.03
N ASN B 111 7.91 -33.36 44.94
CA ASN B 111 6.50 -33.73 44.99
C ASN B 111 6.28 -34.77 46.06
N ARG B 112 7.22 -35.72 46.16
CA ARG B 112 7.12 -36.70 47.22
C ARG B 112 7.15 -36.01 48.57
N GLU B 113 8.17 -35.21 48.79
CA GLU B 113 8.44 -34.76 50.15
C GLU B 113 7.35 -33.83 50.65
N LYS B 114 7.02 -32.80 49.88
CA LYS B 114 5.94 -31.93 50.32
C LYS B 114 4.61 -32.66 50.38
N MET B 115 4.29 -33.50 49.39
CA MET B 115 3.01 -34.18 49.44
C MET B 115 2.85 -34.93 50.76
N THR B 116 3.83 -35.75 51.08
CA THR B 116 3.77 -36.50 52.33
C THR B 116 3.76 -35.57 53.52
N GLN B 117 4.57 -34.53 53.48
CA GLN B 117 4.70 -33.65 54.63
C GLN B 117 3.36 -33.04 54.96
N ILE B 118 2.73 -32.48 53.93
CA ILE B 118 1.44 -31.84 54.07
C ILE B 118 0.42 -32.84 54.59
N MET B 119 0.34 -33.99 53.92
CA MET B 119 -0.78 -34.88 54.17
C MET B 119 -0.67 -35.59 55.51
N PHE B 120 0.53 -35.82 56.00
CA PHE B 120 0.68 -36.27 57.38
C PHE B 120 0.46 -35.14 58.36
N GLU B 121 0.89 -33.92 58.03
CA GLU B 121 0.72 -32.85 58.99
C GLU B 121 -0.66 -32.20 58.86
N THR B 122 -1.00 -31.76 57.65
CA THR B 122 -2.17 -30.91 57.47
C THR B 122 -3.43 -31.75 57.62
N PHE B 123 -3.46 -32.85 56.91
CA PHE B 123 -4.31 -33.97 57.22
C PHE B 123 -3.51 -34.87 58.15
N ASN B 124 -4.21 -35.63 58.97
CA ASN B 124 -3.54 -36.60 59.82
C ASN B 124 -4.15 -37.98 59.57
N VAL B 125 -3.37 -38.87 58.99
CA VAL B 125 -3.94 -39.96 58.20
C VAL B 125 -3.19 -41.25 58.50
N PRO B 126 -3.90 -42.35 58.75
CA PRO B 126 -3.24 -43.52 59.36
C PRO B 126 -2.04 -44.01 58.60
N ALA B 127 -2.15 -44.13 57.28
CA ALA B 127 -1.10 -44.75 56.49
C ALA B 127 -1.08 -44.13 55.11
N MET B 128 0.11 -44.00 54.55
CA MET B 128 0.31 -43.31 53.29
C MET B 128 1.13 -44.15 52.34
N TYR B 129 0.79 -44.05 51.06
CA TYR B 129 1.62 -44.65 50.01
C TYR B 129 1.49 -43.86 48.72
N VAL B 130 2.56 -43.89 47.95
CA VAL B 130 2.63 -43.29 46.63
C VAL B 130 3.13 -44.36 45.68
N ALA B 131 2.44 -44.51 44.55
CA ALA B 131 2.65 -45.66 43.69
C ALA B 131 2.74 -45.21 42.24
N ILE B 132 3.53 -45.94 41.47
CA ILE B 132 3.84 -45.59 40.10
C ILE B 132 2.82 -46.23 39.18
N GLN B 133 2.41 -45.45 38.19
CA GLN B 133 1.22 -45.70 37.40
C GLN B 133 1.23 -47.11 36.83
N ALA B 134 2.36 -47.47 36.21
CA ALA B 134 2.44 -48.70 35.43
C ALA B 134 2.11 -49.91 36.28
N VAL B 135 2.48 -49.88 37.56
CA VAL B 135 2.22 -51.02 38.41
C VAL B 135 0.73 -51.27 38.45
N LEU B 136 -0.02 -50.20 38.70
CA LEU B 136 -1.47 -50.32 38.72
C LEU B 136 -1.96 -50.80 37.37
N SER B 137 -1.37 -50.26 36.30
CA SER B 137 -1.85 -50.61 34.98
C SER B 137 -1.72 -52.11 34.74
N LEU B 138 -0.61 -52.70 35.17
CA LEU B 138 -0.48 -54.13 35.07
C LEU B 138 -1.50 -54.84 35.93
N TYR B 139 -1.61 -54.44 37.20
CA TYR B 139 -2.47 -55.19 38.10
C TYR B 139 -3.88 -55.22 37.53
N ALA B 140 -4.36 -54.08 37.05
CA ALA B 140 -5.70 -54.06 36.49
C ALA B 140 -5.74 -54.92 35.24
N SER B 141 -4.76 -54.73 34.36
CA SER B 141 -4.73 -55.49 33.13
C SER B 141 -4.34 -56.94 33.36
N GLY B 142 -3.80 -57.26 34.54
CA GLY B 142 -3.53 -58.61 34.94
C GLY B 142 -2.65 -59.39 33.98
N ARG B 143 -1.48 -58.85 33.63
CA ARG B 143 -0.38 -59.62 33.04
C ARG B 143 0.90 -59.16 33.70
N THR B 144 1.57 -60.07 34.41
CA THR B 144 2.61 -59.65 35.35
C THR B 144 3.77 -58.96 34.65
N THR B 145 4.12 -59.37 33.45
CA THR B 145 5.03 -58.61 32.61
C THR B 145 4.27 -57.51 31.87
N GLY B 146 4.99 -56.50 31.41
CA GLY B 146 4.47 -55.74 30.29
C GLY B 146 5.23 -54.46 30.02
N ILE B 147 4.70 -53.73 29.04
CA ILE B 147 5.03 -52.33 28.79
C ILE B 147 3.74 -51.56 28.70
N VAL B 148 3.74 -50.35 29.22
CA VAL B 148 2.53 -49.53 29.29
C VAL B 148 2.80 -48.23 28.56
N LEU B 149 1.78 -47.77 27.85
CA LEU B 149 1.72 -46.41 27.35
C LEU B 149 0.46 -45.80 27.93
N ASP B 150 0.61 -44.73 28.69
CA ASP B 150 -0.55 -43.97 29.14
C ASP B 150 -0.26 -42.48 29.17
N SER B 151 -0.92 -41.75 28.30
CA SER B 151 -0.59 -40.37 28.01
C SER B 151 -1.85 -39.67 28.47
N GLY B 152 -1.82 -39.12 29.68
CA GLY B 152 -3.06 -38.66 30.25
C GLY B 152 -3.34 -37.22 29.92
N ASP B 153 -3.95 -36.52 30.87
CA ASP B 153 -3.76 -35.08 30.94
C ASP B 153 -2.29 -34.73 30.98
N GLY B 154 -1.48 -35.55 31.65
CA GLY B 154 -0.11 -35.23 31.95
C GLY B 154 0.94 -36.13 31.35
N VAL B 155 2.18 -35.94 31.80
CA VAL B 155 3.39 -36.35 31.09
C VAL B 155 3.33 -37.83 30.75
N THR B 156 3.86 -38.16 29.57
CA THR B 156 3.48 -39.32 28.80
C THR B 156 4.61 -40.32 28.91
N HIS B 157 4.25 -41.60 28.96
CA HIS B 157 5.07 -42.58 29.62
C HIS B 157 5.41 -43.71 28.69
N ASN B 158 6.63 -44.22 28.83
CA ASN B 158 6.89 -45.61 28.50
C ASN B 158 7.56 -46.25 29.70
N VAL B 159 6.97 -47.32 30.21
CA VAL B 159 7.65 -48.23 31.11
C VAL B 159 7.45 -49.66 30.63
N PRO B 160 8.49 -50.40 30.28
CA PRO B 160 8.42 -51.85 30.39
C PRO B 160 8.44 -52.21 31.86
N ILE B 161 7.50 -53.02 32.30
CA ILE B 161 7.68 -53.78 33.52
C ILE B 161 7.80 -55.26 33.23
N TYR B 162 8.87 -55.87 33.73
CA TYR B 162 8.83 -57.31 33.78
C TYR B 162 8.08 -57.73 35.03
N GLU B 163 7.56 -58.95 34.99
CA GLU B 163 6.96 -59.54 36.17
C GLU B 163 7.81 -59.31 37.42
N GLY B 164 7.15 -58.76 38.43
CA GLY B 164 7.74 -58.52 39.73
C GLY B 164 8.90 -57.55 39.86
N TYR B 165 9.26 -56.81 38.80
CA TYR B 165 10.41 -55.92 38.95
C TYR B 165 10.36 -54.74 38.01
N ALA B 166 11.11 -53.70 38.39
CA ALA B 166 11.30 -52.47 37.63
C ALA B 166 12.59 -52.51 36.81
N LEU B 167 12.58 -51.75 35.71
CA LEU B 167 13.78 -51.52 34.90
C LEU B 167 14.00 -50.02 34.75
N PRO B 168 14.20 -49.32 35.85
CA PRO B 168 14.11 -47.85 35.81
C PRO B 168 14.98 -47.19 34.77
N HIS B 169 16.10 -47.81 34.41
CA HIS B 169 16.87 -47.35 33.28
C HIS B 169 16.08 -47.42 31.99
N ALA B 170 15.24 -48.44 31.86
CA ALA B 170 14.54 -48.67 30.60
C ALA B 170 13.59 -47.54 30.24
N ILE B 171 13.24 -46.73 31.19
CA ILE B 171 11.95 -46.05 31.18
C ILE B 171 12.07 -44.76 30.41
N MET B 172 11.01 -44.39 29.69
CA MET B 172 10.97 -43.11 29.02
C MET B 172 9.74 -42.32 29.45
N ARG B 173 9.93 -41.01 29.55
CA ARG B 173 9.00 -40.09 30.18
C ARG B 173 8.90 -38.84 29.32
N LEU B 174 7.69 -38.47 28.91
CA LEU B 174 7.58 -37.41 27.91
C LEU B 174 6.46 -36.45 28.24
N ASP B 175 6.74 -35.16 28.04
CA ASP B 175 5.75 -34.09 28.12
C ASP B 175 5.19 -33.88 26.71
N LEU B 176 4.22 -34.72 26.37
CA LEU B 176 3.54 -34.60 25.09
C LEU B 176 2.04 -34.69 25.25
N ALA B 177 1.53 -34.51 26.47
CA ALA B 177 0.17 -34.91 26.75
C ALA B 177 -0.85 -34.00 26.07
N GLY B 178 -2.09 -34.47 26.09
CA GLY B 178 -3.11 -33.94 25.21
C GLY B 178 -3.36 -32.46 25.38
N ARG B 179 -3.13 -31.93 26.57
CA ARG B 179 -3.34 -30.50 26.81
C ARG B 179 -2.51 -29.68 25.84
N ASP B 180 -1.20 -29.93 25.81
CA ASP B 180 -0.34 -29.13 24.94
C ASP B 180 -0.74 -29.32 23.49
N LEU B 181 -1.12 -30.55 23.14
CA LEU B 181 -1.62 -30.82 21.81
C LEU B 181 -2.79 -29.91 21.51
N THR B 182 -3.70 -29.82 22.47
CA THR B 182 -4.90 -29.01 22.31
C THR B 182 -4.52 -27.57 22.10
N ASP B 183 -3.51 -27.10 22.80
CA ASP B 183 -3.13 -25.72 22.62
C ASP B 183 -2.50 -25.50 21.26
N TYR B 184 -1.85 -26.53 20.73
CA TYR B 184 -1.49 -26.52 19.32
C TYR B 184 -2.72 -26.45 18.43
N LEU B 185 -3.80 -27.07 18.89
CA LEU B 185 -5.00 -27.12 18.07
C LEU B 185 -5.39 -25.74 17.64
N MET B 186 -5.32 -24.77 18.54
CA MET B 186 -5.77 -23.44 18.19
C MET B 186 -4.95 -22.89 17.04
N LYS B 187 -3.64 -23.13 17.07
CA LYS B 187 -2.78 -22.69 15.99
C LYS B 187 -3.12 -23.41 14.71
N ILE B 188 -3.72 -24.58 14.82
CA ILE B 188 -4.43 -25.12 13.66
C ILE B 188 -5.64 -24.25 13.35
N LEU B 189 -6.47 -24.02 14.36
CA LEU B 189 -7.87 -23.71 14.14
C LEU B 189 -8.03 -22.38 13.45
N THR B 190 -7.09 -21.48 13.69
CA THR B 190 -7.14 -20.19 13.01
C THR B 190 -7.08 -20.32 11.49
N GLU B 191 -6.71 -21.48 10.94
CA GLU B 191 -6.86 -21.66 9.49
C GLU B 191 -8.30 -21.44 9.06
N ARG B 192 -9.23 -22.16 9.70
CA ARG B 192 -10.63 -21.82 9.52
C ARG B 192 -10.97 -20.53 10.22
N GLY B 193 -10.21 -20.18 11.25
CA GLY B 193 -10.20 -18.82 11.73
C GLY B 193 -11.52 -18.56 12.40
N TYR B 194 -11.99 -19.51 13.19
CA TYR B 194 -12.90 -19.24 14.29
C TYR B 194 -12.03 -19.33 15.53
N SER B 195 -11.87 -18.23 16.25
CA SER B 195 -10.65 -18.18 17.02
C SER B 195 -10.87 -17.39 18.29
N PHE B 196 -10.34 -17.99 19.35
CA PHE B 196 -10.62 -17.65 20.73
C PHE B 196 -9.47 -18.23 21.53
N VAL B 197 -8.85 -17.44 22.39
CA VAL B 197 -7.87 -18.03 23.29
C VAL B 197 -8.11 -17.49 24.70
N THR B 198 -8.37 -18.42 25.62
CA THR B 198 -8.37 -18.33 27.07
C THR B 198 -8.49 -19.76 27.55
N THR B 199 -8.39 -19.92 28.87
CA THR B 199 -8.34 -21.27 29.43
C THR B 199 -9.65 -22.00 29.19
N ALA B 200 -10.77 -21.37 29.55
CA ALA B 200 -12.06 -22.03 29.39
C ALA B 200 -12.28 -22.33 27.91
N GLU B 201 -11.85 -21.42 27.06
CA GLU B 201 -12.04 -21.61 25.63
C GLU B 201 -11.23 -22.82 25.21
N ARG B 202 -10.06 -22.97 25.81
CA ARG B 202 -9.23 -24.13 25.55
C ARG B 202 -9.90 -25.42 26.01
N GLU B 203 -10.54 -25.40 27.18
CA GLU B 203 -11.21 -26.63 27.62
C GLU B 203 -12.39 -26.97 26.73
N ILE B 204 -13.00 -25.97 26.09
CA ILE B 204 -14.08 -26.27 25.17
C ILE B 204 -13.64 -27.27 24.12
N VAL B 205 -12.38 -27.16 23.72
CA VAL B 205 -11.80 -28.10 22.76
C VAL B 205 -11.89 -29.53 23.27
N ARG B 206 -11.69 -29.73 24.57
CA ARG B 206 -11.73 -31.07 25.14
C ARG B 206 -12.95 -31.85 24.67
N ASP B 207 -14.11 -31.18 24.60
CA ASP B 207 -15.29 -31.87 24.11
C ASP B 207 -15.08 -32.36 22.69
N ILE B 208 -14.54 -31.49 21.84
CA ILE B 208 -14.26 -31.86 20.46
C ILE B 208 -13.30 -33.03 20.42
N LYS B 209 -12.35 -33.03 21.35
CA LYS B 209 -11.41 -34.13 21.44
C LYS B 209 -12.11 -35.41 21.81
N GLU B 210 -13.17 -35.30 22.62
CA GLU B 210 -14.02 -36.46 22.85
C GLU B 210 -14.67 -36.88 21.55
N LYS B 211 -15.39 -35.96 20.95
CA LYS B 211 -16.35 -36.27 19.91
C LYS B 211 -15.66 -36.47 18.57
N LEU B 212 -14.86 -35.50 18.16
CA LEU B 212 -14.57 -35.33 16.75
C LEU B 212 -13.29 -36.01 16.29
N CYS B 213 -12.46 -36.51 17.20
CA CYS B 213 -11.17 -37.02 16.77
C CYS B 213 -11.30 -38.48 16.32
N TYR B 214 -10.40 -38.88 15.44
CA TYR B 214 -10.15 -40.28 15.14
C TYR B 214 -8.78 -40.39 14.52
N VAL B 215 -8.24 -41.57 14.57
CA VAL B 215 -6.81 -41.73 14.29
C VAL B 215 -6.61 -41.94 12.79
N ALA B 216 -5.58 -41.28 12.26
CA ALA B 216 -5.19 -41.47 10.88
C ALA B 216 -4.73 -42.92 10.68
N LEU B 217 -5.34 -43.61 9.71
CA LEU B 217 -4.81 -44.92 9.35
C LEU B 217 -3.51 -44.81 8.55
N ASP B 218 -3.51 -43.98 7.51
CA ASP B 218 -2.31 -43.67 6.73
C ASP B 218 -2.33 -42.22 6.33
N PHE B 219 -1.20 -41.53 6.49
CA PHE B 219 -1.22 -40.08 6.40
C PHE B 219 -1.36 -39.64 4.95
N GLU B 220 -0.50 -40.15 4.07
CA GLU B 220 -0.59 -39.83 2.66
C GLU B 220 -1.97 -40.17 2.13
N ASN B 221 -2.40 -41.41 2.38
CA ASN B 221 -3.66 -41.87 1.82
C ASN B 221 -4.80 -41.02 2.35
N GLU B 222 -4.72 -40.66 3.62
CA GLU B 222 -5.71 -39.76 4.19
C GLU B 222 -5.73 -38.45 3.45
N MET B 223 -4.55 -37.88 3.15
CA MET B 223 -4.55 -36.65 2.37
C MET B 223 -5.22 -36.85 1.02
N ALA B 224 -5.04 -38.02 0.43
CA ALA B 224 -5.69 -38.27 -0.85
C ALA B 224 -7.20 -38.28 -0.71
N THR B 225 -7.69 -38.94 0.34
CA THR B 225 -9.11 -38.89 0.65
C THR B 225 -9.56 -37.47 0.99
N ALA B 226 -8.67 -36.70 1.62
CA ALA B 226 -8.99 -35.32 1.97
C ALA B 226 -9.25 -34.52 0.72
N ALA B 227 -8.48 -34.81 -0.32
CA ALA B 227 -8.73 -34.18 -1.60
C ALA B 227 -10.02 -34.71 -2.22
N SER B 228 -10.32 -35.99 -2.00
CA SER B 228 -11.52 -36.55 -2.61
C SER B 228 -12.82 -36.12 -1.92
N SER B 229 -12.88 -36.17 -0.59
CA SER B 229 -14.17 -36.37 0.06
C SER B 229 -14.39 -35.38 1.20
N SER B 230 -15.68 -35.20 1.53
CA SER B 230 -16.08 -34.44 2.71
C SER B 230 -16.63 -35.29 3.83
N SER B 231 -16.85 -36.59 3.63
CA SER B 231 -17.24 -37.44 4.74
C SER B 231 -16.22 -37.36 5.87
N LEU B 232 -14.96 -37.12 5.52
CA LEU B 232 -13.91 -36.77 6.45
C LEU B 232 -14.25 -35.55 7.29
N GLU B 233 -15.25 -34.80 6.89
CA GLU B 233 -15.57 -33.50 7.47
C GLU B 233 -16.93 -33.64 8.11
N LYS B 234 -17.02 -33.17 9.35
CA LYS B 234 -18.22 -33.34 10.14
C LYS B 234 -18.60 -32.02 10.79
N SER B 235 -19.86 -31.94 11.17
CA SER B 235 -20.48 -30.68 11.55
C SER B 235 -20.89 -30.74 13.01
N TYR B 236 -20.49 -29.72 13.75
CA TYR B 236 -20.57 -29.75 15.20
C TYR B 236 -20.91 -28.36 15.72
N GLU B 237 -21.63 -28.34 16.81
CA GLU B 237 -22.16 -27.09 17.32
C GLU B 237 -21.16 -26.52 18.30
N LEU B 238 -21.19 -25.21 18.45
CA LEU B 238 -20.68 -24.67 19.69
C LEU B 238 -21.43 -25.32 20.85
N PRO B 239 -20.79 -25.44 22.00
CA PRO B 239 -21.53 -25.89 23.19
C PRO B 239 -22.78 -25.07 23.39
N ASP B 240 -22.71 -23.79 23.05
CA ASP B 240 -23.87 -23.02 22.67
C ASP B 240 -23.43 -21.96 21.67
N GLY B 241 -24.35 -21.56 20.81
CA GLY B 241 -24.01 -20.77 19.65
C GLY B 241 -23.91 -21.64 18.39
N GLN B 242 -22.81 -21.47 17.66
CA GLN B 242 -22.82 -21.81 16.24
C GLN B 242 -22.65 -23.31 16.05
N VAL B 243 -23.02 -23.75 14.85
CA VAL B 243 -22.51 -24.98 14.26
C VAL B 243 -21.14 -24.72 13.64
N ILE B 244 -20.23 -25.68 13.87
CA ILE B 244 -18.86 -25.60 13.40
C ILE B 244 -18.59 -26.90 12.68
N THR B 245 -17.79 -26.85 11.63
CA THR B 245 -17.60 -28.04 10.81
C THR B 245 -16.14 -28.15 10.41
N ILE B 246 -15.58 -29.34 10.58
CA ILE B 246 -14.14 -29.48 10.76
C ILE B 246 -13.60 -30.54 9.83
N GLY B 247 -12.52 -30.21 9.13
CA GLY B 247 -11.94 -31.04 8.11
C GLY B 247 -10.87 -31.97 8.67
N ASN B 248 -9.81 -32.11 7.88
CA ASN B 248 -8.60 -32.82 8.30
C ASN B 248 -8.08 -32.35 9.63
N GLU B 249 -8.43 -31.13 10.00
CA GLU B 249 -8.02 -30.60 11.29
C GLU B 249 -8.32 -31.55 12.44
N ARG B 250 -9.34 -32.38 12.33
CA ARG B 250 -9.49 -33.45 13.31
C ARG B 250 -8.34 -34.45 13.26
N PHE B 251 -8.13 -35.11 12.13
CA PHE B 251 -7.26 -36.27 12.18
C PHE B 251 -5.80 -35.83 12.29
N ARG B 252 -5.49 -34.65 11.76
CA ARG B 252 -4.13 -34.15 11.81
C ARG B 252 -3.59 -34.08 13.22
N CYS B 253 -4.44 -33.78 14.17
CA CYS B 253 -4.06 -33.63 15.57
C CYS B 253 -3.32 -34.83 16.14
N PRO B 254 -3.86 -36.05 16.14
CA PRO B 254 -3.12 -37.15 16.77
C PRO B 254 -1.77 -37.43 16.17
N GLU B 255 -1.59 -37.16 14.86
CA GLU B 255 -0.31 -37.43 14.22
C GLU B 255 0.85 -36.79 14.96
N THR B 256 0.58 -35.67 15.64
CA THR B 256 1.61 -35.04 16.45
C THR B 256 2.29 -36.07 17.33
N LEU B 257 1.51 -37.02 17.86
CA LEU B 257 2.11 -38.05 18.68
C LEU B 257 3.14 -38.80 17.87
N PHE B 258 2.81 -39.09 16.62
CA PHE B 258 3.77 -39.78 15.78
C PHE B 258 4.83 -38.82 15.28
N GLN B 259 4.42 -37.58 14.99
CA GLN B 259 5.36 -36.54 14.57
C GLN B 259 5.22 -35.28 15.41
N PRO B 260 5.98 -35.16 16.47
CA PRO B 260 6.04 -33.91 17.24
C PRO B 260 6.97 -32.91 16.58
N SER B 261 6.77 -32.71 15.28
CA SER B 261 7.13 -31.46 14.63
C SER B 261 6.11 -30.38 14.91
N PHE B 262 4.82 -30.72 14.86
CA PHE B 262 3.82 -29.70 14.56
C PHE B 262 3.81 -28.68 15.67
N ILE B 263 4.13 -29.14 16.86
CA ILE B 263 4.76 -28.39 17.93
C ILE B 263 6.06 -29.15 18.12
N GLY B 264 7.19 -28.49 17.88
CA GLY B 264 8.35 -29.19 17.39
C GLY B 264 9.39 -29.41 18.47
N MET B 265 9.84 -30.65 18.51
CA MET B 265 10.63 -31.32 19.52
C MET B 265 11.36 -32.40 18.74
N GLU B 266 12.44 -32.91 19.28
CA GLU B 266 12.77 -34.27 18.88
C GLU B 266 12.73 -35.21 20.06
N SER B 267 11.87 -36.20 19.92
CA SER B 267 11.91 -37.54 20.47
C SER B 267 11.08 -38.31 19.45
N ALA B 268 11.58 -39.43 18.98
CA ALA B 268 11.15 -39.82 17.63
C ALA B 268 9.71 -40.31 17.61
N GLY B 269 9.04 -40.29 18.74
CA GLY B 269 7.61 -40.44 18.84
C GLY B 269 7.29 -41.59 19.75
N ILE B 270 5.99 -41.85 19.90
CA ILE B 270 5.59 -42.89 20.85
C ILE B 270 6.24 -44.20 20.46
N HIS B 271 6.01 -44.58 19.22
CA HIS B 271 6.31 -45.93 18.78
C HIS B 271 7.80 -46.15 18.67
N GLU B 272 8.49 -45.24 17.96
CA GLU B 272 9.94 -45.30 17.90
C GLU B 272 10.58 -45.16 19.27
N THR B 273 9.97 -44.40 20.17
CA THR B 273 10.51 -44.38 21.53
C THR B 273 10.40 -45.76 22.12
N THR B 274 9.29 -46.41 21.86
CA THR B 274 9.00 -47.68 22.48
C THR B 274 9.99 -48.72 22.02
N TYR B 275 10.14 -48.82 20.70
CA TYR B 275 11.09 -49.78 20.14
C TYR B 275 12.51 -49.45 20.54
N ASN B 276 12.83 -48.16 20.64
CA ASN B 276 14.13 -47.78 21.17
C ASN B 276 14.32 -48.37 22.55
N SER B 277 13.33 -48.17 23.39
CA SER B 277 13.44 -48.50 24.81
C SER B 277 13.49 -50.00 24.95
N ILE B 278 12.81 -50.69 24.03
CA ILE B 278 12.97 -52.11 23.91
C ILE B 278 14.43 -52.43 23.61
N MET B 279 14.98 -51.81 22.58
CA MET B 279 16.28 -52.27 22.14
C MET B 279 17.33 -51.99 23.20
N LYS B 280 17.07 -51.00 24.05
CA LYS B 280 17.77 -50.94 25.33
C LYS B 280 17.63 -52.22 26.12
N CYS B 281 16.39 -52.62 26.41
CA CYS B 281 16.19 -53.82 27.22
C CYS B 281 16.62 -55.06 26.47
N ASP B 282 16.78 -56.14 27.22
CA ASP B 282 17.63 -57.23 26.78
C ASP B 282 16.87 -58.13 25.81
N ILE B 283 17.56 -59.16 25.33
CA ILE B 283 17.20 -59.73 24.04
C ILE B 283 16.06 -60.72 24.20
N ASP B 284 16.16 -61.61 25.18
CA ASP B 284 15.24 -62.74 25.25
C ASP B 284 13.83 -62.30 25.60
N ILE B 285 13.69 -61.38 26.55
CA ILE B 285 12.37 -60.99 27.04
C ILE B 285 11.47 -60.56 25.90
N ARG B 286 12.07 -60.02 24.83
CA ARG B 286 11.36 -59.10 23.95
C ARG B 286 10.08 -59.71 23.42
N LYS B 287 10.10 -61.01 23.09
CA LYS B 287 8.93 -61.64 22.49
C LYS B 287 7.71 -61.42 23.35
N ASP B 288 7.87 -61.57 24.67
CA ASP B 288 6.74 -61.42 25.56
C ASP B 288 6.11 -60.07 25.35
N LEU B 289 6.94 -59.05 25.25
CA LEU B 289 6.44 -57.69 25.14
C LEU B 289 5.80 -57.49 23.79
N TYR B 290 6.39 -58.10 22.76
CA TYR B 290 5.75 -58.14 21.45
C TYR B 290 4.35 -58.71 21.57
N ALA B 291 4.18 -59.68 22.46
CA ALA B 291 2.87 -60.21 22.77
C ALA B 291 2.10 -59.24 23.66
N ASN B 292 2.73 -58.80 24.75
CA ASN B 292 2.03 -58.08 25.79
C ASN B 292 2.35 -56.61 25.61
N ASN B 293 1.37 -55.88 25.09
CA ASN B 293 1.54 -54.48 24.78
C ASN B 293 0.28 -53.76 25.17
N VAL B 294 0.41 -52.72 25.98
CA VAL B 294 -0.70 -52.25 26.78
C VAL B 294 -0.70 -50.74 26.79
N MET B 295 -1.90 -50.17 26.76
CA MET B 295 -2.10 -48.76 26.50
C MET B 295 -3.26 -48.33 27.36
N SER B 296 -3.31 -47.04 27.72
CA SER B 296 -4.40 -46.59 28.56
C SER B 296 -4.55 -45.08 28.48
N GLY B 297 -5.67 -44.62 29.02
CA GLY B 297 -6.02 -43.27 29.36
C GLY B 297 -6.14 -42.30 28.19
N GLY B 298 -5.82 -41.03 28.51
CA GLY B 298 -6.44 -39.90 27.83
C GLY B 298 -6.33 -39.92 26.32
N THR B 299 -5.13 -40.07 25.80
CA THR B 299 -5.00 -40.08 24.35
C THR B 299 -5.58 -41.35 23.77
N THR B 300 -5.37 -42.47 24.45
CA THR B 300 -5.71 -43.76 23.89
C THR B 300 -7.18 -43.86 23.58
N MET B 301 -8.00 -43.04 24.23
CA MET B 301 -9.44 -43.06 23.99
C MET B 301 -9.77 -43.02 22.51
N TYR B 302 -8.96 -42.31 21.73
CA TYR B 302 -9.20 -42.17 20.31
C TYR B 302 -9.38 -43.55 19.68
N PRO B 303 -10.36 -43.72 18.80
CA PRO B 303 -10.42 -44.92 17.98
C PRO B 303 -9.26 -45.01 17.02
N GLY B 304 -8.58 -46.15 17.03
CA GLY B 304 -7.70 -46.53 15.95
C GLY B 304 -6.23 -46.54 16.31
N ILE B 305 -5.85 -45.94 17.45
CA ILE B 305 -4.44 -45.80 17.78
C ILE B 305 -3.74 -47.15 17.70
N ALA B 306 -4.33 -48.15 18.34
CA ALA B 306 -3.70 -49.46 18.43
C ALA B 306 -3.36 -50.01 17.06
N ASP B 307 -4.24 -49.77 16.09
CA ASP B 307 -4.02 -50.29 14.75
C ASP B 307 -2.79 -49.67 14.12
N ARG B 308 -2.70 -48.34 14.10
CA ARG B 308 -1.55 -47.78 13.42
C ARG B 308 -0.29 -48.08 14.21
N MET B 309 -0.41 -48.19 15.52
CA MET B 309 0.71 -48.60 16.35
C MET B 309 1.22 -49.95 15.87
N GLN B 310 0.30 -50.88 15.65
CA GLN B 310 0.67 -52.21 15.20
C GLN B 310 1.31 -52.12 13.83
N LYS B 311 0.77 -51.28 12.97
CA LYS B 311 1.37 -51.02 11.67
C LYS B 311 2.81 -50.57 11.84
N GLU B 312 3.05 -49.73 12.83
CA GLU B 312 4.37 -49.16 13.05
C GLU B 312 5.32 -50.23 13.54
N ILE B 313 4.84 -51.06 14.45
CA ILE B 313 5.67 -52.12 14.99
C ILE B 313 5.97 -53.14 13.92
N THR B 314 4.98 -53.49 13.10
CA THR B 314 5.23 -54.33 11.95
C THR B 314 6.24 -53.71 11.00
N ALA B 315 6.29 -52.39 10.95
CA ALA B 315 7.40 -51.76 10.26
C ALA B 315 8.71 -52.08 10.97
N LEU B 316 8.76 -51.86 12.27
CA LEU B 316 10.03 -51.88 12.97
C LEU B 316 10.41 -53.27 13.45
N ALA B 317 9.42 -54.06 13.89
CA ALA B 317 9.72 -55.44 14.26
C ALA B 317 10.25 -56.21 13.06
N PRO B 318 11.09 -57.22 13.28
CA PRO B 318 11.16 -58.32 12.32
C PRO B 318 9.81 -59.00 12.24
N SER B 319 9.23 -58.98 11.03
CA SER B 319 7.84 -59.41 10.89
C SER B 319 7.64 -60.84 11.41
N THR B 320 8.73 -61.62 11.45
CA THR B 320 8.66 -63.04 11.76
C THR B 320 7.89 -63.35 13.03
N MET B 321 7.90 -62.46 14.01
CA MET B 321 7.39 -62.79 15.33
C MET B 321 6.06 -62.12 15.65
N LYS B 322 5.24 -62.86 16.42
CA LYS B 322 3.89 -62.43 16.79
C LYS B 322 3.91 -61.02 17.36
N ILE B 323 2.87 -60.25 17.04
CA ILE B 323 2.66 -58.94 17.64
C ILE B 323 1.19 -58.74 17.92
N LYS B 324 0.88 -58.18 19.08
CA LYS B 324 -0.46 -57.69 19.36
C LYS B 324 -0.36 -56.64 20.45
N ILE B 325 -1.45 -55.89 20.62
CA ILE B 325 -1.56 -54.87 21.64
C ILE B 325 -2.88 -55.05 22.37
N ILE B 326 -2.95 -54.57 23.60
CA ILE B 326 -4.18 -54.60 24.36
C ILE B 326 -4.77 -53.20 24.36
N ALA B 327 -6.08 -53.12 24.17
CA ALA B 327 -6.82 -51.84 24.21
C ALA B 327 -8.10 -52.00 25.01
N PRO B 328 -8.00 -52.06 26.34
CA PRO B 328 -9.19 -52.36 27.14
C PRO B 328 -10.20 -51.24 27.04
N PRO B 329 -11.46 -51.50 27.38
CA PRO B 329 -12.44 -50.42 27.29
C PRO B 329 -12.18 -49.32 28.28
N GLU B 330 -11.78 -49.70 29.49
CA GLU B 330 -11.91 -48.86 30.67
C GLU B 330 -10.68 -48.02 30.99
N ARG B 331 -9.80 -47.85 30.00
CA ARG B 331 -8.41 -47.47 30.26
C ARG B 331 -8.32 -46.22 31.12
N LYS B 332 -9.13 -45.22 30.81
CA LYS B 332 -9.09 -43.96 31.52
C LYS B 332 -9.32 -44.11 33.01
N TYR B 333 -10.14 -45.07 33.42
CA TYR B 333 -10.29 -45.39 34.83
C TYR B 333 -9.22 -46.34 35.35
N SER B 334 -8.41 -46.91 34.44
CA SER B 334 -7.70 -48.13 34.75
C SER B 334 -6.91 -47.93 36.02
N VAL B 335 -6.23 -46.79 36.10
CA VAL B 335 -5.26 -46.55 37.15
C VAL B 335 -5.93 -46.68 38.50
N TRP B 336 -7.03 -45.95 38.70
CA TRP B 336 -7.64 -45.97 40.00
C TRP B 336 -8.16 -47.36 40.30
N ILE B 337 -8.59 -48.07 39.26
CA ILE B 337 -9.07 -49.43 39.48
C ILE B 337 -7.93 -50.28 40.03
N GLY B 338 -6.80 -50.23 39.35
CA GLY B 338 -5.63 -50.93 39.80
C GLY B 338 -5.27 -50.52 41.20
N GLY B 339 -5.37 -49.22 41.49
CA GLY B 339 -5.12 -48.75 42.84
C GLY B 339 -6.00 -49.46 43.84
N SER B 340 -7.25 -49.69 43.47
CA SER B 340 -8.16 -50.39 44.38
C SER B 340 -7.62 -51.78 44.67
N ILE B 341 -7.22 -52.47 43.61
CA ILE B 341 -6.60 -53.78 43.80
C ILE B 341 -5.39 -53.65 44.72
N LEU B 342 -4.55 -52.67 44.43
CA LEU B 342 -3.34 -52.42 45.21
C LEU B 342 -3.68 -52.23 46.66
N ALA B 343 -4.79 -51.57 46.92
CA ALA B 343 -5.21 -51.30 48.27
C ALA B 343 -5.60 -52.59 48.93
N SER B 344 -6.09 -53.54 48.16
CA SER B 344 -6.78 -54.66 48.77
C SER B 344 -5.79 -55.49 49.57
N LEU B 345 -4.60 -55.77 49.03
CA LEU B 345 -3.77 -56.82 49.59
C LEU B 345 -3.10 -56.41 50.89
N SER B 346 -3.18 -57.32 51.87
CA SER B 346 -2.72 -57.08 53.23
C SER B 346 -1.26 -56.65 53.31
N THR B 347 -0.44 -57.08 52.35
CA THR B 347 0.97 -56.73 52.34
C THR B 347 1.27 -55.24 52.53
N PHE B 348 0.42 -54.35 52.03
CA PHE B 348 0.65 -52.95 52.36
C PHE B 348 0.59 -52.65 53.84
N GLN B 349 -0.14 -53.44 54.61
CA GLN B 349 -0.02 -53.31 56.07
C GLN B 349 1.42 -53.49 56.51
N GLN B 350 2.13 -54.44 55.91
CA GLN B 350 3.57 -54.48 56.07
C GLN B 350 4.20 -53.21 55.52
N MET B 351 3.62 -52.68 54.44
CA MET B 351 4.29 -51.72 53.58
C MET B 351 3.94 -50.27 53.84
N TRP B 352 2.75 -49.95 54.36
CA TRP B 352 2.43 -48.54 54.50
C TRP B 352 3.48 -47.80 55.30
N ILE B 353 3.61 -46.52 55.00
CA ILE B 353 4.15 -45.59 55.96
C ILE B 353 3.17 -45.47 57.12
N THR B 354 3.71 -45.28 58.32
CA THR B 354 2.90 -44.92 59.46
C THR B 354 3.32 -43.58 60.03
N LYS B 355 2.41 -43.00 60.80
CA LYS B 355 2.68 -41.70 61.39
C LYS B 355 3.97 -41.75 62.20
N GLN B 356 4.23 -42.90 62.81
CA GLN B 356 5.36 -43.05 63.71
C GLN B 356 6.66 -42.71 63.01
N GLU B 357 6.86 -43.27 61.83
CA GLU B 357 8.07 -42.97 61.08
C GLU B 357 8.14 -41.47 60.80
N TYR B 358 7.04 -40.89 60.34
CA TYR B 358 7.03 -39.48 60.02
C TYR B 358 7.39 -38.67 61.24
N ASP B 359 7.08 -39.20 62.42
CA ASP B 359 7.55 -38.60 63.66
C ASP B 359 9.07 -38.74 63.73
N GLU B 360 9.56 -39.95 63.50
CA GLU B 360 10.91 -40.29 63.88
C GLU B 360 11.91 -39.97 62.77
N ALA B 361 11.44 -39.72 61.56
CA ALA B 361 12.30 -39.34 60.46
C ALA B 361 11.45 -38.59 59.45
N GLY B 362 12.12 -37.95 58.50
CA GLY B 362 11.51 -36.88 57.77
C GLY B 362 10.69 -37.40 56.60
N PRO B 363 10.39 -36.52 55.65
CA PRO B 363 10.07 -36.99 54.29
C PRO B 363 11.10 -37.91 53.68
N SER B 364 12.37 -37.81 54.11
CA SER B 364 13.41 -38.66 53.55
C SER B 364 13.02 -40.12 53.56
N ILE B 365 12.18 -40.51 54.53
CA ILE B 365 11.78 -41.90 54.69
C ILE B 365 11.32 -42.46 53.37
N VAL B 366 10.46 -41.70 52.69
CA VAL B 366 9.79 -42.18 51.50
C VAL B 366 10.80 -42.75 50.52
N HIS B 367 11.87 -42.01 50.27
CA HIS B 367 12.57 -42.26 49.03
C HIS B 367 13.36 -43.56 49.13
N ARG B 368 13.79 -43.92 50.33
CA ARG B 368 14.16 -45.31 50.54
C ARG B 368 12.93 -46.19 50.43
N LYS B 369 11.90 -45.85 51.19
CA LYS B 369 10.92 -46.85 51.57
C LYS B 369 10.04 -47.19 50.39
N CYS B 370 9.60 -46.19 49.64
CA CYS B 370 8.81 -46.43 48.46
C CYS B 370 9.77 -46.53 47.27
N PHE B 371 9.24 -47.00 46.14
CA PHE B 371 9.91 -46.75 44.88
C PHE B 371 9.93 -45.25 44.60
N THR C 1 12.01 -4.42 -17.10
CA THR C 1 10.97 -3.86 -16.23
C THR C 1 11.38 -3.83 -14.76
N THR C 2 10.39 -3.68 -13.89
CA THR C 2 10.59 -3.21 -12.53
C THR C 2 9.50 -3.81 -11.66
N ALA C 3 9.71 -3.72 -10.36
CA ALA C 3 8.99 -4.55 -9.40
C ALA C 3 8.41 -3.70 -8.28
N LEU C 4 7.19 -4.03 -7.89
CA LEU C 4 6.33 -3.14 -7.14
C LEU C 4 5.77 -3.92 -5.96
N VAL C 5 5.62 -3.26 -4.83
CA VAL C 5 5.21 -3.90 -3.60
C VAL C 5 4.08 -3.11 -2.97
N CYS C 6 3.01 -3.81 -2.64
CA CYS C 6 1.95 -3.28 -1.80
C CYS C 6 2.22 -3.70 -0.36
N ASP C 7 2.13 -2.75 0.56
CA ASP C 7 1.94 -3.04 1.97
C ASP C 7 0.45 -3.01 2.27
N ASN C 8 -0.06 -4.13 2.80
CA ASN C 8 -1.39 -4.17 3.38
C ASN C 8 -1.38 -4.48 4.86
N GLY C 9 -0.25 -4.26 5.52
CA GLY C 9 -0.29 -3.98 6.94
C GLY C 9 -1.26 -2.86 7.19
N SER C 10 -2.11 -3.02 8.18
CA SER C 10 -3.29 -2.19 8.26
C SER C 10 -2.94 -0.83 8.83
N GLY C 11 -3.92 0.06 8.89
CA GLY C 11 -3.61 1.46 8.94
C GLY C 11 -3.42 1.98 7.54
N LEU C 12 -2.74 3.12 7.43
CA LEU C 12 -2.53 3.66 6.11
C LEU C 12 -1.67 2.69 5.30
N VAL C 13 -1.92 2.66 4.00
CA VAL C 13 -1.49 1.56 3.15
C VAL C 13 -0.41 2.05 2.19
N LYS C 14 0.62 1.23 2.04
CA LYS C 14 1.95 1.67 1.64
C LYS C 14 2.38 0.89 0.42
N ALA C 15 2.84 1.60 -0.60
CA ALA C 15 3.06 0.99 -1.90
C ALA C 15 4.16 1.72 -2.63
N GLY C 16 5.05 0.96 -3.27
CA GLY C 16 6.26 1.52 -3.81
C GLY C 16 7.13 0.52 -4.53
N PHE C 17 7.90 1.02 -5.49
CA PHE C 17 8.76 0.17 -6.29
C PHE C 17 9.96 -0.29 -5.47
N ALA C 18 10.55 -1.39 -5.90
CA ALA C 18 11.82 -1.81 -5.32
C ALA C 18 12.84 -0.70 -5.51
N GLY C 19 13.43 -0.25 -4.41
CA GLY C 19 14.66 0.51 -4.45
C GLY C 19 14.47 1.98 -4.17
N ASP C 20 13.26 2.50 -4.34
CA ASP C 20 12.89 3.72 -3.65
C ASP C 20 13.06 3.56 -2.15
N ASP C 21 13.46 4.65 -1.51
CA ASP C 21 13.68 4.64 -0.07
C ASP C 21 12.38 4.59 0.73
N ALA C 22 11.29 5.12 0.18
CA ALA C 22 10.05 5.21 0.93
C ALA C 22 8.87 5.20 -0.04
N PRO C 23 7.71 4.67 0.36
CA PRO C 23 6.63 4.47 -0.61
C PRO C 23 6.14 5.83 -1.09
N ARG C 24 5.54 5.82 -2.28
CA ARG C 24 5.21 7.09 -2.92
C ARG C 24 4.18 7.86 -2.11
N ALA C 25 3.14 7.16 -1.65
CA ALA C 25 2.16 7.75 -0.75
C ALA C 25 1.37 6.62 -0.11
N VAL C 26 0.46 6.98 0.80
CA VAL C 26 0.00 6.05 1.82
C VAL C 26 -1.43 6.41 2.18
N PHE C 27 -2.27 5.39 2.39
CA PHE C 27 -3.70 5.62 2.53
C PHE C 27 -4.31 4.77 3.62
N PRO C 28 -5.29 5.32 4.34
CA PRO C 28 -5.72 4.70 5.60
C PRO C 28 -6.37 3.34 5.43
N SER C 29 -6.91 3.03 4.26
CA SER C 29 -7.89 1.97 4.08
C SER C 29 -9.19 2.23 4.83
N ILE C 30 -9.51 3.49 5.14
CA ILE C 30 -10.89 3.83 5.41
C ILE C 30 -11.72 3.50 4.17
N VAL C 31 -12.92 3.00 4.37
CA VAL C 31 -13.94 3.14 3.35
C VAL C 31 -15.21 3.74 3.93
N GLY C 32 -15.88 4.54 3.12
CA GLY C 32 -16.99 5.34 3.61
C GLY C 32 -18.00 5.57 2.51
N ARG C 33 -19.25 5.78 2.92
CA ARG C 33 -20.32 6.01 1.96
C ARG C 33 -21.26 7.11 2.44
N PRO C 34 -22.13 7.62 1.56
CA PRO C 34 -23.05 8.68 1.93
C PRO C 34 -23.96 8.27 3.09
N ARG C 35 -24.47 9.29 3.79
CA ARG C 35 -25.43 9.09 4.86
C ARG C 35 -26.75 9.80 4.64
N HIS C 36 -26.84 10.69 3.67
CA HIS C 36 -27.98 11.58 3.56
C HIS C 36 -28.44 11.67 2.11
N GLN C 37 -29.72 11.97 1.94
CA GLN C 37 -30.27 12.24 0.62
C GLN C 37 -29.39 13.24 -0.10
N GLY C 38 -29.10 12.95 -1.37
CA GLY C 38 -28.28 13.85 -2.14
C GLY C 38 -29.11 14.93 -2.78
N VAL C 39 -28.87 16.15 -2.33
CA VAL C 39 -29.84 17.22 -2.50
C VAL C 39 -29.29 18.39 -3.32
N MET C 40 -27.98 18.46 -3.52
CA MET C 40 -27.47 19.15 -4.69
C MET C 40 -27.63 18.21 -5.87
N VAL C 41 -28.61 18.50 -6.73
CA VAL C 41 -28.73 17.81 -8.00
C VAL C 41 -27.54 18.07 -8.91
N GLY C 42 -26.90 19.24 -8.77
CA GLY C 42 -25.67 19.47 -9.50
C GLY C 42 -24.56 18.49 -9.19
N MET C 43 -24.52 17.99 -7.96
CA MET C 43 -23.49 17.02 -7.58
C MET C 43 -23.62 15.72 -8.36
N GLY C 44 -22.47 15.21 -8.82
CA GLY C 44 -22.37 13.82 -9.20
C GLY C 44 -22.40 12.94 -7.96
N GLN C 45 -23.30 11.95 -7.95
CA GLN C 45 -23.28 10.97 -6.88
C GLN C 45 -22.28 9.86 -7.14
N LYS C 46 -21.29 9.79 -6.27
CA LYS C 46 -20.41 8.64 -6.08
C LYS C 46 -20.76 7.99 -4.76
N ASP C 47 -20.91 6.67 -4.74
CA ASP C 47 -21.57 6.05 -3.61
C ASP C 47 -20.57 5.49 -2.59
N SER C 48 -19.28 5.54 -2.91
CA SER C 48 -18.24 4.98 -2.06
C SER C 48 -17.00 5.86 -2.14
N TYR C 49 -16.32 6.03 -1.02
CA TYR C 49 -15.20 6.96 -0.96
C TYR C 49 -14.16 6.44 0.01
N VAL C 50 -12.90 6.74 -0.31
CA VAL C 50 -11.74 6.09 0.27
C VAL C 50 -10.63 7.12 0.31
N GLY C 51 -9.69 6.94 1.24
CA GLY C 51 -8.45 7.65 1.16
C GLY C 51 -8.63 9.08 1.63
N ASP C 52 -7.54 9.86 1.54
CA ASP C 52 -7.58 11.24 1.99
C ASP C 52 -8.72 12.01 1.34
N GLU C 53 -9.16 11.60 0.16
CA GLU C 53 -10.35 12.19 -0.44
C GLU C 53 -11.51 12.11 0.53
N ALA C 54 -11.75 10.89 1.03
CA ALA C 54 -12.75 10.70 2.07
C ALA C 54 -12.38 11.45 3.32
N GLN C 55 -11.09 11.39 3.70
CA GLN C 55 -10.64 12.02 4.93
C GLN C 55 -11.02 13.48 4.95
N SER C 56 -11.06 14.09 3.78
CA SER C 56 -11.60 15.44 3.68
C SER C 56 -13.11 15.38 3.77
N LYS C 57 -13.71 14.52 2.95
CA LYS C 57 -15.14 14.51 2.68
C LYS C 57 -15.98 14.01 3.85
N ARG C 58 -15.32 13.57 4.93
CA ARG C 58 -15.87 12.57 5.84
C ARG C 58 -17.31 12.82 6.27
N GLY C 59 -17.64 14.07 6.61
CA GLY C 59 -18.71 14.30 7.57
C GLY C 59 -20.04 13.64 7.25
N ILE C 60 -20.52 13.80 6.02
CA ILE C 60 -21.71 13.08 5.60
C ILE C 60 -21.42 11.64 5.20
N LEU C 61 -20.21 11.34 4.76
CA LEU C 61 -19.86 9.95 4.62
C LEU C 61 -19.89 9.29 5.99
N THR C 62 -20.14 7.99 5.99
CA THR C 62 -19.92 7.18 7.15
C THR C 62 -19.01 6.02 6.80
N LEU C 63 -18.24 5.59 7.78
CA LEU C 63 -17.12 4.72 7.54
C LEU C 63 -17.52 3.27 7.65
N LYS C 64 -16.95 2.46 6.77
CA LYS C 64 -16.77 1.05 7.05
C LYS C 64 -15.27 0.79 7.14
N TYR C 65 -14.90 -0.26 7.85
CA TYR C 65 -13.49 -0.49 8.12
C TYR C 65 -13.13 -1.89 7.68
N PRO C 66 -12.44 -2.05 6.55
CA PRO C 66 -12.52 -3.28 5.79
C PRO C 66 -11.62 -4.37 6.35
N ILE C 67 -10.83 -4.05 7.37
CA ILE C 67 -10.03 -5.02 8.08
C ILE C 67 -10.40 -4.95 9.55
N GLU C 68 -11.03 -6.01 10.05
CA GLU C 68 -10.98 -6.25 11.49
C GLU C 68 -9.77 -7.09 11.82
N HIC C 69 -9.30 -6.95 13.06
CA HIC C 69 -8.31 -7.80 13.65
C HIC C 69 -7.30 -8.33 12.65
O HIC C 69 -7.02 -9.52 12.56
CB HIC C 69 -8.91 -9.05 14.31
CG HIC C 69 -10.21 -8.75 14.92
ND1 HIC C 69 -10.59 -7.51 15.43
CD2 HIC C 69 -11.27 -9.67 15.05
CE1 HIC C 69 -11.85 -7.66 15.88
NE2 HIC C 69 -12.30 -8.97 15.67
CZ HIC C 69 -13.58 -9.50 16.02
N GLY C 70 -6.79 -7.43 11.83
CA GLY C 70 -5.98 -7.85 10.71
C GLY C 70 -6.65 -8.70 9.65
N ILE C 71 -7.86 -9.20 9.90
CA ILE C 71 -8.59 -9.94 8.88
C ILE C 71 -9.44 -9.01 8.05
N ILE C 72 -9.24 -9.07 6.74
CA ILE C 72 -9.85 -8.14 5.80
C ILE C 72 -11.31 -8.52 5.61
N THR C 73 -12.21 -7.56 5.83
CA THR C 73 -13.58 -7.93 6.11
C THR C 73 -14.37 -8.22 4.85
N ASN C 74 -14.23 -7.38 3.82
CA ASN C 74 -15.17 -7.43 2.69
C ASN C 74 -14.44 -7.23 1.36
N TRP C 75 -14.43 -8.27 0.55
CA TRP C 75 -13.42 -8.37 -0.50
C TRP C 75 -13.63 -7.29 -1.54
N ASP C 76 -14.86 -7.13 -2.02
CA ASP C 76 -15.12 -6.21 -3.12
C ASP C 76 -14.75 -4.79 -2.75
N ASP C 77 -14.92 -4.45 -1.47
CA ASP C 77 -14.47 -3.15 -0.99
C ASP C 77 -12.97 -3.05 -1.15
N MET C 78 -12.26 -4.10 -0.75
CA MET C 78 -10.82 -4.12 -0.92
C MET C 78 -10.49 -3.85 -2.37
N GLU C 79 -11.23 -4.51 -3.26
CA GLU C 79 -10.96 -4.41 -4.68
C GLU C 79 -11.12 -2.98 -5.15
N LYS C 80 -12.12 -2.30 -4.59
CA LYS C 80 -12.30 -0.89 -4.89
C LYS C 80 -11.05 -0.14 -4.46
N ILE C 81 -10.62 -0.39 -3.23
CA ILE C 81 -9.49 0.34 -2.66
C ILE C 81 -8.30 0.14 -3.55
N TRP C 82 -8.08 -1.11 -3.91
CA TRP C 82 -6.87 -1.58 -4.54
C TRP C 82 -6.79 -0.95 -5.92
N HIS C 83 -7.91 -1.02 -6.64
CA HIS C 83 -8.00 -0.45 -7.98
C HIS C 83 -7.68 1.02 -7.90
N HIS C 84 -8.32 1.70 -6.95
CA HIS C 84 -8.09 3.13 -6.82
C HIS C 84 -6.62 3.38 -6.62
N THR C 85 -6.00 2.62 -5.72
CA THR C 85 -4.63 2.92 -5.37
C THR C 85 -3.74 2.81 -6.59
N PHE C 86 -3.91 1.73 -7.35
CA PHE C 86 -3.09 1.57 -8.55
C PHE C 86 -3.28 2.75 -9.45
N TYR C 87 -4.52 3.03 -9.83
CA TYR C 87 -4.69 3.92 -10.96
C TYR C 87 -4.43 5.35 -10.51
N ASN C 88 -4.98 5.73 -9.37
CA ASN C 88 -4.92 7.11 -8.95
C ASN C 88 -3.53 7.47 -8.46
N GLU C 89 -2.98 6.74 -7.48
CA GLU C 89 -1.63 7.12 -7.12
C GLU C 89 -0.63 6.61 -8.15
N LEU C 90 -0.68 5.31 -8.41
CA LEU C 90 0.46 4.64 -9.00
C LEU C 90 0.55 4.84 -10.50
N ARG C 91 -0.57 5.11 -11.15
CA ARG C 91 -0.63 5.13 -12.60
C ARG C 91 0.00 3.85 -13.13
N VAL C 92 -0.48 2.71 -12.61
CA VAL C 92 0.12 1.42 -12.89
C VAL C 92 -0.93 0.40 -13.31
N ALA C 93 -0.52 -0.49 -14.22
CA ALA C 93 -1.30 -1.54 -14.84
C ALA C 93 -0.82 -2.89 -14.33
N PRO C 94 -1.73 -3.85 -14.15
CA PRO C 94 -1.40 -5.02 -13.32
C PRO C 94 -0.28 -5.84 -13.91
N GLU C 95 -0.16 -5.80 -15.24
CA GLU C 95 0.91 -6.47 -15.94
C GLU C 95 2.29 -5.96 -15.57
N GLU C 96 2.39 -4.80 -14.94
CA GLU C 96 3.61 -4.02 -15.08
C GLU C 96 4.75 -4.60 -14.24
N HIS C 97 4.45 -5.29 -13.16
CA HIS C 97 5.47 -5.67 -12.19
C HIS C 97 5.06 -6.97 -11.53
N PRO C 98 6.00 -7.68 -10.92
CA PRO C 98 5.61 -8.57 -9.82
C PRO C 98 5.10 -7.73 -8.67
N THR C 99 4.22 -8.33 -7.89
CA THR C 99 3.64 -7.66 -6.75
C THR C 99 3.67 -8.52 -5.50
N LEU C 100 3.91 -7.87 -4.38
CA LEU C 100 4.31 -8.54 -3.15
C LEU C 100 3.31 -8.14 -2.08
N LEU C 101 2.90 -9.11 -1.31
CA LEU C 101 1.77 -8.96 -0.40
C LEU C 101 2.23 -9.22 1.02
N THR C 102 1.57 -8.55 1.95
CA THR C 102 2.11 -8.38 3.29
C THR C 102 1.05 -8.84 4.26
N GLU C 103 1.40 -9.81 5.08
CA GLU C 103 0.39 -10.61 5.74
C GLU C 103 0.66 -10.69 7.22
N ALA C 104 -0.40 -10.57 7.99
CA ALA C 104 -0.39 -11.13 9.33
C ALA C 104 -0.01 -12.60 9.25
N PRO C 105 0.87 -13.07 10.11
CA PRO C 105 1.17 -14.50 10.15
C PRO C 105 0.06 -15.26 10.86
N LEU C 106 0.07 -16.57 10.66
CA LEU C 106 -0.79 -17.47 11.41
C LEU C 106 -2.26 -17.04 11.39
N ASN C 107 -2.78 -16.81 10.20
CA ASN C 107 -4.17 -16.40 10.12
C ASN C 107 -4.86 -17.07 8.94
N PRO C 108 -6.19 -17.03 8.86
CA PRO C 108 -6.91 -18.06 8.11
C PRO C 108 -6.56 -18.09 6.63
N LYS C 109 -6.54 -19.30 6.08
CA LYS C 109 -6.08 -19.51 4.71
C LYS C 109 -6.84 -18.61 3.75
N ALA C 110 -8.10 -18.35 4.06
CA ALA C 110 -9.00 -17.68 3.12
C ALA C 110 -8.39 -16.41 2.58
N ASN C 111 -7.72 -15.66 3.44
CA ASN C 111 -7.14 -14.40 2.97
C ASN C 111 -6.12 -14.69 1.89
N ARG C 112 -5.34 -15.75 2.07
CA ARG C 112 -4.41 -16.16 1.04
C ARG C 112 -5.16 -16.46 -0.24
N GLU C 113 -6.14 -17.35 -0.14
CA GLU C 113 -6.69 -17.93 -1.36
C GLU C 113 -7.45 -16.90 -2.17
N LYS C 114 -8.38 -16.18 -1.54
CA LYS C 114 -9.08 -15.14 -2.28
C LYS C 114 -8.15 -14.03 -2.73
N MET C 115 -7.21 -13.60 -1.89
CA MET C 115 -6.35 -12.51 -2.32
C MET C 115 -5.65 -12.87 -3.62
N THR C 116 -5.02 -14.04 -3.64
CA THR C 116 -4.32 -14.47 -4.84
C THR C 116 -5.30 -14.66 -5.98
N GLN C 117 -6.46 -15.24 -5.70
CA GLN C 117 -7.40 -15.54 -6.76
C GLN C 117 -7.81 -14.28 -7.47
N ILE C 118 -8.21 -13.29 -6.69
CA ILE C 118 -8.63 -12.01 -7.20
C ILE C 118 -7.50 -11.38 -8.00
N MET C 119 -6.33 -11.30 -7.40
CA MET C 119 -5.28 -10.47 -7.96
C MET C 119 -4.67 -11.09 -9.21
N PHE C 120 -4.66 -12.41 -9.32
CA PHE C 120 -4.31 -13.02 -10.59
C PHE C 120 -5.44 -12.93 -11.59
N GLU C 121 -6.69 -13.02 -11.14
CA GLU C 121 -7.77 -12.96 -12.12
C GLU C 121 -8.19 -11.52 -12.39
N THR C 122 -8.49 -10.76 -11.34
CA THR C 122 -9.13 -9.47 -11.54
C THR C 122 -8.12 -8.47 -12.05
N PHE C 123 -6.98 -8.41 -11.38
CA PHE C 123 -5.75 -7.91 -11.94
C PHE C 123 -5.05 -9.08 -12.57
N ASN C 124 -4.22 -8.79 -13.57
CA ASN C 124 -3.41 -9.84 -14.18
C ASN C 124 -1.95 -9.42 -14.14
N VAL C 125 -1.17 -10.14 -13.33
CA VAL C 125 0.04 -9.56 -12.75
C VAL C 125 1.17 -10.57 -12.81
N PRO C 126 2.37 -10.16 -13.26
CA PRO C 126 3.37 -11.16 -13.66
C PRO C 126 3.70 -12.14 -12.56
N ALA C 127 3.90 -11.66 -11.34
CA ALA C 127 4.38 -12.53 -10.26
C ALA C 127 3.84 -12.03 -8.94
N MET C 128 3.54 -12.97 -8.05
CA MET C 128 2.90 -12.66 -6.79
C MET C 128 3.64 -13.29 -5.63
N TYR C 129 3.66 -12.59 -4.51
CA TYR C 129 4.17 -13.15 -3.28
C TYR C 129 3.48 -12.51 -2.07
N VAL C 130 3.36 -13.31 -1.02
CA VAL C 130 2.83 -12.88 0.26
C VAL C 130 3.86 -13.25 1.31
N ALA C 131 4.17 -12.29 2.19
CA ALA C 131 5.31 -12.43 3.07
C ALA C 131 4.94 -12.01 4.48
N ILE C 132 5.57 -12.65 5.44
CA ILE C 132 5.23 -12.47 6.85
C ILE C 132 6.07 -11.34 7.42
N GLN C 133 5.41 -10.53 8.25
CA GLN C 133 5.90 -9.23 8.64
C GLN C 133 7.32 -9.31 9.18
N ALA C 134 7.52 -10.25 10.12
CA ALA C 134 8.76 -10.30 10.89
C ALA C 134 9.97 -10.45 9.98
N VAL C 135 9.80 -11.17 8.87
CA VAL C 135 10.93 -11.37 7.98
C VAL C 135 11.42 -10.02 7.49
N LEU C 136 10.48 -9.21 7.03
CA LEU C 136 10.83 -7.87 6.59
C LEU C 136 11.44 -7.10 7.72
N SER C 137 10.87 -7.24 8.91
CA SER C 137 11.37 -6.46 10.04
C SER C 137 12.82 -6.77 10.30
N LEU C 138 13.21 -8.03 10.23
CA LEU C 138 14.61 -8.38 10.36
C LEU C 138 15.42 -7.79 9.24
N TYR C 139 14.98 -8.00 8.00
CA TYR C 139 15.81 -7.57 6.88
C TYR C 139 16.11 -6.09 7.00
N ALA C 140 15.09 -5.30 7.31
CA ALA C 140 15.32 -3.87 7.43
C ALA C 140 16.22 -3.61 8.62
N SER C 141 15.93 -4.24 9.75
CA SER C 141 16.73 -4.03 10.94
C SER C 141 18.09 -4.71 10.83
N GLY C 142 18.25 -5.63 9.89
CA GLY C 142 19.52 -6.24 9.58
C GLY C 142 20.20 -6.90 10.76
N ARG C 143 19.49 -7.81 11.43
CA ARG C 143 20.10 -8.79 12.32
C ARG C 143 19.41 -10.12 12.09
N THR C 144 20.16 -11.11 11.60
CA THR C 144 19.53 -12.29 11.03
C THR C 144 18.69 -13.06 12.04
N THR C 145 19.11 -13.10 13.30
CA THR C 145 18.25 -13.58 14.37
C THR C 145 17.33 -12.46 14.84
N GLY C 146 16.23 -12.84 15.49
CA GLY C 146 15.63 -11.89 16.41
C GLY C 146 14.26 -12.30 16.89
N ILE C 147 13.67 -11.39 17.67
CA ILE C 147 12.25 -11.39 18.00
C ILE C 147 11.71 -10.01 17.69
N VAL C 148 10.48 -9.96 17.21
CA VAL C 148 9.88 -8.71 16.78
C VAL C 148 8.59 -8.52 17.55
N LEU C 149 8.33 -7.28 17.92
CA LEU C 149 7.02 -6.84 18.37
C LEU C 149 6.60 -5.72 17.45
N ASP C 150 5.48 -5.91 16.77
CA ASP C 150 4.90 -4.82 15.99
C ASP C 150 3.39 -4.86 16.04
N SER C 151 2.82 -3.84 16.67
CA SER C 151 1.41 -3.84 17.05
C SER C 151 0.91 -2.67 16.24
N GLY C 152 0.31 -2.97 15.09
CA GLY C 152 0.02 -1.90 14.18
C GLY C 152 -1.34 -1.29 14.41
N ASP C 153 -1.98 -0.88 13.31
CA ASP C 153 -3.42 -0.83 13.30
C ASP C 153 -4.02 -2.17 13.70
N GLY C 154 -3.37 -3.27 13.31
CA GLY C 154 -3.94 -4.60 13.44
C GLY C 154 -3.17 -5.55 14.32
N VAL C 155 -3.59 -6.81 14.27
CA VAL C 155 -3.35 -7.81 15.31
C VAL C 155 -1.87 -7.90 15.62
N THR C 156 -1.57 -8.11 16.90
CA THR C 156 -0.32 -7.73 17.52
C THR C 156 0.48 -8.99 17.76
N HIS C 157 1.79 -8.88 17.60
CA HIS C 157 2.59 -10.02 17.21
C HIS C 157 3.69 -10.26 18.22
N ASN C 158 4.00 -11.52 18.44
CA ASN C 158 5.34 -11.92 18.83
C ASN C 158 5.80 -13.00 17.88
N VAL C 159 6.93 -12.78 17.23
CA VAL C 159 7.66 -13.85 16.58
C VAL C 159 9.14 -13.75 16.98
N PRO C 160 9.71 -14.76 17.62
CA PRO C 160 11.15 -14.97 17.50
C PRO C 160 11.43 -15.49 16.10
N ILE C 161 12.35 -14.86 15.40
CA ILE C 161 13.01 -15.52 14.28
C ILE C 161 14.46 -15.81 14.60
N TYR C 162 14.87 -17.06 14.45
CA TYR C 162 16.29 -17.28 14.38
C TYR C 162 16.77 -17.03 12.96
N GLU C 163 18.05 -16.73 12.85
CA GLU C 163 18.68 -16.62 11.54
C GLU C 163 18.24 -17.74 10.61
N GLY C 164 17.76 -17.32 9.44
CA GLY C 164 17.36 -18.22 8.38
C GLY C 164 16.21 -19.18 8.61
N TYR C 165 15.47 -19.09 9.71
CA TYR C 165 14.41 -20.06 9.93
C TYR C 165 13.29 -19.53 10.81
N ALA C 166 12.14 -20.18 10.68
CA ALA C 166 10.92 -19.93 11.44
C ALA C 166 10.80 -20.90 12.62
N LEU C 167 10.11 -20.44 13.66
CA LEU C 167 9.73 -21.29 14.80
C LEU C 167 8.22 -21.20 15.01
N PRO C 168 7.44 -21.59 14.01
CA PRO C 168 6.01 -21.23 14.02
C PRO C 168 5.28 -21.63 15.28
N HIS C 169 5.73 -22.69 15.95
CA HIS C 169 5.20 -23.00 17.26
C HIS C 169 5.46 -21.89 18.26
N ALA C 170 6.61 -21.24 18.14
CA ALA C 170 7.01 -20.24 19.13
C ALA C 170 6.07 -19.06 19.18
N ILE C 171 5.27 -18.87 18.17
CA ILE C 171 4.82 -17.54 17.79
C ILE C 171 3.56 -17.20 18.57
N MET C 172 3.41 -15.93 18.93
CA MET C 172 2.18 -15.48 19.55
C MET C 172 1.59 -14.32 18.78
N ARG C 173 0.26 -14.30 18.74
CA ARG C 173 -0.52 -13.45 17.86
C ARG C 173 -1.69 -12.89 18.64
N LEU C 174 -1.84 -11.57 18.68
CA LEU C 174 -2.82 -11.00 19.59
C LEU C 174 -3.61 -9.87 18.94
N ASP C 175 -4.91 -9.86 19.22
CA ASP C 175 -5.80 -8.77 18.85
C ASP C 175 -5.85 -7.79 20.02
N LEU C 176 -4.85 -6.92 20.06
CA LEU C 176 -4.79 -5.88 21.08
C LEU C 176 -4.48 -4.53 20.47
N ALA C 177 -4.63 -4.38 19.16
CA ALA C 177 -4.02 -3.26 18.48
C ALA C 177 -4.72 -1.95 18.82
N GLY C 178 -4.05 -0.86 18.44
CA GLY C 178 -4.37 0.45 18.97
C GLY C 178 -5.80 0.89 18.73
N ARG C 179 -6.42 0.40 17.65
CA ARG C 179 -7.80 0.77 17.36
C ARG C 179 -8.70 0.41 18.54
N ASP C 180 -8.67 -0.85 18.96
CA ASP C 180 -9.55 -1.26 20.05
C ASP C 180 -9.22 -0.49 21.31
N LEU C 181 -7.93 -0.24 21.52
CA LEU C 181 -7.51 0.59 22.65
C LEU C 181 -8.20 1.93 22.58
N THR C 182 -8.20 2.51 21.40
CA THR C 182 -8.78 3.82 21.19
C THR C 182 -10.27 3.78 21.51
N ASP C 183 -10.92 2.70 21.14
CA ASP C 183 -12.34 2.63 21.43
C ASP C 183 -12.59 2.49 22.91
N TYR C 184 -11.65 1.85 23.61
CA TYR C 184 -11.65 1.92 25.07
C TYR C 184 -11.48 3.36 25.54
N LEU C 185 -10.71 4.13 24.78
CA LEU C 185 -10.42 5.48 25.20
C LEU C 185 -11.70 6.23 25.49
N MET C 186 -12.71 6.05 24.66
CA MET C 186 -13.94 6.80 24.85
C MET C 186 -14.56 6.47 26.20
N LYS C 187 -14.53 5.19 26.56
CA LYS C 187 -15.05 4.76 27.85
C LYS C 187 -14.22 5.35 28.97
N ILE C 188 -12.97 5.69 28.68
CA ILE C 188 -12.27 6.60 29.58
C ILE C 188 -12.91 7.98 29.50
N LEU C 189 -13.06 8.50 28.30
CA LEU C 189 -13.13 9.93 28.08
C LEU C 189 -14.37 10.51 28.70
N THR C 190 -15.42 9.71 28.76
CA THR C 190 -16.65 10.18 29.39
C THR C 190 -16.46 10.54 30.85
N GLU C 191 -15.35 10.17 31.49
CA GLU C 191 -15.07 10.70 32.82
C GLU C 191 -15.03 12.22 32.81
N ARG C 192 -14.21 12.79 31.92
CA ARG C 192 -14.30 14.22 31.67
C ARG C 192 -15.56 14.55 30.90
N GLY C 193 -16.08 13.59 30.14
CA GLY C 193 -17.44 13.66 29.68
C GLY C 193 -17.52 14.76 28.65
N TYR C 194 -16.55 14.80 27.75
CA TYR C 194 -16.73 15.38 26.43
C TYR C 194 -16.83 14.18 25.51
N SER C 195 -17.98 14.00 24.87
CA SER C 195 -18.26 12.63 24.50
C SER C 195 -19.07 12.59 23.22
N PHE C 196 -18.63 11.69 22.37
CA PHE C 196 -18.99 11.60 20.97
C PHE C 196 -18.64 10.19 20.57
N VAL C 197 -19.57 9.48 19.92
CA VAL C 197 -19.18 8.19 19.35
C VAL C 197 -19.74 8.08 17.94
N THR C 198 -18.84 7.91 16.99
CA THR C 198 -19.00 7.49 15.59
C THR C 198 -17.59 7.22 15.10
N THR C 199 -17.51 6.70 13.88
CA THR C 199 -16.22 6.26 13.36
C THR C 199 -15.28 7.44 13.19
N ALA C 200 -15.73 8.50 12.51
CA ALA C 200 -14.86 9.64 12.28
C ALA C 200 -14.46 10.23 13.62
N GLU C 201 -15.39 10.25 14.56
CA GLU C 201 -15.09 10.80 15.87
C GLU C 201 -14.01 9.97 16.52
N ARG C 202 -14.09 8.66 16.31
CA ARG C 202 -13.06 7.76 16.80
C ARG C 202 -11.71 8.03 16.15
N GLU C 203 -11.67 8.30 14.85
CA GLU C 203 -10.39 8.60 14.23
C GLU C 203 -9.82 9.91 14.73
N ILE C 204 -10.66 10.83 15.15
CA ILE C 204 -10.15 12.08 15.71
C ILE C 204 -9.18 11.79 16.84
N VAL C 205 -9.47 10.75 17.61
CA VAL C 205 -8.60 10.33 18.68
C VAL C 205 -7.20 10.03 18.17
N ARG C 206 -7.10 9.42 16.99
CA ARG C 206 -5.79 9.06 16.43
C ARG C 206 -4.82 10.22 16.53
N ASP C 207 -5.28 11.43 16.24
CA ASP C 207 -4.38 12.58 16.35
C ASP C 207 -3.86 12.71 17.78
N ILE C 208 -4.75 12.60 18.74
CA ILE C 208 -4.37 12.69 20.14
C ILE C 208 -3.38 11.60 20.48
N LYS C 209 -3.57 10.43 19.87
CA LYS C 209 -2.65 9.33 20.07
C LYS C 209 -1.29 9.66 19.50
N GLU C 210 -1.26 10.43 18.43
CA GLU C 210 0.00 10.97 17.95
C GLU C 210 0.59 11.90 19.00
N LYS C 211 -0.18 12.92 19.35
CA LYS C 211 0.34 14.06 20.06
C LYS C 211 0.49 13.78 21.53
N LEU C 212 -0.57 13.31 22.17
CA LEU C 212 -0.72 13.48 23.59
C LEU C 212 -0.23 12.30 24.42
N CYS C 213 0.08 11.18 23.80
CA CYS C 213 0.40 10.00 24.60
C CYS C 213 1.88 10.00 24.99
N TYR C 214 2.17 9.34 26.10
CA TYR C 214 3.53 8.97 26.46
C TYR C 214 3.45 7.84 27.46
N VAL C 215 4.52 7.11 27.58
CA VAL C 215 4.46 5.84 28.28
C VAL C 215 4.71 6.05 29.76
N ALA C 216 3.92 5.36 30.57
CA ALA C 216 4.11 5.35 32.02
C ALA C 216 5.46 4.75 32.35
N LEU C 217 6.30 5.49 33.08
CA LEU C 217 7.52 4.86 33.59
C LEU C 217 7.25 3.90 34.73
N ASP C 218 6.49 4.36 35.73
CA ASP C 218 6.02 3.51 36.83
C ASP C 218 4.60 3.89 37.22
N PHE C 219 3.74 2.90 37.40
CA PHE C 219 2.32 3.20 37.48
C PHE C 219 1.98 3.83 38.82
N GLU C 220 2.39 3.18 39.91
CA GLU C 220 2.17 3.74 41.23
C GLU C 220 2.75 5.15 41.32
N ASN C 221 4.02 5.26 40.96
CA ASN C 221 4.71 6.53 41.12
C ASN C 221 4.03 7.60 40.28
N GLU C 222 3.60 7.20 39.08
CA GLU C 222 2.85 8.12 38.25
C GLU C 222 1.58 8.58 38.94
N MET C 223 0.85 7.66 39.57
CA MET C 223 -0.32 8.09 40.32
C MET C 223 0.05 9.08 41.40
N ALA C 224 1.21 8.90 42.03
CA ALA C 224 1.62 9.84 43.06
C ALA C 224 1.87 11.22 42.46
N THR C 225 2.56 11.26 41.32
CA THR C 225 2.71 12.50 40.59
C THR C 225 1.37 13.07 40.15
N ALA C 226 0.44 12.19 39.80
CA ALA C 226 -0.88 12.62 39.37
C ALA C 226 -1.58 13.36 40.49
N ALA C 227 -1.36 12.91 41.70
CA ALA C 227 -1.87 13.62 42.86
C ALA C 227 -1.11 14.92 43.05
N SER C 228 0.19 14.93 42.75
CA SER C 228 0.96 16.14 42.98
C SER C 228 0.73 17.22 41.93
N SER C 229 0.70 16.88 40.65
CA SER C 229 1.08 17.86 39.64
C SER C 229 0.09 17.91 38.48
N SER C 230 0.10 19.05 37.79
CA SER C 230 -0.65 19.21 36.55
C SER C 230 0.22 19.26 35.30
N SER C 231 1.55 19.29 35.43
CA SER C 231 2.40 19.19 34.25
C SER C 231 2.10 17.91 33.48
N LEU C 232 1.67 16.87 34.20
CA LEU C 232 1.11 15.66 33.63
C LEU C 232 -0.07 15.94 32.71
N GLU C 233 -0.63 17.13 32.80
CA GLU C 233 -1.88 17.48 32.16
C GLU C 233 -1.56 18.55 31.12
N LYS C 234 -2.08 18.35 29.92
CA LYS C 234 -1.74 19.21 28.80
C LYS C 234 -3.02 19.59 28.08
N SER C 235 -2.92 20.68 27.33
CA SER C 235 -4.08 21.37 26.78
C SER C 235 -4.03 21.32 25.26
N TYR C 236 -5.14 20.89 24.67
CA TYR C 236 -5.16 20.54 23.26
C TYR C 236 -6.50 20.92 22.67
N GLU C 237 -6.47 21.30 21.42
CA GLU C 237 -7.63 21.85 20.78
C GLU C 237 -8.41 20.71 20.13
N LEU C 238 -9.70 20.92 19.98
CA LEU C 238 -10.38 20.17 18.95
C LEU C 238 -9.68 20.42 17.63
N PRO C 239 -9.72 19.46 16.71
CA PRO C 239 -9.22 19.73 15.36
C PRO C 239 -9.83 20.98 14.79
N ASP C 240 -11.08 21.23 15.14
CA ASP C 240 -11.64 22.57 15.16
C ASP C 240 -12.70 22.63 16.24
N GLY C 241 -12.90 23.81 16.78
CA GLY C 241 -13.68 23.98 18.00
C GLY C 241 -12.78 24.10 19.22
N GLN C 242 -13.08 23.32 20.25
CA GLN C 242 -12.68 23.68 21.59
C GLN C 242 -11.22 23.33 21.83
N VAL C 243 -10.67 23.96 22.86
CA VAL C 243 -9.50 23.44 23.58
C VAL C 243 -9.94 22.38 24.58
N ILE C 244 -9.17 21.30 24.64
CA ILE C 244 -9.45 20.16 25.50
C ILE C 244 -8.16 19.90 26.27
N THR C 245 -8.30 19.46 27.51
CA THR C 245 -7.12 19.32 28.34
C THR C 245 -7.22 18.06 29.17
N ILE C 246 -6.15 17.27 29.17
CA ILE C 246 -6.25 15.85 29.43
C ILE C 246 -5.24 15.43 30.49
N GLY C 247 -5.72 14.69 31.48
CA GLY C 247 -4.93 14.29 32.62
C GLY C 247 -4.23 12.97 32.41
N ASN C 248 -4.21 12.17 33.49
CA ASN C 248 -3.73 10.80 33.45
C ASN C 248 -4.34 10.00 32.33
N GLU C 249 -5.51 10.41 31.88
CA GLU C 249 -6.17 9.75 30.76
C GLU C 249 -5.24 9.52 29.58
N ARG C 250 -4.24 10.38 29.38
CA ARG C 250 -3.22 10.05 28.40
C ARG C 250 -2.41 8.81 28.79
N PHE C 251 -1.75 8.83 29.94
CA PHE C 251 -0.75 7.79 30.14
C PHE C 251 -1.42 6.48 30.49
N ARG C 252 -2.61 6.54 31.08
CA ARG C 252 -3.32 5.33 31.45
C ARG C 252 -3.54 4.42 30.26
N CYS C 253 -3.76 4.99 29.09
CA CYS C 253 -4.03 4.24 27.88
C CYS C 253 -3.00 3.16 27.55
N PRO C 254 -1.72 3.48 27.40
CA PRO C 254 -0.78 2.41 27.00
C PRO C 254 -0.70 1.27 27.99
N GLU C 255 -0.92 1.53 29.28
CA GLU C 255 -0.83 0.48 30.29
C GLU C 255 -1.69 -0.72 29.92
N THR C 256 -2.78 -0.49 29.20
CA THR C 256 -3.61 -1.59 28.73
C THR C 256 -2.75 -2.66 28.10
N LEU C 257 -1.72 -2.25 27.36
CA LEU C 257 -0.85 -3.23 26.76
C LEU C 257 -0.24 -4.08 27.84
N PHE C 258 0.17 -3.45 28.93
CA PHE C 258 0.75 -4.22 30.02
C PHE C 258 -0.35 -4.91 30.83
N GLN C 259 -1.49 -4.23 30.99
CA GLN C 259 -2.65 -4.80 31.66
C GLN C 259 -3.92 -4.72 30.82
N PRO C 260 -4.20 -5.72 30.03
CA PRO C 260 -5.48 -5.78 29.31
C PRO C 260 -6.59 -6.30 30.22
N SER C 261 -6.70 -5.69 31.39
CA SER C 261 -7.94 -5.63 32.13
C SER C 261 -8.86 -4.57 31.56
N PHE C 262 -8.31 -3.41 31.21
CA PHE C 262 -9.13 -2.20 31.20
C PHE C 262 -10.20 -2.35 30.14
N ILE C 263 -9.86 -3.07 29.10
CA ILE C 263 -10.75 -3.85 28.27
C ILE C 263 -10.23 -5.26 28.47
N GLY C 264 -11.04 -6.14 29.04
CA GLY C 264 -10.52 -7.21 29.85
C GLY C 264 -10.53 -8.55 29.15
N MET C 265 -9.38 -9.19 29.24
CA MET C 265 -8.90 -10.34 28.52
C MET C 265 -7.91 -10.97 29.48
N GLU C 266 -7.61 -12.25 29.29
CA GLU C 266 -6.31 -12.66 29.77
C GLU C 266 -5.43 -13.14 28.63
N SER C 267 -4.31 -12.45 28.51
CA SER C 267 -3.03 -12.88 27.98
C SER C 267 -2.09 -11.94 28.71
N ALA C 268 -1.03 -12.45 29.32
CA ALA C 268 -0.52 -11.72 30.48
C ALA C 268 0.21 -10.44 30.07
N GLY C 269 0.23 -10.14 28.78
CA GLY C 269 0.61 -8.85 28.26
C GLY C 269 1.76 -9.02 27.30
N ILE C 270 2.22 -7.89 26.77
CA ILE C 270 3.26 -7.96 25.74
C ILE C 270 4.46 -8.68 26.31
N HIS C 271 4.93 -8.17 27.43
CA HIS C 271 6.24 -8.54 27.93
C HIS C 271 6.21 -9.95 28.49
N GLU C 272 5.25 -10.23 29.37
CA GLU C 272 5.08 -11.59 29.85
C GLU C 272 4.76 -12.57 28.75
N THR C 273 4.07 -12.13 27.70
CA THR C 273 3.89 -13.03 26.57
C THR C 273 5.24 -13.35 25.97
N THR C 274 6.08 -12.33 25.89
CA THR C 274 7.34 -12.46 25.21
C THR C 274 8.23 -13.43 25.96
N TYR C 275 8.37 -13.21 27.25
CA TYR C 275 9.19 -14.08 28.07
C TYR C 275 8.62 -15.49 28.11
N ASN C 276 7.28 -15.61 28.11
CA ASN C 276 6.68 -16.92 28.00
C ASN C 276 7.15 -17.60 26.73
N SER C 277 7.08 -16.88 25.63
CA SER C 277 7.32 -17.47 24.33
C SER C 277 8.78 -17.80 24.20
N ILE C 278 9.61 -17.02 24.87
CA ILE C 278 11.00 -17.38 25.05
C ILE C 278 11.08 -18.71 25.76
N MET C 279 10.43 -18.82 26.91
CA MET C 279 10.70 -19.98 27.72
C MET C 279 10.20 -21.24 27.03
N LYS C 280 9.22 -21.08 26.13
CA LYS C 280 8.98 -22.11 25.12
C LYS C 280 10.24 -22.42 24.33
N CYS C 281 10.81 -21.41 23.68
CA CYS C 281 11.97 -21.66 22.85
C CYS C 281 13.18 -22.06 23.70
N ASP C 282 14.18 -22.62 23.03
CA ASP C 282 15.14 -23.47 23.70
C ASP C 282 16.20 -22.63 24.40
N ILE C 283 17.12 -23.30 25.07
CA ILE C 283 17.81 -22.67 26.18
C ILE C 283 18.96 -21.81 25.70
N ASP C 284 19.77 -22.36 24.80
CA ASP C 284 21.03 -21.71 24.45
C ASP C 284 20.81 -20.41 23.69
N ILE C 285 19.88 -20.41 22.74
CA ILE C 285 19.68 -19.25 21.87
C ILE C 285 19.46 -17.98 22.69
N ARG C 286 18.89 -18.14 23.89
CA ARG C 286 18.14 -17.06 24.53
C ARG C 286 18.97 -15.80 24.65
N LYS C 287 20.27 -15.94 24.96
CA LYS C 287 21.11 -14.77 25.19
C LYS C 287 21.04 -13.84 24.00
N ASP C 288 21.11 -14.41 22.80
CA ASP C 288 21.10 -13.58 21.60
C ASP C 288 19.88 -12.69 21.61
N LEU C 289 18.74 -13.28 21.95
CA LEU C 289 17.49 -12.54 21.90
C LEU C 289 17.46 -11.50 23.01
N TYR C 290 18.02 -11.86 24.17
CA TYR C 290 18.23 -10.88 25.22
C TYR C 290 19.01 -9.70 24.69
N ALA C 291 19.96 -9.97 23.79
CA ALA C 291 20.67 -8.91 23.09
C ALA C 291 19.79 -8.30 22.02
N ASN C 292 19.21 -9.13 21.17
CA ASN C 292 18.56 -8.66 19.97
C ASN C 292 17.07 -8.65 20.23
N ASN C 293 16.54 -7.45 20.43
CA ASN C 293 15.14 -7.29 20.79
C ASN C 293 14.61 -6.09 20.04
N VAL C 294 13.53 -6.28 19.30
CA VAL C 294 13.21 -5.39 18.20
C VAL C 294 11.71 -5.14 18.19
N MET C 295 11.35 -3.90 17.86
CA MET C 295 10.01 -3.41 18.05
C MET C 295 9.72 -2.48 16.87
N SER C 296 8.45 -2.33 16.53
CA SER C 296 8.13 -1.48 15.39
C SER C 296 6.68 -1.06 15.42
N GLY C 297 6.38 -0.08 14.57
CA GLY C 297 5.08 0.37 14.14
C GLY C 297 4.20 0.99 15.21
N GLY C 298 2.89 0.81 15.01
CA GLY C 298 1.91 1.78 15.47
C GLY C 298 1.99 2.13 16.94
N THR C 299 1.97 1.13 17.80
CA THR C 299 2.03 1.43 19.23
C THR C 299 3.41 1.94 19.60
N THR C 300 4.43 1.35 19.01
CA THR C 300 5.79 1.61 19.45
C THR C 300 6.15 3.07 19.31
N MET C 301 5.44 3.80 18.44
CA MET C 301 5.70 5.21 18.23
C MET C 301 5.79 5.96 19.55
N TYR C 302 5.00 5.55 20.53
CA TYR C 302 4.97 6.23 21.81
C TYR C 302 6.39 6.34 22.37
N PRO C 303 6.77 7.50 22.90
CA PRO C 303 8.00 7.60 23.67
C PRO C 303 7.94 6.77 24.94
N GLY C 304 8.96 5.94 25.14
CA GLY C 304 9.25 5.36 26.42
C GLY C 304 9.00 3.87 26.53
N ILE C 305 8.30 3.29 25.56
CA ILE C 305 7.91 1.88 25.67
C ILE C 305 9.13 1.01 25.94
N ALA C 306 10.18 1.21 25.16
CA ALA C 306 11.36 0.37 25.26
C ALA C 306 11.91 0.37 26.68
N ASP C 307 11.87 1.52 27.33
CA ASP C 307 12.42 1.62 28.67
C ASP C 307 11.64 0.75 29.65
N ARG C 308 10.32 0.90 29.69
CA ARG C 308 9.61 0.11 30.68
C ARG C 308 9.66 -1.35 30.31
N MET C 309 9.72 -1.64 29.01
CA MET C 309 9.91 -3.02 28.57
C MET C 309 11.18 -3.59 29.18
N GLN C 310 12.25 -2.81 29.12
CA GLN C 310 13.52 -3.26 29.66
C GLN C 310 13.40 -3.43 31.17
N LYS C 311 12.70 -2.52 31.81
CA LYS C 311 12.42 -2.66 33.23
C LYS C 311 11.72 -3.99 33.51
N GLU C 312 10.82 -4.36 32.63
CA GLU C 312 10.03 -5.57 32.82
C GLU C 312 10.91 -6.79 32.64
N ILE C 313 11.75 -6.76 31.62
CA ILE C 313 12.63 -7.88 31.36
C ILE C 313 13.65 -8.02 32.48
N THR C 314 14.19 -6.90 32.95
CA THR C 314 15.04 -6.94 34.13
C THR C 314 14.31 -7.50 35.33
N ALA C 315 13.00 -7.31 35.40
CA ALA C 315 12.24 -8.05 36.39
C ALA C 315 12.31 -9.54 36.10
N LEU C 316 12.01 -9.93 34.88
CA LEU C 316 11.80 -11.33 34.59
C LEU C 316 13.08 -12.07 34.24
N ALA C 317 14.00 -11.41 33.54
CA ALA C 317 15.28 -12.02 33.27
C ALA C 317 16.02 -12.30 34.58
N PRO C 318 16.87 -13.33 34.62
CA PRO C 318 17.99 -13.31 35.56
C PRO C 318 18.88 -12.12 35.23
N SER C 319 19.02 -11.21 36.20
CA SER C 319 19.68 -9.95 35.93
C SER C 319 21.08 -10.15 35.38
N THR C 320 21.67 -11.31 35.66
CA THR C 320 23.07 -11.58 35.34
C THR C 320 23.44 -11.29 33.90
N MET C 321 22.51 -11.43 32.97
CA MET C 321 22.86 -11.40 31.56
C MET C 321 22.39 -10.13 30.85
N LYS C 322 23.21 -9.72 29.87
CA LYS C 322 23.00 -8.49 29.12
C LYS C 322 21.57 -8.43 28.58
N ILE C 323 21.00 -7.23 28.57
CA ILE C 323 19.72 -6.99 27.93
C ILE C 323 19.74 -5.65 27.22
N LYS C 324 19.17 -5.60 26.03
CA LYS C 324 18.89 -4.35 25.36
C LYS C 324 17.78 -4.59 24.35
N ILE C 325 17.22 -3.49 23.86
CA ILE C 325 16.18 -3.51 22.84
C ILE C 325 16.55 -2.52 21.76
N ILE C 326 16.01 -2.73 20.56
CA ILE C 326 16.21 -1.80 19.47
C ILE C 326 14.92 -1.02 19.29
N ALA C 327 15.06 0.29 19.08
CA ALA C 327 13.93 1.18 18.82
C ALA C 327 14.24 2.12 17.67
N PRO C 328 14.23 1.64 16.44
CA PRO C 328 14.67 2.45 15.31
C PRO C 328 13.74 3.63 15.10
N PRO C 329 14.18 4.68 14.40
CA PRO C 329 13.28 5.80 14.19
C PRO C 329 12.10 5.45 13.32
N GLU C 330 12.35 4.65 12.29
CA GLU C 330 11.49 4.57 11.13
C GLU C 330 10.45 3.46 11.20
N ARG C 331 10.17 2.95 12.39
CA ARG C 331 9.57 1.63 12.56
C ARG C 331 8.28 1.51 11.78
N LYS C 332 7.44 2.53 11.82
CA LYS C 332 6.15 2.50 11.15
C LYS C 332 6.27 2.24 9.66
N TYR C 333 7.33 2.75 9.03
CA TYR C 333 7.60 2.40 7.65
C TYR C 333 8.32 1.08 7.47
N SER C 334 8.80 0.50 8.57
CA SER C 334 9.88 -0.47 8.50
C SER C 334 9.50 -1.55 7.51
N VAL C 335 8.26 -2.02 7.65
CA VAL C 335 7.80 -3.20 6.94
C VAL C 335 7.97 -3.00 5.45
N TRP C 336 7.42 -1.89 4.93
CA TRP C 336 7.47 -1.71 3.49
C TRP C 336 8.92 -1.55 3.06
N ILE C 337 9.73 -0.96 3.92
CA ILE C 337 11.14 -0.81 3.57
C ILE C 337 11.77 -2.18 3.39
N GLY C 338 11.56 -3.04 4.38
CA GLY C 338 12.05 -4.39 4.30
C GLY C 338 11.52 -5.07 3.07
N GLY C 339 10.24 -4.84 2.77
CA GLY C 339 9.67 -5.39 1.56
C GLY C 339 10.45 -4.98 0.33
N SER C 340 10.91 -3.73 0.31
CA SER C 340 11.69 -3.28 -0.83
C SER C 340 12.96 -4.11 -0.94
N ILE C 341 13.63 -4.29 0.19
CA ILE C 341 14.81 -5.14 0.19
C ILE C 341 14.44 -6.53 -0.32
N LEU C 342 13.34 -7.06 0.21
CA LEU C 342 12.87 -8.39 -0.16
C LEU C 342 12.67 -8.47 -1.66
N ALA C 343 12.18 -7.37 -2.24
CA ALA C 343 11.92 -7.34 -3.65
C ALA C 343 13.22 -7.40 -4.41
N SER C 344 14.28 -6.87 -3.81
CA SER C 344 15.46 -6.59 -4.60
C SER C 344 16.08 -7.91 -5.07
N LEU C 345 16.18 -8.90 -4.19
CA LEU C 345 17.06 -10.03 -4.47
C LEU C 345 16.47 -10.96 -5.52
N SER C 346 17.34 -11.35 -6.46
CA SER C 346 16.96 -12.14 -7.63
C SER C 346 16.31 -13.46 -7.28
N THR C 347 16.63 -14.02 -6.11
CA THR C 347 16.05 -15.28 -5.68
C THR C 347 14.54 -15.37 -5.76
N PHE C 348 13.82 -14.28 -5.55
CA PHE C 348 12.39 -14.35 -5.79
C PHE C 348 12.03 -14.68 -7.22
N GLN C 349 12.89 -14.36 -8.19
CA GLN C 349 12.66 -14.87 -9.53
C GLN C 349 12.59 -16.39 -9.52
N GLN C 350 13.43 -17.04 -8.74
CA GLN C 350 13.23 -18.45 -8.46
C GLN C 350 11.90 -18.66 -7.74
N MET C 351 11.53 -17.71 -6.89
CA MET C 351 10.52 -17.92 -5.87
C MET C 351 9.13 -17.43 -6.23
N TRP C 352 8.99 -16.41 -7.07
CA TRP C 352 7.64 -15.90 -7.31
C TRP C 352 6.71 -16.99 -7.75
N ILE C 353 5.44 -16.81 -7.42
CA ILE C 353 4.39 -17.45 -8.19
C ILE C 353 4.37 -16.86 -9.58
N THR C 354 4.03 -17.68 -10.56
CA THR C 354 3.75 -17.20 -11.90
C THR C 354 2.34 -17.53 -12.31
N LYS C 355 1.87 -16.81 -13.33
CA LYS C 355 0.51 -17.01 -13.82
C LYS C 355 0.32 -18.47 -14.18
N GLN C 356 1.38 -19.10 -14.69
CA GLN C 356 1.29 -20.45 -15.22
C GLN C 356 0.78 -21.40 -14.16
N GLU C 357 1.37 -21.33 -12.97
CA GLU C 357 0.90 -22.21 -11.89
C GLU C 357 -0.56 -21.94 -11.60
N TYR C 358 -0.93 -20.66 -11.50
CA TYR C 358 -2.31 -20.31 -11.21
C TYR C 358 -3.23 -20.89 -12.25
N ASP C 359 -2.72 -21.03 -13.46
CA ASP C 359 -3.44 -21.74 -14.50
C ASP C 359 -3.56 -23.21 -14.13
N GLU C 360 -2.44 -23.81 -13.76
CA GLU C 360 -2.34 -25.25 -13.71
C GLU C 360 -2.74 -25.81 -12.36
N ALA C 361 -2.86 -24.96 -11.35
CA ALA C 361 -3.32 -25.38 -10.04
C ALA C 361 -3.87 -24.16 -9.32
N GLY C 362 -4.56 -24.40 -8.22
CA GLY C 362 -5.48 -23.41 -7.71
C GLY C 362 -4.78 -22.40 -6.84
N PRO C 363 -5.55 -21.69 -6.02
CA PRO C 363 -4.97 -21.06 -4.82
C PRO C 363 -4.21 -22.01 -3.92
N SER C 364 -4.52 -23.30 -3.96
CA SER C 364 -3.82 -24.27 -3.11
C SER C 364 -2.32 -24.15 -3.24
N ILE C 365 -1.86 -23.72 -4.41
CA ILE C 365 -0.42 -23.63 -4.69
C ILE C 365 0.27 -22.90 -3.56
N VAL C 366 -0.31 -21.76 -3.17
CA VAL C 366 0.33 -20.86 -2.23
C VAL C 366 0.79 -21.62 -1.01
N HIS C 367 -0.11 -22.42 -0.44
CA HIS C 367 0.09 -22.75 0.95
C HIS C 367 1.23 -23.74 1.09
N ARG C 368 1.46 -24.56 0.07
CA ARG C 368 2.76 -25.22 -0.01
C ARG C 368 3.82 -24.18 -0.27
N LYS C 369 3.62 -23.37 -1.31
CA LYS C 369 4.75 -22.74 -1.97
C LYS C 369 5.30 -21.61 -1.09
N CYS C 370 4.40 -20.80 -0.53
CA CYS C 370 4.82 -19.75 0.38
C CYS C 370 4.84 -20.32 1.80
N PHE C 371 5.44 -19.57 2.71
CA PHE C 371 5.15 -19.79 4.11
C PHE C 371 3.69 -19.47 4.39
N THR D 1 -33.73 3.77 63.88
CA THR D 1 -34.15 4.58 62.75
C THR D 1 -34.33 3.76 61.47
N THR D 2 -34.37 4.46 60.34
CA THR D 2 -34.94 3.95 59.11
C THR D 2 -34.21 4.62 57.94
N ALA D 3 -34.40 4.05 56.77
CA ALA D 3 -33.53 4.30 55.64
C ALA D 3 -34.33 4.66 54.40
N LEU D 4 -33.83 5.64 53.65
CA LEU D 4 -34.62 6.37 52.68
C LEU D 4 -33.82 6.43 51.40
N VAL D 5 -34.51 6.33 50.27
CA VAL D 5 -33.87 6.25 48.97
C VAL D 5 -34.51 7.26 48.03
N CYS D 6 -33.67 8.06 47.39
CA CYS D 6 -34.07 8.88 46.26
C CYS D 6 -33.77 8.13 44.98
N ASP D 7 -34.74 8.10 44.08
CA ASP D 7 -34.49 7.82 42.68
C ASP D 7 -34.31 9.13 41.94
N ASN D 8 -33.15 9.27 41.29
CA ASN D 8 -32.93 10.34 40.33
C ASN D 8 -32.71 9.85 38.92
N GLY D 9 -33.13 8.62 38.64
CA GLY D 9 -33.47 8.28 37.27
C GLY D 9 -34.45 9.31 36.74
N SER D 10 -34.20 9.79 35.53
CA SER D 10 -34.84 11.02 35.11
C SER D 10 -36.27 10.74 34.68
N GLY D 11 -37.00 11.78 34.32
CA GLY D 11 -38.43 11.72 34.37
C GLY D 11 -38.89 12.03 35.77
N LEU D 12 -40.11 11.63 36.08
CA LEU D 12 -40.62 11.91 37.41
C LEU D 12 -39.76 11.19 38.43
N VAL D 13 -39.62 11.79 39.59
CA VAL D 13 -38.56 11.46 40.53
C VAL D 13 -39.15 10.81 41.77
N LYS D 14 -38.50 9.74 42.23
CA LYS D 14 -39.14 8.69 43.01
C LYS D 14 -38.36 8.51 44.31
N ALA D 15 -39.08 8.50 45.41
CA ALA D 15 -38.44 8.58 46.71
C ALA D 15 -39.30 7.87 47.74
N GLY D 16 -38.65 7.11 48.61
CA GLY D 16 -39.38 6.22 49.50
C GLY D 16 -38.48 5.46 50.44
N PHE D 17 -39.05 5.08 51.58
CA PHE D 17 -38.30 4.38 52.61
C PHE D 17 -38.08 2.94 52.19
N ALA D 18 -37.06 2.32 52.79
CA ALA D 18 -36.89 0.89 52.61
C ALA D 18 -38.13 0.17 53.10
N GLY D 19 -38.73 -0.64 52.22
CA GLY D 19 -39.66 -1.66 52.63
C GLY D 19 -41.10 -1.32 52.32
N ASP D 20 -41.42 -0.04 52.12
CA ASP D 20 -42.60 0.31 51.35
C ASP D 20 -42.54 -0.33 49.96
N ASP D 21 -43.71 -0.72 49.48
CA ASP D 21 -43.81 -1.35 48.17
C ASP D 21 -43.59 -0.37 47.02
N ALA D 22 -43.92 0.90 47.22
CA ALA D 22 -43.85 1.87 46.12
C ALA D 22 -43.61 3.26 46.70
N PRO D 23 -42.92 4.14 45.97
CA PRO D 23 -42.51 5.41 46.57
C PRO D 23 -43.75 6.24 46.89
N ARG D 24 -43.59 7.15 47.84
CA ARG D 24 -44.75 7.86 48.35
C ARG D 24 -45.38 8.73 47.26
N ALA D 25 -44.56 9.45 46.51
CA ALA D 25 -45.04 10.20 45.36
C ALA D 25 -43.83 10.57 44.51
N VAL D 26 -44.08 11.20 43.37
CA VAL D 26 -43.14 11.19 42.26
C VAL D 26 -43.30 12.49 41.48
N PHE D 27 -42.18 13.05 41.03
CA PHE D 27 -42.18 14.38 40.47
C PHE D 27 -41.30 14.51 39.25
N PRO D 28 -41.73 15.29 38.26
CA PRO D 28 -41.10 15.23 36.93
C PRO D 28 -39.67 15.66 36.89
N SER D 29 -39.21 16.46 37.85
CA SER D 29 -38.00 17.26 37.72
C SER D 29 -38.10 18.31 36.61
N ILE D 30 -39.30 18.72 36.23
CA ILE D 30 -39.43 20.01 35.56
C ILE D 30 -38.92 21.09 36.49
N VAL D 31 -38.25 22.09 35.93
CA VAL D 31 -38.16 23.38 36.60
C VAL D 31 -38.59 24.49 35.67
N GLY D 32 -39.23 25.50 36.24
CA GLY D 32 -39.87 26.52 35.44
C GLY D 32 -39.89 27.85 36.19
N ARG D 33 -39.91 28.93 35.42
CA ARG D 33 -39.92 30.26 36.00
C ARG D 33 -40.88 31.18 35.27
N PRO D 34 -41.20 32.34 35.86
CA PRO D 34 -42.12 33.28 35.22
C PRO D 34 -41.63 33.72 33.85
N ARG D 35 -42.59 34.17 33.03
CA ARG D 35 -42.30 34.71 31.72
C ARG D 35 -42.78 36.14 31.54
N HIS D 36 -43.60 36.66 32.44
CA HIS D 36 -44.29 37.91 32.19
C HIS D 36 -44.23 38.78 33.44
N GLN D 37 -44.31 40.10 33.22
CA GLN D 37 -44.43 41.04 34.32
C GLN D 37 -45.52 40.60 35.28
N GLY D 38 -45.21 40.64 36.57
CA GLY D 38 -46.19 40.26 37.55
C GLY D 38 -47.09 41.41 37.91
N VAL D 39 -48.35 41.26 37.56
CA VAL D 39 -49.25 42.39 37.43
C VAL D 39 -50.44 42.31 38.38
N MET D 40 -50.72 41.15 38.96
CA MET D 40 -51.41 41.13 40.23
C MET D 40 -50.39 41.48 41.30
N VAL D 41 -50.49 42.69 41.83
CA VAL D 41 -49.71 43.07 43.02
C VAL D 41 -50.11 42.26 44.24
N GLY D 42 -51.36 41.82 44.31
CA GLY D 42 -51.76 40.91 45.37
C GLY D 42 -50.97 39.61 45.39
N MET D 43 -50.56 39.13 44.24
CA MET D 43 -49.79 37.89 44.19
C MET D 43 -48.44 38.02 44.90
N GLY D 44 -48.10 37.00 45.66
CA GLY D 44 -46.71 36.78 46.05
C GLY D 44 -45.91 36.30 44.86
N GLN D 45 -44.80 36.97 44.59
CA GLN D 45 -43.88 36.49 43.56
C GLN D 45 -42.94 35.44 44.11
N LYS D 46 -43.07 34.23 43.58
CA LYS D 46 -42.09 33.16 43.67
C LYS D 46 -41.45 32.99 42.29
N ASP D 47 -40.13 32.90 42.23
CA ASP D 47 -39.47 33.08 40.95
C ASP D 47 -39.13 31.76 40.29
N SER D 48 -39.36 30.64 40.97
CA SER D 48 -39.03 29.32 40.46
C SER D 48 -40.08 28.33 40.92
N TYR D 49 -40.42 27.38 40.05
CA TYR D 49 -41.50 26.46 40.34
C TYR D 49 -41.21 25.11 39.73
N VAL D 50 -41.69 24.07 40.41
CA VAL D 50 -41.26 22.70 40.21
C VAL D 50 -42.46 21.82 40.51
N GLY D 51 -42.47 20.63 39.90
CA GLY D 51 -43.37 19.60 40.35
C GLY D 51 -44.78 19.87 39.86
N ASP D 52 -45.70 18.99 40.27
CA ASP D 52 -47.09 19.13 39.84
C ASP D 52 -47.64 20.53 40.10
N GLU D 53 -47.09 21.23 41.09
CA GLU D 53 -47.46 22.61 41.31
C GLU D 53 -47.25 23.41 40.03
N ALA D 54 -46.03 23.28 39.49
CA ALA D 54 -45.75 23.89 38.21
C ALA D 54 -46.60 23.28 37.12
N GLN D 55 -46.76 21.95 37.15
CA GLN D 55 -47.52 21.27 36.11
C GLN D 55 -48.90 21.86 35.97
N SER D 56 -49.45 22.34 37.08
CA SER D 56 -50.68 23.10 37.02
C SER D 56 -50.38 24.49 36.48
N LYS D 57 -49.40 25.16 37.07
CA LYS D 57 -49.16 26.59 36.91
C LYS D 57 -48.58 26.93 35.53
N ARG D 58 -48.31 25.93 34.70
CA ARG D 58 -47.29 26.00 33.66
C ARG D 58 -47.34 27.28 32.83
N GLY D 59 -48.53 27.69 32.41
CA GLY D 59 -48.64 28.45 31.16
C GLY D 59 -47.76 29.69 31.07
N ILE D 60 -47.79 30.53 32.10
CA ILE D 60 -46.85 31.66 32.13
C ILE D 60 -45.47 31.26 32.60
N LEU D 61 -45.34 30.21 33.40
CA LEU D 61 -44.01 29.69 33.62
C LEU D 61 -43.43 29.20 32.31
N THR D 62 -42.11 29.23 32.23
CA THR D 62 -41.41 28.53 31.18
C THR D 62 -40.38 27.59 31.79
N LEU D 63 -40.13 26.51 31.09
CA LEU D 63 -39.44 25.37 31.65
C LEU D 63 -37.94 25.48 31.43
N LYS D 64 -37.19 25.08 32.44
CA LYS D 64 -35.86 24.58 32.22
C LYS D 64 -35.84 23.11 32.57
N TYR D 65 -34.90 22.38 32.01
CA TYR D 65 -34.91 20.93 32.18
C TYR D 65 -33.55 20.49 32.71
N PRO D 66 -33.45 20.15 33.98
CA PRO D 66 -32.18 20.24 34.68
C PRO D 66 -31.28 19.06 34.42
N ILE D 67 -31.77 18.07 33.68
CA ILE D 67 -30.99 16.94 33.25
C ILE D 67 -31.06 16.86 31.73
N GLU D 68 -29.95 17.13 31.06
CA GLU D 68 -29.80 16.61 29.71
C GLU D 68 -29.18 15.24 29.75
N HIC D 69 -29.45 14.46 28.71
CA HIC D 69 -28.80 13.21 28.45
C HIC D 69 -28.38 12.47 29.70
O HIC D 69 -27.25 12.04 29.87
CB HIC D 69 -27.51 13.37 27.63
CG HIC D 69 -27.63 14.46 26.66
ND1 HIC D 69 -28.82 14.87 26.06
CD2 HIC D 69 -26.57 15.26 26.20
CE1 HIC D 69 -28.49 15.90 25.25
NE2 HIC D 69 -27.12 16.17 25.31
CZ HIC D 69 -26.43 17.18 24.60
N GLY D 70 -29.31 12.38 30.63
CA GLY D 70 -28.96 11.89 31.94
C GLY D 70 -27.96 12.69 32.76
N ILE D 71 -27.29 13.66 32.16
CA ILE D 71 -26.39 14.53 32.90
C ILE D 71 -27.13 15.74 33.44
N ILE D 72 -27.04 15.92 34.75
CA ILE D 72 -27.81 16.93 35.46
C ILE D 72 -27.20 18.29 35.20
N THR D 73 -28.03 19.23 34.73
CA THR D 73 -27.45 20.38 34.05
C THR D 73 -26.98 21.45 35.02
N ASN D 74 -27.77 21.76 36.05
CA ASN D 74 -27.52 22.97 36.83
C ASN D 74 -27.76 22.72 38.32
N TRP D 75 -26.69 22.77 39.10
CA TRP D 75 -26.69 22.11 40.39
C TRP D 75 -27.68 22.79 41.33
N ASP D 76 -27.62 24.12 41.41
CA ASP D 76 -28.42 24.85 42.38
C ASP D 76 -29.90 24.62 42.15
N ASP D 77 -30.28 24.46 40.88
CA ASP D 77 -31.65 24.12 40.56
C ASP D 77 -31.98 22.77 41.18
N MET D 78 -31.08 21.80 41.00
CA MET D 78 -31.28 20.49 41.60
C MET D 78 -31.51 20.67 43.07
N GLU D 79 -30.70 21.51 43.70
CA GLU D 79 -30.77 21.70 45.14
C GLU D 79 -32.13 22.22 45.54
N LYS D 80 -32.67 23.11 44.71
CA LYS D 80 -34.03 23.59 44.94
C LYS D 80 -34.98 22.41 44.91
N ILE D 81 -34.86 21.60 43.87
CA ILE D 81 -35.79 20.51 43.66
C ILE D 81 -35.73 19.61 44.87
N TRP D 82 -34.52 19.30 45.27
CA TRP D 82 -34.22 18.28 46.24
C TRP D 82 -34.78 18.72 47.59
N HIS D 83 -34.50 19.97 47.93
CA HIS D 83 -34.97 20.55 49.18
C HIS D 83 -36.48 20.46 49.21
N HIS D 84 -37.09 20.89 48.11
CA HIS D 84 -38.54 20.88 48.05
C HIS D 84 -39.03 19.48 48.31
N THR D 85 -38.43 18.50 47.65
CA THR D 85 -38.95 17.15 47.71
C THR D 85 -38.93 16.66 49.14
N PHE D 86 -37.80 16.87 49.82
CA PHE D 86 -37.70 16.43 51.20
C PHE D 86 -38.80 17.07 52.02
N TYR D 87 -38.85 18.39 52.00
CA TYR D 87 -39.65 19.04 53.03
C TYR D 87 -41.11 18.90 52.69
N ASN D 88 -41.47 19.14 51.43
CA ASN D 88 -42.86 19.19 51.06
C ASN D 88 -43.47 17.79 51.01
N GLU D 89 -42.88 16.87 50.23
CA GLU D 89 -43.48 15.55 50.30
C GLU D 89 -43.08 14.84 51.58
N LEU D 90 -41.78 14.74 51.81
CA LEU D 90 -41.26 13.73 52.72
C LEU D 90 -41.40 14.12 54.17
N ARG D 91 -41.45 15.42 54.45
CA ARG D 91 -41.39 15.91 55.82
C ARG D 91 -40.20 15.26 56.51
N VAL D 92 -39.03 15.37 55.87
CA VAL D 92 -37.83 14.67 56.31
C VAL D 92 -36.64 15.61 56.40
N ALA D 93 -35.78 15.35 57.39
CA ALA D 93 -34.60 16.09 57.74
C ALA D 93 -33.36 15.27 57.39
N PRO D 94 -32.28 15.91 56.94
CA PRO D 94 -31.22 15.17 56.25
C PRO D 94 -30.56 14.15 57.15
N GLU D 95 -30.55 14.43 58.44
CA GLU D 95 -30.01 13.53 59.45
C GLU D 95 -30.77 12.21 59.50
N GLU D 96 -31.95 12.12 58.92
CA GLU D 96 -32.90 11.14 59.44
C GLU D 96 -32.55 9.72 58.98
N HIS D 97 -31.89 9.56 57.85
CA HIS D 97 -31.73 8.25 57.24
C HIS D 97 -30.41 8.24 56.49
N PRO D 98 -29.89 7.05 56.18
CA PRO D 98 -29.01 6.94 55.02
C PRO D 98 -29.81 7.22 53.77
N THR D 99 -29.12 7.71 52.75
CA THR D 99 -29.76 8.04 51.49
C THR D 99 -28.98 7.49 50.31
N LEU D 100 -29.72 7.04 49.31
CA LEU D 100 -29.18 6.19 48.26
C LEU D 100 -29.47 6.89 46.95
N LEU D 101 -28.48 6.89 46.07
CA LEU D 101 -28.50 7.69 44.88
C LEU D 101 -28.40 6.81 43.66
N THR D 102 -29.00 7.26 42.57
CA THR D 102 -29.33 6.37 41.47
C THR D 102 -28.75 7.01 40.21
N GLU D 103 -27.90 6.28 39.53
CA GLU D 103 -26.98 6.91 38.61
C GLU D 103 -27.03 6.20 37.27
N ALA D 104 -27.01 7.00 36.21
CA ALA D 104 -26.53 6.49 34.94
C ALA D 104 -25.14 5.91 35.12
N PRO D 105 -24.86 4.74 34.57
CA PRO D 105 -23.50 4.22 34.62
C PRO D 105 -22.62 4.93 33.61
N LEU D 106 -21.31 4.76 33.79
CA LEU D 106 -20.32 5.20 32.82
C LEU D 106 -20.52 6.65 32.40
N ASN D 107 -20.61 7.53 33.38
CA ASN D 107 -20.80 8.93 33.03
C ASN D 107 -19.96 9.83 33.95
N PRO D 108 -19.78 11.11 33.62
CA PRO D 108 -18.60 11.83 34.12
C PRO D 108 -18.56 11.93 35.64
N LYS D 109 -17.34 11.89 36.17
CA LYS D 109 -17.13 11.82 37.61
C LYS D 109 -17.86 12.96 38.31
N ALA D 110 -17.93 14.11 37.63
CA ALA D 110 -18.39 15.34 38.25
C ALA D 110 -19.72 15.14 38.96
N ASN D 111 -20.62 14.38 38.33
CA ASN D 111 -21.91 14.18 38.95
C ASN D 111 -21.73 13.49 40.30
N ARG D 112 -20.82 12.53 40.36
CA ARG D 112 -20.51 11.90 41.62
C ARG D 112 -20.03 12.94 42.62
N GLU D 113 -19.00 13.68 42.23
CA GLU D 113 -18.28 14.46 43.22
C GLU D 113 -19.13 15.58 43.77
N LYS D 114 -19.74 16.39 42.88
CA LYS D 114 -20.60 17.43 43.39
C LYS D 114 -21.82 16.88 44.10
N MET D 115 -22.44 15.82 43.57
CA MET D 115 -23.63 15.32 44.26
C MET D 115 -23.31 14.99 45.70
N THR D 116 -22.26 14.20 45.91
CA THR D 116 -21.87 13.84 47.26
C THR D 116 -21.49 15.06 48.06
N GLN D 117 -20.75 15.97 47.43
CA GLN D 117 -20.23 17.11 48.17
C GLN D 117 -21.39 17.91 48.73
N ILE D 118 -22.34 18.23 47.85
CA ILE D 118 -23.51 18.99 48.23
C ILE D 118 -24.27 18.27 49.32
N MET D 119 -24.57 17.00 49.10
CA MET D 119 -25.52 16.32 49.97
C MET D 119 -24.94 16.02 51.33
N PHE D 120 -23.63 15.82 51.43
CA PHE D 120 -23.02 15.76 52.75
C PHE D 120 -22.88 17.14 53.37
N GLU D 121 -22.62 18.16 52.56
CA GLU D 121 -22.46 19.47 53.17
C GLU D 121 -23.79 20.19 53.30
N THR D 122 -24.54 20.30 52.21
CA THR D 122 -25.72 21.17 52.21
C THR D 122 -26.82 20.52 53.01
N PHE D 123 -27.09 19.27 52.71
CA PHE D 123 -27.76 18.37 53.61
C PHE D 123 -26.69 17.70 54.43
N ASN D 124 -27.04 17.26 55.63
CA ASN D 124 -26.11 16.52 56.45
C ASN D 124 -26.76 15.19 56.84
N VAL D 125 -26.21 14.09 56.32
CA VAL D 125 -27.01 12.88 56.13
C VAL D 125 -26.18 11.67 56.52
N PRO D 126 -26.75 10.75 57.31
CA PRO D 126 -25.91 9.76 57.99
C PRO D 126 -25.04 8.95 57.04
N ALA D 127 -25.60 8.48 55.94
CA ALA D 127 -24.89 7.58 55.05
C ALA D 127 -25.36 7.77 53.63
N MET D 128 -24.44 7.64 52.69
CA MET D 128 -24.70 7.92 51.29
C MET D 128 -24.27 6.77 50.42
N TYR D 129 -25.02 6.54 49.35
CA TYR D 129 -24.60 5.60 48.33
C TYR D 129 -25.19 6.00 46.98
N VAL D 130 -24.44 5.66 45.94
CA VAL D 130 -24.85 5.85 44.55
C VAL D 130 -24.70 4.51 43.85
N ALA D 131 -25.74 4.13 43.11
CA ALA D 131 -25.83 2.76 42.62
C ALA D 131 -26.26 2.77 41.17
N ILE D 132 -25.77 1.78 40.42
CA ILE D 132 -25.97 1.71 38.99
C ILE D 132 -27.24 0.94 38.70
N GLN D 133 -27.97 1.45 37.71
CA GLN D 133 -29.37 1.09 37.49
C GLN D 133 -29.54 -0.42 37.39
N ALA D 134 -28.70 -1.04 36.58
CA ALA D 134 -28.87 -2.44 36.21
C ALA D 134 -28.88 -3.33 37.44
N VAL D 135 -28.08 -2.98 38.43
CA VAL D 135 -28.01 -3.80 39.63
C VAL D 135 -29.39 -3.90 40.24
N LEU D 136 -30.03 -2.74 40.40
CA LEU D 136 -31.37 -2.72 40.94
C LEU D 136 -32.29 -3.50 40.04
N SER D 137 -32.12 -3.34 38.74
CA SER D 137 -33.02 -4.00 37.81
C SER D 137 -32.97 -5.51 38.00
N LEU D 138 -31.77 -6.05 38.18
CA LEU D 138 -31.66 -7.47 38.47
C LEU D 138 -32.31 -7.81 39.79
N TYR D 139 -31.97 -7.06 40.85
CA TYR D 139 -32.46 -7.44 42.16
C TYR D 139 -33.98 -7.51 42.14
N ALA D 140 -34.61 -6.51 41.53
CA ALA D 140 -36.07 -6.52 41.49
C ALA D 140 -36.53 -7.69 40.63
N SER D 141 -35.92 -7.84 39.46
CA SER D 141 -36.31 -8.92 38.57
C SER D 141 -35.86 -10.27 39.08
N GLY D 142 -34.92 -10.29 40.03
CA GLY D 142 -34.51 -11.50 40.70
C GLY D 142 -34.02 -12.61 39.78
N ARG D 143 -33.05 -12.29 38.93
CA ARG D 143 -32.22 -13.28 38.25
C ARG D 143 -30.78 -12.79 38.26
N THR D 144 -29.91 -13.51 38.95
CA THR D 144 -28.61 -12.95 39.31
C THR D 144 -27.77 -12.58 38.09
N THR D 145 -27.87 -13.35 37.02
CA THR D 145 -27.31 -12.95 35.74
C THR D 145 -28.29 -12.03 35.01
N GLY D 146 -27.79 -11.26 34.06
CA GLY D 146 -28.68 -10.80 33.00
C GLY D 146 -28.07 -9.72 32.13
N ILE D 147 -28.92 -9.26 31.21
CA ILE D 147 -28.71 -8.02 30.47
C ILE D 147 -29.98 -7.19 30.60
N VAL D 148 -29.81 -5.88 30.70
CA VAL D 148 -30.92 -4.97 30.93
C VAL D 148 -30.94 -3.96 29.80
N LEU D 149 -32.15 -3.63 29.37
CA LEU D 149 -32.40 -2.45 28.55
C LEU D 149 -33.40 -1.60 29.31
N ASP D 150 -33.00 -0.37 29.62
CA ASP D 150 -33.94 0.58 30.20
C ASP D 150 -33.66 1.98 29.69
N SER D 151 -34.60 2.50 28.92
CA SER D 151 -34.41 3.70 28.13
C SER D 151 -35.44 4.62 28.77
N GLY D 152 -34.99 5.48 29.67
CA GLY D 152 -35.96 6.19 30.46
C GLY D 152 -36.35 7.50 29.84
N ASP D 153 -36.61 8.49 30.69
CA ASP D 153 -36.42 9.87 30.26
C ASP D 153 -35.03 10.09 29.70
N GLY D 154 -34.04 9.42 30.27
CA GLY D 154 -32.64 9.68 29.97
C GLY D 154 -31.86 8.55 29.35
N VAL D 155 -30.55 8.76 29.28
CA VAL D 155 -29.65 8.05 28.36
C VAL D 155 -29.81 6.54 28.50
N THR D 156 -29.71 5.85 27.38
CA THR D 156 -30.33 4.56 27.16
C THR D 156 -29.22 3.52 27.17
N HIS D 157 -29.53 2.36 27.71
CA HIS D 157 -28.51 1.53 28.32
C HIS D 157 -28.50 0.16 27.69
N ASN D 158 -27.31 -0.41 27.57
CA ASN D 158 -27.16 -1.84 27.60
C ASN D 158 -26.11 -2.18 28.63
N VAL D 159 -26.47 -3.02 29.60
CA VAL D 159 -25.50 -3.69 30.44
C VAL D 159 -25.84 -5.17 30.51
N PRO D 160 -24.98 -6.07 30.06
CA PRO D 160 -25.00 -7.43 30.62
C PRO D 160 -24.45 -7.35 32.03
N ILE D 161 -25.17 -7.92 32.98
CA ILE D 161 -24.56 -8.31 34.24
C ILE D 161 -24.53 -9.82 34.37
N TYR D 162 -23.36 -10.36 34.63
CA TYR D 162 -23.36 -11.72 35.13
C TYR D 162 -23.61 -11.70 36.61
N GLU D 163 -24.09 -12.83 37.11
CA GLU D 163 -24.24 -13.01 38.55
C GLU D 163 -23.02 -12.51 39.31
N GLY D 164 -23.29 -11.64 40.28
CA GLY D 164 -22.28 -11.10 41.16
C GLY D 164 -21.17 -10.25 40.59
N TYR D 165 -21.20 -9.86 39.31
CA TYR D 165 -20.08 -9.09 38.80
C TYR D 165 -20.48 -8.22 37.62
N ALA D 166 -19.66 -7.20 37.40
CA ALA D 166 -19.75 -6.24 36.30
C ALA D 166 -18.84 -6.63 35.14
N LEU D 167 -19.23 -6.21 33.94
CA LEU D 167 -18.40 -6.33 32.74
C LEU D 167 -18.25 -4.97 32.09
N PRO D 168 -17.69 -4.00 32.80
CA PRO D 168 -17.82 -2.60 32.36
C PRO D 168 -17.38 -2.35 30.94
N HIS D 169 -16.44 -3.14 30.43
CA HIS D 169 -16.12 -3.08 29.02
C HIS D 169 -17.31 -3.45 28.16
N ALA D 170 -18.13 -4.38 28.62
CA ALA D 170 -19.22 -4.90 27.80
C ALA D 170 -20.25 -3.83 27.47
N ILE D 171 -20.26 -2.75 28.19
CA ILE D 171 -21.48 -1.98 28.42
C ILE D 171 -21.65 -0.97 27.31
N MET D 172 -22.91 -0.73 26.92
CA MET D 172 -23.19 0.32 25.94
C MET D 172 -24.20 1.30 26.51
N ARG D 173 -24.00 2.56 26.14
CA ARG D 173 -24.67 3.70 26.76
C ARG D 173 -25.08 4.66 25.66
N LEU D 174 -26.37 5.02 25.58
CA LEU D 174 -26.83 5.75 24.42
C LEU D 174 -27.78 6.87 24.80
N ASP D 175 -27.59 8.03 24.15
CA ASP D 175 -28.51 9.16 24.24
C ASP D 175 -29.52 9.01 23.11
N LEU D 176 -30.55 8.20 23.37
CA LEU D 176 -31.63 8.02 22.42
C LEU D 176 -32.98 8.13 23.10
N ALA D 177 -33.04 8.68 24.31
CA ALA D 177 -34.20 8.49 25.14
C ALA D 177 -35.40 9.27 24.60
N GLY D 178 -36.56 8.94 25.18
CA GLY D 178 -37.83 9.29 24.58
C GLY D 178 -38.03 10.78 24.37
N ARG D 179 -37.39 11.60 25.21
CA ARG D 179 -37.53 13.04 25.08
C ARG D 179 -37.10 13.50 23.69
N ASP D 180 -35.88 13.12 23.28
CA ASP D 180 -35.38 13.57 21.99
C ASP D 180 -36.26 13.00 20.88
N LEU D 181 -36.72 11.77 21.06
CA LEU D 181 -37.66 11.18 20.13
C LEU D 181 -38.88 12.07 19.98
N THR D 182 -39.40 12.52 21.11
CA THR D 182 -40.58 13.35 21.13
C THR D 182 -40.32 14.64 20.38
N ASP D 183 -39.12 15.19 20.55
CA ASP D 183 -38.86 16.43 19.85
C ASP D 183 -38.75 16.19 18.35
N TYR D 184 -38.30 15.00 17.95
CA TYR D 184 -38.46 14.58 16.57
C TYR D 184 -39.92 14.51 16.18
N LEU D 185 -40.77 14.15 17.13
CA LEU D 185 -42.17 13.97 16.82
C LEU D 185 -42.73 15.22 16.16
N MET D 186 -42.34 16.38 16.66
CA MET D 186 -42.90 17.61 16.11
C MET D 186 -42.55 17.72 14.63
N LYS D 187 -41.30 17.39 14.29
CA LYS D 187 -40.87 17.42 12.90
C LYS D 187 -41.63 16.40 12.09
N ILE D 188 -42.15 15.37 12.73
CA ILE D 188 -43.21 14.60 12.10
C ILE D 188 -44.46 15.45 11.97
N LEU D 189 -44.89 16.04 13.08
CA LEU D 189 -46.28 16.40 13.27
C LEU D 189 -46.69 17.48 12.31
N THR D 190 -45.73 18.34 11.95
CA THR D 190 -46.04 19.36 10.97
C THR D 190 -46.50 18.82 9.63
N GLU D 191 -46.34 17.52 9.35
CA GLU D 191 -46.98 16.96 8.17
C GLU D 191 -48.49 17.17 8.20
N ARG D 192 -49.13 16.76 9.29
CA ARG D 192 -50.50 17.16 9.51
C ARG D 192 -50.60 18.62 9.86
N GLY D 193 -49.53 19.17 10.43
CA GLY D 193 -49.36 20.60 10.46
C GLY D 193 -50.38 21.17 11.42
N TYR D 194 -50.53 20.52 12.57
CA TYR D 194 -51.00 21.17 13.78
C TYR D 194 -49.75 21.35 14.62
N SER D 195 -49.36 22.59 14.88
CA SER D 195 -47.95 22.74 15.15
C SER D 195 -47.72 23.87 16.12
N PHE D 196 -46.85 23.56 17.07
CA PHE D 196 -46.64 24.30 18.29
C PHE D 196 -45.26 23.86 18.79
N VAL D 197 -44.40 24.80 19.12
CA VAL D 197 -43.16 24.39 19.78
C VAL D 197 -42.89 25.32 20.95
N THR D 198 -42.80 24.72 22.14
CA THR D 198 -42.30 25.22 23.41
C THR D 198 -42.22 24.00 24.30
N THR D 199 -41.66 24.20 25.49
CA THR D 199 -41.42 23.07 26.37
C THR D 199 -42.72 22.43 26.82
N ALA D 200 -43.64 23.23 27.34
CA ALA D 200 -44.90 22.67 27.81
C ALA D 200 -45.61 21.98 26.66
N GLU D 201 -45.53 22.59 25.49
CA GLU D 201 -46.19 22.01 24.33
C GLU D 201 -45.57 20.67 24.03
N ARG D 202 -44.27 20.58 24.21
CA ARG D 202 -43.57 19.32 24.05
C ARG D 202 -44.01 18.28 25.07
N GLU D 203 -44.21 18.69 26.33
CA GLU D 203 -44.67 17.71 27.31
C GLU D 203 -46.07 17.23 27.01
N ILE D 204 -46.88 18.06 26.35
CA ILE D 204 -48.22 17.62 25.98
C ILE D 204 -48.15 16.32 25.19
N VAL D 205 -47.12 16.20 24.36
CA VAL D 205 -46.90 14.98 23.60
C VAL D 205 -46.78 13.77 24.50
N ARG D 206 -46.14 13.94 25.66
CA ARG D 206 -45.97 12.81 26.58
C ARG D 206 -47.26 12.05 26.79
N ASP D 207 -48.38 12.77 26.93
CA ASP D 207 -49.65 12.09 27.09
C ASP D 207 -49.94 11.20 25.90
N ILE D 208 -49.74 11.74 24.70
CA ILE D 208 -49.96 10.97 23.49
C ILE D 208 -49.05 9.76 23.46
N LYS D 209 -47.84 9.93 23.97
CA LYS D 209 -46.91 8.82 24.07
C LYS D 209 -47.42 7.76 25.01
N GLU D 210 -48.14 8.18 26.05
CA GLU D 210 -48.84 7.24 26.89
C GLU D 210 -49.90 6.51 26.07
N LYS D 211 -50.81 7.30 25.51
CA LYS D 211 -52.06 6.80 24.99
C LYS D 211 -51.88 6.17 23.62
N LEU D 212 -51.28 6.90 22.70
CA LEU D 212 -51.50 6.64 21.30
C LEU D 212 -50.45 5.74 20.66
N CYS D 213 -49.36 5.45 21.33
CA CYS D 213 -48.30 4.72 20.66
C CYS D 213 -48.55 3.22 20.74
N TYR D 214 -48.01 2.51 19.77
CA TYR D 214 -47.87 1.05 19.83
C TYR D 214 -46.79 0.65 18.84
N VAL D 215 -46.25 -0.51 19.05
CA VAL D 215 -45.02 -0.88 18.38
C VAL D 215 -45.35 -1.52 17.03
N ALA D 216 -44.59 -1.13 16.01
CA ALA D 216 -44.69 -1.74 14.69
C ALA D 216 -44.31 -3.21 14.78
N LEU D 217 -45.21 -4.08 14.34
CA LEU D 217 -44.82 -5.49 14.23
C LEU D 217 -43.89 -5.73 13.04
N ASP D 218 -44.27 -5.24 11.86
CA ASP D 218 -43.42 -5.27 10.68
C ASP D 218 -43.59 -3.99 9.88
N PHE D 219 -42.48 -3.40 9.44
CA PHE D 219 -42.56 -2.03 8.94
C PHE D 219 -43.20 -2.00 7.56
N GLU D 220 -42.68 -2.82 6.65
CA GLU D 220 -43.27 -2.91 5.32
C GLU D 220 -44.74 -3.25 5.41
N ASN D 221 -45.04 -4.32 6.14
CA ASN D 221 -46.41 -4.81 6.20
C ASN D 221 -47.30 -3.74 6.80
N GLU D 222 -46.79 -3.04 7.81
CA GLU D 222 -47.54 -1.94 8.39
C GLU D 222 -47.83 -0.88 7.34
N MET D 223 -46.84 -0.53 6.51
CA MET D 223 -47.11 0.42 5.45
C MET D 223 -48.21 -0.08 4.53
N ALA D 224 -48.24 -1.39 4.28
CA ALA D 224 -49.29 -1.93 3.43
C ALA D 224 -50.66 -1.76 4.08
N THR D 225 -50.75 -2.05 5.37
CA THR D 225 -51.96 -1.78 6.11
C THR D 225 -52.28 -0.29 6.14
N ALA D 226 -51.25 0.55 6.18
CA ALA D 226 -51.44 1.99 6.19
C ALA D 226 -52.13 2.43 4.93
N ALA D 227 -51.77 1.79 3.83
CA ALA D 227 -52.46 2.05 2.58
C ALA D 227 -53.88 1.50 2.62
N SER D 228 -54.06 0.36 3.30
CA SER D 228 -55.40 -0.24 3.31
C SER D 228 -56.37 0.47 4.25
N SER D 229 -55.96 0.82 5.48
CA SER D 229 -56.94 0.93 6.54
C SER D 229 -56.77 2.21 7.34
N SER D 230 -57.86 2.60 8.02
CA SER D 230 -57.83 3.69 8.98
C SER D 230 -57.96 3.25 10.43
N SER D 231 -58.20 1.96 10.71
CA SER D 231 -58.18 1.51 12.09
C SER D 231 -56.82 1.80 12.73
N LEU D 232 -55.77 1.82 11.91
CA LEU D 232 -54.46 2.32 12.28
C LEU D 232 -54.50 3.74 12.80
N GLU D 233 -55.59 4.45 12.55
CA GLU D 233 -55.70 5.87 12.79
C GLU D 233 -56.75 6.05 13.87
N LYS D 234 -56.41 6.86 14.87
CA LYS D 234 -57.25 7.02 16.03
C LYS D 234 -57.40 8.50 16.34
N SER D 235 -58.45 8.81 17.08
CA SER D 235 -58.92 10.17 17.27
C SER D 235 -58.79 10.57 18.72
N TYR D 236 -58.17 11.71 18.96
CA TYR D 236 -57.74 12.09 20.29
C TYR D 236 -57.88 13.59 20.45
N GLU D 237 -58.19 14.00 21.67
CA GLU D 237 -58.52 15.38 21.92
C GLU D 237 -57.24 16.10 22.29
N LEU D 238 -57.24 17.40 22.05
CA LEU D 238 -56.34 18.22 22.83
C LEU D 238 -56.63 17.99 24.31
N PRO D 239 -55.63 18.15 25.17
CA PRO D 239 -55.89 18.11 26.60
C PRO D 239 -57.00 19.06 26.96
N ASP D 240 -57.07 20.18 26.26
CA ASP D 240 -58.30 20.92 26.08
C ASP D 240 -58.26 21.62 24.73
N GLY D 241 -59.42 21.84 24.15
CA GLY D 241 -59.52 22.23 22.76
C GLY D 241 -59.84 21.05 21.87
N GLN D 242 -59.08 20.90 20.79
CA GLN D 242 -59.57 20.18 19.63
C GLN D 242 -59.47 18.68 19.84
N VAL D 243 -60.23 17.95 19.03
CA VAL D 243 -59.94 16.57 18.69
C VAL D 243 -58.87 16.51 17.60
N ILE D 244 -57.93 15.58 17.77
CA ILE D 244 -56.81 15.40 16.86
C ILE D 244 -56.79 13.92 16.52
N THR D 245 -56.40 13.61 15.29
CA THR D 245 -56.51 12.23 14.86
C THR D 245 -55.28 11.87 14.03
N ILE D 246 -54.67 10.74 14.35
CA ILE D 246 -53.26 10.51 14.07
C ILE D 246 -53.08 9.18 13.36
N GLY D 247 -52.32 9.21 12.27
CA GLY D 247 -52.11 8.07 11.42
C GLY D 247 -50.90 7.25 11.82
N ASN D 248 -50.18 6.79 10.81
CA ASN D 248 -48.90 6.12 10.98
C ASN D 248 -47.95 6.90 11.86
N GLU D 249 -48.15 8.20 11.95
CA GLU D 249 -47.34 9.03 12.81
C GLU D 249 -47.19 8.47 14.21
N ARG D 250 -48.18 7.73 14.71
CA ARG D 250 -47.97 7.00 15.95
C ARG D 250 -46.90 5.93 15.82
N PHE D 251 -47.09 4.96 14.92
CA PHE D 251 -46.23 3.80 15.02
C PHE D 251 -44.84 4.11 14.50
N ARG D 252 -44.74 5.06 13.56
CA ARG D 252 -43.46 5.42 13.00
C ARG D 252 -42.46 5.83 14.07
N CYS D 253 -42.94 6.47 15.12
CA CYS D 253 -42.09 6.96 16.19
C CYS D 253 -41.18 5.91 16.80
N PRO D 254 -41.67 4.80 17.35
CA PRO D 254 -40.75 3.86 18.00
C PRO D 254 -39.69 3.30 17.07
N GLU D 255 -39.97 3.17 15.77
CA GLU D 255 -39.00 2.62 14.84
C GLU D 255 -37.66 3.34 14.92
N THR D 256 -37.69 4.61 15.30
CA THR D 256 -36.46 5.36 15.49
C THR D 256 -35.49 4.55 16.35
N LEU D 257 -36.02 3.87 17.36
CA LEU D 257 -35.16 3.06 18.20
C LEU D 257 -34.47 2.03 17.35
N PHE D 258 -35.22 1.42 16.43
CA PHE D 258 -34.61 0.43 15.56
C PHE D 258 -33.80 1.11 14.47
N GLN D 259 -34.29 2.25 13.97
CA GLN D 259 -33.58 3.05 12.97
C GLN D 259 -33.42 4.50 13.40
N PRO D 260 -32.34 4.84 14.07
CA PRO D 260 -32.04 6.24 14.37
C PRO D 260 -31.41 6.92 13.16
N SER D 261 -32.06 6.77 12.01
CA SER D 261 -31.95 7.74 10.94
C SER D 261 -32.83 8.96 11.21
N PHE D 262 -34.04 8.73 11.71
CA PHE D 262 -35.10 9.71 11.47
C PHE D 262 -34.74 11.00 12.16
N ILE D 263 -34.03 10.87 13.26
CA ILE D 263 -33.06 11.82 13.77
C ILE D 263 -31.77 11.04 13.73
N GLY D 264 -30.81 11.50 12.95
CA GLY D 264 -29.88 10.59 12.33
C GLY D 264 -28.52 10.59 13.00
N MET D 265 -28.08 9.37 13.26
CA MET D 265 -26.98 8.94 14.09
C MET D 265 -26.56 7.62 13.46
N GLU D 266 -25.33 7.18 13.72
CA GLU D 266 -25.16 5.74 13.66
C GLU D 266 -24.77 5.18 15.00
N SER D 267 -25.62 4.27 15.47
CA SER D 267 -25.36 3.15 16.34
C SER D 267 -26.49 2.21 15.94
N ALA D 268 -26.18 0.95 15.68
CA ALA D 268 -27.04 0.24 14.74
C ALA D 268 -28.40 -0.11 15.34
N GLY D 269 -28.62 0.30 16.57
CA GLY D 269 -29.93 0.32 17.19
C GLY D 269 -29.90 -0.51 18.45
N ILE D 270 -31.05 -0.59 19.10
CA ILE D 270 -31.08 -1.28 20.39
C ILE D 270 -30.61 -2.70 20.21
N HIS D 271 -31.24 -3.39 19.29
CA HIS D 271 -31.10 -4.83 19.19
C HIS D 271 -29.73 -5.21 18.66
N GLU D 272 -29.35 -4.61 17.53
CA GLU D 272 -28.01 -4.81 17.00
C GLU D 272 -26.94 -4.35 17.97
N THR D 273 -27.20 -3.31 18.76
CA THR D 273 -26.23 -2.96 19.79
C THR D 273 -26.10 -4.11 20.75
N THR D 274 -27.23 -4.70 21.09
CA THR D 274 -27.27 -5.71 22.12
C THR D 274 -26.49 -6.93 21.67
N TYR D 275 -26.80 -7.40 20.48
CA TYR D 275 -26.10 -8.57 19.94
C TYR D 275 -24.64 -8.27 19.72
N ASN D 276 -24.31 -7.04 19.32
CA ASN D 276 -22.91 -6.64 19.24
C ASN D 276 -22.24 -6.84 20.59
N SER D 277 -22.89 -6.33 21.62
CA SER D 277 -22.28 -6.25 22.94
C SER D 277 -22.17 -7.65 23.50
N ILE D 278 -23.11 -8.49 23.11
CA ILE D 278 -22.98 -9.92 23.36
C ILE D 278 -21.72 -10.43 22.71
N MET D 279 -21.58 -10.18 21.41
CA MET D 279 -20.51 -10.86 20.72
C MET D 279 -19.16 -10.39 21.22
N LYS D 280 -19.11 -9.19 21.78
CA LYS D 280 -18.00 -8.83 22.67
C LYS D 280 -17.85 -9.83 23.80
N CYS D 281 -18.90 -10.01 24.59
CA CYS D 281 -18.80 -10.89 25.74
C CYS D 281 -18.63 -12.34 25.29
N ASP D 282 -18.21 -13.18 26.22
CA ASP D 282 -17.55 -14.42 25.87
C ASP D 282 -18.59 -15.48 25.52
N ILE D 283 -18.11 -16.66 25.17
CA ILE D 283 -18.89 -17.53 24.31
C ILE D 283 -19.90 -18.34 25.13
N ASP D 284 -19.43 -18.91 26.23
CA ASP D 284 -20.26 -19.89 26.93
C ASP D 284 -21.47 -19.24 27.60
N ILE D 285 -21.28 -18.09 28.22
CA ILE D 285 -22.34 -17.45 28.99
C ILE D 285 -23.59 -17.28 28.15
N ARG D 286 -23.42 -17.12 26.84
CA ARG D 286 -24.39 -16.43 26.00
C ARG D 286 -25.77 -17.04 26.14
N LYS D 287 -25.86 -18.38 26.23
CA LYS D 287 -27.15 -19.04 26.27
C LYS D 287 -28.00 -18.46 27.39
N ASP D 288 -27.39 -18.27 28.55
CA ASP D 288 -28.14 -17.77 29.69
C ASP D 288 -28.82 -16.47 29.32
N LEU D 289 -28.09 -15.60 28.65
CA LEU D 289 -28.61 -14.30 28.33
C LEU D 289 -29.69 -14.42 27.26
N TYR D 290 -29.48 -15.34 26.33
CA TYR D 290 -30.54 -15.69 25.38
C TYR D 290 -31.80 -16.07 26.13
N ALA D 291 -31.64 -16.74 27.27
CA ALA D 291 -32.76 -17.03 28.15
C ALA D 291 -33.17 -15.79 28.91
N ASN D 292 -32.20 -15.13 29.55
CA ASN D 292 -32.51 -14.08 30.50
C ASN D 292 -32.30 -12.75 29.80
N ASN D 293 -33.40 -12.11 29.45
CA ASN D 293 -33.37 -10.88 28.69
C ASN D 293 -34.42 -9.95 29.26
N VAL D 294 -34.03 -8.75 29.63
CA VAL D 294 -34.80 -7.98 30.59
C VAL D 294 -34.81 -6.53 30.14
N MET D 295 -35.95 -5.89 30.35
CA MET D 295 -36.24 -4.60 29.77
C MET D 295 -37.04 -3.83 30.80
N SER D 296 -36.97 -2.50 30.75
CA SER D 296 -37.71 -1.73 31.75
C SER D 296 -37.90 -0.30 31.28
N GLY D 297 -38.77 0.39 32.00
CA GLY D 297 -38.99 1.82 32.03
C GLY D 297 -39.52 2.44 30.74
N GLY D 298 -39.12 3.70 30.54
CA GLY D 298 -39.96 4.64 29.80
C GLY D 298 -40.39 4.20 28.43
N THR D 299 -39.44 3.80 27.60
CA THR D 299 -39.82 3.37 26.26
C THR D 299 -40.56 2.04 26.32
N THR D 300 -40.10 1.15 27.19
CA THR D 300 -40.60 -0.21 27.18
C THR D 300 -42.09 -0.26 27.42
N MET D 301 -42.65 0.78 28.04
CA MET D 301 -44.07 0.83 28.32
C MET D 301 -44.90 0.47 27.10
N TYR D 302 -44.42 0.87 25.92
CA TYR D 302 -45.14 0.62 24.69
C TYR D 302 -45.52 -0.86 24.58
N PRO D 303 -46.74 -1.17 24.19
CA PRO D 303 -47.07 -2.55 23.82
C PRO D 303 -46.31 -3.01 22.60
N GLY D 304 -45.66 -4.17 22.72
CA GLY D 304 -45.20 -4.92 21.58
C GLY D 304 -43.71 -4.95 21.40
N ILE D 305 -42.96 -4.10 22.11
CA ILE D 305 -41.52 -4.00 21.89
C ILE D 305 -40.87 -5.37 21.98
N ALA D 306 -41.19 -6.10 23.05
CA ALA D 306 -40.55 -7.38 23.30
C ALA D 306 -40.71 -8.32 22.12
N ASP D 307 -41.88 -8.28 21.49
CA ASP D 307 -42.13 -9.18 20.37
C ASP D 307 -41.21 -8.88 19.20
N ARG D 308 -41.14 -7.62 18.77
CA ARG D 308 -40.31 -7.38 17.60
C ARG D 308 -38.86 -7.56 17.97
N MET D 309 -38.50 -7.28 19.23
CA MET D 309 -37.16 -7.56 19.71
C MET D 309 -36.83 -9.02 19.50
N GLN D 310 -37.76 -9.89 19.89
CA GLN D 310 -37.55 -11.32 19.75
C GLN D 310 -37.43 -11.68 18.28
N LYS D 311 -38.26 -11.06 17.45
CA LYS D 311 -38.15 -11.24 16.01
C LYS D 311 -36.75 -10.89 15.54
N GLU D 312 -36.19 -9.83 16.10
CA GLU D 312 -34.88 -9.35 15.69
C GLU D 312 -33.81 -10.33 16.11
N ILE D 313 -33.92 -10.81 17.34
CA ILE D 313 -32.95 -11.75 17.85
C ILE D 313 -33.02 -13.06 17.09
N THR D 314 -34.24 -13.53 16.81
CA THR D 314 -34.39 -14.68 15.93
C THR D 314 -33.79 -14.45 14.56
N ALA D 315 -33.76 -13.20 14.11
CA ALA D 315 -32.97 -12.90 12.94
C ALA D 315 -31.50 -13.13 13.22
N LEU D 316 -31.00 -12.55 14.30
CA LEU D 316 -29.57 -12.49 14.51
C LEU D 316 -29.03 -13.72 15.23
N ALA D 317 -29.79 -14.27 16.18
CA ALA D 317 -29.37 -15.49 16.81
C ALA D 317 -29.28 -16.62 15.80
N PRO D 318 -28.41 -17.60 16.01
CA PRO D 318 -28.65 -18.93 15.45
C PRO D 318 -29.94 -19.48 16.03
N SER D 319 -30.91 -19.75 15.15
CA SER D 319 -32.25 -20.08 15.62
C SER D 319 -32.24 -21.27 16.56
N THR D 320 -31.20 -22.09 16.46
CA THR D 320 -31.13 -23.36 17.19
C THR D 320 -31.41 -23.24 18.67
N MET D 321 -31.08 -22.10 19.28
CA MET D 321 -31.09 -22.01 20.74
C MET D 321 -32.22 -21.16 21.28
N LYS D 322 -32.71 -21.56 22.46
CA LYS D 322 -33.85 -20.94 23.10
C LYS D 322 -33.65 -19.43 23.19
N ILE D 323 -34.75 -18.68 23.03
CA ILE D 323 -34.75 -17.24 23.25
C ILE D 323 -36.04 -16.84 23.94
N LYS D 324 -35.92 -15.94 24.90
CA LYS D 324 -37.09 -15.28 25.47
C LYS D 324 -36.63 -13.98 26.10
N ILE D 325 -37.60 -13.12 26.40
CA ILE D 325 -37.35 -11.84 27.06
C ILE D 325 -38.34 -11.70 28.20
N ILE D 326 -37.98 -10.87 29.18
CA ILE D 326 -38.88 -10.58 30.28
C ILE D 326 -39.44 -9.19 30.06
N ALA D 327 -40.74 -9.04 30.31
CA ALA D 327 -41.43 -7.75 30.23
C ALA D 327 -42.35 -7.55 31.42
N PRO D 328 -41.80 -7.25 32.59
CA PRO D 328 -42.62 -7.20 33.79
C PRO D 328 -43.62 -6.07 33.72
N PRO D 329 -44.68 -6.11 34.52
CA PRO D 329 -45.64 -5.00 34.45
C PRO D 329 -45.06 -3.70 34.93
N GLU D 330 -44.26 -3.76 35.98
CA GLU D 330 -43.98 -2.61 36.84
C GLU D 330 -42.73 -1.83 36.46
N ARG D 331 -42.25 -2.02 35.23
CA ARG D 331 -40.86 -1.72 34.88
C ARG D 331 -40.48 -0.29 35.24
N LYS D 332 -41.38 0.65 34.95
CA LYS D 332 -41.10 2.06 35.20
C LYS D 332 -40.79 2.34 36.66
N TYR D 333 -41.42 1.62 37.58
CA TYR D 333 -41.05 1.71 38.97
C TYR D 333 -39.85 0.86 39.36
N SER D 334 -39.40 -0.01 38.46
CA SER D 334 -38.62 -1.16 38.86
C SER D 334 -37.44 -0.68 39.66
N VAL D 335 -36.79 0.36 39.16
CA VAL D 335 -35.52 0.80 39.70
C VAL D 335 -35.67 1.12 41.18
N TRP D 336 -36.65 1.97 41.51
CA TRP D 336 -36.75 2.38 42.89
C TRP D 336 -37.12 1.18 43.74
N ILE D 337 -37.88 0.25 43.16
CA ILE D 337 -38.23 -0.95 43.92
C ILE D 337 -36.97 -1.71 44.28
N GLY D 338 -36.14 -1.94 43.27
CA GLY D 338 -34.88 -2.61 43.49
C GLY D 338 -34.05 -1.86 44.50
N GLY D 339 -34.07 -0.53 44.41
CA GLY D 339 -33.37 0.28 45.38
C GLY D 339 -33.83 -0.03 46.79
N SER D 340 -35.14 -0.24 46.95
CA SER D 340 -35.65 -0.56 48.28
C SER D 340 -35.03 -1.87 48.77
N ILE D 341 -35.02 -2.87 47.89
CA ILE D 341 -34.35 -4.12 48.23
C ILE D 341 -32.90 -3.84 48.61
N LEU D 342 -32.22 -3.05 47.78
CA LEU D 342 -30.83 -2.72 47.99
C LEU D 342 -30.64 -2.09 49.35
N ALA D 343 -31.61 -1.29 49.76
CA ALA D 343 -31.53 -0.61 51.03
C ALA D 343 -31.64 -1.63 52.14
N SER D 344 -32.37 -2.71 51.89
CA SER D 344 -32.78 -3.54 53.00
C SER D 344 -31.56 -4.20 53.63
N LEU D 345 -30.64 -4.72 52.82
CA LEU D 345 -29.64 -5.65 53.36
C LEU D 345 -28.57 -4.95 54.18
N SER D 346 -28.28 -5.54 55.34
CA SER D 346 -27.38 -4.98 56.33
C SER D 346 -26.00 -4.68 55.79
N THR D 347 -25.56 -5.43 54.78
CA THR D 347 -24.25 -5.22 54.19
C THR D 347 -23.92 -3.79 53.81
N PHE D 348 -24.89 -2.99 53.40
CA PHE D 348 -24.58 -1.59 53.19
C PHE D 348 -24.12 -0.87 54.45
N GLN D 349 -24.53 -1.34 55.63
CA GLN D 349 -23.92 -0.82 56.84
C GLN D 349 -22.41 -1.00 56.80
N GLN D 350 -21.94 -2.14 56.30
CA GLN D 350 -20.53 -2.27 55.97
C GLN D 350 -20.15 -1.28 54.90
N MET D 351 -21.08 -1.01 53.98
CA MET D 351 -20.76 -0.40 52.70
C MET D 351 -21.01 1.09 52.62
N TRP D 352 -21.95 1.65 53.39
CA TRP D 352 -22.24 3.07 53.21
C TRP D 352 -20.98 3.90 53.35
N ILE D 353 -20.98 5.03 52.65
CA ILE D 353 -20.14 6.14 53.06
C ILE D 353 -20.65 6.66 54.39
N THR D 354 -19.73 7.13 55.22
CA THR D 354 -20.10 7.87 56.41
C THR D 354 -19.52 9.27 56.39
N LYS D 355 -20.11 10.14 57.21
CA LYS D 355 -19.67 11.52 57.27
C LYS D 355 -18.18 11.58 57.57
N GLN D 356 -17.71 10.62 58.36
CA GLN D 356 -16.33 10.63 58.84
C GLN D 356 -15.37 10.64 57.66
N GLU D 357 -15.58 9.75 56.71
CA GLU D 357 -14.71 9.73 55.54
C GLU D 357 -14.76 11.06 54.83
N TYR D 358 -15.97 11.59 54.62
CA TYR D 358 -16.11 12.85 53.92
C TYR D 358 -15.34 13.94 54.65
N ASP D 359 -15.22 13.79 55.96
CA ASP D 359 -14.36 14.67 56.72
C ASP D 359 -12.90 14.41 56.34
N GLU D 360 -12.51 13.15 56.31
CA GLU D 360 -11.10 12.81 56.29
C GLU D 360 -10.56 12.70 54.88
N ALA D 361 -11.43 12.64 53.88
CA ALA D 361 -11.01 12.62 52.49
C ALA D 361 -12.17 13.14 51.65
N GLY D 362 -11.88 13.41 50.38
CA GLY D 362 -12.73 14.29 49.62
C GLY D 362 -13.89 13.54 49.01
N PRO D 363 -14.51 14.14 48.00
CA PRO D 363 -15.29 13.35 47.03
C PRO D 363 -14.52 12.20 46.41
N SER D 364 -13.19 12.30 46.34
CA SER D 364 -12.39 11.23 45.74
C SER D 364 -12.74 9.87 46.31
N ILE D 365 -13.17 9.85 47.58
CA ILE D 365 -13.48 8.61 48.26
C ILE D 365 -14.37 7.74 47.40
N VAL D 366 -15.42 8.36 46.86
CA VAL D 366 -16.46 7.62 46.16
C VAL D 366 -15.85 6.70 45.13
N HIS D 367 -14.94 7.25 44.31
CA HIS D 367 -14.72 6.59 43.05
C HIS D 367 -13.92 5.31 43.25
N ARG D 368 -13.09 5.27 44.29
CA ARG D 368 -12.65 3.96 44.76
C ARG D 368 -13.84 3.20 45.33
N LYS D 369 -14.54 3.84 46.27
CA LYS D 369 -15.32 3.07 47.23
C LYS D 369 -16.55 2.49 46.57
N CYS D 370 -17.23 3.29 45.76
CA CYS D 370 -18.38 2.80 45.02
C CYS D 370 -17.91 2.28 43.67
N PHE D 371 -18.78 1.57 42.98
CA PHE D 371 -18.59 1.39 41.56
C PHE D 371 -18.69 2.73 40.85
N THR E 1 -38.62 24.25 -26.99
CA THR E 1 -39.29 25.12 -26.04
C THR E 1 -38.40 25.52 -24.87
N THR E 2 -39.03 26.01 -23.81
CA THR E 2 -38.36 26.82 -22.80
C THR E 2 -39.07 26.59 -21.48
N ALA E 3 -38.42 27.02 -20.40
CA ALA E 3 -38.77 26.57 -19.06
C ALA E 3 -38.92 27.75 -18.11
N LEU E 4 -39.92 27.66 -17.25
CA LEU E 4 -40.47 28.82 -16.57
C LEU E 4 -40.58 28.45 -15.09
N VAL E 5 -40.33 29.41 -14.23
CA VAL E 5 -40.28 29.18 -12.80
C VAL E 5 -41.12 30.22 -12.09
N CYS E 6 -42.00 29.76 -11.23
CA CYS E 6 -42.70 30.60 -10.28
C CYS E 6 -41.95 30.58 -8.96
N ASP E 7 -41.72 31.75 -8.39
CA ASP E 7 -41.40 31.88 -6.98
C ASP E 7 -42.69 32.14 -6.22
N ASN E 8 -42.97 31.27 -5.25
CA ASN E 8 -44.02 31.52 -4.28
C ASN E 8 -43.50 31.64 -2.86
N GLY E 9 -42.20 31.92 -2.71
CA GLY E 9 -41.74 32.58 -1.52
C GLY E 9 -42.57 33.82 -1.29
N SER E 10 -43.02 34.04 -0.06
CA SER E 10 -44.11 34.97 0.16
C SER E 10 -43.57 36.40 0.14
N GLY E 11 -44.47 37.35 0.26
CA GLY E 11 -44.17 38.68 -0.21
C GLY E 11 -44.49 38.76 -1.69
N LEU E 12 -43.89 39.75 -2.35
CA LEU E 12 -44.16 39.88 -3.76
C LEU E 12 -43.64 38.65 -4.48
N VAL E 13 -44.33 38.28 -5.55
CA VAL E 13 -44.21 36.94 -6.13
C VAL E 13 -43.54 37.04 -7.49
N LYS E 14 -42.62 36.11 -7.74
CA LYS E 14 -41.52 36.30 -8.67
C LYS E 14 -41.55 35.16 -9.68
N ALA E 15 -41.46 35.51 -10.95
CA ALA E 15 -41.72 34.54 -12.00
C ALA E 15 -40.93 34.92 -13.24
N GLY E 16 -40.33 33.93 -13.88
CA GLY E 16 -39.39 34.20 -14.95
C GLY E 16 -38.82 32.95 -15.58
N PHE E 17 -38.42 33.09 -16.84
CA PHE E 17 -37.91 31.97 -17.60
C PHE E 17 -36.50 31.63 -17.13
N ALA E 18 -36.09 30.40 -17.40
CA ALA E 18 -34.70 30.04 -17.17
C ALA E 18 -33.80 30.93 -18.01
N GLY E 19 -32.87 31.62 -17.36
CA GLY E 19 -31.74 32.20 -18.03
C GLY E 19 -31.82 33.71 -18.15
N ASP E 20 -33.02 34.28 -18.06
CA ASP E 20 -33.12 35.68 -17.68
C ASP E 20 -32.44 35.92 -16.34
N ASP E 21 -31.84 37.10 -16.21
CA ASP E 21 -31.13 37.46 -15.00
C ASP E 21 -32.08 37.77 -13.84
N ALA E 22 -33.28 38.23 -14.12
CA ALA E 22 -34.19 38.65 -13.06
C ALA E 22 -35.63 38.50 -13.53
N PRO E 23 -36.57 38.22 -12.63
CA PRO E 23 -37.92 37.87 -13.08
C PRO E 23 -38.55 39.08 -13.75
N ARG E 24 -39.52 38.80 -14.61
CA ARG E 24 -40.07 39.87 -15.44
C ARG E 24 -40.75 40.93 -14.59
N ALA E 25 -41.57 40.50 -13.63
CA ALA E 25 -42.17 41.42 -12.66
C ALA E 25 -42.69 40.58 -11.50
N VAL E 26 -43.21 41.27 -10.49
CA VAL E 26 -43.30 40.71 -9.15
C VAL E 26 -44.52 41.30 -8.45
N PHE E 27 -45.22 40.48 -7.69
CA PHE E 27 -46.50 40.88 -7.15
C PHE E 27 -46.70 40.42 -5.72
N PRO E 28 -47.36 41.25 -4.91
CA PRO E 28 -47.33 41.05 -3.46
C PRO E 28 -47.99 39.78 -2.98
N SER E 29 -48.90 39.21 -3.76
CA SER E 29 -49.88 38.25 -3.28
C SER E 29 -50.84 38.83 -2.25
N ILE E 30 -51.04 40.15 -2.24
CA ILE E 30 -52.24 40.68 -1.63
C ILE E 30 -53.43 40.12 -2.38
N VAL E 31 -54.50 39.81 -1.64
CA VAL E 31 -55.82 39.76 -2.26
C VAL E 31 -56.80 40.63 -1.48
N GLY E 32 -57.72 41.24 -2.22
CA GLY E 32 -58.59 42.25 -1.66
C GLY E 32 -59.91 42.27 -2.36
N ARG E 33 -60.94 42.70 -1.65
CA ARG E 33 -62.28 42.77 -2.20
C ARG E 33 -63.00 44.04 -1.79
N PRO E 34 -64.12 44.37 -2.44
CA PRO E 34 -64.86 45.59 -2.10
C PRO E 34 -65.31 45.61 -0.65
N ARG E 35 -65.54 46.81 -0.15
CA ARG E 35 -66.06 47.02 1.19
C ARG E 35 -67.38 47.77 1.22
N HIS E 36 -67.82 48.37 0.11
CA HIS E 36 -68.92 49.29 0.14
C HIS E 36 -69.86 49.03 -1.03
N GLN E 37 -71.12 49.40 -0.83
CA GLN E 37 -72.09 49.33 -1.92
C GLN E 37 -71.53 50.01 -3.16
N GLY E 38 -71.69 49.35 -4.30
CA GLY E 38 -71.20 49.92 -5.53
C GLY E 38 -72.20 50.85 -6.14
N VAL E 39 -71.83 52.12 -6.19
CA VAL E 39 -72.80 53.19 -6.33
C VAL E 39 -72.57 54.01 -7.59
N MET E 40 -71.41 53.91 -8.23
CA MET E 40 -71.34 54.19 -9.65
C MET E 40 -71.91 52.97 -10.37
N VAL E 41 -73.12 53.12 -10.90
CA VAL E 41 -73.68 52.12 -11.80
C VAL E 41 -72.88 51.99 -13.08
N GLY E 42 -72.24 53.07 -13.52
CA GLY E 42 -71.33 52.97 -14.65
C GLY E 42 -70.20 52.01 -14.45
N MET E 43 -69.72 51.87 -13.22
CA MET E 43 -68.63 50.95 -12.94
C MET E 43 -69.01 49.50 -13.22
N GLY E 44 -68.09 48.77 -13.84
CA GLY E 44 -68.13 47.32 -13.81
C GLY E 44 -67.73 46.84 -12.44
N GLN E 45 -68.56 45.98 -11.84
CA GLN E 45 -68.17 45.34 -10.59
C GLN E 45 -67.31 44.11 -10.83
N LYS E 46 -66.08 44.19 -10.36
CA LYS E 46 -65.19 43.05 -10.16
C LYS E 46 -65.05 42.83 -8.66
N ASP E 47 -65.18 41.59 -8.21
CA ASP E 47 -65.40 41.37 -6.79
C ASP E 47 -64.11 41.03 -6.05
N SER E 48 -63.01 40.85 -6.77
CA SER E 48 -61.73 40.46 -6.20
C SER E 48 -60.61 41.15 -6.95
N TYR E 49 -59.58 41.56 -6.22
CA TYR E 49 -58.51 42.33 -6.82
C TYR E 49 -57.18 42.01 -6.15
N VAL E 50 -56.13 42.08 -6.93
CA VAL E 50 -54.83 41.51 -6.62
C VAL E 50 -53.78 42.39 -7.27
N GLY E 51 -52.59 42.38 -6.68
CA GLY E 51 -51.44 42.92 -7.38
C GLY E 51 -51.46 44.43 -7.33
N ASP E 52 -50.47 45.03 -8.00
CA ASP E 52 -50.35 46.49 -8.00
C ASP E 52 -51.65 47.16 -8.42
N GLU E 53 -52.48 46.48 -9.21
CA GLU E 53 -53.80 47.00 -9.52
C GLU E 53 -54.55 47.31 -8.24
N ALA E 54 -54.59 46.30 -7.36
CA ALA E 54 -55.18 46.51 -6.04
C ALA E 54 -54.37 47.54 -5.26
N GLN E 55 -53.04 47.46 -5.33
CA GLN E 55 -52.19 48.35 -4.57
C GLN E 55 -52.55 49.80 -4.85
N SER E 56 -53.00 50.06 -6.07
CA SER E 56 -53.53 51.37 -6.37
C SER E 56 -54.93 51.49 -5.77
N LYS E 57 -55.77 50.50 -6.05
CA LYS E 57 -57.21 50.57 -5.82
C LYS E 57 -57.58 50.49 -4.33
N ARG E 58 -56.59 50.30 -3.46
CA ARG E 58 -56.77 49.66 -2.16
C ARG E 58 -57.98 50.16 -1.37
N GLY E 59 -58.17 51.48 -1.33
CA GLY E 59 -58.84 52.08 -0.18
C GLY E 59 -60.19 51.50 0.17
N ILE E 60 -61.07 51.35 -0.81
CA ILE E 60 -62.34 50.66 -0.57
C ILE E 60 -62.19 49.14 -0.61
N LEU E 61 -61.21 48.62 -1.32
CA LEU E 61 -60.93 47.21 -1.14
C LEU E 61 -60.48 46.97 0.28
N THR E 62 -60.72 45.75 0.75
CA THR E 62 -60.09 45.28 1.96
C THR E 62 -59.37 43.99 1.68
N LEU E 63 -58.30 43.77 2.43
CA LEU E 63 -57.33 42.76 2.10
C LEU E 63 -57.66 41.44 2.75
N LYS E 64 -57.43 40.36 2.02
CA LYS E 64 -57.16 39.08 2.62
C LYS E 64 -55.73 38.71 2.27
N TYR E 65 -55.13 37.87 3.10
CA TYR E 65 -53.71 37.58 2.94
C TYR E 65 -53.52 36.07 2.84
N PRO E 66 -53.27 35.55 1.64
CA PRO E 66 -53.60 34.16 1.35
C PRO E 66 -52.56 33.19 1.88
N ILE E 67 -51.48 33.70 2.43
CA ILE E 67 -50.46 32.89 3.08
C ILE E 67 -50.30 33.40 4.50
N GLU E 68 -50.72 32.60 5.48
CA GLU E 68 -50.16 32.76 6.81
C GLU E 68 -48.91 31.93 6.96
N HIC E 69 -48.05 32.36 7.86
CA HIC E 69 -46.91 31.60 8.30
C HIC E 69 -46.31 30.72 7.24
O HIC E 69 -46.07 29.53 7.40
CB HIC E 69 -47.23 30.66 9.47
CG HIC E 69 -48.23 31.25 10.37
ND1 HIC E 69 -48.42 32.62 10.59
CD2 HIC E 69 -49.17 30.51 11.12
CE1 HIC E 69 -49.44 32.72 11.45
NE2 HIC E 69 -49.94 31.46 11.81
CZ HIC E 69 -51.00 31.18 12.70
N GLY E 70 -46.12 31.31 6.07
CA GLY E 70 -45.76 30.51 4.92
C GLY E 70 -46.75 29.47 4.45
N ILE E 71 -47.79 29.18 5.22
CA ILE E 71 -48.82 28.26 4.77
C ILE E 71 -49.93 29.01 4.04
N ILE E 72 -50.18 28.57 2.82
CA ILE E 72 -51.08 29.26 1.90
C ILE E 72 -52.53 28.99 2.33
N THR E 73 -53.29 30.06 2.54
CA THR E 73 -54.48 29.92 3.38
C THR E 73 -55.66 29.38 2.58
N ASN E 74 -55.89 29.87 1.37
CA ASN E 74 -57.16 29.61 0.69
C ASN E 74 -56.95 29.37 -0.79
N TRP E 75 -57.22 28.13 -1.22
CA TRP E 75 -56.63 27.65 -2.47
C TRP E 75 -57.19 28.41 -3.65
N ASP E 76 -58.51 28.55 -3.71
CA ASP E 76 -59.15 29.15 -4.88
C ASP E 76 -58.68 30.57 -5.09
N ASP E 77 -58.39 31.27 -3.99
CA ASP E 77 -57.81 32.59 -4.10
C ASP E 77 -56.46 32.50 -4.78
N MET E 78 -55.65 31.54 -4.34
CA MET E 78 -54.35 31.33 -4.97
C MET E 78 -54.56 31.15 -6.46
N GLU E 79 -55.56 30.34 -6.82
CA GLU E 79 -55.80 30.02 -8.20
C GLU E 79 -56.12 31.27 -8.98
N LYS E 80 -56.86 32.18 -8.36
CA LYS E 80 -57.12 33.47 -8.98
C LYS E 80 -55.81 34.17 -9.24
N ILE E 81 -54.98 34.22 -8.21
CA ILE E 81 -53.74 34.97 -8.29
C ILE E 81 -52.92 34.41 -9.43
N TRP E 82 -52.85 33.10 -9.45
CA TRP E 82 -51.93 32.35 -10.28
C TRP E 82 -52.34 32.56 -11.73
N HIS E 83 -53.65 32.41 -11.98
CA HIS E 83 -54.19 32.59 -13.31
C HIS E 83 -53.88 33.98 -13.79
N HIS E 84 -54.13 34.96 -12.93
CA HIS E 84 -53.88 36.33 -13.30
C HIS E 84 -52.44 36.47 -13.70
N THR E 85 -51.54 35.94 -12.88
CA THR E 85 -50.13 36.19 -13.10
C THR E 85 -49.72 35.66 -14.46
N PHE E 86 -50.14 34.43 -14.77
CA PHE E 86 -49.80 33.87 -16.07
C PHE E 86 -50.29 34.77 -17.17
N TYR E 87 -51.58 35.05 -17.16
CA TYR E 87 -52.15 35.60 -18.37
C TYR E 87 -51.76 37.06 -18.49
N ASN E 88 -51.87 37.80 -17.40
CA ASN E 88 -51.67 39.23 -17.46
C ASN E 88 -50.20 39.58 -17.58
N GLU E 89 -49.34 39.09 -16.68
CA GLU E 89 -47.95 39.42 -16.91
C GLU E 89 -47.38 38.54 -18.02
N LEU E 90 -47.50 37.24 -17.85
CA LEU E 90 -46.64 36.32 -18.57
C LEU E 90 -47.07 36.08 -20.00
N ARG E 91 -48.36 36.26 -20.28
CA ARG E 91 -48.93 35.89 -21.56
C ARG E 91 -48.52 34.45 -21.87
N VAL E 92 -48.77 33.57 -20.91
CA VAL E 92 -48.31 32.19 -20.98
C VAL E 92 -49.44 31.21 -20.71
N ALA E 93 -49.37 30.06 -21.39
CA ALA E 93 -50.31 28.97 -21.38
C ALA E 93 -49.69 27.77 -20.69
N PRO E 94 -50.46 27.00 -19.93
CA PRO E 94 -49.86 26.07 -18.95
C PRO E 94 -49.02 25.01 -19.62
N GLU E 95 -49.37 24.67 -20.85
CA GLU E 95 -48.61 23.72 -21.65
C GLU E 95 -47.19 24.19 -21.92
N GLU E 96 -46.88 25.46 -21.73
CA GLU E 96 -45.79 26.03 -22.49
C GLU E 96 -44.42 25.60 -21.97
N HIS E 97 -44.32 25.27 -20.69
CA HIS E 97 -43.03 25.08 -20.04
C HIS E 97 -43.18 24.06 -18.94
N PRO E 98 -42.09 23.46 -18.50
CA PRO E 98 -42.07 22.95 -17.13
C PRO E 98 -42.14 24.12 -16.17
N THR E 99 -42.69 23.85 -15.00
CA THR E 99 -42.84 24.87 -13.98
C THR E 99 -42.37 24.40 -12.62
N LEU E 100 -41.76 25.31 -11.89
CA LEU E 100 -40.95 24.97 -10.73
C LEU E 100 -41.52 25.74 -9.56
N LEU E 101 -41.63 25.07 -8.43
CA LEU E 101 -42.37 25.57 -7.29
C LEU E 101 -41.45 25.68 -6.10
N THR E 102 -41.72 26.65 -5.24
CA THR E 102 -40.76 27.12 -4.28
C THR E 102 -41.41 27.06 -2.92
N GLU E 103 -40.79 26.33 -2.01
CA GLU E 103 -41.51 25.85 -0.86
C GLU E 103 -40.74 26.17 0.41
N ALA E 104 -41.47 26.59 1.42
CA ALA E 104 -40.99 26.43 2.77
C ALA E 104 -40.65 24.97 3.02
N PRO E 105 -39.52 24.67 3.63
CA PRO E 105 -39.22 23.28 3.99
C PRO E 105 -40.01 22.86 5.21
N LEU E 106 -40.07 21.56 5.42
CA LEU E 106 -40.61 20.99 6.65
C LEU E 106 -42.00 21.54 6.99
N ASN E 107 -42.90 21.48 6.03
CA ASN E 107 -44.22 22.00 6.32
C ASN E 107 -45.29 21.11 5.68
N PRO E 108 -46.56 21.25 6.04
CA PRO E 108 -47.50 20.12 5.92
C PRO E 108 -47.68 19.66 4.48
N LYS E 109 -47.87 18.34 4.34
CA LYS E 109 -47.91 17.71 3.04
C LYS E 109 -48.95 18.37 2.15
N ALA E 110 -50.03 18.85 2.78
CA ALA E 110 -51.20 19.31 2.05
C ALA E 110 -50.82 20.32 0.97
N ASN E 111 -49.89 21.21 1.31
CA ASN E 111 -49.52 22.21 0.32
C ASN E 111 -48.94 21.54 -0.90
N ARG E 112 -48.15 20.50 -0.69
CA ARG E 112 -47.64 19.73 -1.81
C ARG E 112 -48.78 19.17 -2.61
N GLU E 113 -49.66 18.43 -1.93
CA GLU E 113 -50.60 17.59 -2.67
C GLU E 113 -51.60 18.43 -3.44
N LYS E 114 -52.25 19.39 -2.77
CA LYS E 114 -53.17 20.24 -3.52
C LYS E 114 -52.46 21.09 -4.56
N MET E 115 -51.29 21.65 -4.24
CA MET E 115 -50.63 22.47 -5.24
C MET E 115 -50.43 21.70 -6.53
N THR E 116 -49.84 20.51 -6.41
CA THR E 116 -49.61 19.69 -7.59
C THR E 116 -50.93 19.29 -8.24
N GLN E 117 -51.91 18.93 -7.43
CA GLN E 117 -53.16 18.44 -7.97
C GLN E 117 -53.79 19.50 -8.84
N ILE E 118 -53.91 20.70 -8.29
CA ILE E 118 -54.48 21.82 -9.00
C ILE E 118 -53.70 22.09 -10.28
N MET E 119 -52.39 22.23 -10.15
CA MET E 119 -51.61 22.75 -11.26
C MET E 119 -51.48 21.75 -12.39
N PHE E 120 -51.49 20.46 -12.09
CA PHE E 120 -51.61 19.48 -13.17
C PHE E 120 -53.02 19.41 -13.72
N GLU E 121 -54.03 19.57 -12.88
CA GLU E 121 -55.38 19.47 -13.40
C GLU E 121 -55.87 20.81 -13.93
N THR E 122 -55.80 21.85 -13.11
CA THR E 122 -56.46 23.10 -13.45
C THR E 122 -55.70 23.81 -14.55
N PHE E 123 -54.40 23.94 -14.34
CA PHE E 123 -53.45 24.14 -15.40
C PHE E 123 -53.00 22.77 -15.87
N ASN E 124 -52.59 22.69 -17.12
CA ASN E 124 -52.03 21.44 -17.62
C ASN E 124 -50.65 21.70 -18.19
N VAL E 125 -49.64 21.16 -17.53
CA VAL E 125 -48.31 21.75 -17.58
C VAL E 125 -47.26 20.65 -17.72
N PRO E 126 -46.30 20.80 -18.64
CA PRO E 126 -45.50 19.64 -19.03
C PRO E 126 -44.80 18.97 -17.88
N ALA E 127 -44.18 19.74 -16.99
CA ALA E 127 -43.36 19.17 -15.94
C ALA E 127 -43.40 20.07 -14.72
N MET E 128 -43.37 19.45 -13.55
CA MET E 128 -43.54 20.16 -12.29
C MET E 128 -42.43 19.80 -11.32
N TYR E 129 -42.02 20.79 -10.53
CA TYR E 129 -41.11 20.54 -9.43
C TYR E 129 -41.34 21.55 -8.31
N VAL E 130 -41.07 21.10 -7.09
CA VAL E 130 -41.13 21.92 -5.90
C VAL E 130 -39.80 21.76 -5.18
N ALA E 131 -39.20 22.87 -4.79
CA ALA E 131 -37.83 22.88 -4.34
C ALA E 131 -37.69 23.71 -3.08
N ILE E 132 -36.76 23.30 -2.23
CA ILE E 132 -36.57 23.90 -0.92
C ILE E 132 -35.59 25.05 -1.03
N GLN E 133 -35.93 26.11 -0.30
CA GLN E 133 -35.33 27.42 -0.51
C GLN E 133 -33.82 27.36 -0.47
N ALA E 134 -33.29 26.70 0.58
CA ALA E 134 -31.86 26.73 0.86
C ALA E 134 -31.05 26.22 -0.31
N VAL E 135 -31.58 25.25 -1.03
CA VAL E 135 -30.85 24.69 -2.15
C VAL E 135 -30.56 25.79 -3.15
N LEU E 136 -31.61 26.54 -3.49
CA LEU E 136 -31.44 27.65 -4.40
C LEU E 136 -30.47 28.64 -3.81
N SER E 137 -30.59 28.90 -2.51
CA SER E 137 -29.75 29.90 -1.90
C SER E 137 -28.28 29.55 -2.07
N LEU E 138 -27.95 28.26 -1.89
CA LEU E 138 -26.58 27.83 -2.14
C LEU E 138 -26.21 28.01 -3.59
N TYR E 139 -27.06 27.50 -4.48
CA TYR E 139 -26.67 27.52 -5.89
C TYR E 139 -26.35 28.93 -6.32
N ALA E 140 -27.20 29.88 -5.93
CA ALA E 140 -26.95 31.26 -6.32
C ALA E 140 -25.69 31.75 -5.64
N SER E 141 -25.57 31.49 -4.34
CA SER E 141 -24.39 31.94 -3.61
C SER E 141 -23.16 31.13 -3.96
N GLY E 142 -23.34 29.97 -4.59
CA GLY E 142 -22.25 29.18 -5.11
C GLY E 142 -21.21 28.79 -4.08
N ARG E 143 -21.64 28.18 -2.98
CA ARG E 143 -20.74 27.44 -2.09
C ARG E 143 -21.47 26.17 -1.67
N THR E 144 -20.93 25.01 -2.07
CA THR E 144 -21.72 23.79 -2.02
C THR E 144 -22.15 23.42 -0.61
N THR E 145 -21.33 23.69 0.38
CA THR E 145 -21.75 23.61 1.77
C THR E 145 -22.45 24.90 2.17
N GLY E 146 -23.25 24.83 3.23
CA GLY E 146 -23.50 26.06 3.98
C GLY E 146 -24.62 25.94 4.99
N ILE E 147 -24.89 27.08 5.61
CA ILE E 147 -26.10 27.32 6.38
C ILE E 147 -26.73 28.61 5.88
N VAL E 148 -28.05 28.64 5.85
CA VAL E 148 -28.77 29.78 5.30
C VAL E 148 -29.71 30.30 6.36
N LEU E 149 -29.82 31.62 6.41
CA LEU E 149 -30.88 32.30 7.12
C LEU E 149 -31.62 33.15 6.10
N ASP E 150 -32.90 32.89 5.92
CA ASP E 150 -33.71 33.77 5.10
C ASP E 150 -35.11 33.90 5.67
N SER E 151 -35.44 35.10 6.13
CA SER E 151 -36.61 35.36 6.93
C SER E 151 -37.38 36.31 6.03
N GLY E 152 -38.34 35.76 5.30
CA GLY E 152 -38.93 36.56 4.25
C GLY E 152 -40.13 37.34 4.72
N ASP E 153 -41.10 37.50 3.85
CA ASP E 153 -42.46 37.68 4.30
C ASP E 153 -42.89 36.57 5.26
N GLY E 154 -42.41 35.35 5.01
CA GLY E 154 -42.89 34.17 5.71
C GLY E 154 -41.86 33.43 6.53
N VAL E 155 -42.27 32.24 7.00
CA VAL E 155 -41.67 31.56 8.13
C VAL E 155 -40.17 31.41 7.95
N THR E 156 -39.45 31.54 9.05
CA THR E 156 -38.06 31.95 9.08
C THR E 156 -37.23 30.73 9.39
N HIS E 157 -36.05 30.66 8.79
CA HIS E 157 -35.43 29.39 8.50
C HIS E 157 -34.04 29.32 9.10
N ASN E 158 -33.68 28.15 9.58
CA ASN E 158 -32.29 27.75 9.60
C ASN E 158 -32.19 26.40 8.92
N VAL E 159 -31.36 26.31 7.89
CA VAL E 159 -30.89 25.03 7.38
C VAL E 159 -29.38 25.09 7.21
N PRO E 160 -28.61 24.25 7.89
CA PRO E 160 -27.30 23.88 7.36
C PRO E 160 -27.53 22.97 6.17
N ILE E 161 -26.91 23.26 5.04
CA ILE E 161 -26.68 22.26 4.02
C ILE E 161 -25.21 21.93 3.91
N TYR E 162 -24.88 20.65 4.00
CA TYR E 162 -23.57 20.28 3.53
C TYR E 162 -23.62 20.09 2.03
N GLU E 163 -22.46 20.20 1.41
CA GLU E 163 -22.33 19.89 0.00
C GLU E 163 -23.06 18.60 -0.37
N GLY E 164 -23.93 18.72 -1.36
CA GLY E 164 -24.66 17.61 -1.91
C GLY E 164 -25.66 16.86 -1.04
N TYR E 165 -25.96 17.34 0.17
CA TYR E 165 -26.88 16.57 1.00
C TYR E 165 -27.62 17.44 2.01
N ALA E 166 -28.74 16.90 2.47
CA ALA E 166 -29.61 17.47 3.49
C ALA E 166 -29.32 16.89 4.87
N LEU E 167 -29.61 17.68 5.90
CA LEU E 167 -29.56 17.23 7.29
C LEU E 167 -30.90 17.52 7.95
N PRO E 168 -31.98 16.95 7.44
CA PRO E 168 -33.31 17.44 7.83
C PRO E 168 -33.56 17.48 9.31
N HIS E 169 -32.90 16.62 10.07
CA HIS E 169 -32.95 16.73 11.52
C HIS E 169 -32.34 18.04 11.99
N ALA E 170 -31.32 18.52 11.30
CA ALA E 170 -30.59 19.70 11.76
C ALA E 170 -31.46 20.94 11.78
N ILE E 171 -32.56 20.93 11.08
CA ILE E 171 -33.12 22.14 10.51
C ILE E 171 -34.03 22.81 11.52
N MET E 172 -34.05 24.13 11.51
CA MET E 172 -34.98 24.86 12.35
C MET E 172 -35.82 25.82 11.52
N ARG E 173 -37.07 25.95 11.93
CA ARG E 173 -38.11 26.60 11.15
C ARG E 173 -38.94 27.47 12.07
N LEU E 174 -39.07 28.76 11.76
CA LEU E 174 -39.67 29.66 12.73
C LEU E 174 -40.64 30.63 12.09
N ASP E 175 -41.76 30.84 12.77
CA ASP E 175 -42.74 31.88 12.41
C ASP E 175 -42.37 33.14 13.18
N LEU E 176 -41.42 33.88 12.63
CA LEU E 176 -41.01 35.15 13.21
C LEU E 176 -40.94 36.25 12.17
N ALA E 177 -41.53 36.03 11.00
CA ALA E 177 -41.21 36.85 9.85
C ALA E 177 -41.75 38.27 10.02
N GLY E 178 -41.26 39.13 9.12
CA GLY E 178 -41.38 40.57 9.31
C GLY E 178 -42.80 41.06 9.44
N ARG E 179 -43.75 40.37 8.85
CA ARG E 179 -45.14 40.78 8.93
C ARG E 179 -45.59 40.85 10.38
N ASP E 180 -45.40 39.77 11.13
CA ASP E 180 -45.85 39.76 12.52
C ASP E 180 -45.10 40.81 13.31
N LEU E 181 -43.81 40.98 13.00
CA LEU E 181 -43.03 42.04 13.62
C LEU E 181 -43.71 43.38 13.39
N THR E 182 -44.12 43.61 12.16
CA THR E 182 -44.75 44.86 11.79
C THR E 182 -46.02 45.05 12.58
N ASP E 183 -46.77 43.98 12.78
CA ASP E 183 -48.00 44.14 13.53
C ASP E 183 -47.70 44.44 14.99
N TYR E 184 -46.58 43.94 15.49
CA TYR E 184 -46.07 44.41 16.78
C TYR E 184 -45.75 45.89 16.72
N LEU E 185 -45.30 46.34 15.56
CA LEU E 185 -44.88 47.73 15.44
C LEU E 185 -45.99 48.65 15.90
N MET E 186 -47.22 48.34 15.55
CA MET E 186 -48.31 49.24 15.90
C MET E 186 -48.41 49.36 17.41
N LYS E 187 -48.26 48.23 18.11
CA LYS E 187 -48.29 48.24 19.56
C LYS E 187 -47.12 49.02 20.11
N ILE E 188 -46.05 49.14 19.34
CA ILE E 188 -45.09 50.19 19.63
C ILE E 188 -45.72 51.56 19.38
N LEU E 189 -46.28 51.73 18.18
CA LEU E 189 -46.42 53.04 17.59
C LEU E 189 -47.38 53.89 18.40
N THR E 190 -48.35 53.25 19.03
CA THR E 190 -49.27 53.99 19.88
C THR E 190 -48.59 54.74 21.01
N GLU E 191 -47.32 54.44 21.32
CA GLU E 191 -46.60 55.29 22.27
C GLU E 191 -46.57 56.74 21.79
N ARG E 192 -46.11 56.95 20.55
CA ARG E 192 -46.28 58.25 19.93
C ARG E 192 -47.74 58.48 19.57
N GLY E 193 -48.47 57.40 19.34
CA GLY E 193 -49.92 57.49 19.37
C GLY E 193 -50.36 58.25 18.15
N TYR E 194 -49.76 57.96 17.00
CA TYR E 194 -50.39 58.15 15.72
C TYR E 194 -50.81 56.76 15.28
N SER E 195 -52.10 56.53 15.14
CA SER E 195 -52.50 55.15 15.31
C SER E 195 -53.70 54.84 14.45
N PHE E 196 -53.58 53.69 13.81
CA PHE E 196 -54.40 53.25 12.70
C PHE E 196 -54.22 51.75 12.64
N VAL E 197 -55.30 50.99 12.58
CA VAL E 197 -55.14 49.57 12.32
C VAL E 197 -56.16 49.13 11.28
N THR E 198 -55.65 48.60 10.18
CA THR E 198 -56.29 47.83 9.11
C THR E 198 -55.14 47.29 8.28
N THR E 199 -55.48 46.45 7.31
CA THR E 199 -54.46 45.76 6.55
C THR E 199 -53.64 46.75 5.74
N ALA E 200 -54.31 47.61 4.96
CA ALA E 200 -53.57 48.55 4.14
C ALA E 200 -52.72 49.45 5.02
N GLU E 201 -53.27 49.82 6.17
CA GLU E 201 -52.54 50.68 7.07
C GLU E 201 -51.30 49.96 7.54
N ARG E 202 -51.43 48.65 7.75
CA ARG E 202 -50.30 47.83 8.12
C ARG E 202 -49.26 47.77 7.01
N GLU E 203 -49.69 47.66 5.75
CA GLU E 203 -48.70 47.64 4.68
C GLU E 203 -47.98 48.97 4.55
N ILE E 204 -48.64 50.07 4.94
CA ILE E 204 -47.96 51.35 4.88
C ILE E 204 -46.66 51.30 5.66
N VAL E 205 -46.67 50.55 6.76
CA VAL E 205 -45.47 50.36 7.55
C VAL E 205 -44.33 49.78 6.73
N ARG E 206 -44.65 48.87 5.80
CA ARG E 206 -43.62 48.23 4.98
C ARG E 206 -42.67 49.27 4.39
N ASP E 207 -43.20 50.40 3.93
CA ASP E 207 -42.33 51.44 3.39
C ASP E 207 -41.36 51.90 4.45
N ILE E 208 -41.86 52.15 5.65
CA ILE E 208 -41.01 52.59 6.74
C ILE E 208 -39.95 51.53 7.03
N LYS E 209 -40.34 50.28 6.91
CA LYS E 209 -39.41 49.19 7.10
C LYS E 209 -38.33 49.21 6.04
N GLU E 210 -38.68 49.65 4.84
CA GLU E 210 -37.67 49.90 3.83
C GLU E 210 -36.76 51.02 4.29
N LYS E 211 -37.35 52.16 4.57
CA LYS E 211 -36.62 53.41 4.69
C LYS E 211 -35.96 53.53 6.05
N LEU E 212 -36.74 53.37 7.10
CA LEU E 212 -36.38 53.94 8.37
C LEU E 212 -35.62 52.99 9.30
N CYS E 213 -35.54 51.71 8.98
CA CYS E 213 -34.96 50.79 9.94
C CYS E 213 -33.46 50.74 9.79
N TYR E 214 -32.78 50.40 10.88
CA TYR E 214 -31.39 50.00 10.85
C TYR E 214 -31.11 49.21 12.11
N VAL E 215 -30.06 48.44 12.07
CA VAL E 215 -29.86 47.41 13.09
C VAL E 215 -29.11 48.00 14.27
N ALA E 216 -29.56 47.66 15.48
CA ALA E 216 -28.88 48.03 16.71
C ALA E 216 -27.50 47.41 16.72
N LEU E 217 -26.46 48.23 16.88
CA LEU E 217 -25.14 47.66 17.11
C LEU E 217 -25.00 47.09 18.51
N ASP E 218 -25.35 47.87 19.52
CA ASP E 218 -25.41 47.42 20.91
C ASP E 218 -26.60 48.03 21.62
N PHE E 219 -27.34 47.22 22.36
CA PHE E 219 -28.65 47.67 22.82
C PHE E 219 -28.51 48.68 23.96
N GLU E 220 -27.73 48.32 24.98
CA GLU E 220 -27.48 49.25 26.08
C GLU E 220 -26.91 50.56 25.55
N ASN E 221 -25.84 50.45 24.76
CA ASN E 221 -25.14 51.63 24.29
C ASN E 221 -26.08 52.47 23.46
N GLU E 222 -26.91 51.81 22.65
CA GLU E 222 -27.90 52.53 21.88
C GLU E 222 -28.84 53.29 22.79
N MET E 223 -29.30 52.67 23.87
CA MET E 223 -30.14 53.40 24.81
C MET E 223 -29.42 54.62 25.35
N ALA E 224 -28.12 54.49 25.58
CA ALA E 224 -27.37 55.64 26.08
C ALA E 224 -27.35 56.76 25.06
N THR E 225 -27.11 56.41 23.81
CA THR E 225 -27.22 57.39 22.73
C THR E 225 -28.63 57.94 22.61
N ALA E 226 -29.63 57.10 22.88
CA ALA E 226 -31.02 57.51 22.80
C ALA E 226 -31.28 58.61 23.81
N ALA E 227 -30.65 58.49 24.97
CA ALA E 227 -30.73 59.54 25.96
C ALA E 227 -29.96 60.77 25.50
N SER E 228 -28.84 60.55 24.79
CA SER E 228 -28.04 61.70 24.38
C SER E 228 -28.63 62.46 23.20
N SER E 229 -29.10 61.78 22.15
CA SER E 229 -29.10 62.41 20.84
C SER E 229 -30.43 62.23 20.12
N SER E 230 -30.67 63.12 19.16
CA SER E 230 -31.80 63.00 18.25
C SER E 230 -31.42 62.62 16.83
N SER E 231 -30.13 62.55 16.49
CA SER E 231 -29.75 62.04 15.18
C SER E 231 -30.29 60.63 14.97
N LEU E 232 -30.44 59.89 16.06
CA LEU E 232 -31.17 58.63 16.10
C LEU E 232 -32.59 58.76 15.60
N GLU E 233 -33.09 59.98 15.51
CA GLU E 233 -34.49 60.26 15.25
C GLU E 233 -34.56 60.95 13.90
N LYS E 234 -35.45 60.48 13.06
CA LYS E 234 -35.54 60.97 11.69
C LYS E 234 -36.99 61.26 11.36
N SER E 235 -37.16 62.08 10.33
CA SER E 235 -38.44 62.70 10.02
C SER E 235 -38.92 62.22 8.66
N TYR E 236 -40.16 61.77 8.63
CA TYR E 236 -40.68 61.04 7.49
C TYR E 236 -42.14 61.37 7.29
N GLU E 237 -42.55 61.38 6.04
CA GLU E 237 -43.87 61.85 5.69
C GLU E 237 -44.82 60.66 5.72
N LEU E 238 -46.09 60.95 5.96
CA LEU E 238 -47.07 60.02 5.48
C LEU E 238 -46.88 59.82 3.98
N PRO E 239 -47.23 58.64 3.46
CA PRO E 239 -47.23 58.48 2.01
C PRO E 239 -48.01 59.57 1.34
N ASP E 240 -49.07 60.04 1.99
CA ASP E 240 -49.59 61.38 1.80
C ASP E 240 -50.20 61.84 3.10
N GLY E 241 -50.20 63.15 3.30
CA GLY E 241 -50.50 63.72 4.60
C GLY E 241 -49.24 64.08 5.36
N GLN E 242 -49.16 63.66 6.62
CA GLN E 242 -48.31 64.33 7.57
C GLN E 242 -46.86 63.92 7.41
N VAL E 243 -45.98 64.75 7.96
CA VAL E 243 -44.64 64.34 8.37
C VAL E 243 -44.70 63.64 9.71
N ILE E 244 -43.95 62.56 9.84
CA ILE E 244 -43.91 61.73 11.03
C ILE E 244 -42.44 61.55 11.37
N THR E 245 -42.13 61.50 12.65
CA THR E 245 -40.73 61.49 13.04
C THR E 245 -40.54 60.52 14.19
N ILE E 246 -39.54 59.66 14.07
CA ILE E 246 -39.53 58.37 14.75
C ILE E 246 -38.21 58.18 15.49
N GLY E 247 -38.31 57.79 16.75
CA GLY E 247 -37.17 57.65 17.62
C GLY E 247 -36.58 56.26 17.59
N ASN E 248 -36.19 55.79 18.78
CA ASN E 248 -35.74 54.43 19.00
C ASN E 248 -36.71 53.41 18.43
N GLU E 249 -37.96 53.79 18.30
CA GLU E 249 -38.97 52.92 17.73
C GLU E 249 -38.52 52.27 16.43
N ARG E 250 -37.64 52.94 15.65
CA ARG E 250 -37.03 52.25 14.53
C ARG E 250 -36.13 51.09 14.98
N PHE E 251 -35.11 51.37 15.77
CA PHE E 251 -34.10 50.33 15.93
C PHE E 251 -34.60 49.24 16.84
N ARG E 252 -35.51 49.57 17.76
CA ARG E 252 -36.05 48.59 18.69
C ARG E 252 -36.68 47.42 17.97
N CYS E 253 -37.28 47.67 16.83
CA CYS E 253 -37.95 46.64 16.05
C CYS E 253 -37.11 45.42 15.74
N PRO E 254 -35.96 45.54 15.06
CA PRO E 254 -35.21 44.31 14.73
C PRO E 254 -34.78 43.50 15.92
N GLU E 255 -34.54 44.12 17.07
CA GLU E 255 -34.11 43.39 18.25
C GLU E 255 -35.04 42.22 18.57
N THR E 256 -36.31 42.36 18.21
CA THR E 256 -37.26 41.27 18.40
C THR E 256 -36.65 39.98 17.86
N LEU E 257 -35.96 40.06 16.74
CA LEU E 257 -35.34 38.87 16.19
C LEU E 257 -34.39 38.29 17.21
N PHE E 258 -33.62 39.15 17.86
CA PHE E 258 -32.70 38.66 18.88
C PHE E 258 -33.45 38.34 20.15
N GLN E 259 -34.47 39.14 20.49
CA GLN E 259 -35.32 38.90 21.65
C GLN E 259 -36.79 38.88 21.29
N PRO E 260 -37.33 37.73 20.98
CA PRO E 260 -38.78 37.60 20.78
C PRO E 260 -39.50 37.47 22.12
N SER E 261 -39.18 38.39 23.03
CA SER E 261 -40.10 38.79 24.08
C SER E 261 -41.16 39.73 23.56
N PHE E 262 -40.78 40.69 22.73
CA PHE E 262 -41.55 41.91 22.64
C PHE E 262 -42.93 41.60 22.09
N ILE E 263 -42.96 40.57 21.25
CA ILE E 263 -44.09 39.69 21.04
C ILE E 263 -43.52 38.34 21.47
N GLY E 264 -44.08 37.74 22.50
CA GLY E 264 -43.31 36.90 23.37
C GLY E 264 -43.57 35.43 23.14
N MET E 265 -42.45 34.73 23.03
CA MET E 265 -42.25 33.38 22.56
C MET E 265 -40.99 32.94 23.27
N GLU E 266 -40.77 31.64 23.39
CA GLU E 266 -39.37 31.25 23.51
C GLU E 266 -38.95 30.39 22.34
N SER E 267 -37.94 30.89 21.64
CA SER E 267 -36.92 30.21 20.87
C SER E 267 -35.79 31.22 20.93
N ALA E 268 -34.59 30.78 21.28
CA ALA E 268 -33.71 31.76 21.91
C ALA E 268 -33.18 32.79 20.93
N GLY E 269 -33.60 32.72 19.68
CA GLY E 269 -33.43 33.77 18.71
C GLY E 269 -32.69 33.23 17.51
N ILE E 270 -32.46 34.11 16.55
CA ILE E 270 -31.85 33.65 15.31
C ILE E 270 -30.52 33.01 15.62
N HIS E 271 -29.67 33.75 16.31
CA HIS E 271 -28.28 33.41 16.45
C HIS E 271 -28.10 32.22 17.36
N GLU E 272 -28.70 32.29 18.55
CA GLU E 272 -28.68 31.15 19.45
C GLU E 272 -29.36 29.93 18.85
N THR E 273 -30.38 30.13 18.02
CA THR E 273 -30.94 28.97 17.33
C THR E 273 -29.89 28.37 16.44
N THR E 274 -29.13 29.23 15.78
CA THR E 274 -28.18 28.80 14.79
C THR E 274 -27.09 27.99 15.45
N TYR E 275 -26.50 28.54 16.50
CA TYR E 275 -25.45 27.85 17.21
C TYR E 275 -25.97 26.58 17.86
N ASN E 276 -27.21 26.60 18.35
CA ASN E 276 -27.82 25.38 18.83
C ASN E 276 -27.81 24.33 17.75
N SER E 277 -28.27 24.72 16.57
CA SER E 277 -28.50 23.77 15.50
C SER E 277 -27.18 23.27 14.98
N ILE E 278 -26.17 24.12 15.08
CA ILE E 278 -24.80 23.69 14.87
C ILE E 278 -24.47 22.60 15.88
N MET E 279 -24.67 22.89 17.15
CA MET E 279 -24.13 21.97 18.14
C MET E 279 -24.84 20.63 18.06
N LYS E 280 -26.07 20.62 17.54
CA LYS E 280 -26.65 19.40 17.02
C LYS E 280 -25.74 18.74 15.98
N CYS E 281 -25.44 19.47 14.91
CA CYS E 281 -24.64 18.88 13.85
C CYS E 281 -23.21 18.61 14.33
N ASP E 282 -22.50 17.80 13.55
CA ASP E 282 -21.38 17.07 14.09
C ASP E 282 -20.14 17.97 14.12
N ILE E 283 -19.04 17.42 14.59
CA ILE E 283 -18.01 18.25 15.18
C ILE E 283 -17.10 18.83 14.11
N ASP E 284 -16.65 17.97 13.19
CA ASP E 284 -15.60 18.38 12.27
C ASP E 284 -16.07 19.42 11.28
N ILE E 285 -17.28 19.25 10.73
CA ILE E 285 -17.77 20.14 9.69
C ILE E 285 -17.70 21.60 10.12
N ARG E 286 -17.81 21.84 11.43
CA ARG E 286 -18.29 23.12 11.93
C ARG E 286 -17.47 24.28 11.39
N LYS E 287 -16.15 24.11 11.28
CA LYS E 287 -15.28 25.20 10.85
C LYS E 287 -15.77 25.76 9.54
N ASP E 288 -16.12 24.88 8.60
CA ASP E 288 -16.55 25.34 7.29
C ASP E 288 -17.70 26.31 7.45
N LEU E 289 -18.64 25.96 8.30
CA LEU E 289 -19.82 26.77 8.46
C LEU E 289 -19.48 28.08 9.16
N TYR E 290 -18.55 28.00 10.11
CA TYR E 290 -17.98 29.21 10.69
C TYR E 290 -17.44 30.12 9.60
N ALA E 291 -16.88 29.51 8.56
CA ALA E 291 -16.45 30.26 7.40
C ALA E 291 -17.65 30.64 6.54
N ASN E 292 -18.48 29.66 6.23
CA ASN E 292 -19.51 29.84 5.22
C ASN E 292 -20.82 30.07 5.95
N ASN E 293 -21.25 31.33 5.96
CA ASN E 293 -22.44 31.73 6.69
C ASN E 293 -23.20 32.72 5.84
N VAL E 294 -24.48 32.44 5.61
CA VAL E 294 -25.17 33.01 4.47
C VAL E 294 -26.57 33.40 4.89
N MET E 295 -27.02 34.52 4.34
CA MET E 295 -28.22 35.19 4.82
C MET E 295 -28.90 35.77 3.59
N SER E 296 -30.21 35.94 3.66
CA SER E 296 -30.90 36.48 2.49
C SER E 296 -32.27 37.03 2.88
N GLY E 297 -32.84 37.76 1.94
CA GLY E 297 -34.21 38.20 1.85
C GLY E 297 -34.67 39.18 2.92
N GLY E 298 -35.95 39.08 3.23
CA GLY E 298 -36.72 40.24 3.68
C GLY E 298 -36.13 40.98 4.87
N THR E 299 -35.85 40.26 5.95
CA THR E 299 -35.30 40.94 7.11
C THR E 299 -33.88 41.38 6.83
N THR E 300 -33.11 40.55 6.14
CA THR E 300 -31.69 40.80 5.99
C THR E 300 -31.40 42.12 5.32
N MET E 301 -32.38 42.64 4.57
CA MET E 301 -32.21 43.90 3.88
C MET E 301 -31.67 44.97 4.80
N TYR E 302 -32.06 44.94 6.06
CA TYR E 302 -31.64 45.93 7.02
C TYR E 302 -30.13 46.07 7.01
N PRO E 303 -29.59 47.28 7.02
CA PRO E 303 -28.16 47.47 7.27
C PRO E 303 -27.77 47.03 8.66
N GLY E 304 -26.75 46.19 8.74
CA GLY E 304 -26.03 45.96 9.98
C GLY E 304 -26.22 44.60 10.59
N ILE E 305 -27.22 43.84 10.14
CA ILE E 305 -27.53 42.56 10.78
C ILE E 305 -26.29 41.69 10.88
N ALA E 306 -25.58 41.55 9.76
CA ALA E 306 -24.44 40.66 9.71
C ALA E 306 -23.43 41.00 10.78
N ASP E 307 -23.24 42.29 11.05
CA ASP E 307 -22.26 42.70 12.03
C ASP E 307 -22.65 42.22 13.42
N ARG E 308 -23.87 42.51 13.86
CA ARG E 308 -24.18 42.10 15.22
C ARG E 308 -24.27 40.59 15.30
N MET E 309 -24.66 39.95 14.20
CA MET E 309 -24.63 38.50 14.15
C MET E 309 -23.23 37.99 14.44
N GLN E 310 -22.24 38.61 13.80
CA GLN E 310 -20.86 38.21 13.98
C GLN E 310 -20.45 38.47 15.42
N LYS E 311 -20.88 39.59 15.97
CA LYS E 311 -20.66 39.88 17.38
C LYS E 311 -21.21 38.76 18.25
N GLU E 312 -22.36 38.25 17.87
CA GLU E 312 -23.03 37.22 18.67
C GLU E 312 -22.27 35.92 18.56
N ILE E 313 -21.83 35.59 17.36
CA ILE E 313 -21.09 34.35 17.17
C ILE E 313 -19.74 34.42 17.87
N THR E 314 -19.08 35.57 17.79
CA THR E 314 -17.86 35.78 18.57
C THR E 314 -18.12 35.65 20.06
N ALA E 315 -19.33 35.98 20.49
CA ALA E 315 -19.71 35.63 21.85
C ALA E 315 -19.72 34.12 22.02
N LEU E 316 -20.43 33.43 21.14
CA LEU E 316 -20.73 32.03 21.37
C LEU E 316 -19.65 31.11 20.84
N ALA E 317 -19.05 31.44 19.71
CA ALA E 317 -17.93 30.65 19.22
C ALA E 317 -16.78 30.68 20.22
N PRO E 318 -15.97 29.63 20.27
CA PRO E 318 -14.59 29.80 20.73
C PRO E 318 -13.87 30.74 19.80
N SER E 319 -13.40 31.87 20.35
CA SER E 319 -12.88 32.93 19.50
C SER E 319 -11.76 32.44 18.60
N THR E 320 -11.11 31.35 19.00
CA THR E 320 -9.91 30.87 18.33
C THR E 320 -10.06 30.70 16.83
N MET E 321 -11.27 30.42 16.35
CA MET E 321 -11.42 30.01 14.96
C MET E 321 -12.12 31.07 14.11
N LYS E 322 -11.69 31.11 12.84
CA LYS E 322 -12.16 32.10 11.88
C LYS E 322 -13.68 32.15 11.85
N ILE E 323 -14.23 33.35 11.68
CA ILE E 323 -15.66 33.53 11.48
C ILE E 323 -15.88 34.61 10.44
N LYS E 324 -16.84 34.38 9.54
CA LYS E 324 -17.34 35.42 8.66
C LYS E 324 -18.72 35.03 8.19
N ILE E 325 -19.43 35.99 7.63
CA ILE E 325 -20.76 35.79 7.07
C ILE E 325 -20.80 36.41 5.69
N ILE E 326 -21.72 35.92 4.86
CA ILE E 326 -21.92 36.49 3.54
C ILE E 326 -23.18 37.32 3.58
N ALA E 327 -23.13 38.50 2.95
CA ALA E 327 -24.29 39.39 2.84
C ALA E 327 -24.39 39.94 1.42
N PRO E 328 -24.85 39.13 0.48
CA PRO E 328 -24.83 39.56 -0.92
C PRO E 328 -25.77 40.73 -1.14
N PRO E 329 -25.60 41.47 -2.24
CA PRO E 329 -26.53 42.59 -2.45
C PRO E 329 -27.93 42.13 -2.73
N GLU E 330 -28.06 41.05 -3.50
CA GLU E 330 -29.27 40.74 -4.23
C GLU E 330 -30.23 39.80 -3.50
N ARG E 331 -30.06 39.67 -2.18
CA ARG E 331 -30.57 38.52 -1.44
C ARG E 331 -32.05 38.31 -1.67
N LYS E 332 -32.82 39.39 -1.65
CA LYS E 332 -34.26 39.30 -1.81
C LYS E 332 -34.67 38.63 -3.10
N TYR E 333 -33.90 38.83 -4.17
CA TYR E 333 -34.13 38.09 -5.40
C TYR E 333 -33.50 36.70 -5.42
N SER E 334 -32.68 36.40 -4.41
CA SER E 334 -31.69 35.35 -4.56
C SER E 334 -32.39 34.08 -4.98
N VAL E 335 -33.49 33.79 -4.31
CA VAL E 335 -34.16 32.51 -4.44
C VAL E 335 -34.54 32.28 -5.90
N TRP E 336 -35.23 33.24 -6.51
CA TRP E 336 -35.68 33.02 -7.86
C TRP E 336 -34.48 32.90 -8.77
N ILE E 337 -33.41 33.63 -8.45
CA ILE E 337 -32.22 33.53 -9.29
C ILE E 337 -31.69 32.10 -9.25
N GLY E 338 -31.55 31.59 -8.04
CA GLY E 338 -31.11 30.22 -7.88
C GLY E 338 -32.04 29.28 -8.59
N GLY E 339 -33.33 29.55 -8.50
CA GLY E 339 -34.29 28.74 -9.23
C GLY E 339 -33.99 28.71 -10.71
N SER E 340 -33.58 29.86 -11.26
CA SER E 340 -33.23 29.90 -12.67
C SER E 340 -32.09 28.95 -12.96
N ILE E 341 -31.06 29.02 -12.12
CA ILE E 341 -29.95 28.08 -12.25
C ILE E 341 -30.48 26.66 -12.17
N LEU E 342 -31.31 26.39 -11.18
CA LEU E 342 -31.88 25.08 -10.97
C LEU E 342 -32.59 24.61 -12.21
N ALA E 343 -33.25 25.54 -12.89
CA ALA E 343 -34.00 25.20 -14.08
C ALA E 343 -33.04 24.81 -15.16
N SER E 344 -31.84 25.38 -15.15
CA SER E 344 -31.02 25.30 -16.33
C SER E 344 -30.59 23.85 -16.58
N LEU E 345 -30.18 23.14 -15.53
CA LEU E 345 -29.46 21.89 -15.73
C LEU E 345 -30.38 20.75 -16.21
N SER E 346 -29.89 20.05 -17.22
CA SER E 346 -30.65 19.01 -17.90
C SER E 346 -31.13 17.91 -16.97
N THR E 347 -30.42 17.67 -15.88
CA THR E 347 -30.80 16.64 -14.92
C THR E 347 -32.26 16.69 -14.47
N PHE E 348 -32.86 17.86 -14.36
CA PHE E 348 -34.29 17.87 -14.07
C PHE E 348 -35.12 17.19 -15.13
N GLN E 349 -34.66 17.14 -16.38
CA GLN E 349 -35.33 16.30 -17.36
C GLN E 349 -35.39 14.86 -16.87
N GLN E 350 -34.32 14.38 -16.26
CA GLN E 350 -34.42 13.13 -15.53
C GLN E 350 -35.40 13.25 -14.38
N MET E 351 -35.46 14.43 -13.78
CA MET E 351 -36.06 14.62 -12.46
C MET E 351 -37.48 15.13 -12.46
N TRP E 352 -37.92 15.89 -13.48
CA TRP E 352 -39.25 16.44 -13.38
C TRP E 352 -40.29 15.36 -13.15
N ILE E 353 -41.36 15.76 -12.48
CA ILE E 353 -42.61 15.05 -12.62
C ILE E 353 -43.12 15.22 -14.04
N THR E 354 -43.77 14.19 -14.57
CA THR E 354 -44.49 14.32 -15.81
C THR E 354 -45.97 14.03 -15.60
N LYS E 355 -46.77 14.48 -16.56
CA LYS E 355 -48.20 14.29 -16.49
C LYS E 355 -48.52 12.81 -16.32
N GLN E 356 -47.70 11.97 -16.95
CA GLN E 356 -47.96 10.54 -17.00
C GLN E 356 -48.06 9.97 -15.59
N GLU E 357 -47.10 10.30 -14.74
CA GLU E 357 -47.16 9.82 -13.37
C GLU E 357 -48.43 10.31 -12.70
N TYR E 358 -48.74 11.59 -12.86
CA TYR E 358 -49.93 12.14 -12.24
C TYR E 358 -51.16 11.39 -12.70
N ASP E 359 -51.10 10.87 -13.91
CA ASP E 359 -52.14 9.98 -14.39
C ASP E 359 -52.11 8.70 -13.59
N GLU E 360 -50.93 8.11 -13.45
CA GLU E 360 -50.81 6.73 -13.00
C GLU E 360 -50.73 6.62 -11.50
N ALA E 361 -50.49 7.71 -10.81
CA ALA E 361 -50.45 7.73 -9.36
C ALA E 361 -50.72 9.15 -8.89
N GLY E 362 -50.99 9.30 -7.60
CA GLY E 362 -51.68 10.47 -7.13
C GLY E 362 -50.71 11.61 -6.89
N PRO E 363 -51.15 12.59 -6.10
CA PRO E 363 -50.20 13.47 -5.41
C PRO E 363 -49.15 12.74 -4.59
N SER E 364 -49.45 11.52 -4.13
CA SER E 364 -48.51 10.76 -3.32
C SER E 364 -47.14 10.69 -3.98
N ILE E 365 -47.12 10.73 -5.30
CA ILE E 365 -45.88 10.60 -6.06
C ILE E 365 -44.84 11.54 -5.50
N VAL E 366 -45.24 12.79 -5.29
CA VAL E 366 -44.32 13.85 -4.93
C VAL E 366 -43.46 13.43 -3.76
N HIS E 367 -44.10 12.91 -2.72
CA HIS E 367 -43.42 12.95 -1.44
C HIS E 367 -42.30 11.94 -1.41
N ARG E 368 -42.45 10.83 -2.15
CA ARG E 368 -41.25 10.06 -2.47
C ARG E 368 -40.35 10.88 -3.37
N LYS E 369 -40.90 11.37 -4.47
CA LYS E 369 -40.08 11.70 -5.61
C LYS E 369 -39.27 12.95 -5.36
N CYS E 370 -39.90 13.97 -4.79
CA CYS E 370 -39.20 15.18 -4.43
C CYS E 370 -38.70 15.04 -3.00
N PHE E 371 -37.81 15.94 -2.60
CA PHE E 371 -37.59 16.15 -1.18
C PHE E 371 -38.86 16.68 -0.54
N UNK F 1 -87.18 49.22 8.50
CA UNK F 1 -88.49 49.00 7.91
C UNK F 1 -88.50 47.77 7.02
N UNK F 2 -87.32 47.17 6.83
CA UNK F 2 -87.02 46.42 5.63
C UNK F 2 -85.96 45.36 5.92
N UNK F 3 -85.61 44.62 4.88
CA UNK F 3 -84.31 43.98 4.75
C UNK F 3 -83.81 44.28 3.35
N UNK F 4 -82.57 44.74 3.25
CA UNK F 4 -82.18 45.60 2.15
C UNK F 4 -80.86 45.17 1.53
N UNK F 5 -80.56 45.84 0.42
CA UNK F 5 -79.19 45.93 -0.08
C UNK F 5 -78.23 46.32 1.02
N UNK F 6 -78.50 47.41 1.73
CA UNK F 6 -77.56 47.91 2.73
C UNK F 6 -77.18 46.85 3.74
N UNK F 7 -78.18 46.24 4.37
CA UNK F 7 -77.92 45.16 5.32
C UNK F 7 -77.30 43.94 4.65
N UNK F 8 -77.79 43.56 3.47
CA UNK F 8 -77.23 42.38 2.83
C UNK F 8 -75.76 42.59 2.52
N UNK F 9 -75.40 43.77 2.04
CA UNK F 9 -74.01 44.11 1.80
C UNK F 9 -73.22 44.10 3.10
N UNK F 10 -73.83 44.58 4.19
CA UNK F 10 -73.17 44.46 5.49
C UNK F 10 -72.80 43.02 5.78
N UNK F 11 -73.77 42.13 5.70
CA UNK F 11 -73.53 40.70 5.91
C UNK F 11 -72.45 40.16 4.98
N UNK F 12 -72.58 40.46 3.68
CA UNK F 12 -71.58 40.09 2.69
C UNK F 12 -70.18 40.49 3.13
N UNK F 13 -70.02 41.77 3.43
CA UNK F 13 -68.74 42.31 3.86
C UNK F 13 -68.22 41.52 5.04
N UNK F 14 -68.99 41.49 6.13
CA UNK F 14 -68.58 40.76 7.33
C UNK F 14 -68.10 39.36 7.00
N UNK F 15 -68.89 38.63 6.20
CA UNK F 15 -68.46 37.34 5.66
C UNK F 15 -67.06 37.41 5.06
N UNK F 16 -66.86 38.34 4.14
CA UNK F 16 -65.54 38.52 3.52
C UNK F 16 -64.48 38.83 4.58
N UNK F 17 -64.83 39.61 5.58
CA UNK F 17 -63.89 40.04 6.60
C UNK F 17 -63.60 38.94 7.60
N UNK F 18 -64.49 37.97 7.75
CA UNK F 18 -64.26 36.92 8.74
C UNK F 18 -63.24 35.94 8.20
N UNK F 19 -62.02 36.01 8.75
CA UNK F 19 -60.92 35.17 8.34
C UNK F 19 -61.05 33.79 8.95
N UNK F 20 -61.50 33.77 10.20
CA UNK F 20 -61.57 32.54 10.97
C UNK F 20 -62.38 31.47 10.25
N UNK F 21 -63.56 31.83 9.75
CA UNK F 21 -64.39 30.81 9.14
C UNK F 21 -63.72 30.22 7.91
N TYR F 22 -63.29 31.07 6.97
CA TYR F 22 -62.90 30.51 5.69
C TYR F 22 -61.57 29.78 5.84
N UNK F 23 -60.64 30.39 6.58
CA UNK F 23 -59.34 29.76 6.79
C UNK F 23 -59.48 28.46 7.56
N UNK F 24 -60.33 28.42 8.59
CA UNK F 24 -60.51 27.19 9.34
C UNK F 24 -61.12 26.12 8.46
N UNK F 25 -62.10 26.51 7.64
CA UNK F 25 -62.78 25.58 6.75
C UNK F 25 -61.79 24.93 5.79
N UNK F 26 -60.93 25.73 5.18
CA UNK F 26 -59.96 25.15 4.26
C UNK F 26 -58.87 24.36 4.99
N UNK F 27 -58.20 24.97 5.97
CA UNK F 27 -57.02 24.34 6.53
C UNK F 27 -57.38 23.14 7.40
N UNK F 28 -58.33 23.31 8.33
CA UNK F 28 -58.58 22.22 9.26
C UNK F 28 -59.19 21.04 8.53
N UNK F 29 -60.10 21.29 7.60
CA UNK F 29 -60.68 20.19 6.84
C UNK F 29 -59.61 19.50 6.01
N UNK F 30 -58.75 20.28 5.35
CA UNK F 30 -57.76 19.67 4.47
C UNK F 30 -56.62 19.04 5.25
N UNK F 31 -56.45 19.41 6.52
CA UNK F 31 -55.37 18.87 7.34
C UNK F 31 -55.49 17.36 7.52
N UNK F 32 -56.71 16.82 7.49
CA UNK F 32 -56.95 15.45 7.93
C UNK F 32 -56.54 14.38 6.90
N UNK F 33 -56.80 14.58 5.61
CA UNK F 33 -56.29 13.65 4.60
C UNK F 33 -54.96 14.15 4.06
N UNK F 34 -53.90 13.85 4.81
CA UNK F 34 -52.62 14.50 4.60
C UNK F 34 -51.57 13.64 3.90
N UNK F 35 -51.62 12.31 4.04
CA UNK F 35 -50.37 11.55 3.91
C UNK F 35 -50.65 10.12 3.51
N UNK F 36 -50.07 9.67 2.40
CA UNK F 36 -49.88 8.24 2.17
C UNK F 36 -48.72 8.01 1.22
N UNK F 37 -47.65 7.38 1.70
CA UNK F 37 -46.55 6.96 0.84
C UNK F 37 -45.60 6.04 1.61
N UNK F 38 -44.92 5.17 0.87
CA UNK F 38 -43.64 4.58 1.31
C UNK F 38 -42.51 5.53 0.91
N UNK F 39 -42.26 6.52 1.76
CA UNK F 39 -41.40 7.64 1.40
C UNK F 39 -40.06 7.20 0.83
N UNK F 40 -39.63 7.89 -0.24
CA UNK F 40 -38.25 7.74 -0.69
C UNK F 40 -37.30 8.34 0.32
N UNK F 41 -37.71 9.40 1.01
CA UNK F 41 -36.94 9.85 2.16
C UNK F 41 -36.69 8.68 3.09
N UNK F 42 -37.70 7.82 3.26
CA UNK F 42 -37.49 6.62 4.03
C UNK F 42 -36.69 5.58 3.26
N UNK F 43 -36.77 5.60 1.92
CA UNK F 43 -35.87 4.76 1.15
C UNK F 43 -34.42 5.02 1.57
N UNK F 44 -34.09 6.30 1.71
CA UNK F 44 -32.80 6.70 2.27
C UNK F 44 -32.54 6.04 3.61
N UNK F 45 -33.53 6.09 4.49
CA UNK F 45 -33.44 5.44 5.79
C UNK F 45 -33.05 3.98 5.65
N UNK F 46 -33.86 3.25 4.87
CA UNK F 46 -33.63 1.83 4.65
C UNK F 46 -32.23 1.56 4.11
N UNK F 47 -31.84 2.30 3.08
CA UNK F 47 -30.51 2.13 2.50
C UNK F 47 -29.43 2.35 3.54
N UNK F 48 -29.50 3.47 4.26
CA UNK F 48 -28.55 3.73 5.33
C UNK F 48 -28.49 2.57 6.31
N UNK F 49 -29.64 2.13 6.82
CA UNK F 49 -29.74 0.95 7.66
C UNK F 49 -28.96 -0.23 7.08
N UNK F 50 -29.23 -0.55 5.82
CA UNK F 50 -28.48 -1.58 5.11
C UNK F 50 -26.98 -1.37 5.28
N UNK F 51 -26.53 -0.13 5.08
CA UNK F 51 -25.13 0.23 5.31
C UNK F 51 -24.73 0.24 6.78
N UNK F 52 -25.69 0.17 7.69
CA UNK F 52 -25.42 0.57 9.07
C UNK F 52 -24.62 -0.48 9.84
N UNK F 53 -25.04 -1.74 9.79
CA UNK F 53 -24.76 -2.65 10.89
C UNK F 53 -23.79 -3.76 10.49
N UNK F 54 -22.81 -3.99 11.37
CA UNK F 54 -21.81 -5.04 11.18
C UNK F 54 -22.45 -6.40 10.94
N UNK F 55 -23.59 -6.67 11.59
CA UNK F 55 -24.21 -7.98 11.48
C UNK F 55 -24.54 -8.32 10.03
N UNK F 56 -24.93 -7.32 9.25
CA UNK F 56 -25.00 -7.55 7.80
C UNK F 56 -23.61 -7.54 7.17
N TYR F 57 -22.83 -6.48 7.44
CA TYR F 57 -21.65 -6.19 6.65
C TYR F 57 -20.55 -7.23 6.80
N UNK F 58 -20.14 -7.49 8.04
CA UNK F 58 -19.13 -8.51 8.27
C UNK F 58 -19.67 -9.90 7.95
N UNK F 59 -20.86 -10.21 8.49
CA UNK F 59 -21.33 -11.58 8.50
C UNK F 59 -21.62 -12.08 7.09
N UNK F 60 -22.08 -11.20 6.20
CA UNK F 60 -22.41 -11.62 4.84
C UNK F 60 -21.21 -12.27 4.17
N UNK F 61 -20.04 -11.66 4.31
CA UNK F 61 -18.82 -12.30 3.82
C UNK F 61 -18.37 -13.44 4.73
N UNK F 62 -18.25 -13.18 6.03
CA UNK F 62 -17.44 -14.07 6.87
C UNK F 62 -18.15 -15.40 7.12
N UNK F 63 -19.47 -15.38 7.37
CA UNK F 63 -20.19 -16.64 7.49
C UNK F 63 -20.16 -17.41 6.18
N UNK F 64 -20.24 -16.68 5.07
CA UNK F 64 -20.45 -17.32 3.78
C UNK F 64 -19.18 -18.02 3.31
N UNK F 65 -18.06 -17.29 3.31
CA UNK F 65 -16.82 -17.76 2.71
C UNK F 65 -15.95 -18.53 3.69
N UNK F 66 -15.81 -18.04 4.92
CA UNK F 66 -15.00 -18.77 5.89
C UNK F 66 -15.59 -20.13 6.23
N UNK F 67 -16.80 -20.44 5.74
CA UNK F 67 -17.29 -21.81 5.72
C UNK F 67 -16.25 -22.78 5.14
N UNK F 68 -15.71 -22.48 3.97
CA UNK F 68 -14.80 -23.40 3.28
C UNK F 68 -13.41 -22.79 3.27
N UNK F 69 -12.49 -23.39 4.03
CA UNK F 69 -11.25 -22.71 4.37
C UNK F 69 -9.98 -23.27 3.75
N UNK F 70 -9.97 -24.52 3.27
CA UNK F 70 -8.68 -25.18 3.25
C UNK F 70 -8.64 -26.38 2.32
N UNK F 71 -7.53 -26.51 1.59
CA UNK F 71 -7.02 -27.78 1.10
C UNK F 71 -5.56 -27.57 0.71
N UNK F 72 -4.66 -28.41 1.24
CA UNK F 72 -3.28 -28.45 0.75
C UNK F 72 -2.57 -29.66 1.32
N UNK F 73 -1.58 -30.17 0.57
CA UNK F 73 -0.56 -31.08 1.10
C UNK F 73 0.61 -30.29 1.67
N UNK F 74 0.45 -29.87 2.92
CA UNK F 74 1.22 -28.74 3.48
C UNK F 74 2.71 -28.88 3.23
N UNK F 75 3.33 -27.77 2.81
CA UNK F 75 4.79 -27.69 2.78
C UNK F 75 5.37 -27.81 4.18
N UNK F 76 4.68 -27.26 5.17
CA UNK F 76 5.08 -27.54 6.54
C UNK F 76 5.07 -29.03 6.81
N UNK F 77 4.10 -29.74 6.25
CA UNK F 77 4.14 -31.19 6.40
C UNK F 77 5.29 -31.79 5.60
N UNK F 78 5.69 -31.14 4.49
CA UNK F 78 6.93 -31.55 3.84
C UNK F 78 8.11 -31.43 4.78
N UNK F 79 8.16 -30.33 5.54
CA UNK F 79 9.16 -30.14 6.58
C UNK F 79 9.12 -31.27 7.58
N UNK F 80 7.92 -31.59 8.07
CA UNK F 80 7.75 -32.70 9.01
C UNK F 80 8.29 -33.99 8.42
N UNK F 81 7.91 -34.30 7.19
CA UNK F 81 8.39 -35.51 6.53
C UNK F 81 9.90 -35.54 6.47
N UNK F 82 10.51 -34.44 6.01
CA UNK F 82 11.96 -34.37 5.95
C UNK F 82 12.59 -34.57 7.33
N UNK F 83 12.06 -33.90 8.34
CA UNK F 83 12.61 -34.02 9.68
C UNK F 83 12.54 -35.46 10.18
N UNK F 84 11.36 -36.07 10.03
CA UNK F 84 11.18 -37.45 10.47
C UNK F 84 12.13 -38.38 9.74
N UNK F 85 12.37 -38.11 8.46
CA UNK F 85 13.37 -38.88 7.73
C UNK F 85 14.74 -38.65 8.35
N UNK F 86 15.07 -37.40 8.64
CA UNK F 86 16.32 -37.07 9.28
C UNK F 86 16.43 -37.72 10.65
N UNK F 87 15.30 -37.91 11.33
CA UNK F 87 15.33 -38.35 12.72
C UNK F 87 14.67 -39.70 12.90
N UNK F 88 14.61 -40.54 11.87
CA UNK F 88 14.35 -41.97 12.06
C UNK F 88 15.69 -42.67 12.30
N UNK F 89 16.21 -42.51 13.52
CA UNK F 89 17.54 -43.03 13.82
C UNK F 89 17.61 -44.52 13.54
N UNK F 90 16.62 -45.26 14.06
CA UNK F 90 16.54 -46.70 13.88
C UNK F 90 16.53 -47.10 12.42
N UNK F 91 15.97 -46.27 11.54
CA UNK F 91 15.98 -46.63 10.13
C UNK F 91 17.38 -46.50 9.53
N TYR F 92 18.01 -45.34 9.70
CA TYR F 92 19.24 -45.09 8.96
C TYR F 92 20.35 -45.94 9.56
N UNK F 93 20.47 -45.88 10.88
CA UNK F 93 21.65 -46.42 11.53
C UNK F 93 21.62 -47.93 11.42
N UNK F 94 20.47 -48.53 11.75
CA UNK F 94 20.36 -49.99 11.72
C UNK F 94 20.36 -50.55 10.31
N UNK F 95 19.80 -49.83 9.32
CA UNK F 95 19.95 -50.28 7.94
C UNK F 95 21.41 -50.30 7.53
N UNK F 96 22.13 -49.21 7.82
CA UNK F 96 23.54 -49.11 7.47
C UNK F 96 24.36 -50.19 8.16
N UNK F 97 24.13 -50.38 9.46
CA UNK F 97 24.88 -51.37 10.21
C UNK F 97 24.58 -52.79 9.74
N UNK F 98 23.32 -53.11 9.46
CA UNK F 98 23.02 -54.44 8.93
C UNK F 98 23.68 -54.65 7.57
N UNK F 99 23.59 -53.64 6.71
CA UNK F 99 24.19 -53.70 5.38
C UNK F 99 25.69 -53.96 5.46
N UNK F 100 26.41 -53.15 6.23
CA UNK F 100 27.85 -53.34 6.32
C UNK F 100 28.17 -54.64 7.05
N UNK F 101 27.64 -54.80 8.26
CA UNK F 101 28.10 -55.85 9.16
C UNK F 101 27.84 -57.23 8.56
N UNK F 102 26.81 -57.35 7.70
CA UNK F 102 26.58 -58.62 7.03
C UNK F 102 27.82 -59.09 6.25
N UNK F 103 28.55 -58.17 5.62
CA UNK F 103 29.74 -58.55 4.88
C UNK F 103 30.93 -58.69 5.82
N UNK F 104 31.52 -59.88 5.85
CA UNK F 104 32.53 -60.21 6.86
C UNK F 104 33.90 -60.56 6.27
N UNK F 105 34.13 -60.28 5.00
CA UNK F 105 35.45 -60.44 4.41
C UNK F 105 35.58 -59.65 3.12
N UNK G 1 -38.81 55.97 25.23
CA UNK G 1 -38.60 57.18 26.03
C UNK G 1 -37.74 56.88 27.25
N UNK G 2 -37.40 55.61 27.46
CA UNK G 2 -37.15 55.11 28.80
C UNK G 2 -36.20 53.91 28.75
N UNK G 3 -35.93 53.37 29.93
CA UNK G 3 -35.56 51.98 30.15
C UNK G 3 -36.42 51.50 31.30
N UNK G 4 -37.06 50.34 31.14
CA UNK G 4 -38.32 50.08 31.83
C UNK G 4 -38.34 48.71 32.47
N UNK G 5 -39.41 48.51 33.24
CA UNK G 5 -39.86 47.17 33.60
C UNK G 5 -39.94 46.29 32.37
N UNK G 6 -40.64 46.73 31.34
CA UNK G 6 -40.84 45.89 30.18
C UNK G 6 -39.52 45.39 29.63
N UNK G 7 -38.60 46.31 29.36
CA UNK G 7 -37.27 45.93 28.90
C UNK G 7 -36.49 45.14 29.94
N UNK G 8 -36.55 45.53 31.21
CA UNK G 8 -35.79 44.79 32.20
C UNK G 8 -36.25 43.35 32.28
N UNK G 9 -37.56 43.14 32.25
CA UNK G 9 -38.12 41.80 32.22
C UNK G 9 -37.72 41.07 30.96
N UNK G 10 -37.67 41.78 29.84
CA UNK G 10 -37.16 41.19 28.60
C UNK G 10 -35.76 40.63 28.82
N UNK G 11 -34.85 41.46 29.32
CA UNK G 11 -33.49 41.01 29.60
C UNK G 11 -33.47 39.82 30.54
N UNK G 12 -34.19 39.93 31.66
CA UNK G 12 -34.32 38.83 32.62
C UNK G 12 -34.73 37.55 31.91
N UNK G 13 -35.84 37.61 31.20
CA UNK G 13 -36.34 36.46 30.48
C UNK G 13 -35.27 35.89 29.57
N UNK G 14 -34.75 36.70 28.66
CA UNK G 14 -33.70 36.28 27.74
C UNK G 14 -32.60 35.52 28.47
N UNK G 15 -32.11 36.10 29.56
CA UNK G 15 -31.19 35.42 30.45
C UNK G 15 -31.68 34.01 30.80
N UNK G 16 -32.90 33.92 31.30
CA UNK G 16 -33.49 32.62 31.62
C UNK G 16 -33.58 31.70 30.41
N UNK G 17 -33.87 32.25 29.24
CA UNK G 17 -34.07 31.47 28.03
C UNK G 17 -32.77 30.96 27.43
N UNK G 18 -31.65 31.60 27.70
CA UNK G 18 -30.40 31.18 27.09
C UNK G 18 -29.89 29.93 27.79
N UNK G 19 -30.01 28.79 27.12
CA UNK G 19 -29.59 27.52 27.69
C UNK G 19 -28.08 27.42 27.59
N UNK G 20 -27.55 27.88 26.47
CA UNK G 20 -26.13 27.76 26.17
C UNK G 20 -25.29 28.36 27.27
N UNK G 21 -25.62 29.58 27.69
CA UNK G 21 -24.78 30.24 28.68
C UNK G 21 -24.78 29.47 29.99
N TYR G 22 -25.96 29.18 30.55
CA TYR G 22 -25.95 28.70 31.92
C TYR G 22 -25.46 27.25 31.95
N UNK G 23 -25.92 26.45 30.99
CA UNK G 23 -25.50 25.07 30.93
C UNK G 23 -24.01 24.96 30.66
N UNK G 24 -23.48 25.78 29.75
CA UNK G 24 -22.06 25.74 29.47
C UNK G 24 -21.27 26.15 30.70
N UNK G 25 -21.75 27.18 31.40
CA UNK G 25 -21.07 27.66 32.59
C UNK G 25 -20.96 26.58 33.64
N UNK G 26 -22.05 25.86 33.89
CA UNK G 26 -21.96 24.80 34.89
C UNK G 26 -21.17 23.59 34.38
N UNK G 27 -21.55 23.06 33.23
CA UNK G 27 -20.99 21.78 32.81
C UNK G 27 -19.54 21.92 32.36
N UNK G 28 -19.24 22.88 31.50
CA UNK G 28 -17.90 22.96 30.95
C UNK G 28 -16.91 23.35 32.04
N UNK G 29 -17.30 24.28 32.91
CA UNK G 29 -16.42 24.66 34.00
C UNK G 29 -16.17 23.48 34.93
N UNK G 30 -17.21 22.72 35.27
CA UNK G 30 -16.99 21.65 36.22
C UNK G 30 -16.31 20.44 35.58
N UNK G 31 -16.33 20.37 34.25
CA UNK G 31 -15.71 19.27 33.53
C UNK G 31 -14.20 19.18 33.76
N UNK G 32 -13.54 20.32 34.01
CA UNK G 32 -12.09 20.35 33.94
C UNK G 32 -11.41 19.75 35.18
N UNK G 33 -11.93 20.04 36.38
CA UNK G 33 -11.41 19.39 37.59
C UNK G 33 -12.26 18.16 37.89
N UNK G 34 -11.92 17.06 37.22
CA UNK G 34 -12.81 15.90 37.19
C UNK G 34 -12.37 14.74 38.09
N UNK G 35 -11.08 14.55 38.34
CA UNK G 35 -10.62 13.20 38.67
C UNK G 35 -9.32 13.25 39.46
N UNK G 36 -9.32 12.65 40.65
CA UNK G 36 -8.08 12.24 41.30
C UNK G 36 -8.38 11.10 42.25
N UNK G 37 -7.80 9.93 41.99
CA UNK G 37 -7.88 8.80 42.91
C UNK G 37 -6.94 7.71 42.45
N UNK G 38 -6.49 6.88 43.40
CA UNK G 38 -5.99 5.53 43.10
C UNK G 38 -7.17 4.58 43.03
N UNK G 39 -7.81 4.51 41.86
CA UNK G 39 -9.10 3.85 41.71
C UNK G 39 -9.09 2.44 42.28
N UNK G 40 -10.19 2.09 42.97
CA UNK G 40 -10.42 0.70 43.34
C UNK G 40 -10.68 -0.17 42.12
N UNK G 41 -11.32 0.37 41.09
CA UNK G 41 -11.37 -0.35 39.83
C UNK G 41 -9.97 -0.79 39.42
N UNK G 42 -8.99 0.09 39.62
CA UNK G 42 -7.64 -0.34 39.33
C UNK G 42 -7.10 -1.27 40.42
N UNK G 43 -7.58 -1.14 41.66
CA UNK G 43 -7.23 -2.16 42.64
C UNK G 43 -7.62 -3.55 42.14
N UNK G 44 -8.84 -3.67 41.60
CA UNK G 44 -9.30 -4.88 40.92
C UNK G 44 -8.33 -5.29 39.82
N UNK G 45 -7.96 -4.32 38.98
CA UNK G 45 -7.00 -4.59 37.91
C UNK G 45 -5.72 -5.21 38.48
N UNK G 46 -5.12 -4.52 39.44
CA UNK G 46 -3.88 -4.97 40.06
C UNK G 46 -4.03 -6.37 40.64
N UNK G 47 -5.09 -6.61 41.41
CA UNK G 47 -5.31 -7.92 42.00
C UNK G 47 -5.39 -8.99 40.92
N UNK G 48 -6.23 -8.76 39.93
CA UNK G 48 -6.33 -9.69 38.81
C UNK G 48 -4.96 -9.96 38.21
N UNK G 49 -4.23 -8.90 37.85
CA UNK G 49 -2.86 -9.02 37.38
C UNK G 49 -2.03 -9.94 38.26
N UNK G 50 -2.05 -9.69 39.57
CA UNK G 50 -1.41 -10.58 40.53
C UNK G 50 -1.79 -12.02 40.29
N UNK G 51 -3.09 -12.27 40.11
CA UNK G 51 -3.55 -13.61 39.77
C UNK G 51 -3.18 -14.03 38.35
N UNK G 52 -2.72 -13.11 37.52
CA UNK G 52 -2.72 -13.34 36.08
C UNK G 52 -1.61 -14.27 35.63
N UNK G 53 -0.37 -14.02 36.06
CA UNK G 53 0.78 -14.43 35.27
C UNK G 53 1.58 -15.54 35.93
N UNK G 54 1.93 -16.53 35.10
CA UNK G 54 2.72 -17.69 35.53
C UNK G 54 4.03 -17.28 36.17
N UNK G 55 4.65 -16.19 35.69
CA UNK G 55 5.96 -15.81 36.21
C UNK G 55 5.90 -15.57 37.71
N UNK G 56 4.81 -15.02 38.22
CA UNK G 56 4.62 -15.04 39.66
C UNK G 56 4.17 -16.41 40.15
N TYR G 57 3.13 -16.97 39.52
CA TYR G 57 2.39 -18.09 40.09
C TYR G 57 3.21 -19.36 40.16
N UNK G 58 3.75 -19.80 39.03
CA UNK G 58 4.58 -20.99 39.02
C UNK G 58 5.88 -20.73 39.77
N UNK G 59 6.54 -19.62 39.45
CA UNK G 59 7.92 -19.44 39.88
C UNK G 59 8.01 -19.30 41.39
N UNK G 60 6.98 -18.74 42.02
CA UNK G 60 7.00 -18.56 43.47
C UNK G 60 7.22 -19.89 44.17
N UNK G 61 6.50 -20.92 43.75
CA UNK G 61 6.77 -22.26 44.26
C UNK G 61 8.05 -22.85 43.68
N UNK G 62 8.17 -22.87 42.36
CA UNK G 62 9.14 -23.79 41.75
C UNK G 62 10.58 -23.31 41.95
N UNK G 63 10.82 -22.00 41.83
CA UNK G 63 12.17 -21.50 42.13
C UNK G 63 12.50 -21.70 43.59
N UNK G 64 11.49 -21.53 44.46
CA UNK G 64 11.75 -21.48 45.89
C UNK G 64 12.07 -22.86 46.44
N UNK G 65 11.23 -23.84 46.13
CA UNK G 65 11.33 -25.15 46.76
C UNK G 65 12.25 -26.09 46.01
N UNK G 66 12.16 -26.13 44.68
CA UNK G 66 13.07 -27.01 43.96
C UNK G 66 14.52 -26.61 44.11
N UNK G 67 14.80 -25.46 44.73
CA UNK G 67 16.13 -25.17 45.25
C UNK G 67 16.68 -26.33 46.08
N UNK G 68 15.89 -26.82 47.04
CA UNK G 68 16.32 -27.83 47.99
C UNK G 68 15.56 -29.13 47.72
N UNK G 69 16.27 -30.14 47.22
CA UNK G 69 15.63 -31.30 46.61
C UNK G 69 15.77 -32.57 47.41
N UNK G 70 16.72 -32.65 48.34
CA UNK G 70 17.27 -33.94 48.74
C UNK G 70 18.00 -33.84 50.07
N UNK H 1 -38.60 77.84 -0.10
CA UNK H 1 -38.31 76.54 -0.71
C UNK H 1 -36.82 76.40 -0.99
N UNK H 2 -36.24 77.44 -1.59
CA UNK H 2 -34.81 77.47 -1.89
C UNK H 2 -33.97 77.36 -0.63
N UNK H 3 -34.47 77.94 0.46
CA UNK H 3 -33.78 77.90 1.74
C UNK H 3 -33.55 76.48 2.25
N UNK H 4 -34.65 75.73 2.34
CA UNK H 4 -34.58 74.36 2.81
C UNK H 4 -33.66 73.53 1.92
N UNK H 5 -33.72 73.78 0.63
CA UNK H 5 -32.89 73.07 -0.34
C UNK H 5 -31.42 73.36 -0.10
N UNK H 6 -31.10 74.63 0.15
CA UNK H 6 -29.72 75.04 0.40
C UNK H 6 -29.22 74.35 1.65
N UNK H 7 -30.10 74.31 2.65
CA UNK H 7 -29.77 73.69 3.93
C UNK H 7 -29.43 72.21 3.71
N UNK H 8 -30.29 71.55 2.95
CA UNK H 8 -30.12 70.15 2.61
C UNK H 8 -28.80 69.88 1.89
N UNK H 9 -28.51 70.73 0.90
CA UNK H 9 -27.25 70.64 0.17
C UNK H 9 -26.02 70.77 1.06
N UNK H 10 -26.05 71.77 1.93
CA UNK H 10 -24.95 71.99 2.88
C UNK H 10 -24.74 70.77 3.77
N UNK H 11 -25.85 70.28 4.34
CA UNK H 11 -25.81 69.10 5.19
C UNK H 11 -25.21 67.91 4.45
N UNK H 12 -25.69 67.70 3.23
CA UNK H 12 -25.21 66.62 2.37
C UNK H 12 -23.70 66.72 2.18
N UNK H 13 -23.22 67.93 1.90
CA UNK H 13 -21.81 68.14 1.62
C UNK H 13 -20.97 67.77 2.84
N UNK H 14 -21.42 68.27 3.99
CA UNK H 14 -20.70 68.06 5.24
C UNK H 14 -20.59 66.56 5.52
N UNK H 15 -21.74 65.90 5.42
CA UNK H 15 -21.82 64.46 5.64
C UNK H 15 -20.92 63.69 4.70
N UNK H 16 -20.92 64.08 3.43
CA UNK H 16 -20.07 63.45 2.43
C UNK H 16 -18.60 63.56 2.77
N UNK H 17 -18.19 64.74 3.19
CA UNK H 17 -16.80 64.96 3.56
C UNK H 17 -16.41 64.05 4.73
N UNK H 18 -17.25 64.07 5.75
CA UNK H 18 -17.04 63.27 6.93
C UNK H 18 -16.92 61.80 6.55
N UNK H 19 -17.80 61.37 5.66
CA UNK H 19 -17.81 59.99 5.18
C UNK H 19 -16.54 59.63 4.44
N UNK H 20 -16.04 60.52 3.60
CA UNK H 20 -14.82 60.27 2.85
C UNK H 20 -13.66 60.05 3.82
N UNK H 21 -13.56 60.97 4.76
CA UNK H 21 -12.51 60.91 5.77
C UNK H 21 -12.56 59.58 6.54
N UNK H 22 -13.78 59.25 6.98
CA UNK H 22 -14.03 58.02 7.69
C UNK H 22 -13.62 56.80 6.88
N UNK H 23 -13.95 56.79 5.59
CA UNK H 23 -13.60 55.70 4.71
C UNK H 23 -12.11 55.51 4.68
N UNK H 24 -11.41 56.63 4.54
CA UNK H 24 -9.95 56.60 4.50
C UNK H 24 -9.39 55.95 5.76
N UNK H 25 -9.82 56.49 6.89
CA UNK H 25 -9.39 56.01 8.19
C UNK H 25 -9.66 54.51 8.35
N UNK H 26 -10.85 54.10 7.91
CA UNK H 26 -11.27 52.71 8.00
C UNK H 26 -10.35 51.81 7.19
N UNK H 27 -9.98 52.25 6.00
CA UNK H 27 -9.13 51.45 5.15
C UNK H 27 -7.79 51.26 5.85
N UNK H 28 -7.29 52.36 6.40
CA UNK H 28 -6.03 52.33 7.10
C UNK H 28 -6.05 51.32 8.25
N UNK H 29 -7.13 51.41 9.02
CA UNK H 29 -7.35 50.54 10.16
C UNK H 29 -7.41 49.08 9.74
N UNK H 30 -8.07 48.84 8.62
CA UNK H 30 -8.21 47.49 8.09
C UNK H 30 -6.83 46.92 7.81
N UNK H 31 -6.01 47.76 7.19
CA UNK H 31 -4.64 47.38 6.90
C UNK H 31 -3.89 46.98 8.16
N UNK H 32 -3.93 47.88 9.14
CA UNK H 32 -3.30 47.65 10.44
C UNK H 32 -3.75 46.34 11.07
N UNK H 33 -5.05 46.10 11.04
CA UNK H 33 -5.63 44.90 11.60
C UNK H 33 -5.13 43.65 10.90
N UNK H 34 -5.05 43.71 9.58
CA UNK H 34 -4.56 42.57 8.81
C UNK H 34 -3.14 42.23 9.24
N UNK H 35 -2.36 43.30 9.36
CA UNK H 35 -0.96 43.19 9.78
C UNK H 35 -0.87 42.48 11.12
N UNK H 36 -1.67 42.97 12.06
CA UNK H 36 -1.69 42.42 13.40
C UNK H 36 -2.08 40.95 13.42
N UNK H 37 -3.11 40.61 12.66
CA UNK H 37 -3.60 39.23 12.58
C UNK H 37 -2.50 38.31 12.08
N UNK H 38 -1.80 38.79 11.06
CA UNK H 38 -0.71 38.02 10.47
C UNK H 38 0.35 37.78 11.54
N UNK H 39 0.71 38.86 12.24
CA UNK H 39 1.68 38.79 13.31
C UNK H 39 1.30 37.74 14.35
N UNK H 40 0.02 37.77 14.71
CA UNK H 40 -0.52 36.84 15.69
C UNK H 40 -0.37 35.39 15.25
N UNK H 41 -0.79 35.11 14.03
CA UNK H 41 -0.69 33.77 13.47
C UNK H 41 0.76 33.29 13.48
N UNK H 42 1.65 34.21 13.11
CA UNK H 42 3.08 33.92 13.09
C UNK H 42 3.57 33.52 14.46
N UNK H 43 3.23 34.34 15.45
CA UNK H 43 3.60 34.09 16.84
C UNK H 43 3.09 32.75 17.30
N UNK H 44 1.88 32.42 16.87
CA UNK H 44 1.25 31.14 17.23
C UNK H 44 2.06 29.96 16.71
N UNK H 45 2.35 30.01 15.42
CA UNK H 45 3.16 28.96 14.79
C UNK H 45 4.50 28.82 15.49
N UNK H 46 5.13 29.96 15.77
CA UNK H 46 6.40 30.00 16.46
C UNK H 46 6.33 29.30 17.81
N UNK H 47 5.32 29.67 18.60
CA UNK H 47 5.10 29.08 19.91
C UNK H 47 4.96 27.56 19.78
N UNK H 48 4.20 27.14 18.78
CA UNK H 48 3.97 25.71 18.56
C UNK H 48 5.27 24.95 18.32
N UNK H 49 6.10 25.53 17.45
CA UNK H 49 7.39 24.94 17.13
C UNK H 49 8.26 24.76 18.38
N UNK H 50 8.41 25.86 19.11
CA UNK H 50 9.21 25.87 20.31
C UNK H 50 8.66 24.89 21.32
N UNK H 51 7.33 24.75 21.35
CA UNK H 51 6.69 23.83 22.27
C UNK H 51 7.06 22.41 21.90
N UNK H 52 7.07 22.12 20.61
CA UNK H 52 7.42 20.79 20.13
C UNK H 52 8.86 20.46 20.56
N UNK H 53 9.71 21.46 20.36
CA UNK H 53 11.12 21.34 20.75
C UNK H 53 11.26 21.03 22.24
N UNK H 54 10.56 21.82 23.05
CA UNK H 54 10.54 21.63 24.50
C UNK H 54 10.05 20.26 24.90
N UNK H 55 9.04 19.77 24.19
CA UNK H 55 8.47 18.47 24.47
C UNK H 55 9.51 17.39 24.26
N UNK H 56 10.17 17.48 23.12
CA UNK H 56 11.21 16.52 22.79
C UNK H 56 12.31 16.54 23.84
N UNK H 57 12.72 17.74 24.21
CA UNK H 57 13.77 17.92 25.20
C UNK H 57 13.39 17.33 26.54
N UNK H 58 12.15 17.55 26.94
CA UNK H 58 11.64 17.01 28.19
C UNK H 58 11.60 15.49 28.15
N UNK H 59 11.26 14.96 26.98
CA UNK H 59 11.22 13.52 26.80
C UNK H 59 12.61 12.96 27.06
N UNK H 60 13.58 13.58 26.41
CA UNK H 60 14.98 13.22 26.57
C UNK H 60 15.41 13.30 28.03
N UNK H 61 14.97 14.36 28.69
CA UNK H 61 15.26 14.58 30.10
C UNK H 61 14.76 13.45 30.98
N UNK H 62 13.49 13.10 30.80
CA UNK H 62 12.87 12.03 31.56
C UNK H 62 13.62 10.73 31.33
N UNK H 63 13.93 10.48 30.07
CA UNK H 63 14.67 9.30 29.67
C UNK H 63 15.98 9.22 30.45
N UNK H 64 16.75 10.29 30.37
CA UNK H 64 18.04 10.38 31.04
C UNK H 64 17.91 10.20 32.54
N UNK H 65 16.87 10.76 33.12
CA UNK H 65 16.64 10.66 34.56
C UNK H 65 16.47 9.21 34.95
N UNK H 66 15.56 8.54 34.25
CA UNK H 66 15.26 7.15 34.53
C UNK H 66 16.54 6.32 34.37
N UNK H 67 17.28 6.65 33.32
CA UNK H 67 18.50 5.94 32.98
C UNK H 67 19.46 6.02 34.15
N UNK H 68 19.77 7.25 34.56
CA UNK H 68 20.68 7.52 35.66
C UNK H 68 20.25 6.82 36.94
N UNK H 69 18.96 6.85 37.22
CA UNK H 69 18.45 6.21 38.43
C UNK H 69 18.77 4.72 38.43
N UNK H 70 18.30 4.04 37.39
CA UNK H 70 18.52 2.62 37.25
C UNK H 70 19.99 2.26 37.31
N UNK H 71 20.78 3.05 36.60
CA UNK H 71 22.22 2.86 36.53
C UNK H 71 22.90 2.97 37.88
N UNK H 72 22.60 4.04 38.62
CA UNK H 72 23.18 4.25 39.92
C UNK H 72 22.83 3.09 40.84
N UNK H 73 21.56 2.71 40.81
CA UNK H 73 21.09 1.61 41.63
C UNK H 73 21.87 0.32 41.37
N UNK H 74 21.83 -0.11 40.12
CA UNK H 74 22.53 -1.32 39.70
C UNK H 74 24.01 -1.27 39.99
N UNK H 75 24.63 -0.12 39.78
CA UNK H 75 26.05 0.04 40.03
C UNK H 75 26.40 -0.13 41.50
N UNK H 76 25.57 0.46 42.37
CA UNK H 76 25.78 0.31 43.80
C UNK H 76 25.67 -1.15 44.20
N UNK H 77 24.63 -1.79 43.68
CA UNK H 77 24.39 -3.20 43.92
C UNK H 77 25.60 -4.04 43.53
N UNK H 78 26.10 -3.74 42.35
CA UNK H 78 27.27 -4.41 41.81
C UNK H 78 28.50 -4.22 42.69
N UNK H 79 28.72 -2.99 43.14
CA UNK H 79 29.87 -2.69 44.00
C UNK H 79 29.80 -3.50 45.28
N UNK H 80 28.61 -3.57 45.85
CA UNK H 80 28.38 -4.33 47.07
C UNK H 80 28.69 -5.81 46.86
N UNK H 81 28.08 -6.38 45.83
CA UNK H 81 28.27 -7.79 45.50
C UNK H 81 29.74 -8.09 45.24
N UNK H 82 30.42 -7.13 44.62
CA UNK H 82 31.84 -7.24 44.32
C UNK H 82 32.65 -7.34 45.60
N UNK H 83 32.35 -6.46 46.55
CA UNK H 83 33.06 -6.48 47.82
C UNK H 83 32.85 -7.82 48.51
N UNK H 84 31.61 -8.30 48.44
CA UNK H 84 31.24 -9.58 49.03
C UNK H 84 32.08 -10.71 48.46
N UNK H 85 32.08 -10.80 47.14
CA UNK H 85 32.83 -11.81 46.43
C UNK H 85 34.32 -11.71 46.70
N UNK H 86 34.84 -10.49 46.83
CA UNK H 86 36.25 -10.29 47.12
C UNK H 86 36.62 -10.84 48.50
N UNK H 87 35.76 -10.57 49.48
CA UNK H 87 35.98 -11.09 50.82
C UNK H 87 35.98 -12.61 50.80
N UNK H 88 34.99 -13.16 50.11
CA UNK H 88 34.87 -14.61 49.95
C UNK H 88 36.14 -15.20 49.35
N UNK H 89 36.64 -14.52 48.32
CA UNK H 89 37.87 -14.91 47.64
C UNK H 89 39.06 -14.92 48.58
N UNK H 90 39.19 -13.88 49.38
CA UNK H 90 40.30 -13.78 50.33
C UNK H 90 40.27 -14.95 51.30
N UNK H 91 39.07 -15.20 51.84
CA UNK H 91 38.87 -16.29 52.79
C UNK H 91 39.27 -17.62 52.18
N UNK H 92 38.79 -17.84 50.96
CA UNK H 92 39.08 -19.07 50.23
C UNK H 92 40.57 -19.23 49.97
N UNK H 93 41.23 -18.11 49.67
CA UNK H 93 42.67 -18.12 49.41
C UNK H 93 43.41 -18.59 50.64
N UNK H 94 43.03 -18.03 51.78
CA UNK H 94 43.66 -18.39 53.04
C UNK H 94 43.47 -19.89 53.32
N UNK H 95 42.24 -20.33 53.12
CA UNK H 95 41.89 -21.74 53.32
C UNK H 95 42.74 -22.67 52.45
N UNK H 96 42.84 -22.32 51.18
CA UNK H 96 43.63 -23.08 50.22
C UNK H 96 45.11 -23.12 50.61
N UNK H 97 45.62 -21.99 51.07
CA UNK H 97 47.02 -21.92 51.50
C UNK H 97 47.26 -22.90 52.64
N UNK H 98 46.34 -22.86 53.60
CA UNK H 98 46.42 -23.75 54.75
C UNK H 98 46.44 -25.20 54.29
N UNK H 99 45.51 -25.51 53.39
CA UNK H 99 45.39 -26.85 52.83
C UNK H 99 46.70 -27.30 52.18
N UNK H 100 47.29 -26.41 51.39
CA UNK H 100 48.54 -26.71 50.69
C UNK H 100 49.66 -27.03 51.67
N UNK H 101 49.80 -26.17 52.67
CA UNK H 101 50.83 -26.35 53.68
C UNK H 101 50.67 -27.69 54.38
N UNK H 102 49.44 -27.98 54.77
CA UNK H 102 49.10 -29.21 55.46
C UNK H 102 49.43 -30.43 54.61
N UNK H 103 49.10 -30.35 53.34
CA UNK H 103 49.35 -31.44 52.41
C UNK H 103 50.84 -31.68 52.25
N UNK H 104 51.61 -30.60 52.22
CA UNK H 104 53.05 -30.70 52.14
C UNK H 104 53.61 -31.43 53.35
N UNK H 105 53.15 -31.01 54.52
CA UNK H 105 53.55 -31.62 55.78
C UNK H 105 53.25 -33.11 55.76
N UNK H 106 52.03 -33.43 55.34
CA UNK H 106 51.57 -34.80 55.20
C UNK H 106 52.46 -35.61 54.26
N UNK H 107 52.84 -35.01 53.15
CA UNK H 107 53.70 -35.66 52.17
C UNK H 107 55.02 -36.04 52.79
N UNK H 108 55.61 -35.06 53.48
CA UNK H 108 56.88 -35.27 54.17
C UNK H 108 56.77 -36.42 55.16
N UNK H 109 55.71 -36.34 55.97
CA UNK H 109 55.44 -37.35 56.98
C UNK H 109 55.30 -38.75 56.39
N UNK H 110 54.56 -38.85 55.30
CA UNK H 110 54.36 -40.12 54.60
C UNK H 110 55.69 -40.65 54.11
N UNK H 111 56.53 -39.75 53.61
CA UNK H 111 57.82 -40.15 53.09
C UNK H 111 58.61 -40.79 54.21
N UNK H 112 58.61 -40.10 55.34
CA UNK H 112 59.33 -40.55 56.53
C UNK H 112 58.83 -41.91 57.00
N UNK H 113 57.51 -42.05 57.01
CA UNK H 113 56.86 -43.29 57.40
C UNK H 113 57.25 -44.46 56.49
N UNK H 114 57.16 -44.22 55.19
CA UNK H 114 57.54 -45.21 54.19
C UNK H 114 58.97 -45.63 54.44
N UNK H 115 59.81 -44.65 54.76
CA UNK H 115 61.20 -44.91 55.02
C UNK H 115 61.34 -45.80 56.25
N UNK H 116 60.51 -45.53 57.25
CA UNK H 116 60.50 -46.30 58.49
C UNK H 116 60.17 -47.76 58.21
N UNK H 117 59.34 -48.01 57.20
CA UNK H 117 58.98 -49.37 56.84
C UNK H 117 60.17 -50.14 56.28
N UNK I 1 -41.10 74.33 -9.30
CA UNK I 1 -39.92 73.76 -9.91
C UNK I 1 -38.86 73.43 -8.86
N UNK I 2 -38.62 74.38 -7.98
CA UNK I 2 -37.64 74.23 -6.91
C UNK I 2 -37.92 73.01 -6.05
N UNK I 3 -39.19 72.65 -5.97
CA UNK I 3 -39.63 71.51 -5.20
C UNK I 3 -38.93 70.21 -5.57
N UNK I 4 -38.91 69.92 -6.86
CA UNK I 4 -38.26 68.71 -7.36
C UNK I 4 -36.78 68.67 -6.98
N UNK I 5 -36.11 69.80 -7.18
CA UNK I 5 -34.70 69.91 -6.85
C UNK I 5 -34.47 69.62 -5.37
N UNK I 6 -35.32 70.21 -4.55
CA UNK I 6 -35.23 70.04 -3.11
C UNK I 6 -35.38 68.57 -2.76
N UNK I 7 -36.38 67.93 -3.37
CA UNK I 7 -36.66 66.53 -3.13
C UNK I 7 -35.46 65.67 -3.48
N UNK I 8 -34.86 65.99 -4.61
CA UNK I 8 -33.68 65.29 -5.09
C UNK I 8 -32.54 65.40 -4.10
N UNK I 9 -32.24 66.63 -3.72
CA UNK I 9 -31.16 66.92 -2.78
C UNK I 9 -31.37 66.16 -1.48
N UNK I 10 -32.63 66.14 -1.05
CA UNK I 10 -33.01 65.45 0.17
C UNK I 10 -32.73 63.96 0.09
N UNK I 11 -33.22 63.34 -0.98
CA UNK I 11 -32.99 61.92 -1.21
C UNK I 11 -31.50 61.58 -1.22
N UNK I 12 -30.76 62.42 -1.92
CA UNK I 12 -29.32 62.29 -2.03
C UNK I 12 -28.67 62.27 -0.65
N UNK I 13 -28.87 63.37 0.08
CA UNK I 13 -28.36 63.52 1.43
C UNK I 13 -28.76 62.34 2.31
N UNK I 14 -29.98 61.86 2.11
CA UNK I 14 -30.50 60.75 2.91
C UNK I 14 -29.68 59.50 2.70
N UNK I 15 -29.55 59.11 1.44
CA UNK I 15 -28.82 57.89 1.11
C UNK I 15 -27.38 58.02 1.57
N UNK I 16 -26.86 59.23 1.44
CA UNK I 16 -25.50 59.53 1.85
C UNK I 16 -25.31 59.30 3.33
N UNK I 17 -26.19 59.89 4.12
CA UNK I 17 -26.18 59.73 5.57
C UNK I 17 -26.31 58.27 5.94
N UNK I 18 -27.08 57.53 5.14
CA UNK I 18 -27.27 56.11 5.40
C UNK I 18 -25.93 55.40 5.31
N UNK I 19 -25.28 55.60 4.17
CA UNK I 19 -23.98 55.03 3.92
C UNK I 19 -23.00 55.43 5.01
N UNK I 20 -23.08 56.69 5.42
CA UNK I 20 -22.21 57.23 6.45
C UNK I 20 -22.40 56.58 7.82
N UNK I 21 -23.66 56.36 8.18
CA UNK I 21 -23.97 55.72 9.45
C UNK I 21 -23.42 54.32 9.43
N UNK I 22 -23.62 53.65 8.30
CA UNK I 22 -23.12 52.30 8.12
C UNK I 22 -21.62 52.28 8.33
N UNK I 23 -20.98 53.28 7.74
CA UNK I 23 -19.55 53.46 7.85
C UNK I 23 -19.08 53.63 9.29
N UNK I 24 -19.70 54.55 10.00
CA UNK I 24 -19.35 54.79 11.40
C UNK I 24 -19.52 53.52 12.22
N UNK I 25 -20.59 52.79 11.92
CA UNK I 25 -20.87 51.54 12.59
C UNK I 25 -19.72 50.57 12.43
N UNK I 26 -19.42 50.29 11.17
CA UNK I 26 -18.33 49.40 10.80
C UNK I 26 -17.03 49.87 11.42
N UNK I 27 -16.85 51.18 11.48
CA UNK I 27 -15.67 51.79 12.06
C UNK I 27 -15.50 51.38 13.51
N UNK I 28 -16.55 51.58 14.29
CA UNK I 28 -16.50 51.27 15.70
C UNK I 28 -16.23 49.78 15.90
N UNK I 29 -16.92 48.98 15.11
CA UNK I 29 -16.78 47.53 15.20
C UNK I 29 -15.35 47.10 14.94
N UNK I 30 -14.79 47.64 13.86
CA UNK I 30 -13.42 47.38 13.47
C UNK I 30 -12.43 47.83 14.52
N UNK I 31 -12.72 48.95 15.15
CA UNK I 31 -11.87 49.47 16.21
C UNK I 31 -11.81 48.45 17.34
N UNK I 32 -12.99 47.98 17.72
CA UNK I 32 -13.12 46.96 18.77
C UNK I 32 -12.32 45.71 18.44
N UNK I 33 -12.52 45.24 17.22
CA UNK I 33 -11.84 44.06 16.72
C UNK I 33 -10.33 44.22 16.77
N UNK I 34 -9.86 45.38 16.32
CA UNK I 34 -8.44 45.69 16.30
C UNK I 34 -7.86 45.65 17.71
N UNK I 35 -8.58 46.23 18.65
CA UNK I 35 -8.15 46.22 20.04
C UNK I 35 -8.03 44.80 20.58
N UNK I 36 -9.08 44.02 20.33
CA UNK I 36 -9.12 42.62 20.75
C UNK I 36 -7.92 41.87 20.22
N UNK I 37 -7.66 42.06 18.94
CA UNK I 37 -6.55 41.40 18.28
C UNK I 37 -5.23 41.79 18.92
N UNK I 38 -5.02 43.10 19.08
CA UNK I 38 -3.81 43.62 19.70
C UNK I 38 -3.55 42.92 21.02
N UNK I 39 -4.62 42.79 21.81
CA UNK I 39 -4.53 42.15 23.11
C UNK I 39 -4.08 40.70 22.93
N UNK I 40 -4.71 40.04 21.98
CA UNK I 40 -4.41 38.64 21.68
C UNK I 40 -2.95 38.45 21.29
N UNK I 41 -2.45 39.32 20.42
CA UNK I 41 -1.06 39.26 19.98
C UNK I 41 -0.10 39.48 21.14
N UNK I 42 -0.39 40.47 21.98
CA UNK I 42 0.46 40.75 23.13
C UNK I 42 0.53 39.52 24.05
N UNK I 43 -0.63 38.91 24.28
CA UNK I 43 -0.70 37.72 25.11
C UNK I 43 0.12 36.57 24.54
N UNK I 44 -0.01 36.39 23.23
CA UNK I 44 0.74 35.36 22.53
C UNK I 44 2.24 35.56 22.70
N UNK I 45 2.66 36.81 22.55
CA UNK I 45 4.07 37.17 22.71
C UNK I 45 4.56 36.83 24.11
N UNK I 46 3.75 37.18 25.11
CA UNK I 46 4.08 36.87 26.50
C UNK I 46 4.25 35.36 26.73
N UNK I 47 3.28 34.62 26.21
CA UNK I 47 3.31 33.17 26.31
C UNK I 47 4.58 32.61 25.69
N UNK I 48 4.90 33.11 24.50
CA UNK I 48 6.10 32.70 23.78
C UNK I 48 7.35 32.99 24.60
N UNK I 49 7.36 34.14 25.28
CA UNK I 49 8.51 34.52 26.09
C UNK I 49 8.71 33.51 27.21
N UNK I 50 7.60 33.19 27.87
CA UNK I 50 7.62 32.23 28.98
C UNK I 50 8.15 30.88 28.50
N UNK I 51 7.64 30.47 27.35
CA UNK I 51 8.01 29.21 26.72
C UNK I 51 9.50 29.17 26.40
N UNK I 52 10.01 30.27 25.87
CA UNK I 52 11.42 30.40 25.52
C UNK I 52 12.28 30.27 26.75
N UNK I 53 11.82 30.86 27.85
CA UNK I 53 12.54 30.80 29.12
C UNK I 53 12.65 29.34 29.56
N UNK I 54 11.51 28.67 29.54
CA UNK I 54 11.44 27.27 29.93
C UNK I 54 12.35 26.39 29.06
N UNK I 55 12.39 26.69 27.77
CA UNK I 55 13.22 25.98 26.81
C UNK I 55 14.69 26.00 27.23
N UNK I 56 15.22 27.20 27.46
CA UNK I 56 16.60 27.36 27.87
C UNK I 56 16.84 26.64 29.19
N UNK I 57 15.86 26.74 30.09
CA UNK I 57 15.99 26.12 31.40
C UNK I 57 16.13 24.59 31.28
N UNK I 58 15.48 24.04 30.26
CA UNK I 58 15.46 22.59 30.06
C UNK I 58 16.82 21.94 29.76
N UNK I 59 17.48 22.39 28.70
CA UNK I 59 18.77 21.86 28.26
C UNK I 59 19.82 21.67 29.36
N UNK I 60 19.82 22.56 30.35
CA UNK I 60 20.80 22.51 31.42
C UNK I 60 20.86 21.15 32.09
N UNK I 61 19.69 20.63 32.45
CA UNK I 61 19.59 19.35 33.15
C UNK I 61 20.08 18.17 32.31
N UNK I 62 20.11 18.34 31.00
CA UNK I 62 20.51 17.25 30.11
C UNK I 62 21.94 16.79 30.36
N UNK I 63 22.88 17.70 30.14
CA UNK I 63 24.30 17.42 30.25
C UNK I 63 24.67 16.79 31.59
N UNK I 64 23.97 17.22 32.64
CA UNK I 64 24.25 16.73 33.99
C UNK I 64 24.07 15.23 34.05
N UNK I 65 22.83 14.79 33.78
CA UNK I 65 22.50 13.38 33.83
C UNK I 65 23.35 12.63 32.81
N UNK I 66 23.66 13.30 31.71
CA UNK I 66 24.47 12.69 30.68
C UNK I 66 25.80 12.23 31.27
N UNK I 67 26.51 13.20 31.85
CA UNK I 67 27.82 12.95 32.45
C UNK I 67 27.73 11.94 33.59
N UNK I 68 26.67 12.05 34.37
CA UNK I 68 26.44 11.17 35.50
C UNK I 68 26.39 9.73 35.02
N UNK I 69 25.48 9.46 34.11
CA UNK I 69 25.32 8.14 33.52
C UNK I 69 26.59 7.66 32.86
N UNK I 70 27.33 8.59 32.26
CA UNK I 70 28.59 8.25 31.62
C UNK I 70 29.56 7.65 32.62
N UNK I 71 29.80 8.40 33.68
CA UNK I 71 30.69 7.96 34.75
C UNK I 71 30.21 6.65 35.34
N UNK I 72 28.90 6.56 35.51
CA UNK I 72 28.26 5.37 36.03
C UNK I 72 28.60 4.15 35.21
N UNK I 73 28.39 4.26 33.91
CA UNK I 73 28.66 3.19 32.98
C UNK I 73 30.12 2.80 33.00
N UNK I 74 30.99 3.81 33.08
CA UNK I 74 32.42 3.56 33.11
C UNK I 74 32.78 2.67 34.29
N UNK I 75 32.40 3.14 35.47
CA UNK I 75 32.65 2.44 36.71
C UNK I 75 32.02 1.06 36.70
N UNK I 76 30.85 0.95 36.08
CA UNK I 76 30.13 -0.31 35.99
C UNK I 76 30.91 -1.32 35.18
N UNK I 77 31.43 -0.88 34.04
CA UNK I 77 32.22 -1.74 33.18
C UNK I 77 33.43 -2.23 33.95
N UNK I 78 34.05 -1.29 34.65
CA UNK I 78 35.23 -1.58 35.45
C UNK I 78 34.94 -2.69 36.47
N UNK I 79 33.88 -2.47 37.23
CA UNK I 79 33.44 -3.41 38.24
C UNK I 79 33.10 -4.77 37.66
N UNK I 80 32.44 -4.79 36.51
CA UNK I 80 32.08 -6.03 35.86
C UNK I 80 33.32 -6.85 35.51
N UNK I 81 34.29 -6.16 34.93
CA UNK I 81 35.55 -6.80 34.58
C UNK I 81 36.22 -7.37 35.81
N UNK I 82 36.31 -6.55 36.86
CA UNK I 82 36.90 -6.97 38.12
C UNK I 82 36.22 -8.21 38.67
N UNK I 83 34.89 -8.21 38.60
CA UNK I 83 34.08 -9.32 39.07
C UNK I 83 34.42 -10.59 38.33
N UNK I 84 34.46 -10.49 37.01
CA UNK I 84 34.77 -11.63 36.17
C UNK I 84 36.12 -12.22 36.56
N UNK I 85 37.08 -11.33 36.70
CA UNK I 85 38.44 -11.72 37.07
C UNK I 85 38.47 -12.47 38.39
N UNK I 86 37.85 -11.85 39.40
CA UNK I 86 37.80 -12.39 40.74
C UNK I 86 37.15 -13.76 40.73
N UNK I 87 36.09 -13.89 39.93
CA UNK I 87 35.36 -15.13 39.82
C UNK I 87 36.24 -16.24 39.27
N UNK I 88 36.97 -15.91 38.21
CA UNK I 88 37.89 -16.86 37.61
C UNK I 88 38.94 -17.34 38.60
N UNK I 89 39.53 -16.36 39.28
CA UNK I 89 40.54 -16.62 40.30
C UNK I 89 39.99 -17.56 41.38
N UNK I 90 38.80 -17.24 41.83
CA UNK I 90 38.12 -18.01 42.86
C UNK I 90 37.88 -19.44 42.40
N UNK I 91 37.49 -19.59 41.15
CA UNK I 91 37.25 -20.92 40.59
C UNK I 91 38.50 -21.76 40.60
N UNK I 92 39.57 -21.17 40.09
CA UNK I 92 40.86 -21.84 40.06
C UNK I 92 41.30 -22.25 41.46
N UNK I 93 41.15 -21.31 42.39
CA UNK I 93 41.49 -21.55 43.78
C UNK I 93 40.68 -22.68 44.38
N UNK I 94 39.39 -22.72 44.06
CA UNK I 94 38.51 -23.77 44.54
C UNK I 94 39.00 -25.11 44.05
N UNK I 95 39.38 -25.14 42.78
CA UNK I 95 39.91 -26.34 42.17
C UNK I 95 41.12 -26.86 42.94
N UNK I 96 42.07 -25.94 43.14
CA UNK I 96 43.28 -26.25 43.90
C UNK I 96 43.00 -26.78 45.29
N UNK I 97 42.09 -26.10 45.99
CA UNK I 97 41.70 -26.49 47.35
C UNK I 97 41.09 -27.87 47.41
N UNK I 98 40.21 -28.18 46.47
CA UNK I 98 39.58 -29.48 46.40
C UNK I 98 40.64 -30.54 46.20
N UNK I 99 41.55 -30.27 45.26
CA UNK I 99 42.64 -31.19 44.96
C UNK I 99 43.44 -31.46 46.23
N UNK I 100 43.70 -30.38 46.96
CA UNK I 100 44.44 -30.46 48.21
C UNK I 100 43.73 -31.33 49.25
N UNK I 101 42.45 -31.09 49.45
CA UNK I 101 41.66 -31.87 50.41
C UNK I 101 41.70 -33.34 50.07
N UNK I 102 41.53 -33.62 48.79
CA UNK I 102 41.55 -34.99 48.29
C UNK I 102 42.88 -35.65 48.62
N UNK I 103 43.96 -34.95 48.25
CA UNK I 103 45.30 -35.45 48.47
C UNK I 103 45.53 -35.72 49.95
N UNK I 104 45.00 -34.85 50.78
CA UNK I 104 45.17 -34.94 52.22
C UNK I 104 44.51 -36.21 52.74
N UNK I 105 43.28 -36.42 52.29
CA UNK I 105 42.53 -37.60 52.68
C UNK I 105 43.26 -38.86 52.25
N UNK I 106 43.76 -38.82 51.04
CA UNK I 106 44.51 -39.94 50.47
C UNK I 106 45.71 -40.27 51.33
N UNK I 107 46.46 -39.22 51.64
CA UNK I 107 47.63 -39.32 52.49
C UNK I 107 47.27 -39.91 53.83
N UNK I 108 46.13 -39.51 54.36
CA UNK I 108 45.66 -40.00 55.65
C UNK I 108 45.44 -41.50 55.60
N UNK I 109 44.72 -41.94 54.58
CA UNK I 109 44.43 -43.35 54.39
C UNK I 109 45.73 -44.15 54.27
N UNK I 110 46.63 -43.62 53.46
CA UNK I 110 47.92 -44.23 53.24
C UNK I 110 48.69 -44.40 54.54
N UNK I 111 48.75 -43.31 55.32
CA UNK I 111 49.42 -43.31 56.60
C UNK I 111 48.80 -44.33 57.55
N UNK I 112 47.48 -44.45 57.51
CA UNK I 112 46.78 -45.40 58.33
C UNK I 112 47.22 -46.82 58.00
N UNK I 113 47.18 -47.14 56.71
CA UNK I 113 47.58 -48.46 56.24
C UNK I 113 49.02 -48.75 56.64
N UNK I 114 49.86 -47.73 56.50
CA UNK I 114 51.27 -47.84 56.84
C UNK I 114 51.46 -48.18 58.31
N UNK I 115 50.78 -47.42 59.15
CA UNK I 115 50.84 -47.61 60.59
C UNK I 115 50.42 -49.04 60.91
N UNK I 116 49.39 -49.49 60.21
CA UNK I 116 48.89 -50.84 60.39
C UNK I 116 50.00 -51.83 60.10
N UNK I 117 50.71 -51.58 59.00
CA UNK I 117 51.81 -52.43 58.59
C UNK I 117 52.95 -52.34 59.58
N UNK I 118 53.18 -51.15 60.12
CA UNK I 118 54.24 -50.92 61.09
C UNK I 118 54.07 -51.80 62.32
N UNK J 1 -74.62 14.98 34.56
CA UNK J 1 -73.66 14.09 35.23
C UNK J 1 -73.57 12.75 34.51
N UNK J 2 -74.72 12.26 34.07
CA UNK J 2 -74.78 10.99 33.34
C UNK J 2 -73.96 11.06 32.06
N UNK J 3 -73.95 12.24 31.45
CA UNK J 3 -73.20 12.47 30.23
C UNK J 3 -71.71 12.22 30.44
N UNK J 4 -71.15 12.83 31.48
CA UNK J 4 -69.74 12.68 31.80
C UNK J 4 -69.38 11.22 32.10
N UNK J 5 -70.26 10.56 32.85
CA UNK J 5 -70.05 9.16 33.20
C UNK J 5 -69.98 8.31 31.95
N UNK J 6 -70.97 8.48 31.08
CA UNK J 6 -71.05 7.76 29.83
C UNK J 6 -69.82 8.03 28.98
N UNK J 7 -69.36 9.27 29.01
CA UNK J 7 -68.18 9.67 28.25
C UNK J 7 -66.95 8.92 28.72
N UNK J 8 -66.74 8.91 30.03
CA UNK J 8 -65.59 8.23 30.61
C UNK J 8 -65.64 6.75 30.29
N UNK J 9 -66.85 6.21 30.38
CA UNK J 9 -67.10 4.81 30.07
C UNK J 9 -66.68 4.50 28.64
N UNK J 10 -67.15 5.33 27.73
CA UNK J 10 -66.84 5.19 26.31
C UNK J 10 -65.34 5.28 26.08
N UNK J 11 -64.69 6.17 26.80
CA UNK J 11 -63.25 6.35 26.69
C UNK J 11 -62.52 5.07 27.06
N UNK J 12 -62.83 4.57 28.24
CA UNK J 12 -62.23 3.33 28.72
C UNK J 12 -62.49 2.16 27.77
N UNK J 13 -63.73 2.10 27.29
CA UNK J 13 -64.14 1.08 26.35
C UNK J 13 -63.30 1.12 25.09
N UNK J 14 -63.15 2.32 24.51
CA UNK J 14 -62.39 2.51 23.29
C UNK J 14 -60.95 2.09 23.50
N UNK J 15 -60.41 2.46 24.67
CA UNK J 15 -59.01 2.15 24.98
C UNK J 15 -58.79 0.64 25.00
N UNK J 16 -59.64 -0.03 25.76
CA UNK J 16 -59.54 -1.47 25.90
C UNK J 16 -59.75 -2.15 24.56
N UNK J 17 -60.66 -1.60 23.75
CA UNK J 17 -60.94 -2.13 22.42
C UNK J 17 -59.72 -2.05 21.51
N UNK J 18 -59.03 -0.92 21.60
CA UNK J 18 -57.81 -0.72 20.82
C UNK J 18 -56.79 -1.76 21.22
N UNK J 19 -56.59 -1.88 22.53
CA UNK J 19 -55.65 -2.85 23.08
C UNK J 19 -55.96 -4.24 22.57
N UNK J 20 -57.26 -4.51 22.54
CA UNK J 20 -57.81 -5.78 22.07
C UNK J 20 -57.43 -6.09 20.64
N UNK J 21 -57.77 -5.16 19.74
CA UNK J 21 -57.47 -5.32 18.33
C UNK J 21 -55.98 -5.52 18.09
N UNK J 22 -55.18 -4.76 18.84
CA UNK J 22 -53.74 -4.86 18.74
C UNK J 22 -53.27 -6.27 19.10
N UNK J 23 -53.72 -6.73 20.27
CA UNK J 23 -53.41 -8.06 20.74
C UNK J 23 -53.83 -9.11 19.74
N UNK J 24 -54.98 -8.86 19.10
CA UNK J 24 -55.52 -9.76 18.09
C UNK J 24 -54.56 -9.93 16.92
N UNK J 25 -54.15 -8.79 16.36
CA UNK J 25 -53.23 -8.79 15.24
C UNK J 25 -51.93 -9.49 15.61
N UNK J 26 -51.44 -9.14 16.80
CA UNK J 26 -50.20 -9.72 17.32
C UNK J 26 -50.30 -11.23 17.41
N UNK J 27 -51.41 -11.70 17.95
CA UNK J 27 -51.67 -13.12 18.10
C UNK J 27 -51.71 -13.81 16.76
N UNK J 28 -52.34 -13.17 15.79
CA UNK J 28 -52.45 -13.74 14.44
C UNK J 28 -51.05 -13.95 13.88
N UNK J 29 -50.23 -12.92 14.01
CA UNK J 29 -48.87 -12.95 13.51
C UNK J 29 -48.06 -14.05 14.20
N UNK J 30 -48.20 -14.12 15.51
CA UNK J 30 -47.50 -15.11 16.31
C UNK J 30 -47.90 -16.52 15.90
N UNK J 31 -49.18 -16.69 15.63
CA UNK J 31 -49.71 -17.98 15.20
C UNK J 31 -49.10 -18.38 13.88
N UNK J 32 -49.03 -17.42 12.97
CA UNK J 32 -48.41 -17.68 11.66
C UNK J 32 -46.96 -18.12 11.81
N UNK J 33 -46.23 -17.37 12.63
CA UNK J 33 -44.83 -17.67 12.92
C UNK J 33 -44.68 -19.06 13.49
N UNK J 34 -45.55 -19.39 14.44
CA UNK J 34 -45.55 -20.69 15.09
C UNK J 34 -45.80 -21.80 14.09
N UNK J 35 -46.73 -21.58 13.17
CA UNK J 35 -47.04 -22.56 12.15
C UNK J 35 -45.82 -22.81 11.28
N UNK J 36 -45.17 -21.73 10.88
CA UNK J 36 -43.96 -21.80 10.07
C UNK J 36 -42.90 -22.64 10.77
N UNK J 37 -42.67 -22.30 12.03
CA UNK J 37 -41.70 -22.99 12.86
C UNK J 37 -42.01 -24.47 12.98
N UNK J 38 -43.28 -24.79 13.23
CA UNK J 38 -43.72 -26.17 13.38
C UNK J 38 -43.44 -26.95 12.11
N UNK J 39 -43.72 -26.31 10.97
CA UNK J 39 -43.49 -26.94 9.69
C UNK J 39 -42.01 -27.26 9.52
N UNK J 40 -41.19 -26.27 9.82
CA UNK J 40 -39.73 -26.43 9.75
C UNK J 40 -39.28 -27.60 10.61
N UNK J 41 -39.87 -27.68 11.79
CA UNK J 41 -39.59 -28.74 12.75
C UNK J 41 -39.89 -30.12 12.20
N UNK J 42 -41.11 -30.29 11.69
CA UNK J 42 -41.51 -31.56 11.10
C UNK J 42 -40.61 -31.97 9.94
N UNK J 43 -40.25 -30.99 9.11
CA UNK J 43 -39.37 -31.23 7.98
C UNK J 43 -38.02 -31.77 8.44
N UNK J 44 -37.43 -31.06 9.40
CA UNK J 44 -36.15 -31.47 9.97
C UNK J 44 -36.25 -32.87 10.57
N UNK J 45 -37.39 -33.14 11.22
CA UNK J 45 -37.64 -34.44 11.82
C UNK J 45 -37.58 -35.55 10.79
N UNK J 46 -38.30 -35.35 9.71
CA UNK J 46 -38.32 -36.31 8.62
C UNK J 46 -36.92 -36.54 8.04
N UNK J 47 -36.21 -35.44 7.79
CA UNK J 47 -34.85 -35.51 7.26
C UNK J 47 -33.93 -36.33 8.16
N UNK J 48 -33.95 -36.01 9.44
CA UNK J 48 -33.15 -36.71 10.43
C UNK J 48 -33.50 -38.19 10.46
N UNK J 49 -34.78 -38.50 10.39
CA UNK J 49 -35.23 -39.88 10.40
C UNK J 49 -34.69 -40.65 9.20
N UNK J 50 -34.72 -40.00 8.05
CA UNK J 50 -34.21 -40.62 6.82
C UNK J 50 -32.73 -40.92 6.96
N UNK J 51 -32.00 -39.92 7.44
CA UNK J 51 -30.56 -40.05 7.63
C UNK J 51 -30.27 -41.18 8.60
N UNK J 52 -31.11 -41.29 9.63
CA UNK J 52 -30.96 -42.32 10.63
C UNK J 52 -31.12 -43.70 10.03
N UNK J 53 -32.15 -43.84 9.19
CA UNK J 53 -32.41 -45.12 8.53
C UNK J 53 -31.23 -45.52 7.65
N UNK J 54 -30.73 -44.54 6.89
CA UNK J 54 -29.58 -44.75 6.02
C UNK J 54 -28.36 -45.22 6.82
N UNK J 55 -28.11 -44.52 7.93
CA UNK J 55 -27.01 -44.84 8.83
C UNK J 55 -27.16 -46.25 9.36
N UNK J 56 -28.39 -46.64 9.68
CA UNK J 56 -28.66 -47.98 10.19
C UNK J 56 -28.24 -49.03 9.17
N UNK J 57 -28.65 -48.80 7.92
CA UNK J 57 -28.34 -49.70 6.83
C UNK J 57 -26.81 -49.85 6.72
N UNK J 58 -26.15 -48.69 6.71
CA UNK J 58 -24.70 -48.64 6.59
C UNK J 58 -24.03 -49.39 7.74
N UNK J 59 -24.62 -49.28 8.92
CA UNK J 59 -24.09 -49.93 10.11
C UNK J 59 -24.14 -51.43 9.94
N UNK J 60 -25.26 -51.93 9.42
CA UNK J 60 -25.42 -53.35 9.20
C UNK J 60 -24.34 -53.82 8.23
N UNK J 61 -24.12 -52.99 7.22
CA UNK J 61 -23.12 -53.29 6.22
C UNK J 61 -21.75 -53.40 6.88
N UNK J 62 -21.47 -52.47 7.78
CA UNK J 62 -20.21 -52.41 8.50
C UNK J 62 -20.03 -53.67 9.33
N UNK J 63 -21.12 -54.13 9.93
CA UNK J 63 -21.11 -55.32 10.76
C UNK J 63 -20.71 -56.53 9.92
N UNK J 64 -21.41 -56.71 8.81
CA UNK J 64 -21.14 -57.83 7.91
C UNK J 64 -19.69 -57.76 7.43
N UNK J 65 -19.25 -56.53 7.19
CA UNK J 65 -17.92 -56.25 6.71
C UNK J 65 -16.88 -56.77 7.69
N UNK J 66 -17.01 -56.35 8.94
CA UNK J 66 -16.10 -56.76 10.01
C UNK J 66 -16.12 -58.28 10.18
N UNK J 67 -17.32 -58.86 10.12
CA UNK J 67 -17.47 -60.30 10.29
C UNK J 67 -16.64 -61.03 9.23
N UNK J 68 -16.92 -60.70 7.97
CA UNK J 68 -16.24 -61.33 6.85
C UNK J 68 -14.73 -61.12 6.92
N UNK J 69 -14.34 -59.89 7.29
CA UNK J 69 -12.94 -59.54 7.42
C UNK J 69 -12.23 -60.43 8.41
N UNK J 70 -12.71 -60.45 9.65
CA UNK J 70 -12.12 -61.28 10.70
C UNK J 70 -12.11 -62.75 10.33
N UNK J 71 -13.22 -63.24 9.76
CA UNK J 71 -13.31 -64.64 9.36
C UNK J 71 -12.20 -65.00 8.37
N UNK J 72 -12.15 -64.27 7.27
CA UNK J 72 -11.15 -64.48 6.23
C UNK J 72 -9.74 -64.32 6.77
N UNK J 73 -9.54 -63.36 7.67
CA UNK J 73 -8.23 -63.13 8.25
C UNK J 73 -7.77 -64.36 9.00
N UNK J 74 -8.60 -64.86 9.91
CA UNK J 74 -8.25 -66.04 10.68
C UNK J 74 -8.02 -67.24 9.78
N UNK J 75 -8.91 -67.42 8.81
CA UNK J 75 -8.81 -68.53 7.88
C UNK J 75 -7.47 -68.50 7.16
N UNK J 76 -7.14 -67.34 6.60
CA UNK J 76 -5.89 -67.15 5.89
C UNK J 76 -4.68 -67.37 6.78
N UNK J 77 -4.76 -66.92 8.03
CA UNK J 77 -3.67 -67.10 8.97
C UNK J 77 -3.39 -68.57 9.22
N UNK J 78 -4.46 -69.29 9.52
CA UNK J 78 -4.39 -70.73 9.77
C UNK J 78 -3.84 -71.44 8.54
N UNK J 79 -4.32 -71.02 7.37
CA UNK J 79 -3.88 -71.59 6.10
C UNK J 79 -2.40 -71.36 5.85
N UNK J 80 -1.92 -70.16 6.12
CA UNK J 80 -0.53 -69.82 5.94
C UNK J 80 0.34 -70.66 6.86
N UNK J 81 -0.11 -70.81 8.09
CA UNK J 81 0.61 -71.62 9.06
C UNK J 81 0.71 -73.07 8.59
N UNK J 82 -0.44 -73.60 8.18
CA UNK J 82 -0.52 -74.97 7.68
C UNK J 82 0.37 -75.17 6.47
N UNK J 83 0.44 -74.16 5.61
CA UNK J 83 1.27 -74.22 4.43
C UNK J 83 2.75 -74.24 4.81
N UNK J 84 3.12 -73.37 5.74
CA UNK J 84 4.50 -73.30 6.21
C UNK J 84 4.90 -74.64 6.80
N UNK J 85 3.96 -75.29 7.46
CA UNK J 85 4.21 -76.58 8.06
C UNK J 85 4.35 -77.68 7.01
N UNK J 86 3.41 -77.71 6.06
CA UNK J 86 3.39 -78.69 4.99
C UNK J 86 4.61 -78.60 4.08
N UNK J 87 5.17 -77.40 3.93
CA UNK J 87 6.33 -77.20 3.07
C UNK J 87 7.52 -78.01 3.57
N UNK J 88 7.67 -78.10 4.88
CA UNK J 88 8.76 -78.86 5.48
C UNK J 88 8.54 -80.35 5.28
N UNK K 1 -78.75 13.57 22.28
CA UNK K 1 -77.64 13.37 21.36
C UNK K 1 -76.54 12.54 22.01
N UNK K 2 -76.29 12.80 23.30
CA UNK K 2 -75.29 12.07 24.06
C UNK K 2 -75.62 10.59 24.10
N UNK K 3 -76.92 10.30 24.15
CA UNK K 3 -77.39 8.93 24.20
C UNK K 3 -76.95 8.15 22.96
N UNK K 4 -77.20 8.73 21.78
CA UNK K 4 -76.82 8.10 20.52
C UNK K 4 -75.31 7.89 20.43
N UNK K 5 -74.56 8.89 20.86
CA UNK K 5 -73.11 8.81 20.83
C UNK K 5 -72.64 7.65 21.69
N UNK K 6 -73.13 7.61 22.92
CA UNK K 6 -72.79 6.56 23.86
C UNK K 6 -73.16 5.20 23.30
N UNK K 7 -74.30 5.14 22.60
CA UNK K 7 -74.77 3.91 22.01
C UNK K 7 -73.80 3.40 20.95
N UNK K 8 -73.41 4.30 20.05
CA UNK K 8 -72.50 3.95 18.98
C UNK K 8 -71.17 3.49 19.56
N UNK K 9 -70.75 4.20 20.60
CA UNK K 9 -69.52 3.88 21.30
C UNK K 9 -69.57 2.47 21.85
N UNK K 10 -70.66 2.17 22.54
CA UNK K 10 -70.89 0.86 23.12
C UNK K 10 -70.88 -0.22 22.04
N UNK K 11 -71.48 0.10 20.90
CA UNK K 11 -71.54 -0.83 19.78
C UNK K 11 -70.14 -1.19 19.31
N UNK K 12 -69.36 -0.15 19.01
CA UNK K 12 -67.99 -0.33 18.57
C UNK K 12 -67.16 -1.11 19.59
N UNK K 13 -67.36 -0.75 20.85
CA UNK K 13 -66.68 -1.41 21.95
C UNK K 13 -66.98 -2.90 21.98
N UNK K 14 -68.26 -3.24 21.90
CA UNK K 14 -68.71 -4.62 21.93
C UNK K 14 -68.10 -5.39 20.78
N UNK K 15 -68.08 -4.75 19.61
CA UNK K 15 -67.58 -5.40 18.40
C UNK K 15 -66.10 -5.75 18.58
N UNK K 16 -65.33 -4.75 18.99
CA UNK K 16 -63.90 -4.94 19.19
C UNK K 16 -63.64 -5.97 20.26
N UNK K 17 -64.48 -5.98 21.30
CA UNK K 17 -64.37 -6.93 22.40
C UNK K 17 -64.57 -8.36 21.93
N UNK K 18 -65.55 -8.52 21.05
CA UNK K 18 -65.85 -9.82 20.48
C UNK K 18 -64.64 -10.31 19.69
N UNK K 19 -64.15 -9.43 18.84
CA UNK K 19 -62.98 -9.71 18.01
C UNK K 19 -61.82 -10.15 18.90
N UNK K 20 -61.69 -9.43 20.00
CA UNK K 20 -60.67 -9.68 20.99
C UNK K 20 -60.72 -11.07 21.59
N UNK K 21 -61.89 -11.42 22.12
CA UNK K 21 -62.10 -12.73 22.73
C UNK K 21 -61.83 -13.84 21.73
N UNK K 22 -62.27 -13.62 20.49
CA UNK K 22 -62.06 -14.59 19.43
C UNK K 22 -60.57 -14.82 19.19
N UNK K 23 -59.85 -13.70 19.01
CA UNK K 23 -58.41 -13.74 18.82
C UNK K 23 -57.73 -14.43 19.97
N UNK K 24 -58.25 -14.20 21.18
CA UNK K 24 -57.72 -14.81 22.38
C UNK K 24 -57.80 -16.33 22.32
N UNK K 25 -58.99 -16.83 22.05
CA UNK K 25 -59.21 -18.26 21.95
C UNK K 25 -58.31 -18.87 20.87
N UNK K 26 -58.26 -18.18 19.73
CA UNK K 26 -57.45 -18.61 18.61
C UNK K 26 -55.98 -18.72 18.99
N UNK K 27 -55.50 -17.71 19.69
CA UNK K 27 -54.12 -17.67 20.14
C UNK K 27 -53.84 -18.81 21.10
N UNK K 28 -54.78 -19.08 21.99
CA UNK K 28 -54.61 -20.16 22.96
C UNK K 28 -54.42 -21.47 22.23
N UNK K 29 -55.30 -21.69 21.25
CA UNK K 29 -55.27 -22.91 20.46
C UNK K 29 -53.95 -23.05 19.70
N UNK K 30 -53.53 -21.95 19.10
CA UNK K 30 -52.30 -21.91 18.33
C UNK K 30 -51.10 -22.21 19.21
N UNK K 31 -51.14 -21.68 20.43
CA UNK K 31 -50.08 -21.90 21.40
C UNK K 31 -50.00 -23.37 21.76
N UNK K 32 -51.16 -23.98 21.97
CA UNK K 32 -51.21 -25.40 22.28
C UNK K 32 -50.61 -26.23 21.15
N UNK K 33 -51.03 -25.90 19.93
CA UNK K 33 -50.53 -26.57 18.74
C UNK K 33 -49.02 -26.45 18.63
N UNK K 34 -48.53 -25.24 18.87
CA UNK K 34 -47.12 -24.94 18.83
C UNK K 34 -46.35 -25.75 19.85
N UNK K 35 -46.90 -25.87 21.05
CA UNK K 35 -46.27 -26.64 22.12
C UNK K 35 -46.15 -28.09 21.68
N UNK K 36 -47.24 -28.61 21.14
CA UNK K 36 -47.27 -29.99 20.65
C UNK K 36 -46.17 -30.22 19.62
N UNK K 37 -46.12 -29.32 18.65
CA UNK K 37 -45.14 -29.37 17.58
C UNK K 37 -43.72 -29.33 18.12
N UNK K 38 -43.47 -28.42 19.06
CA UNK K 38 -42.16 -28.27 19.65
C UNK K 38 -41.73 -29.55 20.35
N UNK K 39 -42.68 -30.16 21.04
CA UNK K 39 -42.41 -31.41 21.74
C UNK K 39 -42.00 -32.49 20.74
N UNK K 40 -42.78 -32.58 19.67
CA UNK K 40 -42.51 -33.55 18.61
C UNK K 40 -41.11 -33.34 18.05
N UNK K 41 -40.77 -32.07 17.87
CA UNK K 41 -39.46 -31.66 17.36
C UNK K 41 -38.33 -32.13 18.25
N UNK K 42 -38.42 -31.83 19.54
CA UNK K 42 -37.40 -32.25 20.50
C UNK K 42 -37.25 -33.77 20.53
N UNK K 43 -38.38 -34.46 20.48
CA UNK K 43 -38.38 -35.92 20.47
C UNK K 43 -37.59 -36.46 19.28
N UNK K 44 -37.94 -35.96 18.10
CA UNK K 44 -37.27 -36.36 16.86
C UNK K 44 -35.79 -36.04 16.94
N UNK K 45 -35.46 -34.90 17.55
CA UNK K 45 -34.07 -34.47 17.72
C UNK K 45 -33.29 -35.51 18.52
N UNK K 46 -33.84 -35.88 19.67
CA UNK K 46 -33.22 -36.88 20.51
C UNK K 46 -33.03 -38.22 19.79
N UNK K 47 -34.09 -38.66 19.10
CA UNK K 47 -34.03 -39.90 18.33
C UNK K 47 -32.90 -39.90 17.30
N UNK K 48 -32.86 -38.82 16.52
CA UNK K 48 -31.84 -38.64 15.50
C UNK K 48 -30.46 -38.66 16.11
N UNK K 49 -30.30 -37.98 17.25
CA UNK K 49 -29.02 -37.93 17.94
C UNK K 49 -28.56 -39.32 18.35
N UNK K 50 -29.50 -40.10 18.88
CA UNK K 50 -29.20 -41.46 19.32
C UNK K 50 -28.73 -42.29 18.14
N UNK K 51 -29.47 -42.20 17.04
CA UNK K 51 -29.17 -42.94 15.83
C UNK K 51 -27.78 -42.54 15.33
N UNK K 52 -27.48 -41.25 15.44
CA UNK K 52 -26.20 -40.71 15.01
C UNK K 52 -25.06 -41.32 15.82
N UNK K 53 -25.26 -41.37 17.13
CA UNK K 53 -24.25 -41.93 18.02
C UNK K 53 -23.99 -43.41 17.66
N UNK K 54 -25.08 -44.14 17.46
CA UNK K 54 -25.00 -45.55 17.09
C UNK K 54 -24.22 -45.73 15.79
N UNK K 55 -24.56 -44.91 14.81
CA UNK K 55 -23.90 -44.92 13.51
C UNK K 55 -22.42 -44.63 13.66
N UNK K 56 -22.08 -43.71 14.56
CA UNK K 56 -20.69 -43.36 14.80
C UNK K 56 -19.92 -44.59 15.30
N UNK K 57 -20.52 -45.27 16.27
CA UNK K 57 -19.93 -46.46 16.85
C UNK K 57 -19.67 -47.49 15.75
N UNK K 58 -20.70 -47.72 14.96
CA UNK K 58 -20.65 -48.67 13.85
C UNK K 58 -19.55 -48.30 12.86
N UNK K 59 -19.39 -47.00 12.63
CA UNK K 59 -18.39 -46.50 11.72
C UNK K 59 -17.00 -46.84 12.21
N UNK K 60 -16.79 -46.65 13.51
CA UNK K 60 -15.49 -46.96 14.10
C UNK K 60 -15.21 -48.44 13.90
N UNK K 61 -16.25 -49.23 14.10
CA UNK K 61 -16.15 -50.68 13.94
C UNK K 61 -15.73 -51.01 12.50
N UNK K 62 -16.35 -50.31 11.55
CA UNK K 62 -16.08 -50.50 10.14
C UNK K 62 -14.62 -50.16 9.83
N UNK K 63 -14.14 -49.11 10.48
CA UNK K 63 -12.76 -48.65 10.29
C UNK K 63 -11.79 -49.75 10.73
N UNK K 64 -11.99 -50.24 11.96
CA UNK K 64 -11.13 -51.27 12.52
C UNK K 64 -11.21 -52.51 11.63
N UNK K 65 -12.40 -52.77 11.11
CA UNK K 65 -12.68 -53.90 10.26
C UNK K 65 -11.80 -53.85 9.02
N UNK K 66 -11.87 -52.72 8.31
CA UNK K 66 -11.10 -52.51 7.10
C UNK K 66 -9.61 -52.59 7.38
N UNK K 67 -9.18 -52.02 8.50
CA UNK K 67 -7.77 -52.03 8.88
C UNK K 67 -7.28 -53.47 9.00
N UNK K 68 -7.97 -54.24 9.83
CA UNK K 68 -7.61 -55.63 10.08
C UNK K 68 -7.64 -56.44 8.80
N UNK K 69 -8.67 -56.20 7.98
CA UNK K 69 -8.85 -56.88 6.72
C UNK K 69 -7.65 -56.68 5.81
N UNK K 70 -7.34 -55.43 5.51
CA UNK K 70 -6.20 -55.10 4.65
C UNK K 70 -4.89 -55.62 5.20
N UNK K 71 -4.69 -55.49 6.51
CA UNK K 71 -3.47 -55.97 7.16
C UNK K 71 -3.28 -57.46 6.92
N UNK K 72 -4.28 -58.24 7.32
CA UNK K 72 -4.25 -59.69 7.17
C UNK K 72 -4.12 -60.09 5.71
N UNK K 73 -4.77 -59.35 4.81
CA UNK K 73 -4.71 -59.65 3.40
C UNK K 73 -3.29 -59.55 2.90
N UNK K 74 -2.65 -58.42 3.17
CA UNK K 74 -1.27 -58.21 2.75
C UNK K 74 -0.34 -59.25 3.36
N UNK K 75 -0.52 -59.49 4.65
CA UNK K 75 0.29 -60.46 5.37
C UNK K 75 0.20 -61.83 4.70
N UNK K 76 -1.03 -62.27 4.47
CA UNK K 76 -1.29 -63.56 3.84
C UNK K 76 -0.72 -63.63 2.43
N UNK K 77 -0.81 -62.52 1.69
CA UNK K 77 -0.27 -62.48 0.33
C UNK K 77 1.24 -62.70 0.34
N UNK K 78 1.90 -61.92 1.19
CA UNK K 78 3.35 -62.02 1.34
C UNK K 78 3.75 -63.42 1.76
N UNK K 79 2.98 -63.98 2.69
CA UNK K 79 3.23 -65.32 3.21
C UNK K 79 3.09 -66.37 2.11
N UNK K 80 2.05 -66.25 1.30
CA UNK K 80 1.80 -67.19 0.21
C UNK K 80 2.95 -67.12 -0.79
N UNK K 81 3.39 -65.91 -1.08
CA UNK K 81 4.50 -65.73 -2.01
C UNK K 81 5.77 -66.38 -1.47
N UNK K 82 6.05 -66.10 -0.20
CA UNK K 82 7.22 -66.65 0.47
C UNK K 82 7.16 -68.17 0.49
N UNK K 83 5.97 -68.72 0.69
CA UNK K 83 5.78 -70.17 0.70
C UNK K 83 6.05 -70.76 -0.67
N UNK K 84 5.51 -70.12 -1.70
CA UNK K 84 5.71 -70.57 -3.07
C UNK K 84 7.19 -70.57 -3.41
N UNK K 85 7.90 -69.58 -2.87
CA UNK K 85 9.33 -69.48 -3.09
C UNK K 85 10.11 -70.57 -2.34
N UNK K 86 9.78 -70.73 -1.07
CA UNK K 86 10.42 -71.73 -0.22
C UNK K 86 10.20 -73.16 -0.68
N UNK K 87 9.08 -73.42 -1.33
CA UNK K 87 8.76 -74.75 -1.82
C UNK K 87 9.78 -75.21 -2.86
N UNK K 88 10.25 -74.28 -3.68
CA UNK K 88 11.25 -74.60 -4.70
C UNK K 88 12.60 -74.88 -4.05
N GLU L 12 0.99 20.55 -74.76
CA GLU L 12 1.86 21.72 -74.75
C GLU L 12 1.16 22.86 -74.03
N ALA L 13 0.13 23.41 -74.63
CA ALA L 13 -0.93 23.99 -73.83
C ALA L 13 -1.48 22.90 -72.94
N ALA L 14 -1.62 23.18 -71.65
CA ALA L 14 -1.97 22.17 -70.66
C ALA L 14 -0.98 21.00 -70.75
N PRO L 15 0.32 21.28 -70.70
CA PRO L 15 1.29 20.26 -71.17
C PRO L 15 1.30 19.03 -70.31
N TYR L 16 1.28 19.18 -68.99
CA TYR L 16 1.08 18.01 -68.15
C TYR L 16 -0.36 17.53 -68.23
N LEU L 17 -1.28 18.48 -68.39
CA LEU L 17 -2.63 18.31 -67.86
C LEU L 17 -3.41 17.24 -68.61
N ARG L 18 -3.15 17.08 -69.90
CA ARG L 18 -3.38 15.82 -70.60
C ARG L 18 -2.08 15.50 -71.33
N LYS L 19 -1.47 14.38 -70.98
CA LYS L 19 -0.03 14.29 -71.15
C LYS L 19 0.37 13.51 -72.39
N SER L 20 -0.39 12.48 -72.76
CA SER L 20 -0.15 11.80 -74.03
C SER L 20 -1.32 10.89 -74.35
N GLU L 21 -1.55 10.71 -75.65
CA GLU L 21 -2.15 9.46 -76.13
C GLU L 21 -1.13 8.33 -76.06
N LYS L 22 0.01 8.51 -76.74
CA LYS L 22 0.95 7.41 -76.92
C LYS L 22 1.45 6.94 -75.57
N GLU L 23 1.93 7.87 -74.75
CA GLU L 23 2.57 7.50 -73.50
C GLU L 23 1.57 6.86 -72.58
N ARG L 24 0.31 7.31 -72.61
CA ARG L 24 -0.69 6.71 -71.74
C ARG L 24 -0.73 5.22 -72.01
N ILE L 25 -0.79 4.89 -73.30
CA ILE L 25 -0.79 3.50 -73.72
C ILE L 25 0.46 2.83 -73.19
N GLU L 26 1.59 3.44 -73.52
CA GLU L 26 2.86 2.72 -73.50
C GLU L 26 3.28 2.51 -72.06
N ALA L 27 3.00 3.49 -71.20
CA ALA L 27 3.11 3.28 -69.77
C ALA L 27 2.24 2.11 -69.37
N GLN L 28 0.97 2.13 -69.78
CA GLN L 28 0.13 1.05 -69.33
C GLN L 28 0.52 -0.24 -70.03
N ASN L 29 1.08 -0.14 -71.23
CA ASN L 29 1.73 -1.28 -71.87
C ASN L 29 2.86 -1.88 -71.04
N LYS L 30 3.52 -1.08 -70.21
CA LYS L 30 4.77 -1.52 -69.62
C LYS L 30 4.57 -2.79 -68.80
N PRO L 31 5.61 -3.61 -68.67
CA PRO L 31 5.46 -4.86 -67.92
C PRO L 31 4.97 -4.59 -66.51
N PHE L 32 4.21 -5.53 -65.97
CA PHE L 32 3.62 -5.32 -64.66
C PHE L 32 3.18 -6.67 -64.13
N ASP L 33 3.16 -6.80 -62.81
CA ASP L 33 2.42 -7.88 -62.18
C ASP L 33 1.94 -7.44 -60.82
N ALA L 34 0.65 -7.68 -60.54
CA ALA L 34 0.07 -7.24 -59.29
C ALA L 34 0.60 -8.10 -58.16
N LYS L 35 0.55 -9.42 -58.36
CA LYS L 35 0.77 -10.37 -57.28
C LYS L 35 2.19 -10.22 -56.77
N SER L 36 3.07 -9.73 -57.66
CA SER L 36 4.34 -9.16 -57.26
C SER L 36 4.17 -7.83 -56.52
N SER L 37 3.35 -6.90 -57.04
CA SER L 37 3.51 -5.48 -56.73
C SER L 37 2.62 -5.11 -55.54
N VAL L 38 3.27 -4.79 -54.43
CA VAL L 38 2.78 -4.97 -53.07
C VAL L 38 3.12 -3.71 -52.26
N PHE L 39 2.67 -3.68 -51.00
CA PHE L 39 2.84 -2.54 -50.10
C PHE L 39 3.86 -2.94 -49.04
N VAL L 40 4.74 -1.99 -48.70
CA VAL L 40 5.68 -2.13 -47.59
C VAL L 40 5.84 -0.77 -46.94
N VAL L 41 6.28 -0.79 -45.69
CA VAL L 41 6.19 0.35 -44.79
C VAL L 41 7.59 0.93 -44.64
N ASP L 42 7.66 2.26 -44.57
CA ASP L 42 8.88 3.00 -44.87
C ASP L 42 9.10 4.02 -43.76
N ALA L 43 10.35 4.41 -43.56
CA ALA L 43 10.65 5.55 -42.72
C ALA L 43 10.47 6.91 -43.40
N LYS L 44 10.53 7.01 -44.73
CA LYS L 44 10.38 8.30 -45.38
C LYS L 44 9.13 8.42 -46.26
N GLU L 45 8.43 7.32 -46.50
CA GLU L 45 7.01 7.28 -46.78
C GLU L 45 6.42 6.38 -45.71
N SER L 46 5.17 6.61 -45.31
CA SER L 46 4.63 5.57 -44.44
C SER L 46 4.57 4.22 -45.15
N TYR L 47 4.56 4.21 -46.49
CA TYR L 47 4.43 2.97 -47.26
C TYR L 47 5.11 3.12 -48.62
N VAL L 48 5.66 2.01 -49.10
CA VAL L 48 6.37 1.97 -50.38
C VAL L 48 5.89 0.75 -51.17
N LYS L 49 5.92 0.89 -52.50
CA LYS L 49 5.55 -0.21 -53.39
C LYS L 49 6.61 -1.29 -53.38
N ALA L 50 6.15 -2.54 -53.49
CA ALA L 50 6.85 -3.68 -52.91
C ALA L 50 6.67 -4.92 -53.76
N THR L 51 7.49 -5.92 -53.46
CA THR L 51 7.47 -7.21 -54.13
C THR L 51 7.33 -8.26 -53.03
N VAL L 52 6.55 -9.30 -53.29
CA VAL L 52 6.56 -10.49 -52.44
C VAL L 52 7.78 -11.36 -52.72
N GLN L 53 8.72 -11.39 -51.78
CA GLN L 53 9.76 -12.40 -51.81
C GLN L 53 9.16 -13.74 -51.39
N SER L 54 8.48 -13.74 -50.25
CA SER L 54 7.89 -14.93 -49.66
C SER L 54 6.78 -14.48 -48.72
N ARG L 55 5.92 -15.43 -48.35
CA ARG L 55 4.81 -15.17 -47.47
C ARG L 55 4.81 -16.15 -46.30
N GLU L 56 4.37 -15.66 -45.14
CA GLU L 56 4.52 -16.35 -43.87
C GLU L 56 3.23 -16.15 -43.09
N GLY L 57 3.04 -16.96 -42.05
CA GLY L 57 1.97 -16.66 -41.12
C GLY L 57 2.14 -15.35 -40.41
N GLY L 58 1.25 -14.38 -40.69
CA GLY L 58 1.26 -13.09 -40.03
C GLY L 58 2.58 -12.37 -40.12
N LYS L 59 3.36 -12.72 -41.15
CA LYS L 59 4.39 -11.87 -41.72
C LYS L 59 4.63 -12.30 -43.15
N VAL L 60 5.26 -11.42 -43.91
CA VAL L 60 5.39 -11.55 -45.35
C VAL L 60 6.75 -11.00 -45.71
N THR L 61 7.36 -11.55 -46.76
CA THR L 61 8.77 -11.33 -47.01
C THR L 61 8.89 -10.59 -48.34
N ALA L 62 9.57 -9.46 -48.29
CA ALA L 62 9.32 -8.39 -49.23
C ALA L 62 10.62 -7.72 -49.65
N LYS L 63 10.62 -7.22 -50.88
CA LYS L 63 11.66 -6.33 -51.37
C LYS L 63 10.99 -5.11 -51.97
N THR L 64 11.72 -4.00 -51.97
CA THR L 64 11.18 -2.70 -52.32
C THR L 64 11.95 -2.16 -53.51
N GLU L 65 11.24 -1.46 -54.39
CA GLU L 65 11.77 -1.12 -55.71
C GLU L 65 13.09 -0.37 -55.57
N GLY L 66 13.07 0.76 -54.87
CA GLY L 66 14.31 1.47 -54.60
C GLY L 66 15.22 0.74 -53.64
N GLY L 67 14.65 0.21 -52.54
CA GLY L 67 15.44 -0.12 -51.38
C GLY L 67 15.66 -1.59 -51.10
N ALA L 68 15.65 -1.93 -49.81
CA ALA L 68 16.09 -3.22 -49.31
C ALA L 68 15.01 -4.29 -49.51
N THR L 69 15.40 -5.53 -49.25
CA THR L 69 14.43 -6.53 -48.83
C THR L 69 13.97 -6.25 -47.42
N VAL L 70 12.71 -6.58 -47.15
CA VAL L 70 11.99 -6.05 -45.99
C VAL L 70 11.03 -7.12 -45.49
N THR L 71 10.84 -7.15 -44.17
CA THR L 71 10.09 -8.20 -43.50
C THR L 71 8.94 -7.57 -42.72
N VAL L 72 7.70 -7.97 -43.07
CA VAL L 72 6.51 -7.16 -42.84
C VAL L 72 5.37 -8.11 -42.50
N LYS L 73 4.51 -7.70 -41.58
CA LYS L 73 3.28 -8.43 -41.31
C LYS L 73 2.22 -8.21 -42.40
N ASP L 74 1.32 -9.19 -42.46
CA ASP L 74 0.27 -9.27 -43.48
C ASP L 74 -0.55 -7.99 -43.62
N ASP L 75 -0.87 -7.33 -42.51
CA ASP L 75 -1.95 -6.35 -42.53
C ASP L 75 -1.59 -5.06 -43.24
N GLN L 76 -0.33 -4.87 -43.60
CA GLN L 76 0.12 -3.63 -44.21
C GLN L 76 0.12 -3.71 -45.73
N VAL L 77 -0.59 -4.69 -46.29
CA VAL L 77 -0.24 -5.25 -47.59
C VAL L 77 -1.49 -5.68 -48.36
N PHE L 78 -1.48 -5.35 -49.66
CA PHE L 78 -2.20 -6.09 -50.68
C PHE L 78 -1.56 -5.76 -52.02
N SER L 79 -1.80 -6.62 -53.00
CA SER L 79 -1.32 -6.39 -54.36
C SER L 79 -2.24 -5.43 -55.11
N MET L 80 -1.66 -4.67 -56.02
CA MET L 80 -2.13 -3.33 -56.30
C MET L 80 -2.72 -3.19 -57.70
N ASN L 81 -3.71 -2.31 -57.80
CA ASN L 81 -4.43 -1.93 -59.01
C ASN L 81 -3.49 -1.56 -60.15
N PRO L 82 -3.55 -2.29 -61.26
CA PRO L 82 -2.46 -2.30 -62.25
C PRO L 82 -2.52 -1.17 -63.27
N PRO L 83 -1.55 -1.12 -64.23
CA PRO L 83 -1.34 0.09 -65.05
C PRO L 83 -2.59 0.71 -65.61
N LYS L 84 -3.60 -0.09 -65.95
CA LYS L 84 -4.87 0.51 -66.35
C LYS L 84 -5.31 1.46 -65.27
N TYR L 85 -5.50 0.95 -64.06
CA TYR L 85 -5.78 1.86 -62.96
C TYR L 85 -4.71 2.92 -62.84
N ASP L 86 -3.45 2.54 -63.03
CA ASP L 86 -2.37 3.45 -62.68
C ASP L 86 -2.45 4.74 -63.48
N LYS L 87 -2.73 4.66 -64.77
CA LYS L 87 -3.08 5.88 -65.48
C LYS L 87 -4.60 5.91 -65.54
N ILE L 88 -5.21 6.48 -64.49
CA ILE L 88 -6.54 7.04 -64.57
C ILE L 88 -6.53 8.43 -63.93
N GLU L 89 -7.56 9.21 -64.24
CA GLU L 89 -7.81 10.48 -63.58
C GLU L 89 -8.20 10.40 -62.11
N ASP L 90 -8.70 9.28 -61.59
CA ASP L 90 -9.61 9.38 -60.46
C ASP L 90 -9.20 8.52 -59.27
N MET L 91 -8.93 9.18 -58.14
CA MET L 91 -9.18 8.51 -56.87
C MET L 91 -10.63 8.10 -56.80
N ALA L 92 -11.50 8.93 -57.37
CA ALA L 92 -12.94 8.71 -57.30
C ALA L 92 -13.30 7.33 -57.85
N MET L 93 -12.85 7.03 -59.06
CA MET L 93 -12.86 5.66 -59.52
C MET L 93 -11.59 4.95 -59.04
N MET L 94 -11.58 4.66 -57.74
CA MET L 94 -10.67 3.67 -57.18
C MET L 94 -11.04 2.26 -57.64
N THR L 95 -10.04 1.38 -57.76
CA THR L 95 -10.32 -0.04 -57.66
C THR L 95 -9.46 -0.85 -56.68
N HIS L 96 -8.58 -0.23 -55.89
CA HIS L 96 -8.15 -0.87 -54.65
C HIS L 96 -8.06 0.12 -53.50
N LEU L 97 -8.60 -0.26 -52.34
CA LEU L 97 -8.67 0.67 -51.21
C LEU L 97 -7.64 0.27 -50.16
N HIS L 98 -6.49 0.91 -50.23
CA HIS L 98 -5.73 1.16 -49.02
C HIS L 98 -4.99 2.45 -49.28
N GLU L 99 -4.84 3.27 -48.25
CA GLU L 99 -4.41 4.64 -48.45
C GLU L 99 -3.17 4.72 -49.34
N PRO L 100 -2.13 3.90 -49.12
CA PRO L 100 -0.89 4.12 -49.86
C PRO L 100 -1.14 4.12 -51.33
N ALA L 101 -2.11 3.32 -51.78
CA ALA L 101 -2.35 3.26 -53.21
C ALA L 101 -2.58 4.68 -53.66
N VAL L 102 -3.58 5.31 -53.03
CA VAL L 102 -4.04 6.61 -53.48
C VAL L 102 -2.84 7.51 -53.50
N LEU L 103 -2.08 7.42 -52.42
CA LEU L 103 -1.12 8.45 -52.08
C LEU L 103 0.00 8.39 -53.09
N TYR L 104 0.59 7.20 -53.25
CA TYR L 104 1.67 7.03 -54.19
C TYR L 104 1.21 7.41 -55.59
N ASN L 105 -0.01 7.03 -55.94
CA ASN L 105 -0.45 7.25 -57.31
C ASN L 105 -0.50 8.75 -57.57
N LEU L 106 -1.05 9.49 -56.62
CA LEU L 106 -1.10 10.92 -56.80
C LEU L 106 0.29 11.49 -56.77
N LYS L 107 1.17 10.90 -55.97
CA LYS L 107 2.60 11.18 -56.04
C LYS L 107 3.16 10.94 -57.44
N GLU L 108 2.64 9.93 -58.13
CA GLU L 108 2.99 9.70 -59.52
C GLU L 108 2.48 10.81 -60.43
N ARG L 109 1.26 11.30 -60.16
CA ARG L 109 0.82 12.53 -60.79
C ARG L 109 1.84 13.63 -60.54
N TYR L 110 2.31 13.72 -59.30
CA TYR L 110 3.17 14.80 -58.86
C TYR L 110 4.52 14.73 -59.55
N ALA L 111 5.08 13.53 -59.68
CA ALA L 111 6.29 13.38 -60.46
C ALA L 111 6.00 13.54 -61.94
N ALA L 112 4.77 13.24 -62.35
CA ALA L 112 4.29 13.71 -63.63
C ALA L 112 3.92 15.17 -63.59
N TRP L 113 3.85 15.76 -62.39
CA TRP L 113 3.41 17.14 -62.20
C TRP L 113 1.96 17.35 -62.60
N MET L 114 1.21 16.25 -62.73
CA MET L 114 -0.12 16.26 -63.31
C MET L 114 -1.08 16.84 -62.26
N ILE L 115 -1.71 17.97 -62.57
CA ILE L 115 -2.14 18.90 -61.53
C ILE L 115 -3.35 18.38 -60.76
N TYR L 116 -4.43 18.05 -61.46
CA TYR L 116 -5.76 18.14 -60.89
C TYR L 116 -6.33 16.77 -60.63
N THR L 117 -6.71 16.54 -59.37
CA THR L 117 -6.89 15.21 -58.82
C THR L 117 -8.32 15.12 -58.33
N TYR L 118 -8.93 13.94 -58.46
CA TYR L 118 -10.38 13.83 -58.29
C TYR L 118 -10.78 12.69 -57.38
N SER L 119 -11.68 13.01 -56.47
CA SER L 119 -12.36 12.06 -55.61
C SER L 119 -13.60 12.77 -55.10
N GLY L 120 -14.44 12.04 -54.37
CA GLY L 120 -15.83 12.44 -54.45
C GLY L 120 -16.17 12.56 -55.91
N LEU L 121 -16.94 13.59 -56.27
CA LEU L 121 -17.10 13.94 -57.67
C LEU L 121 -16.27 15.16 -58.03
N PHE L 122 -15.19 15.39 -57.30
CA PHE L 122 -14.68 16.73 -57.13
C PHE L 122 -13.17 16.67 -57.02
N CYS L 123 -12.56 17.83 -57.05
CA CYS L 123 -11.15 17.94 -57.38
C CYS L 123 -10.34 18.44 -56.21
N VAL L 124 -9.09 18.00 -56.18
CA VAL L 124 -8.25 18.01 -54.99
C VAL L 124 -6.92 18.56 -55.45
N THR L 125 -6.29 19.38 -54.61
CA THR L 125 -5.44 20.44 -55.12
C THR L 125 -4.12 20.56 -54.36
N VAL L 126 -3.08 20.89 -55.11
CA VAL L 126 -1.73 21.05 -54.60
C VAL L 126 -1.15 22.34 -55.17
N ASN L 127 -0.52 23.12 -54.32
CA ASN L 127 0.20 24.29 -54.77
C ASN L 127 1.43 23.82 -55.54
N PRO L 128 1.57 24.16 -56.83
CA PRO L 128 2.67 23.62 -57.63
C PRO L 128 4.02 24.22 -57.34
N TYR L 129 4.08 25.34 -56.62
CA TYR L 129 5.33 25.95 -56.17
C TYR L 129 6.21 26.38 -57.32
N LYS L 130 5.64 26.54 -58.51
CA LYS L 130 6.44 26.80 -59.69
C LYS L 130 5.61 27.55 -60.72
N TRP L 131 6.32 28.15 -61.67
CA TRP L 131 5.68 28.67 -62.85
C TRP L 131 4.99 27.56 -63.62
N LEU L 132 3.71 27.78 -63.93
CA LEU L 132 3.06 27.20 -65.08
C LEU L 132 1.98 28.18 -65.45
N PRO L 133 1.74 28.41 -66.73
CA PRO L 133 0.58 29.22 -67.13
C PRO L 133 -0.73 28.45 -67.15
N VAL L 134 -1.11 27.90 -66.00
CA VAL L 134 -2.34 27.11 -65.95
C VAL L 134 -3.47 28.00 -66.41
N TYR L 135 -3.30 29.28 -66.15
CA TYR L 135 -4.29 30.33 -66.30
C TYR L 135 -4.58 30.60 -67.76
N ASN L 136 -3.57 30.42 -68.62
CA ASN L 136 -3.58 31.01 -69.95
C ASN L 136 -4.82 30.59 -70.72
N PRO L 137 -5.55 31.54 -71.33
CA PRO L 137 -6.98 31.36 -71.57
C PRO L 137 -7.29 30.28 -72.59
N GLU L 138 -6.29 29.67 -73.22
CA GLU L 138 -6.57 28.80 -74.37
C GLU L 138 -7.62 27.76 -73.99
N VAL L 139 -7.42 27.09 -72.85
CA VAL L 139 -8.47 26.27 -72.27
C VAL L 139 -9.57 27.14 -71.69
N VAL L 140 -9.17 28.14 -70.89
CA VAL L 140 -10.10 28.74 -69.93
C VAL L 140 -11.28 29.40 -70.64
N ALA L 141 -10.98 30.27 -71.61
CA ALA L 141 -12.04 30.94 -72.35
C ALA L 141 -12.67 29.96 -73.33
N ALA L 142 -11.83 29.36 -74.18
CA ALA L 142 -12.31 28.82 -75.45
C ALA L 142 -13.43 27.83 -75.24
N TYR L 143 -13.45 27.16 -74.09
CA TYR L 143 -14.52 26.24 -73.75
C TYR L 143 -15.05 26.57 -72.38
N ARG L 144 -16.36 26.37 -72.21
CA ARG L 144 -16.88 26.03 -70.90
C ARG L 144 -16.19 24.78 -70.39
N GLY L 145 -16.09 23.79 -71.25
CA GLY L 145 -15.62 22.46 -70.96
C GLY L 145 -16.76 21.47 -70.94
N LYS L 146 -16.88 20.71 -69.85
CA LYS L 146 -17.57 19.43 -69.91
C LYS L 146 -17.97 19.04 -68.50
N LYS L 147 -18.91 18.11 -68.41
CA LYS L 147 -19.14 17.43 -67.14
C LYS L 147 -18.00 16.46 -66.86
N ARG L 148 -17.98 15.95 -65.62
CA ARG L 148 -16.73 15.54 -65.01
C ARG L 148 -15.95 14.54 -65.87
N GLN L 149 -16.60 13.43 -66.24
CA GLN L 149 -15.87 12.36 -66.92
C GLN L 149 -15.29 12.86 -68.22
N GLU L 150 -15.98 13.82 -68.84
CA GLU L 150 -15.79 14.21 -70.22
C GLU L 150 -14.53 15.04 -70.46
N ALA L 151 -14.02 15.74 -69.45
CA ALA L 151 -12.88 16.60 -69.66
C ALA L 151 -11.73 16.31 -68.70
N PRO L 152 -10.51 16.68 -69.10
CA PRO L 152 -9.38 16.73 -68.17
C PRO L 152 -9.73 17.42 -66.87
N PRO L 153 -9.31 16.84 -65.75
CA PRO L 153 -9.53 17.43 -64.43
C PRO L 153 -9.02 18.85 -64.30
N HIS L 154 -9.85 19.72 -63.74
CA HIS L 154 -9.46 21.09 -63.45
C HIS L 154 -10.45 21.67 -62.45
N ILE L 155 -9.97 22.50 -61.54
CA ILE L 155 -10.88 23.27 -60.70
C ILE L 155 -11.79 24.14 -61.55
N PHE L 156 -11.30 24.60 -62.70
CA PHE L 156 -12.13 25.32 -63.64
C PHE L 156 -13.40 24.56 -63.96
N SER L 157 -13.33 23.23 -63.89
CA SER L 157 -14.50 22.42 -64.18
C SER L 157 -15.58 22.74 -63.17
N ILE L 158 -15.17 22.85 -61.91
CA ILE L 158 -16.11 22.69 -60.83
C ILE L 158 -17.01 23.89 -60.83
N SER L 159 -16.37 25.05 -60.92
CA SER L 159 -17.04 26.28 -61.30
C SER L 159 -17.89 26.10 -62.55
N ASP L 160 -17.31 25.62 -63.65
CA ASP L 160 -18.04 25.60 -64.92
C ASP L 160 -19.39 24.90 -64.76
N ASN L 161 -19.33 23.66 -64.29
CA ASN L 161 -20.53 22.85 -64.23
C ASN L 161 -21.44 23.32 -63.11
N ALA L 162 -20.89 23.83 -62.00
CA ALA L 162 -21.73 24.46 -61.00
C ALA L 162 -22.53 25.59 -61.62
N TYR L 163 -21.93 26.32 -62.56
CA TYR L 163 -22.69 27.36 -63.24
C TYR L 163 -23.82 26.74 -64.01
N GLN L 164 -23.51 25.83 -64.92
CA GLN L 164 -24.58 25.45 -65.84
C GLN L 164 -25.68 24.77 -65.06
N PHE L 165 -25.27 24.04 -64.02
CA PHE L 165 -26.16 23.48 -63.03
C PHE L 165 -27.06 24.55 -62.47
N MET L 166 -26.48 25.64 -61.97
CA MET L 166 -27.31 26.65 -61.33
C MET L 166 -28.10 27.42 -62.37
N LEU L 167 -27.52 27.55 -63.56
CA LEU L 167 -28.11 28.35 -64.62
C LEU L 167 -29.49 27.82 -64.90
N THR L 168 -29.58 26.50 -65.08
CA THR L 168 -30.90 25.90 -65.23
C THR L 168 -31.61 25.84 -63.88
N ASP L 169 -30.87 25.44 -62.84
CA ASP L 169 -31.43 25.17 -61.52
C ASP L 169 -31.86 26.44 -60.81
N ARG L 170 -31.01 27.46 -60.82
CA ARG L 170 -31.40 28.80 -60.38
C ARG L 170 -31.76 28.81 -58.91
N GLU L 171 -31.06 27.97 -58.14
CA GLU L 171 -30.83 28.16 -56.72
C GLU L 171 -29.35 27.92 -56.44
N ASN L 172 -28.91 28.33 -55.25
CA ASN L 172 -27.53 28.74 -55.06
C ASN L 172 -26.61 27.56 -54.81
N GLN L 173 -25.32 27.80 -55.03
CA GLN L 173 -24.27 26.83 -54.75
C GLN L 173 -23.00 27.50 -54.29
N SER L 174 -22.30 26.84 -53.37
CA SER L 174 -20.98 27.24 -52.93
C SER L 174 -19.99 26.09 -53.06
N ILE L 175 -18.72 26.45 -53.15
CA ILE L 175 -17.64 25.53 -53.48
C ILE L 175 -16.61 25.63 -52.35
N LEU L 176 -16.18 24.47 -51.85
CA LEU L 176 -15.71 24.37 -50.47
C LEU L 176 -14.32 23.74 -50.43
N ILE L 177 -13.41 24.44 -49.77
CA ILE L 177 -11.99 24.38 -50.04
C ILE L 177 -11.29 24.30 -48.70
N THR L 178 -10.44 23.30 -48.50
CA THR L 178 -10.17 22.82 -47.16
C THR L 178 -8.69 23.00 -46.82
N GLY L 179 -8.44 23.17 -45.52
CA GLY L 179 -7.11 23.22 -44.95
C GLY L 179 -6.20 24.21 -45.65
N GLU L 180 -5.00 23.79 -46.00
CA GLU L 180 -4.12 24.49 -46.95
C GLU L 180 -3.74 25.85 -46.40
N SER L 181 -3.99 26.06 -45.09
CA SER L 181 -4.07 27.33 -44.37
C SER L 181 -3.05 28.43 -44.67
N GLY L 182 -2.01 28.19 -45.46
CA GLY L 182 -1.37 29.42 -45.91
C GLY L 182 -1.31 30.04 -47.30
N ALA L 183 -0.22 29.82 -48.02
CA ALA L 183 -0.02 30.43 -49.36
C ALA L 183 -1.00 29.88 -50.39
N GLY L 184 -0.87 28.62 -50.80
CA GLY L 184 -1.74 28.13 -51.87
C GLY L 184 -3.22 28.30 -51.63
N LYS L 185 -3.68 28.15 -50.38
CA LYS L 185 -5.09 28.36 -50.09
C LYS L 185 -5.57 29.70 -50.61
N THR L 186 -4.86 30.75 -50.23
CA THR L 186 -5.27 32.10 -50.58
C THR L 186 -5.02 32.37 -52.04
N VAL L 187 -3.87 31.94 -52.56
CA VAL L 187 -3.58 32.13 -53.98
C VAL L 187 -4.67 31.52 -54.83
N ASN L 188 -5.07 30.31 -54.49
CA ASN L 188 -6.07 29.65 -55.29
C ASN L 188 -7.44 30.27 -55.08
N THR L 189 -7.74 30.76 -53.88
CA THR L 189 -8.97 31.53 -53.74
C THR L 189 -8.96 32.73 -54.68
N LYS L 190 -7.81 33.39 -54.78
CA LYS L 190 -7.70 34.50 -55.68
C LYS L 190 -8.06 34.03 -57.08
N ARG L 191 -7.37 32.98 -57.51
CA ARG L 191 -7.56 32.47 -58.85
C ARG L 191 -9.01 32.04 -59.06
N VAL L 192 -9.66 31.61 -57.98
CA VAL L 192 -11.08 31.27 -58.05
C VAL L 192 -11.87 32.48 -58.49
N ILE L 193 -11.65 33.60 -57.83
CA ILE L 193 -12.32 34.82 -58.29
C ILE L 193 -11.82 35.25 -59.65
N GLN L 194 -10.56 34.97 -59.98
CA GLN L 194 -10.10 35.19 -61.34
C GLN L 194 -10.97 34.43 -62.34
N TYR L 195 -11.32 33.21 -62.00
CA TYR L 195 -12.16 32.45 -62.88
C TYR L 195 -13.58 32.96 -62.86
N PHE L 196 -14.01 33.52 -61.73
CA PHE L 196 -15.19 34.36 -61.72
C PHE L 196 -15.14 35.48 -62.74
N ALA L 197 -14.01 36.16 -62.84
CA ALA L 197 -13.80 37.11 -63.93
C ALA L 197 -13.92 36.46 -65.30
N THR L 198 -13.41 35.23 -65.43
CA THR L 198 -13.57 34.52 -66.69
C THR L 198 -15.03 34.20 -66.98
N ILE L 199 -15.80 33.93 -65.93
CA ILE L 199 -17.24 33.78 -66.05
C ILE L 199 -17.89 35.08 -66.48
N ALA L 200 -17.42 36.19 -65.93
CA ALA L 200 -17.89 37.49 -66.37
C ALA L 200 -17.66 37.66 -67.86
N VAL L 201 -16.46 37.34 -68.31
CA VAL L 201 -16.10 37.41 -69.72
C VAL L 201 -16.97 36.48 -70.55
N THR L 202 -17.28 35.31 -70.01
CA THR L 202 -18.20 34.38 -70.68
C THR L 202 -19.60 34.98 -70.78
N GLY L 203 -20.04 35.67 -69.75
CA GLY L 203 -21.40 36.15 -69.68
C GLY L 203 -21.64 37.38 -70.54
N ASP L 204 -20.77 38.37 -70.41
CA ASP L 204 -20.81 39.54 -71.26
C ASP L 204 -19.46 40.23 -71.18
N LYS L 205 -19.23 41.18 -72.07
CA LYS L 205 -18.05 42.02 -71.99
C LYS L 205 -18.25 43.23 -72.89
N LYS L 206 -17.55 44.31 -72.57
CA LYS L 206 -17.60 45.52 -73.38
C LYS L 206 -16.21 45.86 -73.91
N GLN L 216 -13.30 52.03 -58.97
CA GLN L 216 -13.40 50.67 -59.49
C GLN L 216 -12.09 49.92 -59.32
N GLY L 217 -11.92 49.28 -58.17
CA GLY L 217 -10.96 48.19 -58.06
C GLY L 217 -11.41 46.97 -58.85
N THR L 218 -10.45 46.30 -59.48
CA THR L 218 -10.75 45.02 -60.09
C THR L 218 -11.19 44.05 -59.02
N LEU L 219 -12.05 43.09 -59.40
CA LEU L 219 -12.89 42.48 -58.39
C LEU L 219 -12.07 41.59 -57.48
N GLU L 220 -11.11 40.87 -58.06
CA GLU L 220 -10.07 40.25 -57.26
C GLU L 220 -9.33 41.30 -56.44
N ASP L 221 -8.86 42.33 -57.13
CA ASP L 221 -8.22 43.45 -56.44
C ASP L 221 -9.14 44.06 -55.38
N GLN L 222 -10.45 44.04 -55.61
CA GLN L 222 -11.36 44.47 -54.55
C GLN L 222 -11.27 43.56 -53.34
N ILE L 223 -11.20 42.25 -53.55
CA ILE L 223 -10.99 41.37 -52.42
C ILE L 223 -9.62 41.61 -51.78
N ILE L 224 -8.61 41.84 -52.62
CA ILE L 224 -7.30 42.24 -52.13
C ILE L 224 -7.39 43.46 -51.24
N SER L 225 -8.34 44.35 -51.52
CA SER L 225 -8.49 45.52 -50.65
C SER L 225 -8.72 45.08 -49.22
N ALA L 226 -9.60 44.10 -49.03
CA ALA L 226 -9.79 43.49 -47.72
C ALA L 226 -8.52 42.81 -47.25
N ASN L 227 -7.88 42.04 -48.13
CA ASN L 227 -7.02 40.93 -47.72
C ASN L 227 -5.94 41.33 -46.71
N PRO L 228 -5.07 42.31 -46.95
CA PRO L 228 -3.93 42.45 -46.04
C PRO L 228 -4.35 42.76 -44.62
N LEU L 229 -5.25 43.73 -44.46
CA LEU L 229 -5.75 44.05 -43.13
C LEU L 229 -6.49 42.88 -42.52
N LEU L 230 -7.43 42.29 -43.25
CA LEU L 230 -8.21 41.22 -42.67
C LEU L 230 -7.32 40.03 -42.32
N GLU L 231 -6.30 39.80 -43.14
CA GLU L 231 -5.33 38.75 -42.92
C GLU L 231 -4.58 38.97 -41.63
N ALA L 232 -4.08 40.18 -41.42
CA ALA L 232 -3.54 40.48 -40.10
C ALA L 232 -4.64 40.33 -39.05
N PHE L 233 -5.88 40.59 -39.46
CA PHE L 233 -6.91 40.83 -38.49
C PHE L 233 -7.26 39.54 -37.77
N GLY L 234 -7.49 38.47 -38.53
CA GLY L 234 -7.82 37.21 -37.91
C GLY L 234 -6.85 36.06 -38.12
N ASN L 235 -5.67 36.30 -38.69
CA ASN L 235 -4.63 35.29 -38.62
C ASN L 235 -4.16 35.08 -37.18
N ALA L 236 -3.57 33.91 -36.98
CA ALA L 236 -3.20 33.36 -35.69
C ALA L 236 -1.99 32.47 -35.95
N LYS L 237 -1.26 32.13 -34.90
CA LYS L 237 -0.12 31.26 -35.05
C LYS L 237 -0.38 29.93 -34.37
N THR L 238 -0.28 28.87 -35.16
CA THR L 238 -0.27 27.50 -34.70
C THR L 238 1.17 27.10 -34.41
N VAL L 239 1.35 26.22 -33.44
CA VAL L 239 2.67 25.61 -33.27
C VAL L 239 3.18 25.15 -34.62
N ARG L 240 2.32 24.47 -35.38
CA ARG L 240 2.65 24.00 -36.72
C ARG L 240 2.15 24.90 -37.83
N ASN L 241 1.79 26.16 -37.56
CA ASN L 241 1.48 27.12 -38.62
C ASN L 241 1.55 28.55 -38.13
N ASP L 242 1.95 29.44 -39.04
CA ASP L 242 2.61 30.68 -38.69
C ASP L 242 1.82 31.91 -39.11
N ASN L 243 0.90 31.78 -40.06
CA ASN L 243 -0.15 32.76 -40.28
C ASN L 243 -1.37 32.00 -40.77
N SER L 244 -2.37 31.93 -39.92
CA SER L 244 -3.44 30.94 -39.99
C SER L 244 -4.58 31.55 -39.20
N SER L 245 -5.79 31.47 -39.70
CA SER L 245 -6.77 32.46 -39.28
C SER L 245 -8.05 31.88 -38.76
N ARG L 246 -8.42 32.33 -37.56
CA ARG L 246 -9.36 31.64 -36.71
C ARG L 246 -10.54 32.55 -36.41
N PHE L 247 -10.87 33.37 -37.41
CA PHE L 247 -12.21 33.88 -37.59
C PHE L 247 -13.08 32.79 -38.21
N GLY L 248 -14.34 33.11 -38.44
CA GLY L 248 -15.00 32.46 -39.53
C GLY L 248 -15.36 33.47 -40.58
N LYS L 249 -14.84 33.27 -41.78
CA LYS L 249 -15.19 34.05 -42.94
C LYS L 249 -15.95 33.16 -43.91
N PHE L 250 -16.91 33.75 -44.59
CA PHE L 250 -17.51 33.08 -45.72
C PHE L 250 -17.81 34.08 -46.80
N ILE L 251 -17.66 33.61 -48.03
CA ILE L 251 -17.52 34.48 -49.17
C ILE L 251 -18.74 34.21 -50.01
N ARG L 252 -19.43 35.26 -50.38
CA ARG L 252 -20.65 35.13 -51.16
C ARG L 252 -20.57 36.01 -52.38
N ILE L 253 -21.19 35.55 -53.47
CA ILE L 253 -21.22 36.31 -54.70
C ILE L 253 -22.61 36.19 -55.31
N HIS L 254 -23.10 37.31 -55.84
CA HIS L 254 -24.53 37.59 -55.92
C HIS L 254 -24.91 38.13 -57.27
N PHE L 255 -25.99 37.61 -57.82
CA PHE L 255 -26.34 37.84 -59.22
C PHE L 255 -27.75 38.38 -59.31
N GLY L 256 -27.85 39.63 -59.73
CA GLY L 256 -28.94 40.22 -60.46
C GLY L 256 -28.72 40.03 -61.92
N ALA L 257 -27.61 39.37 -62.24
CA ALA L 257 -27.02 39.28 -63.56
C ALA L 257 -26.70 37.82 -63.82
N THR L 258 -26.92 37.42 -65.05
CA THR L 258 -26.31 36.21 -65.59
C THR L 258 -25.57 36.58 -66.86
N GLY L 259 -25.10 37.80 -66.85
CA GLY L 259 -24.44 38.57 -67.87
C GLY L 259 -22.95 38.45 -67.64
N LYS L 260 -22.24 39.54 -67.80
CA LYS L 260 -21.02 39.61 -67.05
C LYS L 260 -21.35 39.82 -65.58
N LEU L 261 -20.32 39.80 -64.75
CA LEU L 261 -20.48 39.32 -63.37
C LEU L 261 -21.15 40.37 -62.48
N ALA L 262 -21.71 39.87 -61.38
CA ALA L 262 -22.43 40.67 -60.40
C ALA L 262 -21.80 40.40 -59.03
N SER L 263 -22.06 41.28 -58.07
CA SER L 263 -21.10 41.54 -57.01
C SER L 263 -21.34 40.68 -55.77
N ALA L 264 -20.37 40.74 -54.84
CA ALA L 264 -20.06 39.63 -53.94
C ALA L 264 -20.00 40.05 -52.48
N ASP L 265 -20.26 39.08 -51.59
CA ASP L 265 -20.10 39.24 -50.15
C ASP L 265 -18.97 38.39 -49.59
N ILE L 266 -18.40 38.85 -48.49
CA ILE L 266 -17.57 38.05 -47.59
C ILE L 266 -18.12 38.27 -46.18
N GLU L 267 -18.30 37.19 -45.42
CA GLU L 267 -19.35 37.20 -44.43
C GLU L 267 -18.87 36.57 -43.12
N THR L 268 -19.75 36.62 -42.13
CA THR L 268 -19.42 36.67 -40.71
C THR L 268 -19.70 35.35 -40.06
N TYR L 269 -18.67 34.69 -39.56
CA TYR L 269 -18.82 33.31 -39.16
C TYR L 269 -17.80 33.04 -38.06
N LEU L 270 -17.88 31.84 -37.49
CA LEU L 270 -17.40 31.56 -36.15
C LEU L 270 -16.03 32.17 -35.86
N LEU L 271 -15.95 32.92 -34.78
CA LEU L 271 -14.81 33.72 -34.39
C LEU L 271 -14.40 33.25 -33.01
N GLU L 272 -13.12 33.30 -32.71
CA GLU L 272 -12.64 32.53 -31.56
C GLU L 272 -12.15 33.50 -30.49
N LYS L 273 -13.06 33.76 -29.57
CA LYS L 273 -12.89 34.80 -28.58
C LYS L 273 -11.88 34.38 -27.54
N SER L 274 -11.99 33.12 -27.14
CA SER L 274 -11.07 32.47 -26.21
C SER L 274 -9.61 32.71 -26.53
N ARG L 275 -9.24 32.83 -27.81
CA ARG L 275 -7.83 33.10 -28.04
C ARG L 275 -7.41 34.35 -27.29
N VAL L 276 -8.32 35.32 -27.12
CA VAL L 276 -7.90 36.51 -26.41
C VAL L 276 -7.62 36.13 -24.97
N THR L 277 -8.41 35.18 -24.45
CA THR L 277 -8.25 34.71 -23.08
C THR L 277 -6.85 34.19 -22.81
N PHE L 278 -6.29 33.43 -23.74
CA PHE L 278 -5.13 32.63 -23.38
C PHE L 278 -4.19 32.40 -24.55
N GLN L 279 -2.92 32.27 -24.18
CA GLN L 279 -1.86 31.81 -25.06
C GLN L 279 -0.94 30.95 -24.21
N LEU L 280 -0.22 30.05 -24.86
CA LEU L 280 1.03 29.55 -24.32
C LEU L 280 2.24 30.30 -24.84
N LYS L 281 3.33 30.18 -24.08
CA LYS L 281 4.52 30.98 -24.26
C LYS L 281 5.15 30.73 -25.63
N ALA L 282 4.83 29.60 -26.25
CA ALA L 282 5.20 29.33 -27.63
C ALA L 282 4.36 30.10 -28.64
N GLU L 283 3.26 30.71 -28.22
CA GLU L 283 2.12 30.96 -29.10
C GLU L 283 1.80 32.44 -29.10
N ARG L 284 1.28 32.96 -30.21
CA ARG L 284 0.84 34.34 -30.24
C ARG L 284 -0.57 34.59 -30.73
N SER L 285 -0.93 35.84 -30.49
CA SER L 285 -2.21 36.49 -30.27
C SER L 285 -2.75 36.96 -31.62
N TYR L 286 -4.01 37.38 -31.60
CA TYR L 286 -4.62 37.90 -32.80
C TYR L 286 -3.68 38.92 -33.40
N HIS L 287 -3.36 38.74 -34.67
CA HIS L 287 -2.20 39.40 -35.24
C HIS L 287 -2.34 40.90 -35.17
N ILE L 288 -3.58 41.42 -35.18
CA ILE L 288 -3.74 42.86 -35.19
C ILE L 288 -2.90 43.42 -34.06
N PHE L 289 -3.06 42.82 -32.89
CA PHE L 289 -2.52 43.34 -31.66
C PHE L 289 -1.02 43.40 -31.80
N TYR L 290 -0.44 42.23 -32.09
CA TYR L 290 0.98 42.05 -32.34
C TYR L 290 1.51 43.04 -33.35
N GLN L 291 0.71 43.32 -34.37
CA GLN L 291 1.17 44.23 -35.40
C GLN L 291 1.21 45.65 -34.88
N ILE L 292 0.07 46.13 -34.35
CA ILE L 292 -0.02 47.52 -33.94
C ILE L 292 1.05 47.81 -32.89
N MET L 293 1.23 46.87 -31.99
CA MET L 293 2.03 47.03 -30.79
C MET L 293 3.51 47.15 -31.08
N SER L 294 3.92 46.87 -32.32
CA SER L 294 5.23 47.32 -32.76
C SER L 294 5.35 48.84 -32.77
N ASN L 295 6.61 49.27 -32.83
CA ASN L 295 7.13 50.55 -32.34
C ASN L 295 6.97 51.71 -33.31
N LYS L 296 6.58 51.49 -34.56
CA LYS L 296 7.00 52.41 -35.60
C LYS L 296 6.23 53.73 -35.58
N LYS L 297 4.96 53.74 -35.17
CA LYS L 297 4.21 54.94 -35.52
C LYS L 297 4.24 55.90 -34.35
N PRO L 298 5.05 56.96 -34.40
CA PRO L 298 5.51 57.61 -33.16
C PRO L 298 4.40 58.27 -32.38
N GLU L 299 3.44 58.89 -33.07
CA GLU L 299 2.34 59.55 -32.37
C GLU L 299 1.38 58.56 -31.72
N LEU L 300 1.01 57.49 -32.42
CA LEU L 300 -0.11 56.68 -31.94
C LEU L 300 0.16 56.14 -30.56
N ILE L 301 1.40 55.69 -30.32
CA ILE L 301 1.70 54.86 -29.16
C ILE L 301 1.29 55.58 -27.89
N GLU L 302 1.67 56.84 -27.77
CA GLU L 302 1.17 57.65 -26.67
C GLU L 302 -0.26 58.08 -26.90
N MET L 303 -0.66 58.38 -28.16
CA MET L 303 -2.07 58.67 -28.38
C MET L 303 -2.91 57.49 -27.93
N LEU L 304 -2.38 56.29 -28.14
CA LEU L 304 -3.01 55.05 -27.72
C LEU L 304 -3.05 54.92 -26.21
N LEU L 305 -2.36 55.80 -25.49
CA LEU L 305 -2.13 55.65 -24.07
C LEU L 305 -1.47 54.30 -23.81
N ILE L 306 -0.42 54.02 -24.59
CA ILE L 306 0.19 52.71 -24.59
C ILE L 306 1.71 52.86 -24.49
N THR L 307 2.33 51.90 -23.81
CA THR L 307 3.76 51.64 -23.94
C THR L 307 4.00 50.69 -25.10
N THR L 308 5.06 50.96 -25.87
CA THR L 308 5.38 50.05 -26.96
C THR L 308 5.72 48.65 -26.47
N ASN L 309 5.93 48.49 -25.18
CA ASN L 309 6.19 47.18 -24.60
C ASN L 309 4.95 46.31 -24.63
N PRO L 310 4.96 45.18 -25.32
CA PRO L 310 3.92 44.18 -25.05
C PRO L 310 4.00 43.72 -23.63
N TYR L 311 5.23 43.73 -23.09
CA TYR L 311 5.59 42.95 -21.92
C TYR L 311 4.68 43.33 -20.78
N ASP L 312 4.25 44.59 -20.79
CA ASP L 312 3.44 45.14 -19.71
C ASP L 312 2.17 44.35 -19.55
N PHE L 313 1.46 44.13 -20.64
CA PHE L 313 0.07 43.71 -20.59
C PHE L 313 0.05 42.21 -20.46
N ALA L 314 -0.06 41.73 -19.21
CA ALA L 314 0.13 40.32 -18.93
C ALA L 314 -0.86 39.48 -19.73
N TYR L 315 -2.09 39.98 -19.81
CA TYR L 315 -3.14 39.29 -20.56
C TYR L 315 -2.76 39.21 -22.03
N VAL L 316 -2.12 40.25 -22.54
CA VAL L 316 -1.43 40.15 -23.83
C VAL L 316 -0.19 39.28 -23.71
N SER L 317 0.59 39.48 -22.64
CA SER L 317 1.95 38.95 -22.55
C SER L 317 1.98 37.42 -22.67
N GLN L 318 0.85 36.77 -22.41
CA GLN L 318 0.78 35.33 -22.17
C GLN L 318 1.52 34.53 -23.23
N GLY L 319 1.59 35.06 -24.44
CA GLY L 319 2.19 34.37 -25.56
C GLY L 319 3.70 34.30 -25.65
N GLU L 320 4.15 33.97 -26.85
CA GLU L 320 5.53 34.13 -27.29
C GLU L 320 5.82 35.55 -27.71
N ILE L 321 7.03 36.03 -27.40
CA ILE L 321 7.24 37.46 -27.27
C ILE L 321 7.48 38.12 -28.62
N THR L 322 7.83 37.33 -29.65
CA THR L 322 7.88 37.80 -31.04
C THR L 322 7.75 36.58 -31.94
N VAL L 323 7.46 36.82 -33.22
CA VAL L 323 7.88 35.95 -34.31
C VAL L 323 9.10 36.58 -34.96
N PRO L 324 10.25 35.90 -35.00
CA PRO L 324 11.52 36.56 -35.31
C PRO L 324 11.50 37.54 -36.47
N SER L 325 10.89 37.14 -37.59
CA SER L 325 11.19 37.82 -38.85
C SER L 325 9.95 38.12 -39.69
N ILE L 326 8.77 38.23 -39.09
CA ILE L 326 7.62 38.85 -39.75
C ILE L 326 7.57 40.33 -39.38
N ASP L 327 7.82 41.19 -40.37
CA ASP L 327 8.35 42.53 -40.09
C ASP L 327 7.17 43.49 -39.97
N ASP L 328 6.80 43.81 -38.74
CA ASP L 328 5.57 44.54 -38.46
C ASP L 328 5.65 46.04 -38.68
N GLN L 329 6.84 46.62 -38.88
CA GLN L 329 6.90 48.00 -39.35
C GLN L 329 6.25 48.13 -40.72
N GLU L 330 6.69 47.31 -41.66
CA GLU L 330 6.08 47.35 -42.99
C GLU L 330 4.65 46.88 -42.92
N GLU L 331 4.37 45.89 -42.07
CA GLU L 331 3.00 45.42 -41.99
C GLU L 331 2.09 46.51 -41.42
N LEU L 332 2.62 47.34 -40.51
CA LEU L 332 1.90 48.53 -40.09
C LEU L 332 1.60 49.39 -41.30
N MET L 333 2.62 49.62 -42.11
CA MET L 333 2.44 50.50 -43.26
C MET L 333 1.33 49.96 -44.16
N ALA L 334 1.33 48.64 -44.39
CA ALA L 334 0.26 47.99 -45.13
C ALA L 334 -1.10 48.22 -44.48
N THR L 335 -1.17 48.14 -43.14
CA THR L 335 -2.44 48.40 -42.47
C THR L 335 -2.91 49.81 -42.74
N ASP L 336 -1.99 50.77 -42.67
CA ASP L 336 -2.32 52.13 -43.07
C ASP L 336 -2.83 52.14 -44.49
N THR L 337 -2.11 51.47 -45.38
CA THR L 337 -2.43 51.47 -46.80
C THR L 337 -3.88 51.07 -47.00
N ALA L 338 -4.27 49.99 -46.34
CA ALA L 338 -5.64 49.50 -46.43
C ALA L 338 -6.61 50.49 -45.82
N VAL L 339 -6.34 50.96 -44.60
CA VAL L 339 -7.35 51.75 -43.92
C VAL L 339 -7.57 53.06 -44.67
N ASP L 340 -6.54 53.55 -45.34
CA ASP L 340 -6.70 54.71 -46.20
C ASP L 340 -7.46 54.36 -47.47
N ILE L 341 -7.12 53.23 -48.08
CA ILE L 341 -7.90 52.64 -49.16
C ILE L 341 -9.36 52.44 -48.77
N LEU L 342 -9.66 52.30 -47.47
CA LEU L 342 -11.05 52.28 -47.06
C LEU L 342 -11.84 53.45 -47.66
N GLY L 343 -11.20 54.60 -47.83
CA GLY L 343 -11.95 55.83 -47.90
C GLY L 343 -12.85 56.05 -46.72
N PHE L 344 -12.37 55.77 -45.51
CA PHE L 344 -13.12 55.97 -44.28
C PHE L 344 -12.24 56.62 -43.22
N SER L 345 -12.90 57.37 -42.35
CA SER L 345 -12.27 58.50 -41.69
C SER L 345 -11.14 58.06 -40.78
N ALA L 346 -10.09 58.86 -40.74
CA ALA L 346 -9.00 58.64 -39.79
C ALA L 346 -9.53 58.58 -38.36
N ASP L 347 -10.33 59.56 -37.97
CA ASP L 347 -10.63 59.72 -36.54
C ASP L 347 -11.36 58.50 -36.01
N GLU L 348 -12.39 58.05 -36.72
CA GLU L 348 -13.05 56.82 -36.29
C GLU L 348 -12.05 55.68 -36.23
N LYS L 349 -11.32 55.44 -37.32
CA LYS L 349 -10.55 54.20 -37.41
C LYS L 349 -9.46 54.17 -36.35
N VAL L 350 -8.86 55.33 -36.08
CA VAL L 350 -7.87 55.43 -35.01
C VAL L 350 -8.52 55.11 -33.68
N ALA L 351 -9.67 55.76 -33.39
CA ALA L 351 -10.39 55.45 -32.17
C ALA L 351 -10.69 53.97 -32.09
N ILE L 352 -10.88 53.35 -33.24
CA ILE L 352 -11.33 51.98 -33.30
C ILE L 352 -10.23 51.04 -32.85
N TYR L 353 -9.07 51.11 -33.49
CA TYR L 353 -8.00 50.28 -32.96
C TYR L 353 -7.66 50.70 -31.53
N LYS L 354 -7.81 51.98 -31.21
CA LYS L 354 -7.63 52.42 -29.83
C LYS L 354 -8.53 51.62 -28.90
N LEU L 355 -9.72 51.26 -29.36
CA LEU L 355 -10.56 50.38 -28.57
C LEU L 355 -9.76 49.15 -28.16
N THR L 356 -9.07 48.54 -29.11
CA THR L 356 -8.26 47.37 -28.81
C THR L 356 -7.21 47.71 -27.78
N GLY L 357 -6.65 48.91 -27.90
CA GLY L 357 -5.70 49.37 -26.89
C GLY L 357 -6.32 49.31 -25.52
N ALA L 358 -7.53 49.87 -25.39
CA ALA L 358 -8.25 49.79 -24.13
C ALA L 358 -8.36 48.35 -23.69
N VAL L 359 -8.67 47.47 -24.64
CA VAL L 359 -8.86 46.07 -24.33
C VAL L 359 -7.63 45.51 -23.64
N MET L 360 -6.46 45.71 -24.24
CA MET L 360 -5.25 45.23 -23.58
C MET L 360 -5.02 45.94 -22.25
N HIS L 361 -5.40 47.21 -22.14
CA HIS L 361 -5.31 47.86 -20.83
C HIS L 361 -6.13 47.12 -19.79
N TYR L 362 -7.22 46.50 -20.20
CA TYR L 362 -8.08 45.80 -19.24
C TYR L 362 -7.36 44.64 -18.60
N GLY L 363 -6.41 44.04 -19.31
CA GLY L 363 -5.59 43.01 -18.69
C GLY L 363 -4.90 43.49 -17.43
N ASN L 364 -4.59 44.78 -17.34
CA ASN L 364 -3.99 45.29 -16.11
C ASN L 364 -4.98 45.39 -14.95
N MET L 365 -6.26 45.63 -15.24
CA MET L 365 -7.23 45.87 -14.19
C MET L 365 -7.28 44.70 -13.21
N LYS L 366 -7.15 44.99 -11.91
CA LYS L 366 -6.97 43.92 -10.94
C LYS L 366 -7.56 44.33 -9.60
N PHE L 367 -8.44 43.49 -9.06
CA PHE L 367 -9.23 43.88 -7.90
C PHE L 367 -8.95 43.03 -6.67
N LYS L 368 -9.44 43.55 -5.54
CA LYS L 368 -8.87 43.38 -4.22
C LYS L 368 -10.01 43.22 -3.22
N GLN L 369 -9.80 42.42 -2.18
CA GLN L 369 -10.93 41.88 -1.43
C GLN L 369 -10.77 42.23 0.05
N LYS L 370 -11.80 42.87 0.59
CA LYS L 370 -11.73 43.54 1.88
C LYS L 370 -12.08 42.62 3.05
N GLN L 371 -11.68 43.09 4.24
CA GLN L 371 -11.97 42.41 5.49
C GLN L 371 -13.46 42.24 5.71
N ARG L 372 -13.85 41.12 6.32
CA ARG L 372 -15.19 40.95 6.88
C ARG L 372 -16.25 41.03 5.80
N GLU L 373 -15.83 40.79 4.57
CA GLU L 373 -16.50 41.22 3.37
C GLU L 373 -16.02 40.30 2.27
N GLU L 374 -16.92 39.84 1.43
CA GLU L 374 -16.47 39.43 0.10
C GLU L 374 -17.04 40.42 -0.88
N GLN L 375 -16.12 41.14 -1.50
CA GLN L 375 -16.26 41.86 -2.75
C GLN L 375 -14.88 41.83 -3.37
N ALA L 376 -14.82 42.07 -4.67
CA ALA L 376 -13.52 42.38 -5.23
C ALA L 376 -13.59 43.85 -5.59
N GLU L 377 -12.47 44.55 -5.40
CA GLU L 377 -12.57 45.96 -5.11
C GLU L 377 -11.35 46.63 -5.70
N PRO L 378 -11.33 47.94 -5.80
CA PRO L 378 -10.53 48.50 -6.87
C PRO L 378 -9.07 48.71 -6.51
N ASP L 379 -8.24 48.50 -7.52
CA ASP L 379 -6.98 49.21 -7.64
C ASP L 379 -7.31 50.53 -8.34
N GLY L 380 -6.91 51.65 -7.75
CA GLY L 380 -7.30 52.93 -8.29
C GLY L 380 -6.15 53.29 -9.19
N THR L 381 -6.46 53.45 -10.47
CA THR L 381 -5.47 53.15 -11.50
C THR L 381 -5.57 54.12 -12.68
N GLU L 382 -4.41 54.61 -13.09
CA GLU L 382 -4.30 55.35 -14.33
C GLU L 382 -4.90 54.58 -15.49
N VAL L 383 -4.85 53.25 -15.45
CA VAL L 383 -5.50 52.42 -16.47
C VAL L 383 -6.96 52.82 -16.62
N ALA L 384 -7.68 52.91 -15.50
CA ALA L 384 -9.09 53.27 -15.58
C ALA L 384 -9.26 54.66 -16.14
N ASP L 385 -8.31 55.55 -15.85
CA ASP L 385 -8.41 56.92 -16.36
C ASP L 385 -8.16 56.97 -17.85
N LYS L 386 -7.21 56.16 -18.34
CA LYS L 386 -7.05 55.99 -19.78
C LYS L 386 -8.34 55.53 -20.40
N ALA L 387 -8.97 54.53 -19.79
CA ALA L 387 -10.24 54.05 -20.32
C ALA L 387 -11.22 55.19 -20.39
N ALA L 388 -11.36 55.94 -19.29
CA ALA L 388 -12.33 57.03 -19.24
C ALA L 388 -12.07 58.00 -20.38
N TYR L 389 -10.81 58.36 -20.58
CA TYR L 389 -10.44 59.27 -21.65
C TYR L 389 -10.84 58.73 -23.00
N LEU L 390 -10.48 57.49 -23.27
CA LEU L 390 -10.66 56.95 -24.61
C LEU L 390 -12.15 56.78 -24.87
N THR L 391 -12.87 56.30 -23.87
CA THR L 391 -14.29 56.06 -23.95
C THR L 391 -15.08 57.36 -24.07
N SER L 392 -14.57 58.45 -23.52
CA SER L 392 -15.39 59.58 -23.08
C SER L 392 -16.46 59.11 -22.10
N LEU L 393 -16.07 58.21 -21.21
CA LEU L 393 -16.70 58.04 -19.91
C LEU L 393 -15.85 58.75 -18.86
N ASN L 394 -16.41 58.88 -17.65
CA ASN L 394 -15.60 59.08 -16.46
C ASN L 394 -15.33 57.78 -15.72
N SER L 395 -14.13 57.70 -15.14
CA SER L 395 -13.70 56.47 -14.47
C SER L 395 -14.58 56.14 -13.28
N ALA L 396 -14.91 57.13 -12.44
CA ALA L 396 -15.80 56.86 -11.31
C ALA L 396 -17.09 56.23 -11.79
N ASP L 397 -17.51 56.58 -13.00
CA ASP L 397 -18.75 56.03 -13.54
C ASP L 397 -18.60 54.53 -13.66
N LEU L 398 -17.49 54.10 -14.26
CA LEU L 398 -17.13 52.69 -14.22
C LEU L 398 -17.18 52.19 -12.79
N LEU L 399 -16.53 52.90 -11.89
CA LEU L 399 -16.17 52.34 -10.60
C LEU L 399 -17.44 51.96 -9.85
N LYS L 400 -18.34 52.91 -9.73
CA LYS L 400 -19.59 52.62 -9.06
C LYS L 400 -20.45 51.75 -9.95
N ALA L 401 -20.76 52.19 -11.16
CA ALA L 401 -21.93 51.64 -11.82
C ALA L 401 -21.64 50.23 -12.29
N LEU L 402 -20.45 49.98 -12.83
CA LEU L 402 -20.11 48.59 -13.12
C LEU L 402 -19.73 47.88 -11.84
N CYS L 403 -18.79 48.45 -11.07
CA CYS L 403 -18.05 47.53 -10.23
C CYS L 403 -18.92 47.00 -9.12
N TYR L 404 -20.08 47.62 -8.94
CA TYR L 404 -21.24 46.97 -8.33
C TYR L 404 -22.52 47.26 -9.10
N PRO L 405 -22.92 46.37 -9.99
CA PRO L 405 -23.87 46.73 -11.06
C PRO L 405 -25.27 46.97 -10.50
N ARG L 406 -26.15 47.46 -11.38
CA ARG L 406 -27.59 47.47 -11.16
C ARG L 406 -28.23 46.70 -12.32
N VAL L 407 -29.10 45.74 -12.00
CA VAL L 407 -30.14 45.30 -12.91
C VAL L 407 -31.42 45.02 -12.12
N LYS L 408 -32.50 45.73 -12.46
CA LYS L 408 -33.88 45.26 -12.31
C LYS L 408 -34.76 46.20 -13.12
N VAL L 409 -35.87 45.66 -13.65
CA VAL L 409 -36.85 46.46 -14.38
C VAL L 409 -38.25 46.10 -13.89
N GLY L 410 -39.15 47.09 -13.93
CA GLY L 410 -40.38 47.05 -13.19
C GLY L 410 -40.23 47.56 -11.78
N ASN L 411 -38.99 47.55 -11.31
CA ASN L 411 -38.34 48.38 -10.31
C ASN L 411 -36.89 48.05 -10.59
N GLU L 412 -35.95 48.73 -9.94
CA GLU L 412 -34.61 48.67 -10.49
C GLU L 412 -33.58 48.55 -9.37
N TYR L 413 -32.64 47.61 -9.51
CA TYR L 413 -31.98 47.09 -8.33
C TYR L 413 -30.57 46.62 -8.69
N VAL L 414 -29.73 46.54 -7.67
CA VAL L 414 -28.29 46.70 -7.76
C VAL L 414 -27.57 45.46 -7.26
N THR L 415 -26.37 45.28 -7.80
CA THR L 415 -25.66 44.00 -7.93
C THR L 415 -24.29 44.29 -7.38
N LYS L 416 -23.84 43.52 -6.40
CA LYS L 416 -22.66 43.97 -5.66
C LYS L 416 -21.86 42.78 -5.15
N GLY L 417 -20.56 42.96 -5.04
CA GLY L 417 -19.73 42.06 -4.28
C GLY L 417 -19.06 40.96 -5.04
N GLN L 418 -18.91 41.12 -6.36
CA GLN L 418 -18.51 40.01 -7.21
C GLN L 418 -17.21 39.39 -6.73
N THR L 419 -17.03 38.12 -7.03
CA THR L 419 -15.79 37.48 -6.65
C THR L 419 -14.67 38.03 -7.51
N VAL L 420 -13.44 37.79 -7.07
CA VAL L 420 -12.29 38.10 -7.91
C VAL L 420 -12.48 37.44 -9.27
N GLN L 421 -12.77 36.14 -9.25
CA GLN L 421 -12.95 35.42 -10.50
C GLN L 421 -14.10 36.04 -11.28
N GLN L 422 -15.20 36.34 -10.60
CA GLN L 422 -16.36 36.90 -11.28
C GLN L 422 -15.97 38.16 -12.03
N VAL L 423 -15.27 39.06 -11.34
CA VAL L 423 -14.81 40.28 -11.96
C VAL L 423 -13.92 39.97 -13.14
N TYR L 424 -12.91 39.15 -12.92
CA TYR L 424 -11.86 38.98 -13.90
C TYR L 424 -12.46 38.42 -15.18
N ASN L 425 -13.22 37.34 -15.03
CA ASN L 425 -13.93 36.76 -16.15
C ASN L 425 -14.77 37.84 -16.80
N SER L 426 -15.52 38.59 -15.98
CA SER L 426 -16.51 39.49 -16.52
C SER L 426 -15.84 40.47 -17.46
N VAL L 427 -14.73 41.05 -17.01
CA VAL L 427 -14.14 42.11 -17.78
C VAL L 427 -13.53 41.52 -19.04
N GLY L 428 -12.94 40.33 -18.91
CA GLY L 428 -12.37 39.71 -20.09
C GLY L 428 -13.46 39.50 -21.12
N ALA L 429 -14.62 39.03 -20.66
CA ALA L 429 -15.76 38.81 -21.53
C ALA L 429 -16.11 40.08 -22.26
N LEU L 430 -16.19 41.18 -21.51
CA LEU L 430 -16.59 42.44 -22.12
C LEU L 430 -15.60 42.80 -23.22
N ALA L 431 -14.32 42.74 -22.88
CA ALA L 431 -13.28 43.11 -23.82
C ALA L 431 -13.42 42.28 -25.08
N LYS L 432 -13.63 40.98 -24.90
CA LYS L 432 -13.66 40.06 -26.03
C LYS L 432 -14.84 40.42 -26.89
N SER L 433 -16.00 40.59 -26.26
CA SER L 433 -17.20 40.94 -26.98
C SER L 433 -16.98 42.21 -27.76
N MET L 434 -16.19 43.12 -27.21
CA MET L 434 -15.99 44.40 -27.87
C MET L 434 -15.16 44.18 -29.12
N TYR L 435 -14.11 43.37 -29.01
CA TYR L 435 -13.32 43.01 -30.18
C TYR L 435 -14.23 42.40 -31.23
N GLU L 436 -15.08 41.47 -30.78
CA GLU L 436 -16.03 40.82 -31.66
C GLU L 436 -16.84 41.87 -32.39
N LYS L 437 -17.44 42.77 -31.61
CA LYS L 437 -18.29 43.80 -32.16
C LYS L 437 -17.53 44.56 -33.22
N MET L 438 -16.24 44.79 -32.98
CA MET L 438 -15.49 45.67 -33.87
C MET L 438 -15.37 44.97 -35.20
N PHE L 439 -15.10 43.68 -35.13
CA PHE L 439 -15.07 42.89 -36.35
C PHE L 439 -16.42 43.03 -37.04
N LEU L 440 -17.48 42.91 -36.25
CA LEU L 440 -18.82 42.91 -36.82
C LEU L 440 -19.07 44.20 -37.55
N TRP L 441 -18.63 45.30 -36.95
CA TRP L 441 -18.81 46.60 -37.57
C TRP L 441 -18.10 46.63 -38.90
N MET L 442 -16.93 45.99 -38.97
CA MET L 442 -16.14 46.09 -40.20
C MET L 442 -16.99 45.73 -41.39
N VAL L 443 -17.93 44.80 -41.18
CA VAL L 443 -18.84 44.37 -42.23
C VAL L 443 -19.44 45.59 -42.88
N THR L 444 -19.98 46.47 -42.05
CA THR L 444 -21.03 47.37 -42.48
C THR L 444 -20.48 48.24 -43.61
N ARG L 445 -19.41 48.96 -43.30
CA ARG L 445 -18.85 49.86 -44.29
C ARG L 445 -18.02 49.09 -45.31
N ILE L 446 -17.29 48.04 -44.92
CA ILE L 446 -16.42 47.40 -45.89
C ILE L 446 -17.26 46.86 -47.03
N ASN L 447 -18.29 46.10 -46.66
CA ASN L 447 -19.24 45.59 -47.62
C ASN L 447 -19.88 46.74 -48.37
N GLN L 448 -20.33 47.78 -47.66
CA GLN L 448 -20.99 48.86 -48.38
C GLN L 448 -20.07 49.40 -49.48
N GLN L 449 -18.76 49.47 -49.20
CA GLN L 449 -17.82 49.79 -50.27
C GLN L 449 -17.93 48.78 -51.38
N LEU L 450 -18.16 47.53 -51.01
CA LEU L 450 -18.38 46.45 -51.98
C LEU L 450 -19.78 46.50 -52.58
N ASP L 451 -20.73 47.14 -51.91
CA ASP L 451 -22.14 46.83 -52.09
C ASP L 451 -22.77 47.80 -53.09
N THR L 452 -23.79 47.30 -53.78
CA THR L 452 -24.17 47.74 -55.11
C THR L 452 -25.68 47.71 -55.22
N LYS L 453 -26.22 48.69 -55.95
CA LYS L 453 -27.63 48.70 -56.30
C LYS L 453 -27.91 47.93 -57.57
N GLN L 454 -26.86 47.45 -58.23
CA GLN L 454 -27.01 46.28 -59.07
C GLN L 454 -27.64 45.16 -58.26
N PRO L 455 -28.66 44.49 -58.79
CA PRO L 455 -29.44 43.55 -57.99
C PRO L 455 -28.67 42.26 -57.70
N ARG L 456 -29.24 41.48 -56.79
CA ARG L 456 -29.01 40.04 -56.78
C ARG L 456 -30.33 39.31 -56.79
N GLN L 457 -30.46 38.38 -57.72
CA GLN L 457 -31.36 37.26 -57.59
C GLN L 457 -30.70 36.08 -56.89
N TYR L 458 -29.50 35.71 -57.34
CA TYR L 458 -28.94 34.41 -56.97
C TYR L 458 -27.44 34.49 -56.69
N PHE L 459 -26.98 33.45 -55.99
CA PHE L 459 -25.81 33.45 -55.11
C PHE L 459 -24.91 32.27 -55.42
N ILE L 460 -23.61 32.53 -55.53
CA ILE L 460 -22.58 31.50 -55.41
C ILE L 460 -21.51 31.95 -54.42
N GLY L 461 -20.93 30.98 -53.71
CA GLY L 461 -20.26 31.27 -52.45
C GLY L 461 -18.92 30.56 -52.38
N VAL L 462 -18.09 31.05 -51.46
CA VAL L 462 -16.80 30.47 -51.15
C VAL L 462 -16.64 30.37 -49.64
N LEU L 463 -16.03 29.28 -49.18
CA LEU L 463 -15.59 29.14 -47.80
C LEU L 463 -14.10 28.85 -47.80
N ASP L 464 -13.44 29.27 -46.72
CA ASP L 464 -12.01 29.00 -46.57
C ASP L 464 -11.66 27.73 -45.81
N ILE L 465 -12.27 27.44 -44.65
CA ILE L 465 -11.70 26.41 -43.80
C ILE L 465 -12.76 25.52 -43.18
N ALA L 466 -12.56 24.21 -43.34
CA ALA L 466 -13.01 23.21 -42.37
C ALA L 466 -11.76 22.93 -41.56
N GLY L 467 -11.55 23.69 -40.48
CA GLY L 467 -10.22 23.68 -39.92
C GLY L 467 -10.01 22.70 -38.78
N PHE L 468 -9.23 21.66 -39.04
CA PHE L 468 -8.71 20.77 -38.02
C PHE L 468 -7.21 20.68 -38.11
N GLU L 469 -6.53 20.83 -36.97
CA GLU L 469 -5.10 20.55 -36.88
C GLU L 469 -4.84 19.81 -35.57
N ILE L 470 -3.65 19.24 -35.46
CA ILE L 470 -3.27 18.45 -34.30
C ILE L 470 -2.26 19.24 -33.50
N PHE L 471 -2.34 19.13 -32.19
CA PHE L 471 -1.17 19.31 -31.35
C PHE L 471 -1.07 18.14 -30.38
N ASP L 472 0.15 17.89 -29.91
CA ASP L 472 0.34 16.94 -28.81
C ASP L 472 -0.52 17.34 -27.62
N PHE L 473 -0.85 18.61 -27.52
CA PHE L 473 -1.50 19.21 -26.38
C PHE L 473 -2.70 19.97 -26.92
N ASN L 474 -3.74 20.10 -26.13
CA ASN L 474 -4.99 20.49 -26.74
C ASN L 474 -5.79 21.35 -25.78
N THR L 475 -6.75 22.06 -26.34
CA THR L 475 -7.63 22.97 -25.63
C THR L 475 -8.96 22.97 -26.32
N LEU L 476 -10.02 23.21 -25.53
CA LEU L 476 -11.32 22.71 -25.89
C LEU L 476 -11.74 23.30 -27.21
N GLU L 477 -11.56 24.61 -27.35
CA GLU L 477 -12.12 25.36 -28.45
C GLU L 477 -11.69 24.73 -29.76
N GLN L 478 -10.43 24.33 -29.81
CA GLN L 478 -9.89 23.76 -31.02
C GLN L 478 -10.66 22.51 -31.35
N LEU L 479 -10.87 21.68 -30.34
CA LEU L 479 -11.61 20.44 -30.51
C LEU L 479 -13.01 20.76 -30.98
N CYS L 480 -13.56 21.87 -30.52
CA CYS L 480 -14.91 22.25 -30.89
C CYS L 480 -14.96 22.58 -32.37
N ILE L 481 -13.96 23.32 -32.83
CA ILE L 481 -13.86 23.61 -34.26
C ILE L 481 -13.72 22.31 -35.04
N ASN L 482 -12.98 21.35 -34.48
CA ASN L 482 -12.84 20.06 -35.13
C ASN L 482 -14.20 19.37 -35.22
N PHE L 483 -14.97 19.48 -34.15
CA PHE L 483 -16.34 19.00 -34.13
C PHE L 483 -17.09 19.60 -35.30
N THR L 484 -16.98 20.92 -35.45
CA THR L 484 -17.67 21.60 -36.53
C THR L 484 -17.21 21.06 -37.87
N ASN L 485 -15.92 20.74 -37.96
CA ASN L 485 -15.37 20.23 -39.20
C ASN L 485 -16.04 18.93 -39.56
N GLU L 486 -16.07 18.00 -38.61
CA GLU L 486 -16.70 16.73 -38.88
C GLU L 486 -18.17 16.94 -39.20
N LYS L 487 -18.79 17.95 -38.58
CA LYS L 487 -20.17 18.28 -38.90
C LYS L 487 -20.29 18.60 -40.38
N LEU L 488 -19.36 19.41 -40.87
CA LEU L 488 -19.32 19.72 -42.27
C LEU L 488 -19.22 18.42 -43.05
N GLN L 489 -18.43 17.50 -42.53
CA GLN L 489 -18.33 16.22 -43.18
C GLN L 489 -19.65 15.46 -43.13
N GLN L 490 -20.44 15.65 -42.08
CA GLN L 490 -21.79 15.08 -42.11
C GLN L 490 -22.47 15.59 -43.35
N PHE L 491 -22.26 16.86 -43.64
CA PHE L 491 -23.04 17.50 -44.68
C PHE L 491 -22.61 16.90 -46.00
N PHE L 492 -21.30 16.72 -46.11
CA PHE L 492 -20.69 16.10 -47.27
C PHE L 492 -21.27 14.71 -47.46
N ASN L 493 -21.29 13.95 -46.37
CA ASN L 493 -21.61 12.55 -46.46
C ASN L 493 -23.07 12.36 -46.84
N HIS L 494 -23.99 13.05 -46.16
CA HIS L 494 -25.37 12.71 -46.45
C HIS L 494 -25.78 13.25 -47.81
N HIS L 495 -25.19 14.37 -48.25
CA HIS L 495 -25.50 14.77 -49.62
C HIS L 495 -25.04 13.68 -50.57
N MET L 496 -23.82 13.16 -50.35
CA MET L 496 -23.34 12.12 -51.25
C MET L 496 -24.27 10.92 -51.15
N PHE L 497 -24.73 10.62 -49.94
CA PHE L 497 -25.59 9.47 -49.72
C PHE L 497 -26.80 9.57 -50.62
N VAL L 498 -27.45 10.73 -50.58
CA VAL L 498 -28.63 10.95 -51.41
C VAL L 498 -28.26 10.79 -52.87
N LEU L 499 -27.22 11.51 -53.30
CA LEU L 499 -26.92 11.57 -54.72
C LEU L 499 -26.61 10.18 -55.22
N GLU L 500 -25.77 9.45 -54.49
CA GLU L 500 -25.40 8.12 -54.89
C GLU L 500 -26.62 7.23 -54.98
N GLN L 501 -27.59 7.44 -54.10
CA GLN L 501 -28.81 6.65 -54.23
C GLN L 501 -29.49 6.98 -55.56
N GLU L 502 -29.41 8.25 -55.94
CA GLU L 502 -29.92 8.63 -57.27
C GLU L 502 -29.16 7.88 -58.36
N GLU L 503 -27.87 7.67 -58.16
CA GLU L 503 -27.10 6.87 -59.13
C GLU L 503 -27.51 5.40 -59.13
N TYR L 504 -27.83 4.84 -57.96
CA TYR L 504 -28.52 3.56 -57.94
C TYR L 504 -29.73 3.60 -58.85
N LYS L 505 -30.54 4.64 -58.71
CA LYS L 505 -31.70 4.78 -59.57
C LYS L 505 -31.28 4.84 -61.04
N LYS L 506 -30.13 5.47 -61.29
CA LYS L 506 -29.76 5.89 -62.63
C LYS L 506 -29.73 4.72 -63.60
N GLU L 507 -29.09 3.62 -63.21
CA GLU L 507 -29.07 2.40 -64.02
C GLU L 507 -29.80 1.24 -63.35
N GLY L 508 -30.78 1.51 -62.50
CA GLY L 508 -31.85 0.58 -62.28
C GLY L 508 -31.76 -0.20 -60.99
N ILE L 509 -31.00 0.28 -60.02
CA ILE L 509 -30.37 -0.55 -59.01
C ILE L 509 -30.81 -0.01 -57.66
N ASP L 510 -30.79 -0.87 -56.64
CA ASP L 510 -31.55 -0.57 -55.43
C ASP L 510 -30.63 -0.55 -54.21
N TRP L 511 -30.92 0.40 -53.33
CA TRP L 511 -29.94 0.83 -52.34
C TRP L 511 -29.70 -0.24 -51.30
N GLU L 512 -28.43 -0.50 -51.01
CA GLU L 512 -28.03 -1.49 -50.02
C GLU L 512 -27.13 -0.84 -48.99
N PHE L 513 -27.36 0.45 -48.75
CA PHE L 513 -26.47 1.34 -48.02
C PHE L 513 -27.30 2.38 -47.29
N ILE L 514 -26.82 2.82 -46.13
CA ILE L 514 -27.61 3.69 -45.28
C ILE L 514 -26.82 4.97 -45.02
N ASP L 515 -27.53 5.99 -44.51
CA ASP L 515 -27.01 7.35 -44.51
C ASP L 515 -25.67 7.45 -43.84
N PHE L 516 -24.69 7.93 -44.60
CA PHE L 516 -23.38 8.22 -44.05
C PHE L 516 -23.47 9.42 -43.11
N GLY L 517 -24.31 10.37 -43.48
CA GLY L 517 -24.57 11.53 -42.64
C GLY L 517 -25.04 11.12 -41.26
N MET L 518 -26.02 10.22 -41.21
CA MET L 518 -26.43 9.65 -39.93
C MET L 518 -25.28 8.88 -39.30
N ASP L 519 -24.60 8.06 -40.09
CA ASP L 519 -23.72 7.06 -39.51
C ASP L 519 -22.61 7.73 -38.69
N LEU L 520 -21.90 8.67 -39.32
CA LEU L 520 -20.93 9.48 -38.57
C LEU L 520 -21.59 10.52 -37.67
N ALA L 521 -22.79 10.99 -38.01
CA ALA L 521 -23.50 11.83 -37.07
C ALA L 521 -23.64 11.15 -35.74
N ALA L 522 -23.76 9.82 -35.71
CA ALA L 522 -23.76 9.09 -34.44
C ALA L 522 -22.49 9.38 -33.65
N CYS L 523 -21.37 9.50 -34.35
CA CYS L 523 -20.10 9.78 -33.71
C CYS L 523 -20.10 11.17 -33.09
N ILE L 524 -20.59 12.15 -33.84
CA ILE L 524 -20.98 13.42 -33.23
C ILE L 524 -22.00 13.24 -32.11
N GLU L 525 -22.92 12.29 -32.25
CA GLU L 525 -23.99 12.19 -31.28
C GLU L 525 -23.43 11.77 -29.94
N LEU L 526 -22.30 11.10 -29.97
CA LEU L 526 -21.61 10.84 -28.72
C LEU L 526 -21.27 12.16 -28.06
N ILE L 527 -20.81 13.12 -28.86
CA ILE L 527 -20.67 14.49 -28.41
C ILE L 527 -22.02 15.13 -28.15
N GLU L 528 -23.07 14.73 -28.89
CA GLU L 528 -24.34 15.44 -28.84
C GLU L 528 -25.53 14.52 -28.62
N LYS L 529 -26.24 14.84 -27.56
CA LYS L 529 -27.53 14.32 -27.12
C LYS L 529 -28.24 15.65 -26.95
N PRO L 530 -29.55 15.67 -26.69
CA PRO L 530 -30.06 16.93 -26.15
C PRO L 530 -29.15 17.45 -25.04
N MET L 531 -28.59 16.56 -24.21
CA MET L 531 -27.30 16.83 -23.59
C MET L 531 -26.23 17.05 -24.67
N GLY L 532 -25.62 18.22 -24.72
CA GLY L 532 -24.35 18.35 -25.38
C GLY L 532 -23.22 18.03 -24.44
N ILE L 533 -22.13 17.46 -24.96
CA ILE L 533 -20.92 17.41 -24.14
C ILE L 533 -20.52 18.82 -23.76
N PHE L 534 -20.40 19.70 -24.75
CA PHE L 534 -20.04 21.07 -24.44
C PHE L 534 -21.07 21.63 -23.47
N SER L 535 -22.33 21.26 -23.70
CA SER L 535 -23.41 21.90 -22.99
C SER L 535 -23.24 21.62 -21.52
N ILE L 536 -23.02 20.34 -21.20
CA ILE L 536 -22.92 19.97 -19.81
C ILE L 536 -21.67 20.60 -19.23
N LEU L 537 -20.62 20.77 -20.03
CA LEU L 537 -19.42 21.34 -19.43
C LEU L 537 -19.69 22.76 -18.98
N GLU L 538 -20.13 23.59 -19.92
CA GLU L 538 -20.33 25.00 -19.59
C GLU L 538 -21.45 25.14 -18.59
N GLU L 539 -22.46 24.30 -18.73
CA GLU L 539 -23.59 24.24 -17.81
C GLU L 539 -23.11 24.03 -16.39
N GLU L 540 -22.31 23.00 -16.17
CA GLU L 540 -21.83 22.67 -14.84
C GLU L 540 -20.88 23.73 -14.32
N CYS L 541 -20.30 24.51 -15.22
CA CYS L 541 -19.44 25.62 -14.80
C CYS L 541 -20.18 26.53 -13.84
N MET L 542 -21.50 26.60 -13.94
CA MET L 542 -22.25 27.34 -12.93
C MET L 542 -22.24 26.67 -11.58
N PHE L 543 -22.15 25.36 -11.50
CA PHE L 543 -21.63 24.87 -10.23
C PHE L 543 -20.26 25.40 -9.90
N PRO L 544 -20.15 26.11 -8.78
CA PRO L 544 -19.05 27.03 -8.51
C PRO L 544 -17.90 26.33 -7.80
N LYS L 545 -16.78 27.03 -7.75
CA LYS L 545 -15.79 26.84 -6.70
C LYS L 545 -15.41 25.38 -6.56
N ALA L 546 -15.36 24.70 -7.70
CA ALA L 546 -15.10 23.28 -7.77
C ALA L 546 -14.18 23.06 -8.95
N THR L 547 -13.83 21.81 -9.21
CA THR L 547 -12.59 21.54 -9.93
C THR L 547 -12.90 20.60 -11.08
N ASP L 548 -12.14 20.77 -12.16
CA ASP L 548 -12.37 19.96 -13.34
C ASP L 548 -12.32 18.48 -13.00
N THR L 549 -11.50 18.10 -12.01
CA THR L 549 -11.46 16.73 -11.52
C THR L 549 -12.86 16.19 -11.26
N SER L 550 -13.73 17.04 -10.71
CA SER L 550 -15.11 16.64 -10.51
C SER L 550 -15.69 16.15 -11.82
N PHE L 551 -15.56 16.96 -12.86
CA PHE L 551 -16.11 16.48 -14.10
C PHE L 551 -15.34 15.27 -14.59
N LYS L 552 -14.05 15.18 -14.29
CA LYS L 552 -13.30 14.02 -14.76
C LYS L 552 -14.06 12.80 -14.32
N ASN L 553 -14.43 12.82 -13.05
CA ASN L 553 -15.12 11.71 -12.42
C ASN L 553 -16.47 11.52 -13.09
N LYS L 554 -17.12 12.64 -13.43
CA LYS L 554 -18.41 12.53 -14.09
C LYS L 554 -18.25 11.96 -15.49
N LEU L 555 -17.14 12.26 -16.17
CA LEU L 555 -16.81 11.55 -17.40
C LEU L 555 -16.78 10.08 -17.12
N TYR L 556 -16.10 9.71 -16.03
CA TYR L 556 -15.67 8.34 -15.88
C TYR L 556 -16.89 7.48 -15.59
N GLU L 557 -17.83 8.02 -14.83
CA GLU L 557 -19.13 7.39 -14.76
C GLU L 557 -19.83 7.43 -16.11
N GLN L 558 -19.90 8.62 -16.72
CA GLN L 558 -20.96 8.90 -17.68
C GLN L 558 -20.66 8.24 -19.01
N HIS L 559 -19.55 8.62 -19.60
CA HIS L 559 -19.11 8.11 -20.89
C HIS L 559 -18.29 6.84 -20.75
N LEU L 560 -17.33 6.85 -19.82
CA LEU L 560 -16.14 6.02 -19.96
C LEU L 560 -16.52 4.56 -20.05
N GLY L 561 -17.56 4.16 -19.33
CA GLY L 561 -18.19 2.88 -19.61
C GLY L 561 -18.99 2.93 -20.90
N LYS L 562 -19.84 3.94 -21.05
CA LYS L 562 -20.92 3.90 -22.03
C LYS L 562 -20.39 4.07 -23.45
N SER L 563 -19.73 5.19 -23.72
CA SER L 563 -19.67 5.74 -25.06
C SER L 563 -18.46 5.18 -25.80
N ASN L 564 -18.72 4.27 -26.75
CA ASN L 564 -17.71 3.30 -27.15
C ASN L 564 -16.50 3.99 -27.75
N ASN L 565 -16.76 4.96 -28.62
CA ASN L 565 -15.74 5.57 -29.47
C ASN L 565 -14.90 6.54 -28.68
N PHE L 566 -15.39 7.00 -27.54
CA PHE L 566 -14.57 7.74 -26.61
C PHE L 566 -13.91 6.77 -25.64
N GLN L 567 -12.75 7.18 -25.13
CA GLN L 567 -11.79 6.30 -24.49
C GLN L 567 -11.08 7.07 -23.40
N LYS L 568 -10.74 6.38 -22.34
CA LYS L 568 -9.59 6.80 -21.56
C LYS L 568 -8.37 6.75 -22.46
N PRO L 569 -7.66 7.85 -22.66
CA PRO L 569 -6.40 7.79 -23.40
C PRO L 569 -5.44 6.79 -22.77
N LYS L 570 -4.75 6.05 -23.62
CA LYS L 570 -3.63 5.26 -23.17
C LYS L 570 -2.51 6.16 -22.66
N PRO L 571 -1.56 5.58 -21.90
CA PRO L 571 -0.23 6.20 -21.82
C PRO L 571 0.31 6.53 -23.20
N ALA L 572 0.94 7.69 -23.30
CA ALA L 572 1.74 8.05 -24.47
C ALA L 572 2.67 9.18 -24.09
N LYS L 573 3.59 9.48 -24.99
CA LYS L 573 4.68 10.41 -24.71
C LYS L 573 4.29 11.84 -25.10
N GLY L 574 4.90 12.80 -24.41
CA GLY L 574 4.92 14.18 -24.85
C GLY L 574 4.20 15.14 -23.92
N LYS L 575 3.62 14.65 -22.83
CA LYS L 575 2.48 15.31 -22.21
C LYS L 575 2.38 14.84 -20.77
N ALA L 576 1.97 15.72 -19.87
CA ALA L 576 1.85 15.32 -18.47
C ALA L 576 0.57 14.51 -18.26
N GLU L 577 -0.55 15.03 -18.76
CA GLU L 577 -1.84 14.36 -18.62
C GLU L 577 -2.63 14.58 -19.89
N ALA L 578 -3.28 13.52 -20.35
CA ALA L 578 -4.32 13.62 -21.36
C ALA L 578 -5.51 12.79 -20.91
N HIS L 579 -6.70 13.26 -21.27
CA HIS L 579 -7.90 12.91 -20.55
C HIS L 579 -8.98 12.33 -21.43
N PHE L 580 -8.95 12.59 -22.73
CA PHE L 580 -10.01 12.21 -23.62
C PHE L 580 -9.43 11.52 -24.83
N SER L 581 -10.08 10.47 -25.28
CA SER L 581 -9.57 9.73 -26.42
C SER L 581 -10.78 9.27 -27.22
N LEU L 582 -10.86 9.71 -28.47
CA LEU L 582 -12.04 9.52 -29.28
C LEU L 582 -11.63 9.52 -30.74
N VAL L 583 -12.57 9.14 -31.59
CA VAL L 583 -12.32 8.56 -32.90
C VAL L 583 -12.99 9.49 -33.90
N HIS L 584 -12.31 9.78 -35.00
CA HIS L 584 -12.73 10.88 -35.84
C HIS L 584 -12.55 10.45 -37.28
N TYR L 585 -13.17 11.19 -38.20
CA TYR L 585 -12.99 10.89 -39.61
C TYR L 585 -11.52 10.97 -40.01
N ALA L 586 -10.78 11.90 -39.41
CA ALA L 586 -9.34 12.01 -39.64
C ALA L 586 -8.56 10.85 -39.05
N GLY L 587 -9.21 9.93 -38.36
CA GLY L 587 -8.53 9.03 -37.47
C GLY L 587 -8.85 9.41 -36.04
N THR L 588 -7.95 9.07 -35.14
CA THR L 588 -8.34 8.89 -33.75
C THR L 588 -7.33 9.65 -32.91
N VAL L 589 -7.84 10.54 -32.07
CA VAL L 589 -7.07 11.67 -31.58
C VAL L 589 -7.49 11.93 -30.15
N ASP L 590 -6.54 12.42 -29.36
CA ASP L 590 -6.57 12.24 -27.92
C ASP L 590 -6.17 13.57 -27.31
N TYR L 591 -6.87 13.96 -26.25
CA TYR L 591 -6.75 15.34 -25.81
C TYR L 591 -7.03 15.51 -24.33
N ASN L 592 -6.61 16.67 -23.84
CA ASN L 592 -6.14 16.89 -22.48
C ASN L 592 -6.79 18.11 -21.85
N ILE L 593 -6.64 18.19 -20.53
CA ILE L 593 -7.42 19.10 -19.69
C ILE L 593 -6.44 19.96 -18.91
N ILE L 594 -6.67 21.26 -18.94
CA ILE L 594 -6.25 22.19 -17.91
C ILE L 594 -7.54 22.73 -17.33
N GLY L 595 -7.51 23.15 -16.08
CA GLY L 595 -8.77 23.71 -15.68
C GLY L 595 -8.92 25.05 -16.37
N TRP L 596 -9.84 25.08 -17.33
CA TRP L 596 -10.08 26.23 -18.18
C TRP L 596 -11.56 26.54 -18.29
N LEU L 597 -12.40 25.80 -17.58
CA LEU L 597 -13.83 25.76 -17.83
C LEU L 597 -14.38 27.17 -17.91
N ASP L 598 -14.09 27.95 -16.88
CA ASP L 598 -14.48 29.34 -16.76
C ASP L 598 -14.08 30.19 -17.96
N LYS L 599 -13.01 29.81 -18.67
CA LYS L 599 -12.65 30.59 -19.84
C LYS L 599 -13.82 30.71 -20.82
N ASN L 600 -14.56 29.63 -21.03
CA ASN L 600 -15.72 29.78 -21.91
C ASN L 600 -16.81 30.63 -21.28
N LYS L 601 -16.76 30.88 -19.98
CA LYS L 601 -17.83 31.59 -19.30
C LYS L 601 -18.05 32.97 -19.91
N ASP L 602 -19.32 33.31 -20.12
CA ASP L 602 -19.75 34.59 -20.67
C ASP L 602 -20.41 35.35 -19.53
N PRO L 603 -19.80 36.38 -18.98
CA PRO L 603 -20.59 37.35 -18.22
C PRO L 603 -21.26 38.36 -19.14
N LEU L 604 -22.33 38.95 -18.64
CA LEU L 604 -22.98 40.06 -19.30
C LEU L 604 -23.24 41.16 -18.27
N ASN L 605 -23.15 42.40 -18.74
CA ASN L 605 -23.87 43.49 -18.10
C ASN L 605 -24.47 44.38 -19.16
N GLU L 606 -25.74 44.72 -18.99
CA GLU L 606 -26.30 45.81 -19.78
C GLU L 606 -25.42 47.03 -19.61
N THR L 607 -25.10 47.34 -18.35
CA THR L 607 -24.75 48.69 -17.97
C THR L 607 -23.62 49.20 -18.83
N VAL L 608 -22.70 48.31 -19.19
CA VAL L 608 -21.41 48.72 -19.67
C VAL L 608 -21.57 49.44 -21.00
N VAL L 609 -22.20 48.74 -21.96
CA VAL L 609 -22.54 49.40 -23.21
C VAL L 609 -23.64 50.40 -22.93
N GLY L 610 -24.47 50.11 -21.93
CA GLY L 610 -25.63 50.95 -21.68
C GLY L 610 -25.21 52.40 -21.56
N LEU L 611 -24.23 52.64 -20.70
CA LEU L 611 -23.62 53.95 -20.60
C LEU L 611 -22.71 54.26 -21.78
N TYR L 612 -21.99 53.29 -22.36
CA TYR L 612 -21.17 53.71 -23.50
C TYR L 612 -22.03 54.37 -24.56
N GLN L 613 -23.27 53.93 -24.67
CA GLN L 613 -24.21 54.52 -25.63
C GLN L 613 -24.34 56.00 -25.40
N LYS L 614 -24.20 56.44 -24.15
CA LYS L 614 -24.17 57.86 -23.87
C LYS L 614 -22.91 58.50 -24.45
N SER L 615 -21.80 57.77 -24.44
CA SER L 615 -20.49 58.38 -24.54
C SER L 615 -20.26 59.04 -25.91
N GLY L 616 -19.25 59.90 -25.95
CA GLY L 616 -19.05 60.81 -27.07
C GLY L 616 -18.80 60.15 -28.41
N LEU L 617 -18.16 58.98 -28.42
CA LEU L 617 -17.33 58.58 -29.55
C LEU L 617 -18.14 58.35 -30.83
N LYS L 618 -19.41 57.97 -30.70
CA LYS L 618 -20.28 57.72 -31.85
C LYS L 618 -19.77 56.58 -32.72
N THR L 619 -18.92 55.75 -32.15
CA THR L 619 -18.80 54.36 -32.55
C THR L 619 -19.95 53.56 -31.95
N LEU L 620 -20.46 54.09 -30.85
CA LEU L 620 -21.09 53.34 -29.80
C LEU L 620 -22.44 52.77 -30.22
N ALA L 621 -23.18 53.47 -31.08
CA ALA L 621 -24.46 52.94 -31.53
C ALA L 621 -24.30 51.60 -32.24
N PHE L 622 -23.41 51.54 -33.24
CA PHE L 622 -23.05 50.26 -33.82
C PHE L 622 -22.28 49.37 -32.86
N LEU L 623 -21.55 49.95 -31.90
CA LEU L 623 -21.05 49.13 -30.80
C LEU L 623 -22.20 48.32 -30.21
N PHE L 624 -23.31 48.99 -29.95
CA PHE L 624 -24.33 48.50 -29.05
C PHE L 624 -25.16 47.42 -29.71
N SER L 625 -25.68 47.69 -30.90
CA SER L 625 -26.71 46.86 -31.48
C SER L 625 -26.48 46.64 -32.97
N LYS L 644 -32.97 37.18 -26.20
CA LYS L 644 -33.80 36.52 -25.19
C LYS L 644 -33.34 35.10 -24.97
N GLY L 645 -32.67 34.54 -25.98
CA GLY L 645 -32.32 33.13 -25.94
C GLY L 645 -31.55 32.75 -24.69
N SER L 646 -30.66 33.63 -24.24
CA SER L 646 -29.83 33.36 -23.08
C SER L 646 -29.30 34.68 -22.56
N SER L 647 -28.65 34.61 -21.40
CA SER L 647 -27.91 35.74 -20.87
C SER L 647 -26.75 35.19 -20.06
N PHE L 648 -25.55 35.70 -20.32
CA PHE L 648 -24.33 35.38 -19.58
C PHE L 648 -24.01 33.88 -19.56
N GLN L 649 -24.49 33.13 -20.55
CA GLN L 649 -24.58 31.69 -20.44
C GLN L 649 -24.52 31.09 -21.84
N THR L 650 -24.62 29.76 -21.89
CA THR L 650 -24.88 28.99 -23.12
C THR L 650 -23.74 29.14 -24.14
N VAL L 651 -22.52 29.44 -23.67
CA VAL L 651 -21.58 30.20 -24.48
C VAL L 651 -21.06 29.36 -25.65
N SER L 652 -20.58 28.15 -25.34
CA SER L 652 -20.20 27.28 -26.45
C SER L 652 -21.41 26.93 -27.27
N ALA L 653 -22.56 26.79 -26.61
CA ALA L 653 -23.76 26.52 -27.38
C ALA L 653 -24.07 27.71 -28.26
N LEU L 654 -23.74 28.93 -27.80
CA LEU L 654 -23.88 30.08 -28.70
C LEU L 654 -23.03 29.85 -29.93
N PHE L 655 -21.89 29.21 -29.74
CA PHE L 655 -20.97 29.05 -30.87
C PHE L 655 -21.48 27.99 -31.80
N ARG L 656 -22.14 26.99 -31.22
CA ARG L 656 -22.99 26.13 -31.99
C ARG L 656 -24.00 26.95 -32.76
N GLU L 657 -24.73 27.83 -32.08
CA GLU L 657 -25.84 28.54 -32.71
C GLU L 657 -25.34 29.26 -33.96
N ASN L 658 -24.19 29.92 -33.80
CA ASN L 658 -23.58 30.66 -34.88
C ASN L 658 -23.29 29.75 -36.05
N LEU L 659 -22.70 28.59 -35.77
CA LEU L 659 -22.52 27.63 -36.84
C LEU L 659 -23.88 27.21 -37.38
N ASN L 660 -24.83 26.97 -36.48
CA ASN L 660 -26.05 26.25 -36.78
C ASN L 660 -26.82 26.96 -37.86
N LYS L 661 -26.98 28.27 -37.69
CA LYS L 661 -27.66 29.07 -38.70
C LYS L 661 -26.98 28.88 -40.04
N LEU L 662 -25.64 28.97 -40.05
CA LEU L 662 -24.90 28.80 -41.29
C LEU L 662 -25.23 27.47 -41.92
N MET L 663 -25.16 26.40 -41.11
CA MET L 663 -25.43 25.07 -41.62
C MET L 663 -26.81 25.03 -42.23
N THR L 664 -27.77 25.62 -41.53
CA THR L 664 -29.16 25.61 -41.98
C THR L 664 -29.21 26.20 -43.36
N ASN L 665 -28.60 27.36 -43.52
CA ASN L 665 -28.72 28.08 -44.78
C ASN L 665 -28.00 27.32 -45.88
N LEU L 666 -26.86 26.72 -45.54
CA LEU L 666 -26.15 25.90 -46.50
C LEU L 666 -27.00 24.74 -46.96
N LYS L 667 -27.89 24.26 -46.10
CA LYS L 667 -28.71 23.11 -46.48
C LYS L 667 -29.50 23.42 -47.75
N SER L 668 -29.88 24.68 -47.94
CA SER L 668 -30.54 25.09 -49.17
C SER L 668 -29.70 24.78 -50.40
N THR L 669 -28.38 24.85 -50.26
CA THR L 669 -27.51 24.97 -51.41
C THR L 669 -27.18 23.62 -52.03
N HIS L 670 -26.56 23.68 -53.20
CA HIS L 670 -25.66 22.65 -53.65
C HIS L 670 -24.25 23.02 -53.20
N PRO L 671 -23.58 22.19 -52.42
CA PRO L 671 -22.15 22.42 -52.19
C PRO L 671 -21.23 21.78 -53.21
N HIS L 672 -20.03 22.33 -53.29
CA HIS L 672 -18.96 21.89 -54.16
C HIS L 672 -17.69 21.95 -53.35
N PHE L 673 -16.67 21.25 -53.81
CA PHE L 673 -15.69 20.74 -52.87
C PHE L 673 -14.32 20.79 -53.48
N VAL L 674 -13.35 21.21 -52.66
CA VAL L 674 -11.95 21.22 -53.03
C VAL L 674 -11.19 20.94 -51.77
N ARG L 675 -10.21 20.07 -51.86
CA ARG L 675 -9.30 19.82 -50.77
C ARG L 675 -7.86 19.94 -51.25
N CYS L 676 -7.01 20.48 -50.38
CA CYS L 676 -5.82 21.21 -50.82
C CYS L 676 -4.66 20.91 -49.91
N LEU L 677 -3.45 20.86 -50.49
CA LEU L 677 -2.35 20.13 -49.89
C LEU L 677 -1.05 20.84 -50.18
N ILE L 678 -0.17 20.84 -49.18
CA ILE L 678 1.27 20.94 -49.39
C ILE L 678 1.86 19.54 -49.38
N PRO L 679 2.20 18.97 -50.54
CA PRO L 679 2.83 17.64 -50.56
C PRO L 679 4.27 17.66 -50.13
N ASN L 680 4.85 18.84 -49.96
CA ASN L 680 6.29 19.07 -49.98
C ASN L 680 6.72 19.31 -48.54
N GLU L 681 8.04 19.30 -48.28
CA GLU L 681 8.50 19.83 -47.01
C GLU L 681 8.00 21.26 -46.81
N THR L 682 7.87 22.00 -47.90
CA THR L 682 7.84 23.44 -47.89
C THR L 682 6.88 23.83 -49.02
N LYS L 683 6.70 25.11 -49.26
CA LYS L 683 6.26 25.51 -50.59
C LYS L 683 7.52 25.71 -51.42
N THR L 684 7.88 24.68 -52.19
CA THR L 684 9.07 24.70 -53.00
C THR L 684 8.89 23.76 -54.18
N PRO L 685 9.55 24.04 -55.30
CA PRO L 685 9.89 22.97 -56.25
C PRO L 685 10.46 21.73 -55.59
N GLY L 686 11.11 21.88 -54.43
CA GLY L 686 11.57 20.72 -53.69
C GLY L 686 10.45 19.75 -53.36
N ALA L 687 10.84 18.50 -53.19
CA ALA L 687 9.99 17.33 -53.37
C ALA L 687 9.09 17.06 -52.16
N MET L 688 8.33 15.99 -52.28
CA MET L 688 7.34 15.55 -51.30
C MET L 688 7.90 15.50 -49.89
N GLU L 689 7.09 15.96 -48.94
CA GLU L 689 7.15 15.46 -47.57
C GLU L 689 5.86 14.70 -47.33
N HIS L 690 5.99 13.41 -47.03
CA HIS L 690 4.83 12.53 -47.01
C HIS L 690 3.91 12.75 -45.83
N GLU L 691 4.45 12.70 -44.61
CA GLU L 691 3.64 12.26 -43.47
C GLU L 691 2.51 13.22 -43.15
N LEU L 692 2.80 14.52 -43.12
CA LEU L 692 1.71 15.47 -42.97
C LEU L 692 0.72 15.38 -44.13
N VAL L 693 1.19 15.04 -45.32
CA VAL L 693 0.25 14.83 -46.43
C VAL L 693 -0.64 13.62 -46.16
N LEU L 694 -0.08 12.58 -45.56
CA LEU L 694 -0.90 11.52 -45.01
C LEU L 694 -1.98 12.11 -44.13
N HIS L 695 -1.57 12.90 -43.15
CA HIS L 695 -2.56 13.16 -42.13
C HIS L 695 -3.59 14.16 -42.64
N GLN L 696 -3.13 15.13 -43.44
CA GLN L 696 -4.04 16.02 -44.15
C GLN L 696 -5.08 15.24 -44.93
N LEU L 697 -4.64 14.23 -45.68
CA LEU L 697 -5.59 13.43 -46.42
C LEU L 697 -6.52 12.68 -45.48
N ARG L 698 -6.02 12.31 -44.31
CA ARG L 698 -6.90 11.79 -43.27
C ARG L 698 -7.94 12.84 -42.91
N CYS L 699 -7.49 14.10 -42.80
CA CYS L 699 -8.32 15.26 -42.53
C CYS L 699 -9.15 15.67 -43.73
N ASN L 700 -8.82 15.16 -44.91
CA ASN L 700 -9.48 15.56 -46.15
C ASN L 700 -10.30 14.36 -46.62
N GLY L 701 -11.61 14.50 -46.56
CA GLY L 701 -12.53 13.39 -46.42
C GLY L 701 -12.33 12.27 -47.41
N VAL L 702 -11.68 12.57 -48.54
CA VAL L 702 -11.62 11.62 -49.64
C VAL L 702 -11.16 10.26 -49.17
N LEU L 703 -10.34 10.22 -48.12
CA LEU L 703 -9.73 8.96 -47.74
C LEU L 703 -10.74 8.02 -47.09
N GLU L 704 -11.33 8.47 -46.00
CA GLU L 704 -12.40 7.69 -45.40
C GLU L 704 -13.73 7.85 -46.11
N GLY L 705 -13.94 8.95 -46.83
CA GLY L 705 -14.99 8.92 -47.83
C GLY L 705 -14.90 7.74 -48.76
N ILE L 706 -13.71 7.48 -49.31
CA ILE L 706 -13.52 6.28 -50.12
C ILE L 706 -13.64 5.02 -49.29
N ARG L 707 -13.28 5.07 -48.00
CA ARG L 707 -13.60 3.97 -47.12
C ARG L 707 -15.10 3.70 -47.17
N ILE L 708 -15.88 4.76 -47.02
CA ILE L 708 -17.33 4.67 -46.99
C ILE L 708 -17.82 4.07 -48.30
N CYS L 709 -17.27 4.57 -49.39
CA CYS L 709 -17.80 4.29 -50.72
C CYS L 709 -17.45 2.88 -51.18
N ARG L 710 -16.26 2.37 -50.81
CA ARG L 710 -15.91 1.03 -51.27
C ARG L 710 -17.00 0.03 -50.94
N LYS L 711 -17.72 0.23 -49.82
CA LYS L 711 -18.81 -0.68 -49.53
C LYS L 711 -19.80 -0.65 -50.69
N GLY L 712 -19.91 0.51 -51.34
CA GLY L 712 -20.88 0.73 -52.39
C GLY L 712 -20.71 -0.27 -53.51
N PHE L 713 -19.51 -0.86 -53.59
CA PHE L 713 -18.93 -1.35 -54.84
C PHE L 713 -19.02 -0.21 -55.83
N PRO L 714 -18.47 0.96 -55.48
CA PRO L 714 -18.93 2.27 -55.96
C PRO L 714 -18.44 2.48 -57.38
N SER L 715 -19.10 1.84 -58.32
CA SER L 715 -18.39 1.45 -59.52
C SER L 715 -19.33 1.24 -60.68
N ARG L 716 -18.90 1.76 -61.82
CA ARG L 716 -19.69 1.89 -63.03
C ARG L 716 -18.64 1.82 -64.13
N ILE L 717 -18.71 0.82 -64.99
CA ILE L 717 -17.80 0.71 -66.10
C ILE L 717 -18.54 0.34 -67.37
N LEU L 718 -18.16 0.97 -68.46
CA LEU L 718 -19.04 1.07 -69.61
C LEU L 718 -18.94 -0.20 -70.43
N TYR L 719 -20.09 -0.60 -70.99
CA TYR L 719 -20.18 -1.84 -71.74
C TYR L 719 -19.03 -2.00 -72.73
N ALA L 720 -18.85 -1.00 -73.60
CA ALA L 720 -18.25 -1.27 -74.90
C ALA L 720 -16.75 -1.50 -74.81
N ASP L 721 -16.04 -0.58 -74.18
CA ASP L 721 -14.64 -0.81 -73.79
C ASP L 721 -14.48 -2.11 -73.03
N PHE L 722 -15.38 -2.34 -72.07
CA PHE L 722 -15.14 -3.42 -71.12
C PHE L 722 -15.17 -4.74 -71.87
N LYS L 723 -16.27 -4.98 -72.56
CA LYS L 723 -16.38 -6.19 -73.35
C LYS L 723 -15.31 -6.23 -74.43
N GLN L 724 -14.95 -5.07 -74.99
CA GLN L 724 -13.90 -4.99 -75.99
C GLN L 724 -12.59 -5.57 -75.47
N ARG L 725 -12.41 -5.53 -74.16
CA ARG L 725 -11.36 -6.34 -73.58
C ARG L 725 -11.80 -7.78 -73.36
N TYR L 726 -12.95 -7.96 -72.71
CA TYR L 726 -13.22 -9.11 -71.86
C TYR L 726 -13.69 -10.40 -72.56
N LYS L 727 -14.16 -10.33 -73.81
CA LYS L 727 -14.83 -11.46 -74.48
C LYS L 727 -14.01 -12.76 -74.44
N VAL L 728 -12.71 -12.64 -74.14
CA VAL L 728 -11.68 -13.62 -74.52
C VAL L 728 -12.02 -15.05 -74.06
N LEU L 729 -12.34 -15.24 -72.77
CA LEU L 729 -12.57 -16.60 -72.27
C LEU L 729 -13.80 -17.28 -72.85
N ASN L 730 -14.87 -16.55 -73.13
CA ASN L 730 -16.06 -17.18 -73.70
C ASN L 730 -15.73 -17.91 -75.00
N ALA L 731 -14.76 -17.41 -75.78
CA ALA L 731 -14.29 -18.08 -77.00
C ALA L 731 -15.47 -18.41 -77.91
N SER L 732 -16.41 -17.49 -77.95
CA SER L 732 -17.79 -17.72 -78.34
C SER L 732 -18.14 -16.69 -79.40
N ALA L 733 -18.83 -17.12 -80.45
CA ALA L 733 -19.26 -16.18 -81.47
C ALA L 733 -20.78 -16.24 -81.57
N ILE L 734 -21.39 -15.10 -81.28
CA ILE L 734 -22.81 -14.81 -81.40
C ILE L 734 -22.81 -13.31 -81.71
N PRO L 735 -23.67 -12.81 -82.58
CA PRO L 735 -23.33 -11.57 -83.28
C PRO L 735 -23.41 -10.35 -82.38
N GLU L 736 -22.59 -9.36 -82.71
CA GLU L 736 -22.59 -8.07 -82.05
C GLU L 736 -23.87 -7.30 -82.37
N GLY L 737 -24.11 -6.26 -81.58
CA GLY L 737 -25.48 -5.84 -81.37
C GLY L 737 -26.07 -6.68 -80.26
N GLN L 738 -27.40 -6.73 -80.23
CA GLN L 738 -28.13 -7.17 -79.05
C GLN L 738 -28.60 -8.61 -79.15
N PHE L 739 -27.98 -9.41 -80.02
CA PHE L 739 -28.14 -10.86 -79.87
C PHE L 739 -27.70 -11.24 -78.47
N ILE L 740 -26.52 -10.79 -78.08
CA ILE L 740 -26.10 -10.71 -76.70
C ILE L 740 -26.20 -9.25 -76.30
N ASP L 741 -26.81 -8.98 -75.16
CA ASP L 741 -26.40 -7.77 -74.49
C ASP L 741 -24.99 -7.96 -73.94
N SER L 742 -24.38 -6.84 -73.55
CA SER L 742 -23.31 -6.93 -72.58
C SER L 742 -23.76 -7.78 -71.40
N LYS L 743 -25.02 -7.61 -70.98
CA LYS L 743 -25.54 -8.41 -69.88
C LYS L 743 -25.43 -9.89 -70.20
N LYS L 744 -25.91 -10.29 -71.38
CA LYS L 744 -25.82 -11.67 -71.83
C LYS L 744 -24.38 -12.16 -71.90
N ALA L 745 -23.51 -11.39 -72.56
CA ALA L 745 -22.11 -11.77 -72.66
C ALA L 745 -21.49 -11.93 -71.28
N SER L 746 -21.92 -11.10 -70.33
CA SER L 746 -21.50 -11.25 -68.96
C SER L 746 -22.02 -12.57 -68.42
N GLU L 747 -23.32 -12.80 -68.52
CA GLU L 747 -23.92 -13.98 -67.91
C GLU L 747 -23.22 -15.24 -68.41
N LYS L 748 -22.77 -15.23 -69.67
CA LYS L 748 -22.00 -16.35 -70.19
C LYS L 748 -20.58 -16.39 -69.62
N LEU L 749 -19.89 -15.25 -69.62
CA LEU L 749 -18.51 -15.26 -69.14
C LEU L 749 -18.43 -15.52 -67.65
N LEU L 750 -19.29 -14.85 -66.88
CA LEU L 750 -19.60 -15.19 -65.50
C LEU L 750 -19.95 -16.65 -65.30
N GLY L 751 -20.74 -17.22 -66.21
CA GLY L 751 -21.03 -18.64 -66.18
C GLY L 751 -19.78 -19.48 -66.21
N SER L 752 -18.79 -19.04 -66.99
CA SER L 752 -17.45 -19.61 -66.81
C SER L 752 -16.75 -19.16 -65.53
N ILE L 753 -16.99 -17.93 -65.06
CA ILE L 753 -16.08 -17.28 -64.13
C ILE L 753 -16.69 -17.08 -62.76
N ASP L 754 -17.86 -16.45 -62.68
CA ASP L 754 -18.40 -16.07 -61.38
C ASP L 754 -19.92 -16.02 -61.42
N ILE L 755 -20.54 -16.31 -60.29
CA ILE L 755 -21.89 -15.88 -59.98
C ILE L 755 -21.84 -15.10 -58.68
N ASP L 756 -22.22 -13.82 -58.72
CA ASP L 756 -22.16 -13.03 -57.50
C ASP L 756 -23.02 -11.78 -57.65
N HIS L 757 -23.41 -11.27 -56.49
CA HIS L 757 -23.83 -9.88 -56.30
C HIS L 757 -22.65 -9.02 -55.87
N THR L 758 -21.88 -9.48 -54.89
CA THR L 758 -20.98 -8.59 -54.19
C THR L 758 -19.79 -8.24 -55.07
N GLN L 759 -19.16 -9.26 -55.65
CA GLN L 759 -18.13 -9.03 -56.67
C GLN L 759 -18.67 -8.24 -57.85
N TYR L 760 -19.90 -8.48 -58.26
CA TYR L 760 -20.49 -7.65 -59.30
C TYR L 760 -22.02 -7.68 -59.25
N LYS L 761 -22.60 -6.63 -59.81
CA LYS L 761 -24.00 -6.66 -60.23
C LYS L 761 -24.10 -5.97 -61.59
N PHE L 762 -25.19 -6.25 -62.30
CA PHE L 762 -25.48 -5.58 -63.56
C PHE L 762 -25.86 -4.12 -63.34
N GLY L 763 -25.32 -3.24 -64.17
CA GLY L 763 -25.95 -1.95 -64.36
C GLY L 763 -26.52 -1.76 -65.75
N HIS L 764 -27.50 -0.85 -65.87
CA HIS L 764 -28.32 -0.78 -67.07
C HIS L 764 -27.53 -0.37 -68.30
N THR L 765 -26.45 0.40 -68.14
CA THR L 765 -25.55 0.69 -69.26
C THR L 765 -24.09 0.42 -68.94
N LYS L 766 -23.71 0.31 -67.67
CA LYS L 766 -22.33 0.29 -67.22
C LYS L 766 -22.26 -0.66 -66.04
N VAL L 767 -21.05 -1.10 -65.70
CA VAL L 767 -20.93 -2.34 -64.96
C VAL L 767 -20.15 -2.12 -63.69
N PHE L 768 -20.48 -2.93 -62.70
CA PHE L 768 -20.38 -2.59 -61.29
C PHE L 768 -19.60 -3.69 -60.58
N PHE L 769 -18.73 -3.30 -59.66
CA PHE L 769 -17.72 -4.25 -59.20
C PHE L 769 -17.20 -3.91 -57.82
N LYS L 770 -16.86 -4.97 -57.07
CA LYS L 770 -15.87 -4.86 -56.01
C LYS L 770 -14.54 -4.39 -56.58
N ALA L 771 -13.89 -3.51 -55.83
CA ALA L 771 -12.57 -2.99 -56.20
C ALA L 771 -11.68 -4.11 -56.72
N GLY L 772 -11.59 -5.19 -55.95
CA GLY L 772 -10.74 -6.31 -56.35
C GLY L 772 -11.01 -6.79 -57.76
N LEU L 773 -12.26 -6.67 -58.21
CA LEU L 773 -12.74 -7.46 -59.34
C LEU L 773 -12.09 -7.07 -60.66
N LEU L 774 -12.12 -5.79 -61.03
CA LEU L 774 -11.36 -5.37 -62.21
C LEU L 774 -9.94 -5.92 -62.12
N GLY L 775 -9.36 -5.83 -60.92
CA GLY L 775 -7.99 -6.27 -60.71
C GLY L 775 -7.80 -7.70 -61.16
N THR L 776 -8.67 -8.57 -60.65
CA THR L 776 -8.63 -9.98 -61.02
C THR L 776 -8.98 -10.14 -62.50
N LEU L 777 -9.82 -9.27 -63.03
CA LEU L 777 -10.24 -9.40 -64.42
C LEU L 777 -9.01 -9.32 -65.31
N GLU L 778 -8.23 -8.27 -65.11
CA GLU L 778 -7.07 -8.11 -65.98
C GLU L 778 -5.97 -9.08 -65.57
N GLU L 779 -5.93 -9.48 -64.29
CA GLU L 779 -5.03 -10.56 -63.88
C GLU L 779 -5.32 -11.77 -64.77
N MET L 780 -6.59 -12.10 -64.93
CA MET L 780 -6.97 -13.15 -65.85
C MET L 780 -6.47 -12.82 -67.25
N ARG L 781 -6.68 -11.58 -67.68
CA ARG L 781 -6.37 -11.25 -69.06
C ARG L 781 -4.90 -11.43 -69.40
N ASP L 782 -3.99 -10.97 -68.52
CA ASP L 782 -2.57 -11.16 -68.81
C ASP L 782 -2.24 -12.63 -68.73
N GLU L 783 -2.76 -13.33 -67.71
CA GLU L 783 -2.39 -14.72 -67.52
C GLU L 783 -2.82 -15.53 -68.74
N LYS L 784 -4.04 -15.30 -69.21
CA LYS L 784 -4.58 -16.08 -70.32
C LYS L 784 -3.88 -15.72 -71.62
N LEU L 785 -3.67 -14.43 -71.87
CA LEU L 785 -3.07 -14.03 -73.13
C LEU L 785 -1.60 -14.43 -73.21
N ALA L 786 -0.86 -14.33 -72.10
CA ALA L 786 0.50 -14.85 -72.05
C ALA L 786 0.57 -16.34 -72.34
N GLN L 787 -0.30 -17.14 -71.72
CA GLN L 787 -0.31 -18.57 -72.02
C GLN L 787 -0.72 -18.82 -73.47
N GLU M 12 61.00 5.91 -50.91
CA GLU M 12 61.78 7.00 -50.33
C GLU M 12 60.85 7.88 -49.51
N ALA M 13 59.97 8.62 -50.18
CA ALA M 13 58.72 8.96 -49.54
C ALA M 13 58.01 7.66 -49.20
N ALA M 14 57.53 7.55 -47.97
CA ALA M 14 56.99 6.29 -47.46
C ALA M 14 58.04 5.18 -47.62
N PRO M 15 59.27 5.40 -47.15
CA PRO M 15 60.36 4.55 -47.62
C PRO M 15 60.23 3.11 -47.19
N TYR M 16 59.86 2.85 -45.94
CA TYR M 16 59.51 1.50 -45.58
C TYR M 16 58.17 1.11 -46.17
N LEU M 17 57.27 2.07 -46.28
CA LEU M 17 55.85 1.79 -46.20
C LEU M 17 55.34 1.01 -47.41
N ARG M 18 55.95 1.24 -48.57
CA ARG M 18 55.99 0.26 -49.65
C ARG M 18 57.43 0.14 -50.07
N LYS M 19 58.00 -1.05 -49.92
CA LYS M 19 59.43 -1.12 -49.72
C LYS M 19 60.19 -1.49 -50.99
N SER M 20 59.62 -2.36 -51.83
CA SER M 20 60.21 -2.62 -53.14
C SER M 20 59.23 -3.37 -54.02
N GLU M 21 59.34 -3.14 -55.33
CA GLU M 21 58.95 -4.17 -56.28
C GLU M 21 59.99 -5.29 -56.28
N LYS M 22 61.24 -4.95 -56.56
CA LYS M 22 62.26 -5.96 -56.79
C LYS M 22 62.42 -6.84 -55.57
N GLU M 23 62.62 -6.21 -54.41
CA GLU M 23 62.94 -6.95 -53.21
C GLU M 23 61.77 -7.81 -52.82
N ARG M 24 60.54 -7.34 -53.04
CA ARG M 24 59.39 -8.15 -52.69
C ARG M 24 59.49 -9.49 -53.39
N ILE M 25 59.79 -9.42 -54.69
CA ILE M 25 59.98 -10.62 -55.48
C ILE M 25 61.09 -11.43 -54.87
N GLU M 26 62.23 -10.79 -54.69
CA GLU M 26 63.49 -11.51 -54.55
C GLU M 26 63.53 -12.16 -53.18
N ALA M 27 62.98 -11.48 -52.18
CA ALA M 27 62.72 -12.11 -50.89
C ALA M 27 61.86 -13.33 -51.10
N GLN M 28 60.74 -13.15 -51.81
CA GLN M 28 59.86 -14.30 -51.94
C GLN M 28 60.50 -15.33 -52.87
N ASN M 29 61.35 -14.88 -53.79
CA ASN M 29 62.20 -15.79 -54.54
C ASN M 29 63.11 -16.64 -53.66
N LYS M 30 63.49 -16.14 -52.48
CA LYS M 30 64.56 -16.77 -51.74
C LYS M 30 64.23 -18.22 -51.42
N PRO M 31 65.23 -19.07 -51.27
CA PRO M 31 64.97 -20.48 -50.99
C PRO M 31 64.12 -20.63 -49.75
N PHE M 32 63.31 -21.68 -49.73
CA PHE M 32 62.38 -21.86 -48.63
C PHE M 32 61.89 -23.30 -48.66
N ASP M 33 61.53 -23.81 -47.49
CA ASP M 33 60.72 -25.02 -47.43
C ASP M 33 59.88 -24.99 -46.17
N ALA M 34 58.59 -25.27 -46.33
CA ALA M 34 57.66 -25.22 -45.20
C ALA M 34 57.93 -26.40 -44.29
N LYS M 35 58.02 -27.59 -44.87
CA LYS M 35 58.00 -28.82 -44.11
C LYS M 35 59.23 -28.86 -43.21
N SER M 36 60.27 -28.15 -43.65
CA SER M 36 61.37 -27.77 -42.78
C SER M 36 60.94 -26.72 -41.76
N SER M 37 60.23 -25.66 -42.17
CA SER M 37 60.23 -24.40 -41.42
C SER M 37 59.04 -24.38 -40.46
N VAL M 38 59.36 -24.41 -39.17
CA VAL M 38 58.53 -24.99 -38.11
C VAL M 38 58.58 -24.05 -36.90
N PHE M 39 57.82 -24.38 -35.86
CA PHE M 39 57.69 -23.57 -34.65
C PHE M 39 58.42 -24.29 -33.53
N VAL M 40 59.13 -23.52 -32.70
CA VAL M 40 59.75 -24.02 -31.47
C VAL M 40 59.66 -22.91 -30.43
N VAL M 41 59.76 -23.31 -29.16
CA VAL M 41 59.38 -22.49 -28.03
C VAL M 41 60.65 -22.02 -27.34
N ASP M 42 60.63 -20.78 -26.88
CA ASP M 42 61.84 -20.02 -26.61
C ASP M 42 61.70 -19.38 -25.22
N ALA M 43 62.84 -19.10 -24.59
CA ALA M 43 62.84 -18.27 -23.40
C ALA M 43 62.77 -16.77 -23.67
N LYS M 44 63.17 -16.28 -24.85
CA LYS M 44 63.12 -14.84 -25.11
C LYS M 44 62.14 -14.44 -26.21
N GLU M 45 61.59 -15.39 -26.93
CA GLU M 45 60.29 -15.32 -27.58
C GLU M 45 59.49 -16.48 -27.02
N SER M 46 58.18 -16.36 -26.91
CA SER M 46 57.48 -17.58 -26.57
C SER M 46 57.68 -18.66 -27.64
N TYR M 47 58.03 -18.28 -28.87
CA TYR M 47 58.17 -19.21 -29.98
C TYR M 47 59.17 -18.68 -30.99
N VAL M 48 59.89 -19.61 -31.63
CA VAL M 48 60.91 -19.29 -32.63
C VAL M 48 60.72 -20.18 -33.85
N LYS M 49 61.09 -19.66 -35.02
CA LYS M 49 61.02 -20.42 -36.26
C LYS M 49 62.10 -21.49 -36.29
N ALA M 50 61.76 -22.63 -36.88
CA ALA M 50 62.35 -23.91 -36.50
C ALA M 50 62.47 -24.83 -37.70
N THR M 51 63.23 -25.90 -37.51
CA THR M 51 63.47 -26.93 -38.51
C THR M 51 63.10 -28.25 -37.84
N VAL M 52 62.47 -29.15 -38.60
CA VAL M 52 62.33 -30.53 -38.17
C VAL M 52 63.62 -31.31 -38.36
N GLN M 53 64.28 -31.64 -37.26
CA GLN M 53 65.36 -32.63 -37.30
C GLN M 53 64.75 -34.01 -37.47
N SER M 54 63.80 -34.35 -36.61
CA SER M 54 63.15 -35.64 -36.57
C SER M 54 61.80 -35.47 -35.88
N ARG M 55 60.94 -36.46 -36.05
CA ARG M 55 59.60 -36.46 -35.46
C ARG M 55 59.38 -37.73 -34.68
N GLU M 56 58.62 -37.61 -33.59
CA GLU M 56 58.47 -38.65 -32.59
C GLU M 56 57.01 -38.66 -32.15
N GLY M 57 56.61 -39.75 -31.48
CA GLY M 57 55.31 -39.72 -30.83
C GLY M 57 55.23 -38.68 -29.74
N GLY M 58 54.39 -37.65 -29.95
CA GLY M 58 54.14 -36.62 -28.96
C GLY M 58 55.41 -35.94 -28.47
N LYS M 59 56.44 -35.98 -29.31
CA LYS M 59 57.54 -35.02 -29.31
C LYS M 59 58.16 -35.01 -30.70
N VAL M 60 58.92 -33.95 -30.96
CA VAL M 60 59.42 -33.65 -32.30
C VAL M 60 60.80 -33.05 -32.09
N THR M 61 61.69 -33.28 -33.06
CA THR M 61 63.10 -33.03 -32.84
C THR M 61 63.52 -31.93 -33.81
N ALA M 62 64.10 -30.88 -33.26
CA ALA M 62 64.04 -29.56 -33.87
C ALA M 62 65.37 -28.84 -33.71
N LYS M 63 65.65 -28.00 -34.69
CA LYS M 63 66.73 -27.03 -34.60
C LYS M 63 66.17 -25.66 -34.97
N THR M 64 66.82 -24.62 -34.45
CA THR M 64 66.32 -23.27 -34.52
C THR M 64 67.34 -22.41 -35.26
N GLU M 65 66.83 -21.45 -36.05
CA GLU M 65 67.68 -20.75 -37.01
C GLU M 65 68.87 -20.11 -36.31
N GLY M 66 68.60 -19.25 -35.33
CA GLY M 66 69.69 -18.68 -34.56
C GLY M 66 70.35 -19.70 -33.64
N GLY M 67 69.55 -20.50 -32.95
CA GLY M 67 70.03 -21.19 -31.77
C GLY M 67 70.25 -22.69 -31.89
N ALA M 68 69.93 -23.40 -30.80
CA ALA M 68 70.29 -24.80 -30.61
C ALA M 68 69.37 -25.71 -31.41
N THR M 69 69.75 -26.99 -31.43
CA THR M 69 68.76 -28.05 -31.60
C THR M 69 67.93 -28.19 -30.33
N VAL M 70 66.66 -28.56 -30.52
CA VAL M 70 65.64 -28.38 -29.50
C VAL M 70 64.64 -29.53 -29.60
N THR M 71 64.13 -29.95 -28.45
CA THR M 71 63.28 -31.14 -28.35
C THR M 71 61.93 -30.75 -27.76
N VAL M 72 60.85 -30.98 -28.52
CA VAL M 72 59.60 -30.25 -28.38
C VAL M 72 58.47 -31.23 -28.66
N LYS M 73 57.37 -31.10 -27.91
CA LYS M 73 56.16 -31.84 -28.21
C LYS M 73 55.41 -31.28 -29.42
N ASP M 74 54.62 -32.17 -30.02
CA ASP M 74 53.87 -31.92 -31.24
C ASP M 74 53.05 -30.63 -31.21
N ASP M 75 52.41 -30.34 -30.08
CA ASP M 75 51.31 -29.37 -30.10
C ASP M 75 51.78 -27.93 -30.27
N GLN M 76 53.08 -27.67 -30.21
CA GLN M 76 53.60 -26.31 -30.28
C GLN M 76 53.99 -25.94 -31.69
N VAL M 77 53.51 -26.68 -32.69
CA VAL M 77 54.21 -26.83 -33.96
C VAL M 77 53.25 -26.97 -35.13
N PHE M 78 53.57 -26.27 -36.21
CA PHE M 78 53.19 -26.65 -37.57
C PHE M 78 54.14 -25.95 -38.52
N SER M 79 54.20 -26.47 -39.74
CA SER M 79 55.00 -25.86 -40.80
C SER M 79 54.26 -24.70 -41.44
N MET M 80 55.02 -23.71 -41.89
CA MET M 80 54.55 -22.34 -41.88
C MET M 80 54.35 -21.77 -43.27
N ASN M 81 53.36 -20.87 -43.37
CA ASN M 81 52.96 -20.13 -44.56
C ASN M 81 54.14 -19.45 -45.25
N PRO M 82 54.41 -19.80 -46.51
CA PRO M 82 55.72 -19.56 -47.14
C PRO M 82 55.86 -18.17 -47.73
N PRO M 83 57.04 -17.85 -48.36
CA PRO M 83 57.39 -16.46 -48.69
C PRO M 83 56.30 -15.66 -49.35
N LYS M 84 55.45 -16.30 -50.17
CA LYS M 84 54.31 -15.59 -50.70
C LYS M 84 53.54 -14.99 -49.54
N TYR M 85 53.08 -15.83 -48.62
CA TYR M 85 52.47 -15.30 -47.42
C TYR M 85 53.41 -14.33 -46.72
N ASP M 86 54.69 -14.68 -46.66
CA ASP M 86 55.60 -13.94 -45.78
C ASP M 86 55.66 -12.46 -46.16
N LYS M 87 55.72 -12.15 -47.44
CA LYS M 87 55.49 -10.77 -47.84
C LYS M 87 54.04 -10.68 -48.27
N ILE M 88 53.16 -10.43 -47.30
CA ILE M 88 51.86 -9.84 -47.55
C ILE M 88 51.63 -8.71 -46.56
N GLU M 89 50.67 -7.86 -46.88
CA GLU M 89 50.18 -6.84 -45.98
C GLU M 89 49.43 -7.34 -44.75
N ASP M 90 48.88 -8.56 -44.73
CA ASP M 90 47.70 -8.78 -43.90
C ASP M 90 47.83 -9.95 -42.96
N MET M 91 47.77 -9.69 -41.66
CA MET M 91 47.23 -10.69 -40.76
C MET M 91 45.84 -11.08 -41.20
N ALA M 92 45.10 -10.08 -41.72
CA ALA M 92 43.71 -10.28 -42.09
C ALA M 92 43.58 -11.41 -43.10
N MET M 93 44.35 -11.36 -44.17
CA MET M 93 44.54 -12.54 -45.01
C MET M 93 45.67 -13.38 -44.44
N MET M 94 45.37 -14.05 -43.34
CA MET M 94 46.15 -15.17 -42.87
C MET M 94 45.99 -16.38 -43.81
N THR M 95 47.04 -17.20 -43.91
CA THR M 95 46.83 -18.59 -44.32
C THR M 95 47.44 -19.67 -43.43
N HIS M 96 48.05 -19.35 -42.30
CA HIS M 96 48.17 -20.34 -41.22
C HIS M 96 47.92 -19.74 -39.86
N LEU M 97 47.12 -20.44 -39.04
CA LEU M 97 46.69 -19.89 -37.75
C LEU M 97 47.43 -20.61 -36.64
N HIS M 98 48.53 -20.02 -36.20
CA HIS M 98 48.94 -20.16 -34.82
C HIS M 98 49.64 -18.87 -34.49
N GLU M 99 49.47 -18.41 -33.26
CA GLU M 99 49.87 -17.04 -32.91
C GLU M 99 51.28 -16.73 -33.38
N PRO M 100 52.28 -17.60 -33.15
CA PRO M 100 53.65 -17.20 -33.43
C PRO M 100 53.79 -16.74 -34.85
N ALA M 101 53.02 -17.36 -35.76
CA ALA M 101 53.16 -16.99 -37.16
C ALA M 101 52.98 -15.49 -37.19
N VAL M 102 51.82 -15.05 -36.70
CA VAL M 102 51.42 -13.65 -36.85
C VAL M 102 52.53 -12.82 -36.29
N LEU M 103 52.98 -13.25 -35.11
CA LEU M 103 53.77 -12.39 -34.26
C LEU M 103 55.11 -12.18 -34.91
N TYR M 104 55.78 -13.29 -35.23
CA TYR M 104 57.08 -13.18 -35.87
C TYR M 104 56.97 -12.40 -37.16
N ASN M 105 55.90 -12.62 -37.92
CA ASN M 105 55.83 -11.98 -39.22
C ASN M 105 55.76 -10.48 -39.03
N LEU M 106 54.95 -10.05 -38.09
CA LEU M 106 54.86 -8.63 -37.84
C LEU M 106 56.17 -8.12 -37.27
N LYS M 107 56.84 -8.95 -36.48
CA LYS M 107 58.22 -8.70 -36.09
C LYS M 107 59.13 -8.52 -37.29
N GLU M 108 58.87 -9.26 -38.36
CA GLU M 108 59.59 -9.07 -39.62
C GLU M 108 59.26 -7.73 -40.25
N ARG M 109 58.00 -7.32 -40.18
CA ARG M 109 57.66 -5.94 -40.52
C ARG M 109 58.52 -4.99 -39.69
N TYR M 110 58.64 -5.29 -38.40
CA TYR M 110 59.30 -4.41 -37.46
C TYR M 110 60.79 -4.30 -37.75
N ALA M 111 61.43 -5.42 -38.07
CA ALA M 111 62.81 -5.36 -38.52
C ALA M 111 62.89 -4.75 -39.90
N ALA M 112 61.84 -4.90 -40.69
CA ALA M 112 61.68 -4.05 -41.85
C ALA M 112 61.23 -2.65 -41.48
N TRP M 113 60.82 -2.45 -40.23
CA TRP M 113 60.27 -1.18 -39.76
C TRP M 113 58.96 -0.83 -40.45
N MET M 114 58.34 -1.82 -41.09
CA MET M 114 57.20 -1.59 -41.96
C MET M 114 55.97 -1.34 -41.09
N ILE M 115 55.37 -0.15 -41.21
CA ILE M 115 54.64 0.43 -40.08
C ILE M 115 53.30 -0.27 -39.86
N TYR M 116 52.47 -0.34 -40.89
CA TYR M 116 51.03 -0.39 -40.69
C TYR M 116 50.49 -1.76 -41.00
N THR M 117 49.81 -2.35 -40.02
CA THR M 117 49.57 -3.79 -39.96
C THR M 117 48.07 -3.99 -39.90
N TYR M 118 47.57 -5.05 -40.54
CA TYR M 118 46.15 -5.17 -40.81
C TYR M 118 45.59 -6.52 -40.42
N SER M 119 44.46 -6.46 -39.71
CA SER M 119 43.64 -7.61 -39.39
C SER M 119 42.27 -7.06 -39.04
N GLY M 120 41.31 -7.95 -38.81
CA GLY M 120 39.97 -7.51 -39.13
C GLY M 120 40.01 -6.96 -40.53
N LEU M 121 39.32 -5.85 -40.75
CA LEU M 121 39.49 -5.09 -41.98
C LEU M 121 40.32 -3.84 -41.73
N PHE M 122 41.16 -3.87 -40.70
CA PHE M 122 41.53 -2.65 -40.02
C PHE M 122 42.95 -2.78 -39.53
N CYS M 123 43.48 -1.67 -39.04
CA CYS M 123 44.93 -1.51 -38.95
C CYS M 123 45.38 -1.41 -37.51
N VAL M 124 46.60 -1.86 -37.29
CA VAL M 124 47.10 -2.23 -35.98
C VAL M 124 48.47 -1.60 -35.88
N THR M 125 48.82 -1.09 -34.69
CA THR M 125 49.71 0.05 -34.63
C THR M 125 50.77 -0.09 -33.55
N VAL M 126 51.95 0.42 -33.85
CA VAL M 126 53.12 0.39 -32.99
C VAL M 126 53.75 1.78 -32.97
N ASN M 127 54.09 2.25 -31.79
CA ASN M 127 54.85 3.48 -31.67
C ASN M 127 56.25 3.22 -32.19
N PRO M 128 56.70 3.93 -33.23
CA PRO M 128 58.00 3.63 -33.84
C PRO M 128 59.20 4.09 -33.03
N TYR M 129 59.00 4.95 -32.02
CA TYR M 129 60.05 5.36 -31.10
C TYR M 129 61.18 6.10 -31.79
N LYS M 130 60.93 6.60 -32.99
CA LYS M 130 61.99 7.19 -33.79
C LYS M 130 61.42 8.24 -34.73
N TRP M 131 62.31 9.07 -35.23
CA TRP M 131 61.98 9.94 -36.34
C TRP M 131 61.56 9.13 -37.55
N LEU M 132 60.41 9.47 -38.11
CA LEU M 132 60.11 9.27 -39.51
C LEU M 132 59.10 10.35 -39.84
N PRO M 133 59.20 10.97 -41.01
CA PRO M 133 58.14 11.89 -41.44
C PRO M 133 56.93 11.20 -42.04
N VAL M 134 56.29 10.32 -41.25
CA VAL M 134 55.14 9.59 -41.76
C VAL M 134 54.11 10.61 -42.22
N TYR M 135 54.14 11.76 -41.56
CA TYR M 135 53.17 12.82 -41.64
C TYR M 135 53.24 13.52 -42.99
N ASN M 136 54.44 13.58 -43.55
CA ASN M 136 54.75 14.54 -44.60
C ASN M 136 53.78 14.41 -45.76
N PRO M 137 53.19 15.51 -46.23
CA PRO M 137 51.88 15.45 -46.89
C PRO M 137 51.90 14.74 -48.23
N GLU M 138 53.07 14.32 -48.73
CA GLU M 138 53.14 13.85 -50.10
C GLU M 138 52.09 12.77 -50.34
N VAL M 139 52.04 11.78 -49.44
CA VAL M 139 50.92 10.85 -49.44
C VAL M 139 49.65 11.53 -48.93
N VAL M 140 49.76 12.23 -47.80
CA VAL M 140 48.59 12.55 -46.99
C VAL M 140 47.61 13.41 -47.75
N ALA M 141 48.09 14.52 -48.30
CA ALA M 141 47.23 15.42 -49.06
C ALA M 141 46.93 14.80 -50.42
N ALA M 142 47.99 14.45 -51.16
CA ALA M 142 47.89 14.33 -52.61
C ALA M 142 46.80 13.36 -53.00
N TYR M 143 46.53 12.38 -52.16
CA TYR M 143 45.48 11.42 -52.40
C TYR M 143 44.58 11.33 -51.18
N ARG M 144 43.28 11.12 -51.43
CA ARG M 144 42.46 10.42 -50.46
C ARG M 144 43.07 9.05 -50.19
N GLY M 145 43.44 8.36 -51.26
CA GLY M 145 43.90 7.01 -51.26
C GLY M 145 42.84 6.09 -51.83
N LYS M 146 42.49 5.04 -51.10
CA LYS M 146 41.91 3.85 -51.70
C LYS M 146 41.18 3.06 -50.64
N LYS M 147 40.30 2.16 -51.08
CA LYS M 147 39.80 1.16 -50.18
C LYS M 147 40.88 0.11 -49.90
N ARG M 148 40.61 -0.74 -48.91
CA ARG M 148 41.67 -1.36 -48.14
C ARG M 148 42.69 -2.08 -49.02
N GLN M 149 42.23 -3.00 -49.86
CA GLN M 149 43.17 -3.83 -50.61
C GLN M 149 44.05 -2.97 -51.50
N GLU M 150 43.49 -1.86 -51.97
CA GLU M 150 44.01 -1.08 -53.06
C GLU M 150 45.23 -0.24 -52.70
N ALA M 151 45.42 0.10 -51.43
CA ALA M 151 46.54 0.95 -51.08
C ALA M 151 47.41 0.37 -49.98
N PRO M 152 48.67 0.80 -49.91
CA PRO M 152 49.51 0.55 -48.74
C PRO M 152 48.80 0.82 -47.43
N PRO M 153 48.95 -0.09 -46.46
CA PRO M 153 48.36 0.09 -45.14
C PRO M 153 48.73 1.39 -44.46
N HIS M 154 47.73 2.08 -43.91
CA HIS M 154 47.96 3.29 -43.14
C HIS M 154 46.71 3.56 -42.32
N ILE M 155 46.90 4.06 -41.10
CA ILE M 155 45.76 4.55 -40.34
C ILE M 155 45.05 5.67 -41.10
N PHE M 156 45.80 6.44 -41.90
CA PHE M 156 45.20 7.44 -42.77
C PHE M 156 44.10 6.84 -43.62
N SER M 157 44.23 5.55 -43.94
CA SER M 157 43.21 4.90 -44.75
C SER M 157 41.90 4.92 -44.00
N ILE M 158 41.96 4.64 -42.71
CA ILE M 158 40.78 4.18 -42.02
C ILE M 158 39.85 5.36 -41.89
N SER M 159 40.41 6.48 -41.46
CA SER M 159 39.80 7.77 -41.64
C SER M 159 39.31 8.00 -43.06
N ASP M 160 40.19 7.86 -44.06
CA ASP M 160 39.81 8.24 -45.42
C ASP M 160 38.51 7.56 -45.84
N ASN M 161 38.51 6.24 -45.75
CA ASN M 161 37.39 5.47 -46.26
C ASN M 161 36.19 5.61 -45.33
N ALA M 162 36.42 5.74 -44.01
CA ALA M 162 35.30 6.06 -43.14
C ALA M 162 34.63 7.35 -43.57
N TYR M 163 35.41 8.32 -44.07
CA TYR M 163 34.79 9.52 -44.58
C TYR M 163 33.94 9.20 -45.77
N GLN M 164 34.53 8.59 -46.80
CA GLN M 164 33.76 8.54 -48.04
C GLN M 164 32.53 7.68 -47.81
N PHE M 165 32.70 6.66 -46.97
CA PHE M 165 31.62 5.86 -46.47
C PHE M 165 30.54 6.73 -45.87
N MET M 166 30.91 7.60 -44.94
CA MET M 166 29.89 8.39 -44.27
C MET M 166 29.36 9.46 -45.21
N LEU M 167 30.21 9.93 -46.10
CA LEU M 167 29.88 11.02 -46.99
C LEU M 167 28.64 10.63 -47.78
N THR M 168 28.68 9.43 -48.35
CA THR M 168 27.49 8.94 -49.01
C THR M 168 26.46 8.49 -47.98
N ASP M 169 26.92 7.79 -46.96
CA ASP M 169 26.04 7.14 -45.98
C ASP M 169 25.37 8.15 -45.06
N ARG M 170 26.14 9.11 -44.53
CA ARG M 170 25.58 10.27 -43.84
C ARG M 170 24.85 9.83 -42.58
N GLU M 171 25.37 8.78 -41.94
CA GLU M 171 25.20 8.52 -40.51
C GLU M 171 26.57 8.19 -39.93
N ASN M 172 26.67 8.21 -38.61
CA ASN M 172 27.93 8.51 -37.96
C ASN M 172 28.82 7.28 -37.82
N GLN M 173 30.11 7.54 -37.63
CA GLN M 173 31.10 6.50 -37.38
C GLN M 173 32.17 6.98 -36.41
N SER M 174 32.64 6.06 -35.58
CA SER M 174 33.78 6.27 -34.70
C SER M 174 34.82 5.18 -34.91
N ILE M 175 36.06 5.53 -34.54
CA ILE M 175 37.24 4.72 -34.83
C ILE M 175 37.92 4.45 -33.50
N LEU M 176 38.28 3.19 -33.26
CA LEU M 176 38.38 2.66 -31.91
C LEU M 176 39.74 2.01 -31.69
N ILE M 177 40.41 2.45 -30.64
CA ILE M 177 41.85 2.45 -30.53
C ILE M 177 42.19 1.95 -29.13
N THR M 178 43.01 0.92 -29.02
CA THR M 178 42.95 0.04 -27.86
C THR M 178 44.28 0.08 -27.11
N GLY M 179 44.16 -0.16 -25.81
CA GLY M 179 45.30 -0.31 -24.91
C GLY M 179 46.30 0.81 -25.01
N GLU M 180 47.57 0.49 -25.14
CA GLU M 180 48.63 1.42 -25.57
C GLU M 180 48.77 2.54 -24.56
N SER M 181 48.18 2.37 -23.38
CA SER M 181 47.85 3.35 -22.36
C SER M 181 48.85 4.46 -22.03
N GLY M 182 50.06 4.45 -22.55
CA GLY M 182 50.72 5.74 -22.43
C GLY M 182 51.11 6.74 -23.50
N ALA M 183 52.37 6.73 -23.94
CA ALA M 183 52.87 7.70 -24.94
C ALA M 183 52.23 7.52 -26.31
N GLY M 184 52.53 6.43 -27.02
CA GLY M 184 51.99 6.31 -28.38
C GLY M 184 50.49 6.44 -28.50
N LYS M 185 49.75 5.93 -27.53
CA LYS M 185 48.29 6.08 -27.57
C LYS M 185 47.89 7.53 -27.78
N THR M 186 48.41 8.40 -26.92
CA THR M 186 48.04 9.80 -26.95
C THR M 186 48.64 10.50 -28.15
N VAL M 187 49.90 10.21 -28.45
CA VAL M 187 50.55 10.81 -29.61
C VAL M 187 49.75 10.52 -30.86
N ASN M 188 49.34 9.27 -31.02
CA ASN M 188 48.62 8.90 -32.22
C ASN M 188 47.22 9.47 -32.21
N THR M 189 46.59 9.58 -31.04
CA THR M 189 45.32 10.30 -31.01
C THR M 189 45.51 11.72 -31.50
N LYS M 190 46.59 12.34 -31.10
CA LYS M 190 46.88 13.69 -31.57
C LYS M 190 46.93 13.66 -33.08
N ARG M 191 47.76 12.78 -33.61
CA ARG M 191 47.95 12.70 -35.04
C ARG M 191 46.64 12.39 -35.73
N VAL M 192 45.75 11.66 -35.06
CA VAL M 192 44.42 11.40 -35.59
C VAL M 192 43.70 12.71 -35.85
N ILE M 193 43.68 13.58 -34.85
CA ILE M 193 43.08 14.89 -35.08
C ILE M 193 43.91 15.69 -36.08
N GLN M 194 45.22 15.50 -36.13
CA GLN M 194 46.00 16.11 -37.20
C GLN M 194 45.45 15.70 -38.55
N TYR M 195 45.10 14.45 -38.70
CA TYR M 195 44.57 14.00 -39.97
C TYR M 195 43.16 14.51 -40.16
N PHE M 196 42.43 14.73 -39.07
CA PHE M 196 41.23 15.55 -39.13
C PHE M 196 41.49 16.93 -39.73
N ALA M 197 42.56 17.58 -39.31
CA ALA M 197 42.99 18.81 -39.97
C ALA M 197 43.27 18.60 -41.46
N THR M 198 43.87 17.46 -41.80
CA THR M 198 44.08 17.16 -43.21
C THR M 198 42.76 16.98 -43.96
N ILE M 199 41.76 16.42 -43.29
CA ILE M 199 40.41 16.35 -43.81
C ILE M 199 39.83 17.74 -43.99
N ALA M 200 40.07 18.62 -43.03
CA ALA M 200 39.67 20.01 -43.18
C ALA M 200 40.26 20.61 -44.44
N VAL M 201 41.56 20.41 -44.62
CA VAL M 201 42.26 20.90 -45.81
C VAL M 201 41.68 20.28 -47.07
N THR M 202 41.32 19.00 -47.00
CA THR M 202 40.66 18.35 -48.13
C THR M 202 39.30 18.98 -48.42
N GLY M 203 38.56 19.34 -47.39
CA GLY M 203 37.21 19.82 -47.54
C GLY M 203 37.14 21.24 -48.04
N ASP M 204 37.89 22.12 -47.39
CA ASP M 204 38.00 23.51 -47.83
C ASP M 204 39.24 24.11 -47.19
N LYS M 205 39.64 25.28 -47.68
CA LYS M 205 40.72 26.02 -47.04
C LYS M 205 40.69 27.45 -47.56
N LYS M 206 41.21 28.36 -46.76
CA LYS M 206 41.31 29.77 -47.15
C LYS M 206 42.76 30.21 -47.16
N GLN M 216 41.35 31.52 -30.86
CA GLN M 216 41.45 30.38 -31.77
C GLN M 216 42.73 29.58 -31.49
N GLY M 217 42.63 28.62 -30.58
CA GLY M 217 43.58 27.53 -30.55
C GLY M 217 43.42 26.61 -31.75
N THR M 218 44.55 26.14 -32.27
CA THR M 218 44.49 25.12 -33.30
C THR M 218 43.84 23.88 -32.72
N LEU M 219 43.17 23.10 -33.58
CA LEU M 219 42.12 22.24 -33.06
C LEU M 219 42.73 21.09 -32.26
N GLU M 220 43.85 20.56 -32.76
CA GLU M 220 44.68 19.69 -31.93
C GLU M 220 45.12 20.43 -30.68
N ASP M 221 45.70 21.62 -30.87
CA ASP M 221 46.06 22.46 -29.74
C ASP M 221 44.88 22.75 -28.84
N GLN M 222 43.66 22.82 -29.40
CA GLN M 222 42.50 22.94 -28.54
C GLN M 222 42.32 21.71 -27.67
N ILE M 223 42.51 20.52 -28.24
CA ILE M 223 42.48 19.32 -27.40
C ILE M 223 43.61 19.33 -26.39
N ILE M 224 44.80 19.78 -26.81
CA ILE M 224 45.91 19.97 -25.90
C ILE M 224 45.52 20.88 -24.75
N SER M 225 44.63 21.84 -24.99
CA SER M 225 44.19 22.69 -23.89
C SER M 225 43.62 21.84 -22.76
N ALA M 226 42.77 20.88 -23.12
CA ALA M 226 42.29 19.90 -22.15
C ALA M 226 43.42 19.08 -21.58
N ASN M 227 44.31 18.60 -22.44
CA ASN M 227 45.11 17.41 -22.17
C ASN M 227 45.85 17.45 -20.85
N PRO M 228 46.70 18.43 -20.55
CA PRO M 228 47.57 18.27 -19.36
C PRO M 228 46.77 18.15 -18.08
N LEU M 229 45.80 19.05 -17.88
CA LEU M 229 44.96 18.96 -16.70
C LEU M 229 44.15 17.68 -16.68
N LEU M 230 43.48 17.36 -17.78
CA LEU M 230 42.63 16.18 -17.77
C LEU M 230 43.46 14.92 -17.56
N GLU M 231 44.67 14.92 -18.11
CA GLU M 231 45.62 13.83 -17.97
C GLU M 231 45.99 13.64 -16.52
N ALA M 232 46.34 14.71 -15.83
CA ALA M 232 46.50 14.59 -14.39
C ALA M 232 45.19 14.16 -13.78
N PHE M 233 44.09 14.56 -14.39
CA PHE M 233 42.81 14.52 -13.71
C PHE M 233 42.36 13.09 -13.51
N GLY M 234 42.41 12.30 -14.59
CA GLY M 234 42.00 10.92 -14.48
C GLY M 234 43.05 9.85 -14.76
N ASN M 235 44.32 10.23 -14.90
CA ASN M 235 45.37 9.22 -14.86
C ASN M 235 45.46 8.58 -13.49
N ALA M 236 46.05 7.38 -13.49
CA ALA M 236 46.10 6.46 -12.36
C ALA M 236 47.37 5.67 -12.55
N LYS M 237 47.83 5.01 -11.49
CA LYS M 237 49.02 4.20 -11.59
C LYS M 237 48.67 2.73 -11.43
N THR M 238 49.02 1.95 -12.44
CA THR M 238 48.99 0.51 -12.42
C THR M 238 50.33 0.01 -11.90
N VAL M 239 50.30 -1.13 -11.22
CA VAL M 239 51.56 -1.79 -10.89
C VAL M 239 52.43 -1.84 -12.13
N ARG M 240 51.84 -2.23 -13.26
CA ARG M 240 52.53 -2.29 -14.53
C ARG M 240 52.29 -1.08 -15.43
N ASN M 241 51.79 0.04 -14.89
CA ASN M 241 51.72 1.28 -15.67
C ASN M 241 51.58 2.50 -14.77
N ASP M 242 52.14 3.60 -15.25
CA ASP M 242 52.62 4.67 -14.39
C ASP M 242 51.90 5.99 -14.61
N ASN M 243 51.27 6.17 -15.76
CA ASN M 243 50.26 7.20 -15.95
C ASN M 243 49.26 6.66 -16.95
N SER M 244 48.07 6.36 -16.46
CA SER M 244 47.11 5.47 -17.10
C SER M 244 45.77 5.83 -16.48
N SER M 245 44.74 5.93 -17.31
CA SER M 245 43.65 6.78 -16.88
C SER M 245 42.29 6.10 -16.90
N ARG M 246 41.60 6.19 -15.78
CA ARG M 246 40.51 5.28 -15.44
C ARG M 246 39.25 6.10 -15.21
N PHE M 247 39.14 7.18 -15.97
CA PHE M 247 37.87 7.76 -16.34
C PHE M 247 37.25 6.93 -17.46
N GLY M 248 36.08 7.33 -17.90
CA GLY M 248 35.78 7.06 -19.28
C GLY M 248 35.64 8.35 -20.04
N LYS M 249 36.45 8.50 -21.07
CA LYS M 249 36.38 9.61 -21.99
C LYS M 249 35.94 9.07 -23.34
N PHE M 250 35.16 9.86 -24.04
CA PHE M 250 34.91 9.58 -25.43
C PHE M 250 34.86 10.87 -26.22
N ILE M 251 35.34 10.79 -27.44
CA ILE M 251 35.73 11.95 -28.21
C ILE M 251 34.78 11.97 -29.37
N ARG M 252 34.15 13.11 -29.58
CA ARG M 252 33.19 13.25 -30.66
C ARG M 252 33.53 14.45 -31.50
N ILE M 253 33.24 14.36 -32.79
CA ILE M 253 33.49 15.46 -33.71
C ILE M 253 32.31 15.56 -34.66
N HIS M 254 31.91 16.79 -34.95
CA HIS M 254 30.54 17.12 -35.32
C HIS M 254 30.50 18.06 -36.50
N PHE M 255 29.62 17.75 -37.45
CA PHE M 255 29.64 18.40 -38.74
C PHE M 255 28.27 18.97 -39.06
N GLY M 256 28.21 20.29 -39.10
CA GLY M 256 27.32 21.10 -39.87
C GLY M 256 27.93 21.36 -41.21
N ALA M 257 29.10 20.80 -41.40
CA ALA M 257 30.02 21.09 -42.48
C ALA M 257 30.49 19.77 -43.07
N THR M 258 30.62 19.77 -44.39
CA THR M 258 31.42 18.76 -45.07
C THR M 258 32.44 19.47 -45.93
N GLY M 259 32.82 20.64 -45.44
CA GLY M 259 33.67 21.66 -45.97
C GLY M 259 35.05 21.43 -45.41
N LYS M 260 35.72 22.51 -45.04
CA LYS M 260 36.71 22.32 -44.01
C LYS M 260 35.99 22.08 -42.68
N LEU M 261 36.77 21.77 -41.64
CA LEU M 261 36.29 20.91 -40.58
C LEU M 261 35.35 21.66 -39.62
N ALA M 262 34.54 20.86 -38.91
CA ALA M 262 33.55 21.35 -37.96
C ALA M 262 33.83 20.67 -36.62
N SER M 263 33.27 21.22 -35.54
CA SER M 263 33.91 21.12 -34.23
C SER M 263 33.41 19.94 -33.42
N ALA M 264 34.10 19.69 -32.30
CA ALA M 264 34.22 18.36 -31.72
C ALA M 264 33.88 18.32 -30.23
N ASP M 265 33.45 17.14 -29.78
CA ASP M 265 33.22 16.86 -28.36
C ASP M 265 34.21 15.84 -27.81
N ILE M 266 34.45 15.93 -26.50
CA ILE M 266 35.06 14.88 -25.69
C ILE M 266 34.17 14.68 -24.49
N GLU M 267 33.85 13.43 -24.16
CA GLU M 267 32.57 13.17 -23.52
C GLU M 267 32.73 12.15 -22.39
N THR M 268 31.62 11.93 -21.69
CA THR M 268 31.57 11.54 -20.28
C THR M 268 31.20 10.09 -20.15
N TYR M 269 32.11 9.28 -19.61
CA TYR M 269 31.95 7.85 -19.70
C TYR M 269 32.65 7.24 -18.51
N LEU M 270 32.49 5.93 -18.36
CA LEU M 270 32.63 5.25 -17.08
C LEU M 270 33.83 5.71 -16.28
N LEU M 271 33.58 6.09 -15.04
CA LEU M 271 34.54 6.72 -14.14
C LEU M 271 34.60 5.83 -12.91
N GLU M 272 35.76 5.75 -12.28
CA GLU M 272 35.96 4.67 -11.32
C GLU M 272 36.11 5.26 -9.93
N LYS M 273 34.98 5.25 -9.23
CA LYS M 273 34.82 5.95 -7.98
C LYS M 273 35.55 5.21 -6.88
N SER M 274 35.42 3.88 -6.92
CA SER M 274 36.09 2.96 -6.02
C SER M 274 37.57 3.24 -5.85
N ARG M 275 38.25 3.75 -6.89
CA ARG M 275 39.66 4.03 -6.65
C ARG M 275 39.79 4.99 -5.48
N VAL M 276 38.82 5.88 -5.28
CA VAL M 276 38.98 6.80 -4.16
C VAL M 276 38.89 5.99 -2.88
N THR M 277 38.04 4.95 -2.89
CA THR M 277 37.87 4.08 -1.73
C THR M 277 39.19 3.47 -1.27
N PHE M 278 40.01 3.02 -2.20
CA PHE M 278 41.07 2.12 -1.81
C PHE M 278 42.30 2.22 -2.69
N GLN M 279 43.44 1.95 -2.06
CA GLN M 279 44.71 1.75 -2.72
C GLN M 279 45.43 0.66 -1.96
N LEU M 280 46.33 -0.02 -2.63
CA LEU M 280 47.43 -0.70 -1.95
C LEU M 280 48.70 0.14 -1.89
N LYS M 281 49.54 -0.23 -0.93
CA LYS M 281 50.70 0.56 -0.55
C LYS M 281 51.67 0.71 -1.70
N ALA M 282 51.59 -0.17 -2.70
CA ALA M 282 52.33 -0.01 -3.95
C ALA M 282 51.74 1.04 -4.88
N GLU M 283 50.53 1.54 -4.60
CA GLU M 283 49.64 2.06 -5.62
C GLU M 283 49.25 3.48 -5.27
N ARG M 284 49.01 4.32 -6.27
CA ARG M 284 48.52 5.66 -6.00
C ARG M 284 47.27 6.07 -6.77
N SER M 285 46.79 7.20 -6.26
CA SER M 285 45.47 7.79 -6.21
C SER M 285 45.27 8.66 -7.44
N TYR M 286 44.02 9.09 -7.64
CA TYR M 286 43.72 9.96 -8.75
C TYR M 286 44.72 11.09 -8.74
N HIS M 287 45.37 11.29 -9.88
CA HIS M 287 46.60 12.05 -9.90
C HIS M 287 46.37 13.48 -9.43
N ILE M 288 45.15 14.00 -9.61
CA ILE M 288 44.89 15.39 -9.23
C ILE M 288 45.38 15.56 -7.81
N PHE M 289 44.96 14.64 -6.96
CA PHE M 289 45.13 14.75 -5.53
C PHE M 289 46.62 14.81 -5.23
N TYR M 290 47.31 13.76 -5.70
CA TYR M 290 48.76 13.63 -5.61
C TYR M 290 49.48 14.86 -6.11
N GLN M 291 48.96 15.47 -7.17
CA GLN M 291 49.62 16.62 -7.73
C GLN M 291 49.43 17.83 -6.81
N ILE M 292 48.19 18.16 -6.49
CA ILE M 292 47.91 19.36 -5.72
C ILE M 292 48.64 19.29 -4.40
N MET M 293 48.64 18.12 -3.79
CA MET M 293 49.09 17.90 -2.43
C MET M 293 50.58 18.06 -2.27
N SER M 294 51.31 18.16 -3.38
CA SER M 294 52.66 18.68 -3.31
C SER M 294 52.71 20.13 -2.84
N ASN M 295 53.91 20.53 -2.43
CA ASN M 295 54.20 21.59 -1.47
C ASN M 295 54.24 22.99 -2.06
N LYS M 296 54.20 23.16 -3.37
CA LYS M 296 54.82 24.35 -3.93
C LYS M 296 54.00 25.62 -3.72
N LYS M 297 52.67 25.53 -3.68
CA LYS M 297 51.98 26.80 -3.84
C LYS M 297 51.64 27.35 -2.47
N PRO M 298 52.37 28.37 -2.00
CA PRO M 298 52.46 28.60 -0.55
C PRO M 298 51.14 29.03 0.07
N GLU M 299 50.35 29.84 -0.64
CA GLU M 299 49.08 30.29 -0.09
C GLU M 299 48.05 29.18 -0.03
N LEU M 300 47.94 28.37 -1.09
CA LEU M 300 46.77 27.49 -1.20
C LEU M 300 46.71 26.55 -0.01
N ILE M 301 47.86 26.02 0.41
CA ILE M 301 47.90 24.87 1.30
C ILE M 301 47.13 25.18 2.58
N GLU M 302 47.41 26.35 3.16
CA GLU M 302 46.59 26.80 4.27
C GLU M 302 45.24 27.31 3.80
N MET M 303 45.17 27.99 2.64
CA MET M 303 43.85 28.37 2.15
C MET M 303 42.99 27.13 1.99
N LEU M 304 43.63 26.03 1.58
CA LEU M 304 42.97 24.74 1.43
C LEU M 304 42.55 24.16 2.77
N LEU M 305 42.98 24.77 3.87
CA LEU M 305 42.84 24.19 5.20
C LEU M 305 43.49 22.81 5.20
N ILE M 306 44.71 22.75 4.69
CA ILE M 306 45.39 21.49 4.45
C ILE M 306 46.81 21.56 4.99
N THR M 307 47.29 20.43 5.50
CA THR M 307 48.72 20.19 5.67
C THR M 307 49.31 19.62 4.40
N THR M 308 50.51 20.07 4.05
CA THR M 308 51.16 19.53 2.86
C THR M 308 51.43 18.04 2.99
N ASN M 309 51.31 17.49 4.18
CA ASN M 309 51.48 16.07 4.39
C ASN M 309 50.34 15.28 3.78
N PRO M 310 50.60 14.40 2.81
CA PRO M 310 49.58 13.40 2.48
C PRO M 310 49.32 12.53 3.68
N TYR M 311 50.35 12.35 4.49
CA TYR M 311 50.44 11.25 5.44
C TYR M 311 49.25 11.28 6.36
N ASP M 312 48.77 12.49 6.61
CA ASP M 312 47.68 12.72 7.55
C ASP M 312 46.45 11.95 7.12
N PHE M 313 46.07 12.09 5.86
CA PHE M 313 44.74 11.71 5.42
C PHE M 313 44.77 10.22 5.09
N ALA M 314 44.37 9.40 6.07
CA ALA M 314 44.56 7.97 5.95
C ALA M 314 43.86 7.44 4.72
N TYR M 315 42.67 7.97 4.46
CA TYR M 315 41.89 7.56 3.30
C TYR M 315 42.63 7.91 2.02
N VAL M 316 43.33 9.04 2.03
CA VAL M 316 44.33 9.32 1.00
C VAL M 316 45.54 8.42 1.18
N SER M 317 46.00 8.27 2.42
CA SER M 317 47.33 7.71 2.70
C SER M 317 47.47 6.29 2.16
N GLN M 318 46.35 5.61 1.89
CA GLN M 318 46.31 4.17 1.68
C GLN M 318 47.34 3.71 0.67
N GLY M 319 47.70 4.58 -0.27
CA GLY M 319 48.60 4.26 -1.35
C GLY M 319 50.08 4.16 -1.05
N GLU M 320 50.85 4.20 -2.14
CA GLU M 320 52.28 4.45 -2.12
C GLU M 320 52.59 5.93 -2.01
N ILE M 321 53.65 6.25 -1.26
CA ILE M 321 53.73 7.57 -0.67
C ILE M 321 54.29 8.60 -1.65
N THR M 322 54.94 8.17 -2.73
CA THR M 322 55.31 9.02 -3.85
C THR M 322 55.49 8.13 -5.08
N VAL M 323 55.53 8.77 -6.24
CA VAL M 323 56.26 8.25 -7.40
C VAL M 323 57.58 9.01 -7.49
N PRO M 324 58.73 8.34 -7.43
CA PRO M 324 60.01 9.03 -7.18
C PRO M 324 60.23 10.31 -7.96
N SER M 325 59.95 10.29 -9.27
CA SER M 325 60.53 11.31 -10.14
C SER M 325 59.54 11.89 -11.14
N ILE M 326 58.24 11.84 -10.87
CA ILE M 326 57.27 12.65 -11.61
C ILE M 326 57.04 13.96 -10.84
N ASP M 327 57.49 15.07 -11.41
CA ASP M 327 57.85 16.24 -10.63
C ASP M 327 56.63 17.15 -10.55
N ASP M 328 55.93 17.09 -9.42
CA ASP M 328 54.63 17.74 -9.27
C ASP M 328 54.68 19.23 -9.01
N GLN M 329 55.85 19.81 -8.70
CA GLN M 329 55.95 21.27 -8.71
C GLN M 329 55.69 21.83 -10.10
N GLU M 330 56.39 21.31 -11.10
CA GLU M 330 56.14 21.76 -12.46
C GLU M 330 54.76 21.33 -12.91
N GLU M 331 54.34 20.14 -12.51
CA GLU M 331 53.02 19.71 -12.93
C GLU M 331 51.94 20.59 -12.32
N LEU M 332 52.17 21.10 -11.11
CA LEU M 332 51.30 22.13 -10.55
C LEU M 332 51.27 23.31 -11.48
N MET M 333 52.45 23.75 -11.90
CA MET M 333 52.51 24.94 -12.73
C MET M 333 51.72 24.72 -14.01
N ALA M 334 51.85 23.54 -14.62
CA ALA M 334 51.04 23.17 -15.77
C ALA M 334 49.55 23.22 -15.46
N THR M 335 49.15 22.75 -14.29
CA THR M 335 47.74 22.82 -13.93
C THR M 335 47.26 24.26 -13.88
N ASP M 336 48.08 25.14 -13.28
CA ASP M 336 47.80 26.56 -13.34
C ASP M 336 47.67 27.00 -14.78
N THR M 337 48.64 26.62 -15.60
CA THR M 337 48.69 27.06 -16.98
C THR M 337 47.38 26.77 -17.67
N ALA M 338 46.88 25.55 -17.50
CA ALA M 338 45.61 25.15 -18.09
C ALA M 338 44.46 25.94 -17.49
N VAL M 339 44.39 26.01 -16.15
CA VAL M 339 43.18 26.58 -15.56
C VAL M 339 43.09 28.05 -15.92
N ASP M 340 44.23 28.70 -16.12
CA ASP M 340 44.24 30.07 -16.60
C ASP M 340 43.85 30.14 -18.07
N ILE M 341 44.40 29.24 -18.87
CA ILE M 341 43.96 29.02 -20.24
C ILE M 341 42.47 28.74 -20.34
N LEU M 342 41.86 28.23 -19.27
CA LEU M 342 40.40 28.12 -19.27
C LEU M 342 39.74 29.44 -19.68
N GLY M 343 40.33 30.57 -19.32
CA GLY M 343 39.55 31.79 -19.23
C GLY M 343 38.35 31.66 -18.31
N PHE M 344 38.54 31.01 -17.15
CA PHE M 344 37.48 30.86 -16.17
C PHE M 344 38.02 31.12 -14.78
N SER M 345 37.12 31.60 -13.92
CA SER M 345 37.48 32.47 -12.81
C SER M 345 38.36 31.74 -11.82
N ALA M 346 39.32 32.47 -11.26
CA ALA M 346 40.13 31.94 -10.17
C ALA M 346 39.26 31.47 -9.02
N ASP M 347 38.32 32.31 -8.57
CA ASP M 347 37.66 32.04 -7.30
C ASP M 347 36.88 30.73 -7.35
N GLU M 348 36.10 30.54 -8.42
CA GLU M 348 35.42 29.26 -8.57
C GLU M 348 36.43 28.13 -8.59
N LYS M 349 37.43 28.21 -9.46
CA LYS M 349 38.27 27.03 -9.71
C LYS M 349 39.06 26.66 -8.45
N VAL M 350 39.49 27.67 -7.70
CA VAL M 350 40.17 27.41 -6.44
C VAL M 350 39.21 26.73 -5.48
N ALA M 351 37.99 27.29 -5.32
CA ALA M 351 36.99 26.65 -4.48
C ALA M 351 36.77 25.21 -4.92
N ILE M 352 36.92 24.97 -6.22
CA ILE M 352 36.57 23.70 -6.81
C ILE M 352 37.57 22.64 -6.38
N TYR M 353 38.85 22.87 -6.64
CA TYR M 353 39.80 21.89 -6.11
C TYR M 353 39.75 21.86 -4.58
N LYS M 354 39.43 22.99 -3.96
CA LYS M 354 39.23 22.98 -2.52
C LYS M 354 38.16 21.96 -2.13
N LEU M 355 37.14 21.79 -2.97
CA LEU M 355 36.18 20.73 -2.73
C LEU M 355 36.92 19.41 -2.51
N THR M 356 37.87 19.11 -3.38
CA THR M 356 38.64 17.88 -3.24
C THR M 356 39.36 17.87 -1.91
N GLY M 357 39.87 19.03 -1.52
CA GLY M 357 40.49 19.13 -0.21
C GLY M 357 39.54 18.69 0.88
N ALA M 358 38.31 19.21 0.84
CA ALA M 358 37.29 18.78 1.78
C ALA M 358 37.15 17.27 1.73
N VAL M 359 37.16 16.73 0.52
CA VAL M 359 36.97 15.31 0.33
C VAL M 359 38.00 14.53 1.13
N MET M 360 39.27 14.88 0.94
CA MET M 360 40.30 14.19 1.72
C MET M 360 40.14 14.46 3.21
N HIS M 361 39.67 15.64 3.60
CA HIS M 361 39.37 15.87 5.02
C HIS M 361 38.35 14.87 5.53
N TYR M 362 37.45 14.43 4.67
CA TYR M 362 36.41 13.50 5.13
C TYR M 362 37.01 12.18 5.56
N GLY M 363 38.13 11.79 4.98
CA GLY M 363 38.84 10.62 5.47
C GLY M 363 39.14 10.66 6.94
N ASN M 364 39.34 11.86 7.50
CA ASN M 364 39.57 11.97 8.93
C ASN M 364 38.31 11.74 9.76
N MET M 365 37.14 12.08 9.23
CA MET M 365 35.91 12.02 10.01
C MET M 365 35.68 10.61 10.54
N LYS M 366 35.45 10.49 11.85
CA LYS M 366 35.43 9.17 12.48
C LYS M 366 34.50 9.17 13.68
N PHE M 367 33.55 8.24 13.68
CA PHE M 367 32.46 8.28 14.66
C PHE M 367 32.47 7.09 15.61
N LYS M 368 31.67 7.27 16.67
CA LYS M 368 31.89 6.69 17.99
C LYS M 368 30.54 6.26 18.55
N GLN M 369 30.52 5.18 19.33
CA GLN M 369 29.27 4.47 19.56
C GLN M 369 29.01 4.37 21.05
N LYS M 370 27.84 4.82 21.47
CA LYS M 370 27.54 5.08 22.87
C LYS M 370 26.95 3.86 23.58
N GLN M 371 27.00 3.93 24.91
CA GLN M 371 26.44 2.91 25.79
C GLN M 371 24.95 2.73 25.53
N ARG M 372 24.48 1.49 25.66
CA ARG M 372 23.05 1.19 25.77
C ARG M 372 22.30 1.61 24.52
N GLU M 373 23.04 1.75 23.44
CA GLU M 373 22.68 2.54 22.28
C GLU M 373 23.48 1.98 21.13
N GLU M 374 22.86 1.81 19.98
CA GLU M 374 23.65 1.80 18.77
C GLU M 374 23.31 3.07 18.00
N GLN M 375 24.32 3.92 17.89
CA GLN M 375 24.47 4.99 16.93
C GLN M 375 25.95 5.11 16.70
N ALA M 376 26.34 5.72 15.61
CA ALA M 376 27.73 6.15 15.52
C ALA M 376 27.67 7.66 15.61
N GLU M 377 28.65 8.24 16.28
CA GLU M 377 28.40 9.51 16.94
C GLU M 377 29.69 10.29 16.93
N PRO M 378 29.66 11.57 17.23
CA PRO M 378 30.69 12.42 16.63
C PRO M 378 31.98 12.46 17.41
N ASP M 379 33.06 12.55 16.64
CA ASP M 379 34.26 13.23 17.07
C ASP M 379 34.06 14.69 16.74
N GLY M 380 34.23 15.59 17.71
CA GLY M 380 33.92 16.97 17.49
C GLY M 380 35.24 17.56 17.08
N THR M 381 35.27 18.10 15.87
CA THR M 381 36.50 18.11 15.10
C THR M 381 36.66 19.38 14.28
N GLU M 382 37.86 19.94 14.36
CA GLU M 382 38.23 21.03 13.46
C GLU M 382 38.00 20.66 12.01
N VAL M 383 38.12 19.37 11.67
CA VAL M 383 37.81 18.91 10.31
C VAL M 383 36.42 19.37 9.91
N ALA M 384 35.43 19.13 10.76
CA ALA M 384 34.07 19.53 10.43
C ALA M 384 33.97 21.04 10.28
N ASP M 385 34.75 21.78 11.07
CA ASP M 385 34.71 23.23 10.98
C ASP M 385 35.35 23.73 9.69
N LYS M 386 36.43 23.08 9.25
CA LYS M 386 36.97 23.34 7.93
C LYS M 386 35.91 23.13 6.87
N ALA M 387 35.20 22.00 6.98
CA ALA M 387 34.14 21.73 6.02
C ALA M 387 33.14 22.87 6.02
N ALA M 388 32.69 23.25 7.22
CA ALA M 388 31.69 24.31 7.34
C ALA M 388 32.16 25.57 6.64
N TYR M 389 33.42 25.94 6.91
CA TYR M 389 34.00 27.13 6.29
C TYR M 389 33.99 27.02 4.78
N LEU M 390 34.49 25.92 4.26
CA LEU M 390 34.68 25.81 2.82
C LEU M 390 33.33 25.77 2.14
N THR M 391 32.41 25.03 2.72
CA THR M 391 31.06 24.85 2.21
C THR M 391 30.26 26.13 2.27
N SER M 392 30.56 27.01 3.24
CA SER M 392 29.58 27.97 3.75
C SER M 392 28.32 27.25 4.24
N LEU M 393 28.52 26.11 4.89
CA LEU M 393 27.58 25.58 5.86
C LEU M 393 28.09 25.93 7.27
N ASN M 394 27.24 25.70 8.26
CA ASN M 394 27.70 25.51 9.63
C ASN M 394 27.84 24.04 9.99
N SER M 395 28.84 23.76 10.82
CA SER M 395 29.15 22.38 11.18
C SER M 395 28.01 21.72 11.95
N ALA M 396 27.42 22.42 12.92
CA ALA M 396 26.29 21.84 13.65
C ALA M 396 25.20 21.42 12.68
N ASP M 397 25.09 22.13 11.55
CA ASP M 397 24.08 21.80 10.57
C ASP M 397 24.33 20.40 10.05
N LEU M 398 25.58 20.14 9.66
CA LEU M 398 25.99 18.77 9.38
C LEU M 398 25.60 17.87 10.53
N LEU M 399 25.95 18.27 11.75
CA LEU M 399 25.99 17.33 12.85
C LEU M 399 24.61 16.77 13.08
N LYS M 400 23.64 17.67 13.25
CA LYS M 400 22.29 17.22 13.45
C LYS M 400 21.74 16.67 12.14
N ALA M 401 21.72 17.48 11.08
CA ALA M 401 20.80 17.18 10.00
C ALA M 401 21.28 15.96 9.23
N LEU M 402 22.59 15.85 8.98
CA LEU M 402 23.07 14.61 8.39
C LEU M 402 23.15 13.54 9.44
N CYS M 403 23.81 13.83 10.57
CA CYS M 403 24.37 12.68 11.26
C CYS M 403 23.26 11.87 11.90
N TYR M 404 22.06 12.43 11.94
CA TYR M 404 20.83 11.65 12.01
C TYR M 404 19.78 12.20 11.04
N PRO M 405 19.67 11.63 9.85
CA PRO M 405 19.01 12.32 8.73
C PRO M 405 17.51 12.42 8.94
N ARG M 406 16.86 13.17 8.05
CA ARG M 406 15.42 13.14 7.86
C ARG M 406 15.14 12.77 6.42
N VAL M 407 14.28 11.78 6.20
CA VAL M 407 13.52 11.67 4.95
C VAL M 407 12.10 11.20 5.24
N LYS M 408 11.12 12.00 4.86
CA LYS M 408 9.78 11.54 4.49
C LYS M 408 9.08 12.69 3.80
N VAL M 409 8.18 12.38 2.86
CA VAL M 409 7.38 13.38 2.17
C VAL M 409 5.92 12.93 2.14
N GLY M 410 5.01 13.91 2.16
CA GLY M 410 3.62 13.68 2.50
C GLY M 410 3.39 13.73 3.99
N ASN M 411 4.45 13.55 4.75
CA ASN M 411 4.78 14.02 6.08
C ASN M 411 6.27 13.76 6.11
N GLU M 412 6.96 14.18 7.16
CA GLU M 412 8.41 14.26 6.99
C GLU M 412 9.11 13.79 8.25
N TYR M 413 10.11 12.91 8.08
CA TYR M 413 10.47 12.04 9.19
C TYR M 413 11.95 11.67 9.10
N VAL M 414 12.49 11.26 10.24
CA VAL M 414 13.89 11.41 10.59
C VAL M 414 14.53 10.05 10.86
N THR M 415 15.83 10.00 10.62
CA THR M 415 16.62 8.82 10.31
C THR M 415 17.79 8.90 11.27
N LYS M 416 18.01 7.86 12.06
CA LYS M 416 18.93 8.03 13.18
C LYS M 416 19.63 6.72 13.51
N GLY M 417 20.85 6.83 14.01
CA GLY M 417 21.50 5.72 14.67
C GLY M 417 22.42 4.89 13.81
N GLN M 418 22.89 5.43 12.69
CA GLN M 418 23.56 4.62 11.68
C GLN M 418 24.73 3.86 12.29
N THR M 419 25.05 2.72 11.68
CA THR M 419 26.18 1.97 12.17
C THR M 419 27.46 2.73 11.83
N VAL M 420 28.54 2.33 12.50
CA VAL M 420 29.85 2.85 12.12
C VAL M 420 30.05 2.64 10.64
N GLN M 421 29.85 1.39 10.19
CA GLN M 421 30.04 1.10 8.78
C GLN M 421 29.10 1.95 7.93
N GLN M 422 27.84 2.05 8.36
CA GLN M 422 26.86 2.82 7.60
C GLN M 422 27.37 4.23 7.39
N VAL M 423 27.80 4.87 8.47
CA VAL M 423 28.34 6.22 8.39
C VAL M 423 29.53 6.26 7.44
N TYR M 424 30.49 5.37 7.67
CA TYR M 424 31.77 5.47 7.00
C TYR M 424 31.56 5.34 5.50
N ASN M 425 30.84 4.29 5.12
CA ASN M 425 30.48 4.09 3.73
C ASN M 425 29.77 5.34 3.24
N SER M 426 28.81 5.83 4.01
CA SER M 426 27.93 6.88 3.51
C SER M 426 28.78 8.07 3.12
N VAL M 427 29.69 8.46 4.00
CA VAL M 427 30.40 9.69 3.77
C VAL M 427 31.34 9.48 2.60
N GLY M 428 31.95 8.30 2.52
CA GLY M 428 32.84 8.05 1.40
C GLY M 428 32.07 8.19 0.11
N ALA M 429 30.85 7.64 0.09
CA ALA M 429 30.00 7.71 -1.09
C ALA M 429 29.78 9.16 -1.47
N LEU M 430 29.45 9.98 -0.47
CA LEU M 430 29.15 11.37 -0.76
C LEU M 430 30.36 12.02 -1.40
N ALA M 431 31.51 11.83 -0.78
CA ALA M 431 32.74 12.44 -1.26
C ALA M 431 32.97 12.03 -2.70
N LYS M 432 32.80 10.74 -2.97
CA LYS M 432 33.12 10.22 -4.28
C LYS M 432 32.18 10.83 -5.28
N SER M 433 30.90 10.83 -4.96
CA SER M 433 29.90 11.42 -5.84
C SER M 433 30.24 12.86 -6.11
N MET M 434 30.81 13.54 -5.12
CA MET M 434 31.11 14.96 -5.30
C MET M 434 32.25 15.10 -6.29
N TYR M 435 33.27 14.27 -6.15
CA TYR M 435 34.36 14.26 -7.12
C TYR M 435 33.78 14.02 -8.52
N GLU M 436 32.91 13.02 -8.61
CA GLU M 436 32.26 12.69 -9.86
C GLU M 436 31.60 13.92 -10.43
N LYS M 437 30.77 14.57 -9.60
CA LYS M 437 30.04 15.74 -10.02
C LYS M 437 31.01 16.76 -10.57
N MET M 438 32.17 16.88 -9.94
CA MET M 438 33.07 17.95 -10.29
C MET M 438 33.57 17.69 -11.69
N PHE M 439 33.90 16.43 -11.95
CA PHE M 439 34.28 16.04 -13.29
C PHE M 439 33.15 16.41 -14.23
N LEU M 440 31.92 16.09 -13.83
CA LEU M 440 30.78 16.29 -14.71
C LEU M 440 30.67 17.76 -15.05
N TRP M 441 30.87 18.62 -14.07
CA TRP M 441 30.78 20.04 -14.31
C TRP M 441 31.81 20.45 -15.33
N MET M 442 33.00 19.84 -15.27
CA MET M 442 34.07 20.28 -16.15
C MET M 442 33.57 20.32 -17.58
N VAL M 443 32.66 19.40 -17.91
CA VAL M 443 32.09 19.32 -19.24
C VAL M 443 31.61 20.69 -19.64
N THR M 444 30.83 21.30 -18.75
CA THR M 444 29.88 22.32 -19.16
C THR M 444 30.65 23.47 -19.79
N ARG M 445 31.55 24.04 -19.01
CA ARG M 445 32.31 25.17 -19.51
C ARG M 445 33.42 24.73 -20.45
N ILE M 446 34.07 23.59 -20.21
CA ILE M 446 35.20 23.25 -21.06
C ILE M 446 34.71 23.10 -22.49
N ASN M 447 33.67 22.28 -22.65
CA ASN M 447 33.03 22.12 -23.93
C ASN M 447 32.54 23.46 -24.45
N GLN M 448 31.87 24.24 -23.60
CA GLN M 448 31.37 25.52 -24.12
C GLN M 448 32.50 26.33 -24.72
N GLN M 449 33.68 26.28 -24.11
CA GLN M 449 34.86 26.89 -24.74
C GLN M 449 35.10 26.26 -26.09
N LEU M 450 34.85 24.96 -26.18
CA LEU M 450 34.95 24.24 -27.45
C LEU M 450 33.75 24.48 -28.35
N ASP M 451 32.63 24.93 -27.80
CA ASP M 451 31.32 24.73 -28.42
C ASP M 451 30.93 25.95 -29.23
N THR M 452 30.15 25.71 -30.28
CA THR M 452 30.11 26.55 -31.47
C THR M 452 28.68 26.58 -31.97
N LYS M 453 28.28 27.75 -32.50
CA LYS M 453 27.02 27.91 -33.18
C LYS M 453 27.13 27.56 -34.66
N GLN M 454 28.33 27.28 -35.13
CA GLN M 454 28.48 26.42 -36.28
C GLN M 454 27.72 25.12 -36.04
N PRO M 455 26.92 24.66 -36.99
CA PRO M 455 26.00 23.55 -36.75
C PRO M 455 26.75 22.21 -36.66
N ARG M 456 26.01 21.21 -36.21
CA ARG M 456 26.31 19.84 -36.57
C ARG M 456 25.08 19.17 -37.13
N GLN M 457 25.24 18.57 -38.30
CA GLN M 457 24.41 17.48 -38.76
C GLN M 457 24.94 16.12 -38.30
N TYR M 458 26.23 15.87 -38.49
CA TYR M 458 26.74 14.52 -38.39
C TYR M 458 28.11 14.47 -37.72
N PHE M 459 28.44 13.26 -37.26
CA PHE M 459 29.33 12.96 -36.15
C PHE M 459 30.35 11.90 -36.54
N ILE M 460 31.62 12.16 -36.22
CA ILE M 460 32.63 11.12 -36.14
C ILE M 460 33.39 11.22 -34.82
N GLY M 461 33.81 10.07 -34.30
CA GLY M 461 34.11 9.95 -32.88
C GLY M 461 35.43 9.21 -32.67
N VAL M 462 35.95 9.38 -31.46
CA VAL M 462 37.15 8.70 -31.01
C VAL M 462 36.93 8.15 -29.61
N LEU M 463 37.46 6.96 -29.35
CA LEU M 463 37.53 6.40 -28.01
C LEU M 463 38.98 6.08 -27.70
N ASP M 464 39.32 6.14 -26.41
CA ASP M 464 40.67 5.81 -25.98
C ASP M 464 40.88 4.36 -25.56
N ILE M 465 40.01 3.75 -24.75
CA ILE M 465 40.40 2.50 -24.11
C ILE M 465 39.26 1.49 -24.10
N ALA M 466 39.56 0.28 -24.57
CA ALA M 466 38.94 -0.95 -24.10
C ALA M 466 39.96 -1.49 -23.11
N GLY M 467 39.84 -1.10 -21.84
CA GLY M 467 40.98 -1.31 -20.97
C GLY M 467 40.93 -2.59 -20.17
N PHE M 468 41.81 -3.52 -20.50
CA PHE M 468 42.09 -4.70 -19.69
C PHE M 468 43.57 -4.79 -19.40
N GLU M 469 43.93 -5.01 -18.14
CA GLU M 469 45.29 -5.34 -17.76
C GLU M 469 45.24 -6.45 -16.71
N ILE M 470 46.40 -7.05 -16.47
CA ILE M 470 46.50 -8.16 -15.54
C ILE M 470 47.24 -7.67 -14.31
N PHE M 471 46.83 -8.18 -13.16
CA PHE M 471 47.71 -8.29 -12.02
C PHE M 471 47.62 -9.69 -11.44
N ASP M 472 48.70 -10.12 -10.77
CA ASP M 472 48.65 -11.34 -9.99
C ASP M 472 47.49 -11.31 -9.01
N PHE M 473 47.08 -10.11 -8.63
CA PHE M 473 46.12 -9.86 -7.57
C PHE M 473 45.06 -8.96 -8.17
N ASN M 474 43.84 -9.04 -7.67
CA ASN M 474 42.77 -8.45 -8.45
C ASN M 474 41.70 -7.91 -7.52
N THR M 475 40.89 -7.03 -8.08
CA THR M 475 39.80 -6.36 -7.38
C THR M 475 38.69 -6.12 -8.37
N LEU M 476 37.46 -6.11 -7.85
CA LEU M 476 36.32 -6.44 -8.69
C LEU M 476 36.22 -5.46 -9.83
N GLU M 477 36.36 -4.18 -9.53
CA GLU M 477 36.07 -3.11 -10.46
C GLU M 477 36.85 -3.33 -11.73
N GLN M 478 38.11 -3.73 -11.56
CA GLN M 478 38.99 -3.92 -12.71
C GLN M 478 38.39 -4.99 -13.58
N LEU M 479 37.97 -6.08 -12.95
CA LEU M 479 37.37 -7.20 -13.66
C LEU M 479 36.13 -6.72 -14.39
N CYS M 480 35.41 -5.78 -13.77
CA CYS M 480 34.18 -5.28 -14.35
C CYS M 480 34.50 -4.52 -15.63
N ILE M 481 35.54 -3.70 -15.58
CA ILE M 481 35.99 -3.00 -16.77
C ILE M 481 36.40 -4.00 -17.83
N ASN M 482 37.03 -5.10 -17.41
CA ASN M 482 37.40 -6.14 -18.35
C ASN M 482 36.16 -6.73 -19.00
N PHE M 483 35.14 -6.94 -18.19
CA PHE M 483 33.84 -7.36 -18.67
C PHE M 483 33.38 -6.42 -19.76
N THR M 484 33.44 -5.12 -19.48
CA THR M 484 33.03 -4.13 -20.46
C THR M 484 33.85 -4.26 -21.72
N ASN M 485 35.13 -4.56 -21.57
CA ASN M 485 36.02 -4.68 -22.71
C ASN M 485 35.53 -5.80 -23.60
N GLU M 486 35.31 -6.97 -23.01
CA GLU M 486 34.85 -8.09 -23.81
C GLU M 486 33.50 -7.75 -24.42
N LYS M 487 32.69 -6.97 -23.71
CA LYS M 487 31.42 -6.52 -24.28
C LYS M 487 31.67 -5.77 -25.58
N LEU M 488 32.65 -4.88 -25.54
CA LEU M 488 33.04 -4.15 -26.73
C LEU M 488 33.40 -5.15 -27.80
N GLN M 489 34.08 -6.21 -27.38
CA GLN M 489 34.43 -7.24 -28.33
C GLN M 489 33.19 -7.95 -28.85
N GLN M 490 32.12 -8.07 -28.04
CA GLN M 490 30.87 -8.56 -28.60
C GLN M 490 30.50 -7.68 -29.77
N PHE M 491 30.73 -6.39 -29.60
CA PHE M 491 30.20 -5.45 -30.57
C PHE M 491 30.99 -5.63 -31.85
N PHE M 492 32.29 -5.80 -31.66
CA PHE M 492 33.21 -6.07 -32.74
C PHE M 492 32.78 -7.32 -33.49
N ASN M 493 32.52 -8.36 -32.72
CA ASN M 493 32.32 -9.67 -33.29
C ASN M 493 31.02 -9.70 -34.09
N HIS M 494 29.93 -9.22 -33.50
CA HIS M 494 28.67 -9.42 -34.23
C HIS M 494 28.61 -8.49 -35.43
N HIS M 495 29.22 -7.30 -35.35
CA HIS M 495 29.27 -6.50 -36.57
C HIS M 495 30.02 -7.27 -37.64
N MET M 496 31.17 -7.86 -37.27
CA MET M 496 31.92 -8.60 -38.28
C MET M 496 31.07 -9.74 -38.79
N PHE M 497 30.33 -10.38 -37.89
CA PHE M 497 29.51 -11.52 -38.25
C PHE M 497 28.56 -11.13 -39.37
N VAL M 498 27.86 -10.02 -39.18
CA VAL M 498 26.93 -9.52 -40.17
C VAL M 498 27.67 -9.25 -41.46
N LEU M 499 28.75 -8.47 -41.36
CA LEU M 499 29.40 -7.98 -42.56
C LEU M 499 29.91 -9.16 -43.37
N GLU M 500 30.58 -10.10 -42.68
CA GLU M 500 31.11 -11.26 -43.36
C GLU M 500 30.00 -12.05 -44.02
N GLN M 501 28.82 -12.09 -43.41
CA GLN M 501 27.72 -12.78 -44.08
C GLN M 501 27.40 -12.04 -45.37
N GLU M 502 27.49 -10.72 -45.34
CA GLU M 502 27.34 -9.95 -46.57
C GLU M 502 28.39 -10.35 -47.59
N GLU M 503 29.61 -10.64 -47.14
CA GLU M 503 30.63 -11.14 -48.06
C GLU M 503 30.32 -12.53 -48.60
N TYR M 504 29.75 -13.41 -47.78
CA TYR M 504 29.15 -14.62 -48.33
C TYR M 504 28.21 -14.27 -49.47
N LYS M 505 27.33 -13.30 -49.24
CA LYS M 505 26.43 -12.87 -50.30
C LYS M 505 27.22 -12.39 -51.51
N LYS M 506 28.35 -11.74 -51.25
CA LYS M 506 29.03 -10.95 -52.26
C LYS M 506 29.39 -11.77 -53.50
N GLU M 507 29.97 -12.95 -53.29
CA GLU M 507 30.26 -13.87 -54.39
C GLU M 507 29.45 -15.17 -54.32
N GLY M 508 28.27 -15.13 -53.72
CA GLY M 508 27.23 -16.06 -54.07
C GLY M 508 27.02 -17.20 -53.09
N ILE M 509 27.48 -17.05 -51.86
CA ILE M 509 27.88 -18.17 -51.01
C ILE M 509 27.07 -18.04 -49.74
N ASP M 510 26.86 -19.16 -49.04
CA ASP M 510 25.81 -19.23 -48.04
C ASP M 510 26.37 -19.60 -46.69
N TRP M 511 25.81 -18.95 -45.66
CA TRP M 511 26.48 -18.85 -44.37
C TRP M 511 26.50 -20.20 -43.68
N GLU M 512 27.67 -20.57 -43.15
CA GLU M 512 27.84 -21.82 -42.43
C GLU M 512 28.41 -21.53 -41.05
N PHE M 513 28.06 -20.36 -40.51
CA PHE M 513 28.68 -19.76 -39.34
C PHE M 513 27.63 -18.98 -38.59
N ILE M 514 27.77 -18.91 -37.26
CA ILE M 514 26.73 -18.32 -36.43
C ILE M 514 27.35 -17.19 -35.60
N ASP M 515 26.48 -16.36 -35.02
CA ASP M 515 26.89 -15.07 -34.48
C ASP M 515 28.02 -15.22 -33.48
N PHE M 516 29.13 -14.56 -33.78
CA PHE M 516 30.23 -14.48 -32.83
C PHE M 516 29.84 -13.63 -31.64
N GLY M 517 29.06 -12.57 -31.92
CA GLY M 517 28.53 -11.72 -30.88
C GLY M 517 27.75 -12.51 -29.86
N MET M 518 26.84 -13.36 -30.34
CA MET M 518 26.14 -14.28 -29.45
C MET M 518 27.13 -15.23 -28.79
N ASP M 519 28.04 -15.79 -29.57
CA ASP M 519 28.79 -16.94 -29.10
C ASP M 519 29.61 -16.58 -27.86
N LEU M 520 30.41 -15.51 -27.97
CA LEU M 520 31.10 -14.98 -26.79
C LEU M 520 30.17 -14.25 -25.82
N ALA M 521 29.08 -13.67 -26.31
CA ALA M 521 28.10 -13.13 -25.39
C ALA M 521 27.65 -14.19 -24.41
N ALA M 522 27.61 -15.45 -24.82
CA ALA M 522 27.32 -16.53 -23.86
C ALA M 522 28.33 -16.54 -22.72
N CYS M 523 29.58 -16.22 -23.03
CA CYS M 523 30.62 -16.18 -22.01
C CYS M 523 30.38 -15.05 -21.04
N ILE M 524 30.05 -13.87 -21.57
CA ILE M 524 29.44 -12.83 -20.74
C ILE M 524 28.18 -13.33 -20.03
N GLU M 525 27.38 -14.16 -20.68
CA GLU M 525 26.10 -14.52 -20.10
C GLU M 525 26.32 -15.34 -18.85
N LEU M 526 27.46 -16.01 -18.78
CA LEU M 526 27.81 -16.64 -17.52
C LEU M 526 27.89 -15.59 -16.44
N ILE M 527 28.48 -14.44 -16.77
CA ILE M 527 28.43 -13.28 -15.91
C ILE M 527 27.02 -12.71 -15.83
N GLU M 528 26.22 -12.84 -16.91
CA GLU M 528 24.95 -12.14 -16.99
C GLU M 528 23.80 -13.06 -17.38
N LYS M 529 22.81 -13.07 -16.51
CA LYS M 529 21.48 -13.65 -16.60
C LYS M 529 20.68 -12.42 -16.23
N PRO M 530 19.35 -12.44 -16.34
CA PRO M 530 18.64 -11.40 -15.59
C PRO M 530 19.21 -11.26 -14.18
N MET M 531 19.59 -12.37 -13.54
CA MET M 531 20.66 -12.33 -12.55
C MET M 531 21.95 -11.82 -13.18
N GLY M 532 22.49 -10.71 -12.72
CA GLY M 532 23.89 -10.41 -12.97
C GLY M 532 24.74 -11.04 -11.89
N ILE M 533 25.95 -11.45 -12.24
CA ILE M 533 26.91 -11.77 -11.20
C ILE M 533 27.12 -10.56 -10.32
N PHE M 534 27.43 -9.42 -10.94
CA PHE M 534 27.63 -8.21 -10.15
C PHE M 534 26.36 -7.95 -9.37
N SER M 535 25.22 -8.20 -10.02
CA SER M 535 23.96 -7.77 -9.47
C SER M 535 23.77 -8.49 -8.16
N ILE M 536 23.96 -9.81 -8.18
CA ILE M 536 23.72 -10.58 -6.98
C ILE M 536 24.73 -10.19 -5.94
N LEU M 537 25.95 -9.81 -6.34
CA LEU M 537 26.91 -9.48 -5.30
C LEU M 537 26.46 -8.26 -4.54
N GLU M 538 26.23 -7.17 -5.27
CA GLU M 538 25.88 -5.92 -4.61
C GLU M 538 24.52 -6.06 -3.94
N GLU M 539 23.63 -6.80 -4.59
CA GLU M 539 22.31 -7.09 -4.07
C GLU M 539 22.42 -7.73 -2.69
N GLU M 540 23.20 -8.81 -2.59
CA GLU M 540 23.33 -9.54 -1.34
C GLU M 540 24.04 -8.71 -0.30
N CYS M 541 24.80 -7.70 -0.74
CA CYS M 541 25.44 -6.80 0.21
C CYS M 541 24.43 -6.19 1.17
N MET M 542 23.18 -6.07 0.74
CA MET M 542 22.16 -5.64 1.68
C MET M 542 21.86 -6.69 2.73
N PHE M 543 21.99 -7.97 2.43
CA PHE M 543 22.19 -8.83 3.59
C PHE M 543 23.40 -8.45 4.43
N PRO M 544 23.17 -8.12 5.68
CA PRO M 544 24.11 -7.36 6.50
C PRO M 544 25.07 -8.26 7.24
N LYS M 545 26.11 -7.63 7.80
CA LYS M 545 26.79 -8.16 8.97
C LYS M 545 27.21 -9.61 8.76
N ALA M 546 27.60 -9.91 7.53
CA ALA M 546 27.94 -11.25 7.11
C ALA M 546 29.15 -11.13 6.21
N THR M 547 29.62 -12.25 5.69
CA THR M 547 31.01 -12.32 5.29
C THR M 547 31.07 -12.86 3.86
N ASP M 548 32.08 -12.39 3.12
CA ASP M 548 32.21 -12.80 1.74
C ASP M 548 32.25 -14.32 1.63
N THR M 549 32.80 -15.00 2.64
CA THR M 549 32.79 -16.45 2.69
C THR M 549 31.40 -17.01 2.39
N SER M 550 30.37 -16.35 2.92
CA SER M 550 29.01 -16.76 2.63
C SER M 550 28.83 -16.81 1.13
N PHE M 551 29.18 -15.73 0.44
CA PHE M 551 29.00 -15.80 -0.98
C PHE M 551 29.94 -16.83 -1.59
N LYS M 552 31.10 -17.04 -1.00
CA LYS M 552 32.02 -18.01 -1.57
C LYS M 552 31.23 -19.29 -1.74
N ASN M 553 30.54 -19.65 -0.65
CA ASN M 553 29.78 -20.88 -0.59
C ASN M 553 28.67 -20.83 -1.62
N LYS M 554 28.06 -19.65 -1.77
CA LYS M 554 27.00 -19.50 -2.75
C LYS M 554 27.55 -19.63 -4.17
N LEU M 555 28.77 -19.18 -4.41
CA LEU M 555 29.46 -19.49 -5.65
C LEU M 555 29.50 -20.98 -5.83
N TYR M 556 29.89 -21.67 -4.76
CA TYR M 556 30.34 -23.03 -4.92
C TYR M 556 29.15 -23.92 -5.23
N GLU M 557 28.01 -23.60 -4.62
CA GLU M 557 26.77 -24.20 -5.08
C GLU M 557 26.44 -23.73 -6.49
N GLN M 558 26.46 -22.41 -6.72
CA GLN M 558 25.68 -21.83 -7.80
C GLN M 558 26.34 -22.07 -9.14
N HIS M 559 27.56 -21.55 -9.28
CA HIS M 559 28.34 -21.66 -10.48
C HIS M 559 29.17 -22.93 -10.51
N LEU M 560 29.84 -23.23 -9.40
CA LEU M 560 31.08 -24.00 -9.47
C LEU M 560 30.82 -25.37 -10.08
N GLY M 561 29.65 -25.93 -9.83
CA GLY M 561 29.18 -27.05 -10.63
C GLY M 561 28.75 -26.59 -12.01
N LYS M 562 27.91 -25.56 -12.06
CA LYS M 562 27.13 -25.29 -13.26
C LYS M 562 28.00 -24.71 -14.37
N SER M 563 28.65 -23.58 -14.11
CA SER M 563 29.02 -22.65 -15.17
C SER M 563 30.41 -22.99 -15.70
N ASN M 564 30.45 -23.56 -16.90
CA ASN M 564 31.58 -24.41 -17.29
C ASN M 564 32.87 -23.59 -17.32
N ASN M 565 32.79 -22.40 -17.90
CA ASN M 565 33.95 -21.59 -18.23
C ASN M 565 34.52 -20.91 -16.99
N PHE M 566 33.71 -20.81 -15.94
CA PHE M 566 34.22 -20.41 -14.65
C PHE M 566 34.66 -21.65 -13.88
N GLN M 567 35.62 -21.43 -12.97
CA GLN M 567 36.43 -22.49 -12.40
C GLN M 567 36.79 -22.10 -10.98
N LYS M 568 36.88 -23.09 -10.12
CA LYS M 568 37.77 -22.95 -8.97
C LYS M 568 39.18 -22.76 -9.49
N PRO M 569 39.85 -21.66 -9.15
CA PRO M 569 41.26 -21.53 -9.52
C PRO M 569 42.08 -22.69 -8.98
N LYS M 570 43.01 -23.17 -9.80
CA LYS M 570 44.02 -24.08 -9.33
C LYS M 570 44.91 -23.41 -8.30
N PRO M 571 45.66 -24.20 -7.53
CA PRO M 571 46.89 -23.68 -6.91
C PRO M 571 47.75 -22.96 -7.94
N ALA M 572 48.33 -21.85 -7.52
CA ALA M 572 49.37 -21.17 -8.28
C ALA M 572 50.11 -20.23 -7.35
N LYS M 573 51.21 -19.69 -7.83
CA LYS M 573 52.13 -18.91 -7.01
C LYS M 573 51.78 -17.43 -7.06
N GLY M 574 52.14 -16.73 -5.97
CA GLY M 574 52.20 -15.29 -5.97
C GLY M 574 51.21 -14.63 -5.02
N LYS M 575 50.38 -15.41 -4.32
CA LYS M 575 49.09 -14.94 -3.84
C LYS M 575 48.64 -15.83 -2.70
N ALA M 576 47.96 -15.24 -1.72
CA ALA M 576 47.51 -16.05 -0.59
C ALA M 576 46.27 -16.84 -0.97
N GLU M 577 45.28 -16.18 -1.57
CA GLU M 577 44.05 -16.82 -1.98
C GLU M 577 43.60 -16.21 -3.29
N ALA M 578 43.14 -17.06 -4.20
CA ALA M 578 42.41 -16.64 -5.38
C ALA M 578 41.19 -17.53 -5.53
N HIS M 579 40.11 -16.94 -6.03
CA HIS M 579 38.79 -17.47 -5.78
C HIS M 579 38.01 -17.72 -7.05
N PHE M 580 38.36 -17.10 -8.15
CA PHE M 580 37.58 -17.15 -9.38
C PHE M 580 38.51 -17.47 -10.53
N SER M 581 38.05 -18.32 -11.43
CA SER M 581 38.88 -18.70 -12.56
C SER M 581 37.94 -18.86 -13.75
N LEU M 582 38.18 -18.06 -14.78
CA LEU M 582 37.25 -17.97 -15.90
C LEU M 582 38.03 -17.53 -17.13
N VAL M 583 37.36 -17.62 -18.27
CA VAL M 583 37.98 -17.78 -19.57
C VAL M 583 37.54 -16.58 -20.39
N HIS M 584 38.46 -15.99 -21.14
CA HIS M 584 38.21 -14.68 -21.71
C HIS M 584 38.79 -14.67 -23.11
N TYR M 585 38.39 -13.66 -23.89
CA TYR M 585 38.95 -13.52 -25.23
C TYR M 585 40.46 -13.37 -25.18
N ALA M 586 40.97 -12.68 -24.16
CA ALA M 586 42.40 -12.55 -23.95
C ALA M 586 43.07 -13.85 -23.55
N GLY M 587 42.31 -14.92 -23.35
CA GLY M 587 42.79 -16.06 -22.62
C GLY M 587 42.10 -16.11 -21.29
N THR M 588 42.75 -16.74 -20.32
CA THR M 588 42.01 -17.31 -19.21
C THR M 588 42.72 -16.87 -17.96
N VAL M 589 41.97 -16.26 -17.06
CA VAL M 589 42.52 -15.35 -16.06
C VAL M 589 41.73 -15.53 -14.78
N ASP M 590 42.41 -15.32 -13.66
CA ASP M 590 42.02 -15.92 -12.40
C ASP M 590 42.18 -14.85 -11.33
N TYR M 591 41.21 -14.77 -10.43
CA TYR M 591 41.12 -13.59 -9.59
C TYR M 591 40.46 -13.88 -8.25
N ASN M 592 40.67 -12.93 -7.35
CA ASN M 592 40.77 -13.13 -5.92
C ASN M 592 39.91 -12.15 -5.14
N ILE M 593 39.69 -12.46 -3.87
CA ILE M 593 38.68 -11.84 -3.03
C ILE M 593 39.37 -11.28 -1.80
N ILE M 594 39.09 -10.03 -1.51
CA ILE M 594 39.17 -9.46 -0.17
C ILE M 594 37.75 -9.08 0.18
N GLY M 595 37.43 -9.06 1.46
CA GLY M 595 36.06 -8.61 1.66
C GLY M 595 36.03 -7.13 1.37
N TRP M 596 35.39 -6.79 0.27
CA TRP M 596 35.32 -5.43 -0.24
C TRP M 596 33.90 -5.05 -0.63
N LEU M 597 32.95 -5.97 -0.43
CA LEU M 597 31.63 -5.89 -1.05
C LEU M 597 31.04 -4.50 -0.85
N ASP M 598 31.01 -4.08 0.40
CA ASP M 598 30.53 -2.78 0.82
C ASP M 598 31.18 -1.62 0.08
N LYS M 599 32.40 -1.80 -0.41
CA LYS M 599 33.02 -0.71 -1.15
C LYS M 599 32.15 -0.27 -2.32
N ASN M 600 31.54 -1.21 -3.03
CA ASN M 600 30.65 -0.78 -4.09
C ASN M 600 29.38 -0.13 -3.56
N LYS M 601 29.08 -0.28 -2.27
CA LYS M 601 27.82 0.21 -1.73
C LYS M 601 27.69 1.72 -1.93
N ASP M 602 26.52 2.12 -2.37
CA ASP M 602 26.16 3.53 -2.59
C ASP M 602 25.20 3.93 -1.50
N PRO M 603 25.57 4.73 -0.54
CA PRO M 603 24.57 5.45 0.24
C PRO M 603 24.10 6.70 -0.48
N LEU M 604 22.91 7.13 -0.13
CA LEU M 604 22.39 8.41 -0.57
C LEU M 604 21.80 9.16 0.62
N ASN M 605 21.95 10.48 0.59
CA ASN M 605 21.03 11.34 1.31
C ASN M 605 20.67 12.53 0.45
N GLU M 606 19.38 12.83 0.36
CA GLU M 606 18.99 14.12 -0.19
C GLU M 606 19.72 15.21 0.56
N THR M 607 19.69 15.12 1.89
CA THR M 607 19.85 16.29 2.74
C THR M 607 21.14 17.00 2.40
N VAL M 608 22.16 16.24 2.06
CA VAL M 608 23.51 16.74 2.08
C VAL M 608 23.65 17.83 1.02
N VAL M 609 23.34 17.47 -0.23
CA VAL M 609 23.30 18.49 -1.27
C VAL M 609 22.11 19.38 -1.02
N GLY M 610 21.07 18.83 -0.40
CA GLY M 610 19.84 19.58 -0.23
C GLY M 610 20.14 20.91 0.41
N LEU M 611 20.84 20.86 1.54
CA LEU M 611 21.32 22.07 2.19
C LEU M 611 22.48 22.70 1.43
N TYR M 612 23.38 21.93 0.80
CA TYR M 612 24.44 22.65 0.10
C TYR M 612 23.85 23.62 -0.91
N GLN M 613 22.71 23.27 -1.47
CA GLN M 613 22.03 24.13 -2.42
C GLN M 613 21.76 25.49 -1.80
N LYS M 614 21.54 25.52 -0.49
CA LYS M 614 21.42 26.79 0.20
C LYS M 614 22.74 27.54 0.19
N SER M 615 23.85 26.81 0.28
CA SER M 615 25.12 27.40 0.71
C SER M 615 25.65 28.42 -0.30
N GLY M 616 26.58 29.24 0.19
CA GLY M 616 27.02 30.44 -0.51
C GLY M 616 27.65 30.21 -1.87
N LEU M 617 28.33 29.08 -2.05
CA LEU M 617 29.45 29.02 -2.99
C LEU M 617 29.01 29.21 -4.45
N LYS M 618 27.78 28.83 -4.78
CA LYS M 618 27.24 28.95 -6.13
C LYS M 618 28.03 28.12 -7.14
N THR M 619 28.76 27.13 -6.64
CA THR M 619 29.05 25.92 -7.39
C THR M 619 27.83 25.02 -7.37
N LEU M 620 27.03 25.21 -6.34
CA LEU M 620 26.18 24.19 -5.77
C LEU M 620 25.02 23.80 -6.68
N ALA M 621 24.49 24.75 -7.46
CA ALA M 621 23.41 24.40 -8.37
C ALA M 621 23.82 23.34 -9.37
N PHE M 622 24.94 23.57 -10.07
CA PHE M 622 25.51 22.50 -10.89
C PHE M 622 26.06 21.35 -10.06
N LEU M 623 26.48 21.61 -8.83
CA LEU M 623 26.72 20.48 -7.93
C LEU M 623 25.51 19.56 -7.93
N PHE M 624 24.32 20.15 -7.78
CA PHE M 624 23.14 19.43 -7.37
C PHE M 624 22.57 18.61 -8.52
N SER M 625 22.37 19.25 -9.66
CA SER M 625 21.57 18.66 -10.73
C SER M 625 22.19 18.90 -12.10
N LYS M 644 14.72 8.00 -10.40
CA LYS M 644 13.69 7.10 -9.90
C LYS M 644 14.15 5.65 -9.99
N GLY M 645 15.09 5.41 -10.90
CA GLY M 645 15.50 4.05 -11.19
C GLY M 645 15.93 3.29 -9.95
N SER M 646 16.64 3.96 -9.05
CA SER M 646 17.15 3.33 -7.84
C SER M 646 17.45 4.43 -6.83
N SER M 647 17.78 3.99 -5.62
CA SER M 647 18.29 4.90 -4.60
C SER M 647 19.22 4.10 -3.71
N PHE M 648 20.42 4.62 -3.48
CA PHE M 648 21.43 4.08 -2.57
C PHE M 648 21.81 2.64 -2.92
N GLN M 649 21.65 2.23 -4.18
CA GLN M 649 21.61 0.82 -4.53
C GLN M 649 22.06 0.66 -5.98
N THR M 650 22.06 -0.59 -6.45
CA THR M 650 22.18 -0.93 -7.87
C THR M 650 23.54 -0.52 -8.46
N VAL M 651 24.56 -0.40 -7.61
CA VAL M 651 25.64 0.54 -7.89
C VAL M 651 26.49 0.07 -9.06
N SER M 652 26.95 -1.18 -9.03
CA SER M 652 27.66 -1.69 -10.18
C SER M 652 26.71 -1.74 -11.36
N ALA M 653 25.44 -2.05 -11.11
CA ALA M 653 24.50 -2.04 -12.21
C ALA M 653 24.36 -0.63 -12.75
N LEU M 654 24.48 0.39 -11.88
CA LEU M 654 24.52 1.75 -12.39
C LEU M 654 25.68 1.88 -13.37
N PHE M 655 26.77 1.19 -13.09
CA PHE M 655 27.95 1.35 -13.91
C PHE M 655 27.76 0.63 -15.24
N ARG M 656 27.04 -0.48 -15.17
CA ARG M 656 26.47 -1.05 -16.37
C ARG M 656 25.64 0.00 -17.08
N GLU M 657 24.71 0.65 -16.39
CA GLU M 657 23.77 1.54 -17.06
C GLU M 657 24.54 2.58 -17.86
N ASN M 658 25.56 3.14 -17.21
CA ASN M 658 26.39 4.16 -17.82
C ASN M 658 27.03 3.63 -19.08
N LEU M 659 27.59 2.42 -19.01
CA LEU M 659 28.09 1.84 -20.24
C LEU M 659 26.94 1.63 -21.21
N ASN M 660 25.81 1.15 -20.71
CA ASN M 660 24.74 0.59 -21.52
C ASN M 660 24.24 1.61 -22.51
N LYS M 661 23.98 2.81 -22.00
CA LYS M 661 23.54 3.90 -22.87
C LYS M 661 24.56 4.10 -23.98
N LEU M 662 25.83 4.16 -23.61
CA LEU M 662 26.88 4.35 -24.60
C LEU M 662 26.81 3.27 -25.67
N MET M 663 26.72 2.02 -25.22
CA MET M 663 26.66 0.90 -26.15
C MET M 663 25.50 1.09 -27.09
N THR M 664 24.35 1.46 -26.53
CA THR M 664 23.14 1.62 -27.31
C THR M 664 23.41 2.60 -28.42
N ASN M 665 23.99 3.74 -28.06
CA ASN M 665 24.14 4.81 -29.02
C ASN M 665 25.17 4.40 -30.08
N LEU M 666 26.22 3.71 -29.64
CA LEU M 666 27.20 3.18 -30.58
C LEU M 666 26.56 2.24 -31.57
N LYS M 667 25.51 1.54 -31.16
CA LYS M 667 24.88 0.59 -32.07
C LYS M 667 24.43 1.27 -33.34
N SER M 668 24.04 2.55 -33.24
CA SER M 668 23.70 3.32 -34.42
C SER M 668 24.84 3.38 -35.42
N THR M 669 26.08 3.37 -34.92
CA THR M 669 27.21 3.81 -35.72
C THR M 669 27.76 2.69 -36.60
N HIS M 670 28.67 3.09 -37.48
CA HIS M 670 29.72 2.22 -37.97
C HIS M 670 30.93 2.40 -37.08
N PRO M 671 31.43 1.37 -36.42
CA PRO M 671 32.72 1.49 -35.77
C PRO M 671 33.92 1.15 -36.65
N HIS M 672 35.06 1.68 -36.24
CA HIS M 672 36.34 1.49 -36.90
C HIS M 672 37.36 1.27 -35.79
N PHE M 673 38.49 0.71 -36.15
CA PHE M 673 39.22 -0.08 -35.18
C PHE M 673 40.71 0.12 -35.36
N VAL M 674 41.39 0.25 -34.23
CA VAL M 674 42.84 0.34 -34.20
C VAL M 674 43.27 -0.33 -32.92
N ARG M 675 44.29 -1.17 -33.01
CA ARG M 675 44.90 -1.75 -31.83
C ARG M 675 46.41 -1.53 -31.86
N CYS M 676 46.97 -1.29 -30.68
CA CYS M 676 48.18 -0.50 -30.55
C CYS M 676 49.09 -1.08 -29.49
N LEU M 677 50.40 -0.99 -29.73
CA LEU M 677 51.34 -1.89 -29.10
C LEU M 677 52.64 -1.16 -28.80
N ILE M 678 53.23 -1.49 -27.66
CA ILE M 678 54.66 -1.36 -27.44
C ILE M 678 55.31 -2.72 -27.68
N PRO M 679 55.96 -2.92 -28.84
CA PRO M 679 56.66 -4.19 -29.08
C PRO M 679 57.94 -4.34 -28.29
N ASN M 680 58.39 -3.28 -27.64
CA ASN M 680 59.76 -3.10 -27.21
C ASN M 680 59.79 -3.32 -25.70
N GLU M 681 60.99 -3.44 -25.11
CA GLU M 681 61.07 -3.31 -23.67
C GLU M 681 60.46 -2.01 -23.20
N THR M 682 60.58 -0.97 -24.01
CA THR M 682 60.47 0.41 -23.59
C THR M 682 59.81 1.13 -24.75
N LYS M 683 59.63 2.44 -24.65
CA LYS M 683 59.53 3.24 -25.87
C LYS M 683 60.94 3.64 -26.24
N THR M 684 61.54 2.89 -27.15
CA THR M 684 62.91 3.11 -27.59
C THR M 684 63.09 2.59 -28.99
N PRO M 685 64.00 3.16 -29.76
CA PRO M 685 64.63 2.42 -30.85
C PRO M 685 65.09 1.03 -30.47
N GLY M 686 65.41 0.81 -29.19
CA GLY M 686 65.73 -0.53 -28.73
C GLY M 686 64.61 -1.53 -29.01
N ALA M 687 65.01 -2.79 -29.12
CA ALA M 687 64.30 -3.82 -29.85
C ALA M 687 63.14 -4.42 -29.05
N MET M 688 62.50 -5.39 -29.71
CA MET M 688 61.32 -6.08 -29.20
C MET M 688 61.50 -6.56 -27.76
N GLU M 689 60.44 -6.40 -26.97
CA GLU M 689 60.17 -7.28 -25.84
C GLU M 689 58.91 -8.05 -26.19
N HIS M 690 59.03 -9.37 -26.25
CA HIS M 690 57.95 -10.18 -26.82
C HIS M 690 56.74 -10.32 -25.90
N GLU M 691 56.96 -10.73 -24.66
CA GLU M 691 55.91 -11.48 -23.97
C GLU M 691 54.67 -10.62 -23.68
N LEU M 692 54.87 -9.40 -23.19
CA LEU M 692 53.73 -8.53 -23.06
C LEU M 692 53.08 -8.24 -24.41
N VAL M 693 53.85 -8.21 -25.49
CA VAL M 693 53.26 -8.07 -26.81
C VAL M 693 52.39 -9.26 -27.15
N LEU M 694 52.83 -10.45 -26.77
CA LEU M 694 51.96 -11.61 -26.79
C LEU M 694 50.66 -11.28 -26.09
N HIS M 695 50.76 -10.84 -24.86
CA HIS M 695 49.51 -10.86 -24.11
C HIS M 695 48.61 -9.73 -24.55
N GLN M 696 49.20 -8.58 -24.88
CA GLN M 696 48.46 -7.50 -25.50
C GLN M 696 47.70 -7.98 -26.72
N LEU M 697 48.38 -8.72 -27.59
CA LEU M 697 47.70 -9.24 -28.76
C LEU M 697 46.61 -10.22 -28.37
N ARG M 698 46.81 -10.94 -27.27
CA ARG M 698 45.72 -11.72 -26.71
C ARG M 698 44.56 -10.80 -26.34
N CYS M 699 44.89 -9.65 -25.75
CA CYS M 699 43.96 -8.60 -25.37
C CYS M 699 43.45 -7.83 -26.57
N ASN M 700 44.10 -7.97 -27.71
CA ASN M 700 43.76 -7.20 -28.90
C ASN M 700 43.17 -8.17 -29.91
N GLY M 701 41.87 -8.03 -30.16
CA GLY M 701 41.01 -9.10 -30.60
C GLY M 701 41.52 -9.88 -31.79
N VAL M 702 42.43 -9.28 -32.56
CA VAL M 702 42.84 -9.84 -33.85
C VAL M 702 43.23 -11.30 -33.69
N LEU M 703 43.75 -11.68 -32.53
CA LEU M 703 44.32 -13.01 -32.39
C LEU M 703 43.22 -14.07 -32.35
N GLU M 704 42.34 -13.96 -31.37
CA GLU M 704 41.20 -14.86 -31.34
C GLU M 704 40.08 -14.45 -32.28
N GLY M 705 40.01 -13.18 -32.68
CA GLY M 705 39.25 -12.88 -33.88
C GLY M 705 39.66 -13.73 -35.07
N ILE M 706 40.96 -13.85 -35.33
CA ILE M 706 41.42 -14.74 -36.37
C ILE M 706 41.17 -16.19 -36.02
N ARG M 707 41.17 -16.54 -34.73
CA ARG M 707 40.69 -17.86 -34.33
C ARG M 707 39.28 -18.06 -34.86
N ILE M 708 38.43 -17.08 -34.59
CA ILE M 708 37.03 -17.13 -34.98
C ILE M 708 36.94 -17.30 -36.49
N CYS M 709 37.71 -16.50 -37.22
CA CYS M 709 37.57 -16.35 -38.65
C CYS M 709 38.10 -17.57 -39.39
N ARG M 710 39.17 -18.20 -38.90
CA ARG M 710 39.72 -19.34 -39.62
C ARG M 710 38.63 -20.37 -39.90
N LYS M 711 37.64 -20.49 -39.00
CA LYS M 711 36.56 -21.43 -39.30
C LYS M 711 35.91 -21.03 -40.61
N GLY M 712 35.90 -19.72 -40.90
CA GLY M 712 35.24 -19.17 -42.06
C GLY M 712 35.75 -19.80 -43.33
N PHE M 713 36.95 -20.36 -43.27
CA PHE M 713 37.87 -20.47 -44.40
C PHE M 713 37.98 -19.07 -44.99
N PRO M 714 38.34 -18.09 -44.19
CA PRO M 714 37.95 -16.67 -44.35
C PRO M 714 38.78 -16.06 -45.47
N SER M 715 38.41 -16.37 -46.70
CA SER M 715 39.44 -16.40 -47.72
C SER M 715 38.84 -16.23 -49.10
N ARG M 716 39.53 -15.41 -49.88
CA ARG M 716 39.07 -14.89 -51.16
C ARG M 716 40.38 -14.65 -51.91
N ILE M 717 40.58 -15.35 -53.02
CA ILE M 717 41.77 -15.14 -53.83
C ILE M 717 41.39 -15.10 -55.29
N LEU M 718 42.02 -14.18 -56.01
CA LEU M 718 41.46 -13.70 -57.26
C LEU M 718 41.84 -14.67 -58.37
N TYR M 719 40.91 -14.86 -59.30
CA TYR M 719 41.08 -15.82 -60.39
C TYR M 719 42.45 -15.69 -61.04
N ALA M 720 42.79 -14.49 -61.49
CA ALA M 720 43.72 -14.36 -62.61
C ALA M 720 45.16 -14.66 -62.19
N ASP M 721 45.64 -13.98 -61.15
CA ASP M 721 46.88 -14.35 -60.49
C ASP M 721 46.91 -15.83 -60.14
N PHE M 722 45.82 -16.32 -59.56
CA PHE M 722 45.87 -17.62 -58.95
C PHE M 722 46.11 -18.66 -60.03
N LYS M 723 45.23 -18.66 -61.03
CA LYS M 723 45.40 -19.58 -62.15
C LYS M 723 46.71 -19.31 -62.87
N GLN M 724 47.14 -18.05 -62.94
CA GLN M 724 48.42 -17.71 -63.55
C GLN M 724 49.57 -18.43 -62.90
N ARG M 725 49.41 -18.80 -61.64
CA ARG M 725 50.31 -19.78 -61.07
C ARG M 725 49.91 -21.20 -61.41
N TYR M 726 48.65 -21.54 -61.19
CA TYR M 726 48.23 -22.88 -60.81
C TYR M 726 48.03 -23.88 -61.96
N LYS M 727 47.89 -23.44 -63.20
CA LYS M 727 47.49 -24.30 -64.34
C LYS M 727 48.35 -25.56 -64.47
N VAL M 728 49.52 -25.57 -63.82
CA VAL M 728 50.65 -26.42 -64.18
C VAL M 728 50.29 -27.91 -64.27
N LEU M 729 49.66 -28.48 -63.23
CA LEU M 729 49.39 -29.92 -63.23
C LEU M 729 48.40 -30.36 -64.30
N ASN M 730 47.38 -29.55 -64.62
CA ASN M 730 46.44 -29.95 -65.65
C ASN M 730 47.13 -30.26 -66.97
N ALA M 731 48.22 -29.58 -67.28
CA ALA M 731 49.04 -29.85 -68.47
C ALA M 731 48.16 -29.87 -69.71
N SER M 732 47.20 -28.96 -69.73
CA SER M 732 45.98 -29.02 -70.51
C SER M 732 45.87 -27.72 -71.28
N ALA M 733 45.50 -27.79 -72.55
CA ALA M 733 45.30 -26.58 -73.32
C ALA M 733 43.87 -26.56 -73.83
N ILE M 734 43.14 -25.55 -73.39
CA ILE M 734 41.78 -25.20 -73.79
C ILE M 734 41.77 -23.69 -73.63
N PRO M 735 41.15 -22.92 -74.51
CA PRO M 735 41.59 -21.54 -74.69
C PRO M 735 41.20 -20.64 -73.52
N GLU M 736 42.03 -19.62 -73.32
CA GLU M 736 41.78 -18.59 -72.33
C GLU M 736 40.60 -17.73 -72.73
N GLY M 737 40.09 -16.97 -71.77
CA GLY M 737 38.70 -16.60 -71.81
C GLY M 737 37.88 -17.72 -71.19
N GLN M 738 36.60 -17.75 -71.54
CA GLN M 738 35.61 -18.48 -70.77
C GLN M 738 35.26 -19.82 -71.41
N PHE M 739 36.13 -20.34 -72.29
CA PHE M 739 36.02 -21.76 -72.62
C PHE M 739 36.10 -22.56 -71.35
N ILE M 740 37.12 -22.28 -70.54
CA ILE M 740 37.16 -22.63 -69.14
C ILE M 740 36.88 -21.36 -68.36
N ASP M 741 35.97 -21.42 -67.39
CA ASP M 741 36.13 -20.48 -66.31
C ASP M 741 37.35 -20.87 -65.49
N SER M 742 37.79 -19.94 -64.64
CA SER M 742 38.56 -20.34 -63.49
C SER M 742 37.87 -21.49 -62.79
N LYS M 743 36.54 -21.42 -62.67
CA LYS M 743 35.80 -22.50 -62.04
C LYS M 743 36.06 -23.82 -62.75
N LYS M 744 35.94 -23.83 -64.07
CA LYS M 744 36.22 -25.02 -64.87
C LYS M 744 37.66 -25.50 -64.70
N ALA M 745 38.62 -24.59 -64.85
CA ALA M 745 40.02 -24.95 -64.68
C ALA M 745 40.26 -25.53 -63.30
N SER M 746 39.55 -25.02 -62.30
CA SER M 746 39.61 -25.60 -60.96
C SER M 746 39.05 -27.00 -61.00
N GLU M 747 37.83 -27.15 -61.50
CA GLU M 747 37.17 -28.44 -61.46
C GLU M 747 38.05 -29.51 -62.10
N LYS M 748 38.79 -29.14 -63.14
CA LYS M 748 39.75 -30.07 -63.76
C LYS M 748 40.97 -30.31 -62.86
N LEU M 749 41.57 -29.25 -62.34
CA LEU M 749 42.77 -29.42 -61.54
C LEU M 749 42.47 -30.13 -60.22
N LEU M 750 41.41 -29.71 -59.55
CA LEU M 750 40.77 -30.43 -58.46
C LEU M 750 40.46 -31.88 -58.81
N GLY M 751 39.97 -32.12 -60.02
CA GLY M 751 39.76 -33.48 -60.48
C GLY M 751 41.02 -34.30 -60.44
N SER M 752 42.16 -33.68 -60.75
CA SER M 752 43.43 -34.31 -60.42
C SER M 752 43.75 -34.28 -58.92
N ILE M 753 43.33 -33.25 -58.19
CA ILE M 753 43.93 -32.92 -56.90
C ILE M 753 42.97 -33.13 -55.74
N ASP M 754 41.78 -32.53 -55.79
CA ASP M 754 40.91 -32.54 -54.63
C ASP M 754 39.45 -32.45 -55.05
N ILE M 755 38.58 -33.04 -54.26
CA ILE M 755 37.16 -32.69 -54.21
C ILE M 755 36.84 -32.33 -52.77
N ASP M 756 36.41 -31.10 -52.53
CA ASP M 756 36.10 -30.71 -51.17
C ASP M 756 35.24 -29.46 -51.15
N HIS M 757 34.53 -29.30 -50.04
CA HIS M 757 34.00 -28.04 -49.56
C HIS M 757 34.98 -27.36 -48.61
N THR M 758 35.49 -28.13 -47.65
CA THR M 758 36.13 -27.51 -46.49
C THR M 758 37.48 -26.94 -46.88
N GLN M 759 38.30 -27.75 -47.56
CA GLN M 759 39.54 -27.26 -48.14
C GLN M 759 39.29 -26.14 -49.14
N TYR M 760 38.22 -26.22 -49.92
CA TYR M 760 37.87 -25.09 -50.77
C TYR M 760 36.39 -25.09 -51.13
N LYS M 761 35.90 -23.91 -51.50
CA LYS M 761 34.68 -23.78 -52.26
C LYS M 761 34.90 -22.71 -53.33
N PHE M 762 34.05 -22.74 -54.35
CA PHE M 762 34.06 -21.71 -55.39
C PHE M 762 33.54 -20.38 -54.85
N GLY M 763 34.23 -19.30 -55.22
CA GLY M 763 33.60 -17.99 -55.17
C GLY M 763 33.40 -17.38 -56.55
N HIS M 764 32.44 -16.46 -56.64
CA HIS M 764 31.95 -16.00 -57.94
C HIS M 764 33.02 -15.27 -58.74
N THR M 765 33.96 -14.61 -58.08
CA THR M 765 35.11 -14.02 -58.77
C THR M 765 36.45 -14.40 -58.18
N LYS M 766 36.49 -14.90 -56.95
CA LYS M 766 37.71 -15.08 -56.17
C LYS M 766 37.53 -16.35 -55.36
N VAL M 767 38.63 -16.91 -54.85
CA VAL M 767 38.62 -18.32 -54.52
C VAL M 767 39.03 -18.50 -53.07
N PHE M 768 38.50 -19.56 -52.49
CA PHE M 768 38.21 -19.66 -51.08
C PHE M 768 38.83 -20.95 -50.55
N PHE M 769 39.42 -20.88 -49.35
CA PHE M 769 40.33 -21.95 -48.95
C PHE M 769 40.45 -22.05 -47.43
N LYS M 770 40.64 -23.30 -46.98
CA LYS M 770 41.32 -23.54 -45.71
C LYS M 770 42.72 -22.95 -45.74
N ALA M 771 43.10 -22.35 -44.61
CA ALA M 771 44.43 -21.78 -44.45
C ALA M 771 45.49 -22.71 -45.03
N GLY M 772 45.45 -23.98 -44.62
CA GLY M 772 46.43 -24.94 -45.09
C GLY M 772 46.57 -24.96 -46.60
N LEU M 773 45.47 -24.69 -47.31
CA LEU M 773 45.34 -25.09 -48.70
C LEU M 773 46.29 -24.34 -49.63
N LEU M 774 46.29 -23.00 -49.59
CA LEU M 774 47.31 -22.27 -50.35
C LEU M 774 48.69 -22.85 -50.05
N GLY M 775 48.93 -23.15 -48.77
CA GLY M 775 50.22 -23.66 -48.35
C GLY M 775 50.59 -24.90 -49.14
N THR M 776 49.67 -25.86 -49.16
CA THR M 776 49.89 -27.09 -49.91
C THR M 776 49.94 -26.79 -51.40
N LEU M 777 49.22 -25.77 -51.86
CA LEU M 777 49.19 -25.48 -53.28
C LEU M 777 50.60 -25.16 -53.74
N GLU M 778 51.24 -24.24 -53.05
CA GLU M 778 52.58 -23.85 -53.48
C GLU M 778 53.58 -24.94 -53.11
N GLU M 779 53.31 -25.70 -52.04
CA GLU M 779 54.12 -26.87 -51.75
C GLU M 779 54.16 -27.75 -53.00
N MET M 780 52.99 -27.99 -53.58
CA MET M 780 52.92 -28.70 -54.84
C MET M 780 53.75 -27.98 -55.89
N ARG M 781 53.58 -26.67 -55.98
CA ARG M 781 54.22 -25.92 -57.05
C ARG M 781 55.74 -26.05 -57.04
N ASP M 782 56.36 -25.88 -55.86
CA ASP M 782 57.81 -26.03 -55.81
C ASP M 782 58.20 -27.46 -56.07
N GLU M 783 57.47 -28.41 -55.48
CA GLU M 783 57.86 -29.81 -55.63
C GLU M 783 57.81 -30.20 -57.09
N LYS M 784 56.74 -29.82 -57.78
CA LYS M 784 56.55 -30.20 -59.18
C LYS M 784 57.55 -29.49 -60.08
N LEU M 785 57.74 -28.19 -59.88
CA LEU M 785 58.63 -27.45 -60.76
C LEU M 785 60.09 -27.84 -60.55
N ALA M 786 60.50 -28.10 -59.31
CA ALA M 786 61.83 -28.64 -59.05
C ALA M 786 62.06 -29.98 -59.75
N GLN M 787 61.11 -30.91 -59.64
CA GLN M 787 61.25 -32.17 -60.35
C GLN M 787 61.25 -31.96 -61.86
PB ADP N . 37.97 -41.44 22.51
O1B ADP N . 38.71 -42.26 23.53
O2B ADP N . 38.90 -40.66 21.61
O3B ADP N . 36.86 -42.17 21.79
PA ADP N . 37.85 -38.92 23.82
O1A ADP N . 38.32 -39.10 25.25
O2A ADP N . 38.85 -38.41 22.82
O3A ADP N . 37.20 -40.31 23.35
O5' ADP N . 36.60 -37.92 23.79
C5' ADP N . 36.49 -36.95 24.82
C4' ADP N . 35.81 -37.60 26.01
O4' ADP N . 36.20 -36.96 27.21
C3' ADP N . 34.30 -37.47 25.97
O3' ADP N . 33.69 -38.50 26.73
C2' ADP N . 34.10 -36.12 26.63
O2' ADP N . 32.78 -35.98 27.18
C1' ADP N . 35.10 -36.23 27.76
N9 ADP N . 35.59 -34.91 28.18
C8 ADP N . 35.88 -33.89 27.37
N7 ADP N . 36.31 -32.82 28.07
C5 ADP N . 36.27 -33.15 29.37
C6 ADP N . 36.59 -32.49 30.65
N6 ADP N . 37.04 -31.22 30.66
N1 ADP N . 36.42 -33.20 31.78
C2 ADP N . 35.97 -34.46 31.75
N3 ADP N . 35.66 -35.14 30.64
C4 ADP N . 35.78 -34.54 29.44
MG MG O . 40.09 -42.30 22.64
PB ADP P . -3.42 -38.60 33.78
O1B ADP P . -2.77 -39.73 33.03
O2B ADP P . -4.28 -39.09 34.92
O3B ADP P . -2.48 -37.47 34.13
PA ADP P . -5.95 -38.45 32.50
O1A ADP P . -5.92 -39.34 31.28
O2A ADP P . -6.56 -39.01 33.76
O3A ADP P . -4.45 -37.93 32.74
O5' ADP P . -6.74 -37.08 32.17
C5' ADP P . -7.74 -37.13 31.15
C4' ADP P . -7.05 -36.94 29.81
O4' ADP P . -7.81 -37.55 28.78
C3' ADP P . -6.93 -35.48 29.40
O3' ADP P . -5.85 -35.31 28.48
C2' ADP P . -8.26 -35.26 28.72
O2' ADP P . -8.22 -34.16 27.81
C1' ADP P . -8.38 -36.55 27.94
N9 ADP P . -9.77 -36.92 27.68
C8 ADP P . -10.78 -36.78 28.55
N7 ADP P . -11.95 -37.21 28.01
C5 ADP P . -11.68 -37.61 26.77
C6 ADP P . -12.45 -38.16 25.64
N6 ADP P . -13.78 -38.39 25.77
N1 ADP P . -11.79 -38.45 24.50
C2 ADP P . -10.47 -38.25 24.38
N3 ADP P . -9.70 -37.74 25.35
C4 ADP P . -10.25 -37.40 26.55
MG MG Q . -2.91 -40.77 34.27
PB ADP R . -0.15 -2.59 10.70
O1B ADP R . 0.89 -3.16 11.61
O2B ADP R . 0.40 -2.20 9.36
O3B ADP R . -1.44 -3.37 10.64
PA ADP R . 0.17 0.19 11.16
O1A ADP R . 1.09 0.37 12.33
O2A ADP R . 0.76 0.29 9.78
O3A ADP R . -0.60 -1.20 11.37
O5' ADP R . -1.04 1.26 11.24
C5' ADP R . -0.77 2.49 11.92
C4' ADP R . -1.01 2.27 13.39
O4' ADP R . -0.24 3.19 14.15
C3' ADP R . -2.45 2.54 13.81
O3' ADP R . -2.74 1.82 15.02
C2' ADP R . -2.42 4.03 14.07
O2' ADP R . -3.46 4.45 14.95
C1' ADP R . -1.08 4.15 14.78
N9 ADP R . -0.48 5.48 14.61
C8 ADP R . -0.50 6.18 13.47
N7 ADP R . 0.14 7.37 13.64
C5 ADP R . 0.56 7.42 14.91
C6 ADP R . 1.29 8.38 15.75
N6 ADP R . 1.71 9.56 15.23
N1 ADP R . 1.52 8.06 17.04
C2 ADP R . 1.11 6.88 17.55
N3 ADP R . 0.44 5.95 16.84
C4 ADP R . 0.13 6.17 15.55
MG MG S . 1.88 -3.58 10.38
PB ADP T . -35.07 7.28 33.72
O1B ADP T . -34.71 5.93 33.16
O2B ADP T . -35.47 7.21 35.17
O3B ADP T . -34.09 8.37 33.39
PA ADP T . -37.89 7.30 33.39
O1A ADP T . -38.27 6.11 32.55
O2A ADP T . -38.00 7.17 34.89
O3A ADP T . -36.40 7.72 32.95
O5' ADP T . -38.75 8.58 32.95
C5' ADP T . -40.04 8.35 32.39
C4' ADP T . -39.87 8.09 30.90
O4' ADP T . -40.94 7.29 30.41
C3' ADP T . -39.93 9.35 30.07
O3' ADP T . -39.23 9.16 28.84
C2' ADP T . -41.41 9.49 29.84
O2' ADP T . -41.71 10.29 28.69
C1' ADP T . -41.78 8.05 29.56
N9 ADP T . -43.17 7.76 29.92
C8 ADP T . -43.81 8.22 31.00
N7 ADP T . -45.09 7.78 31.03
C5 ADP T . -45.27 7.01 29.95
C6 ADP T . -46.38 6.24 29.36
N6 ADP T . -47.58 6.19 29.99
N1 ADP T . -46.15 5.58 28.21
C2 ADP T . -44.96 5.63 27.60
N3 ADP T . -43.90 6.31 28.06
C4 ADP T . -44.00 7.02 29.21
MG MG U . -34.39 5.29 34.63
PB ADP V . -40.31 34.95 1.40
O1B ADP V . -39.01 34.55 2.05
O2B ADP V . -40.25 34.89 -0.10
O3B ADP V . -41.53 34.30 2.01
PA ADP V . -39.85 37.70 0.89
O1A ADP V . -38.58 38.11 1.57
O2A ADP V . -39.79 37.35 -0.58
O3A ADP V . -40.49 36.50 1.75
O5' ADP V . -40.96 38.86 1.04
C5' ADP V . -40.48 40.21 1.20
C4' ADP V . -40.19 40.43 2.67
O4' ADP V . -39.20 41.44 2.81
C3' ADP V . -41.38 40.95 3.44
O3' ADP V . -41.23 40.63 4.83
C2' ADP V . -41.27 42.44 3.22
O2' ADP V . -41.95 43.18 4.23
C1' ADP V . -39.77 42.61 3.37
N9 ADP V . -39.27 43.77 2.62
C8 ADP V . -39.68 44.14 1.41
N7 ADP V . -39.03 45.25 0.99
C5 ADP V . -38.20 45.61 1.97
C6 ADP V . -37.23 46.69 2.19
N6 ADP V . -37.01 47.62 1.25
N1 ADP V . -36.56 46.70 3.37
C2 ADP V . -36.77 45.77 4.31
N3 ADP V . -37.64 44.76 4.18
C4 ADP V . -38.38 44.64 3.06
MG MG W . -38.52 33.71 0.73
#